data_9GTS
#
_entry.id   9GTS
#
loop_
_entity.id
_entity.type
_entity.pdbx_description
1 polymer 'Phage tail protein'
2 polymer 'Phage tail sheath family protein'
3 polymer 'Pvc16 N-terminal domain-containing protein'
#
loop_
_entity_poly.entity_id
_entity_poly.type
_entity_poly.pdbx_seq_one_letter_code
_entity_poly.pdbx_strand_id
1 'polypeptide(L)'
;MSLPKPEDVLVAPNFGIQIDGVMVEYLNSVSNLQIEQDVIRYQQNQGTTGRNNVTLMPGVAKDGSVQVERGMSQSSVFTQ
WINDSMAGRMATARKNATIIVMDYEDNPVKRWNLRNAWCSKVVAGTLKAGDTNALTETITIVFEELVVE
;
1a,1f,1e,1d,1c,1b
2 'polypeptide(L)'
;MPSYLSPGVYVEEVASGSRPIEGVGIEGVGTSVAAFVGLAPTGPLNEPTLVTNWTQYVAAFGDFTGGYYLAHSVYGFFNN
GGSAAYVVRVGGSAEDAAADGSVNGAAAPAAVTGSTAKALPAAEPKQLGTFAVTATAAGQSGPLTVEVADPEGEGPAERF
KLIVKDGDKPVETFDVSAKKGNRSYVVTQVKERSKLITVTEAAPSAQLVRPENQSLTLPAPPSAAPAVPAGQAESAHPGP
AQYLGDSSDRTGFGGLEAIDEISMVAVPDLMAAYQRGAIDLEAVKAVQLGLIAHCELMGDRVAIIDPPPNQNARQIRVWR
QETAGYDSKYAALYYPWIKSFDPATGQSRLVPPSGHVAGIWARNDSERGVHKAPANEVVRGAVDLELQITRGEQDLLNPI
GVNCIRSFPGRGIRVWGARTLSSDPAWRYLNIRRYFNYLEESILIGTQWVVFEPNDHNLWARIRRNVSAFLVNEWRNGAL
FGQSPDQAYYVKCDEETNPPESVDLGRVVCEIGIAPVKPAEFVIFRLAQFSSGGGELDE
;
2A,2F,2E,2D,2C,2B
3 'polypeptide(L)'
;MIHEVDEVLKALLKGGALTDSGIDVAFEAPTRDWAARRNAPVVNAYLYDIREDVGRRHRGQVAVRDQDDIVVKRRQPPRW
FRLSYLVTAWTKTPQDEHRLLSAVLATLLPREQLPPYELPGALGAMNLPVPMTVAGVQTESRSLAEIWSALGGELKPSLD
LVVTAPFPAYPEYDAGPPVTEGATVRIGGVEGDPPMSEGRSHRPHQVAAARAARKAVTDGRTKRQ
;
0A,0F,0E,0D,0C,0B
#
# COMPACT_ATOMS: atom_id res chain seq x y z
N PRO A 4 12.98 45.61 -10.92
CA PRO A 4 12.74 45.86 -9.49
C PRO A 4 13.50 44.88 -8.59
N LYS A 5 12.94 44.60 -7.42
CA LYS A 5 13.58 43.66 -6.51
C LYS A 5 13.57 42.25 -7.09
N PRO A 6 14.58 41.44 -6.78
CA PRO A 6 14.60 40.06 -7.29
C PRO A 6 13.39 39.25 -6.85
N GLU A 7 12.89 39.49 -5.64
CA GLU A 7 11.70 38.79 -5.17
C GLU A 7 10.41 39.36 -5.76
N ASP A 8 10.46 40.58 -6.31
CA ASP A 8 9.25 41.23 -6.80
C ASP A 8 8.82 40.75 -8.18
N VAL A 9 9.70 40.07 -8.91
CA VAL A 9 9.39 39.59 -10.25
C VAL A 9 9.03 38.11 -10.16
N LEU A 10 7.79 37.79 -10.50
CA LEU A 10 7.35 36.40 -10.49
C LEU A 10 7.81 35.69 -11.76
N VAL A 11 7.61 34.37 -11.77
CA VAL A 11 8.04 33.53 -12.88
C VAL A 11 6.81 32.86 -13.48
N ALA A 12 6.66 32.99 -14.79
CA ALA A 12 5.60 32.32 -15.55
C ALA A 12 6.12 31.00 -16.12
N PRO A 13 5.23 30.04 -16.38
CA PRO A 13 5.69 28.75 -16.92
C PRO A 13 6.14 28.83 -18.37
N ASN A 14 7.08 29.74 -18.64
CA ASN A 14 7.69 29.88 -19.96
C ASN A 14 9.10 29.32 -19.86
N PHE A 15 9.26 28.06 -20.23
CA PHE A 15 10.49 27.33 -20.02
C PHE A 15 11.09 26.88 -21.35
N GLY A 16 12.21 26.18 -21.26
CA GLY A 16 12.89 25.65 -22.43
C GLY A 16 14.01 24.73 -21.99
N ILE A 17 14.48 23.94 -22.95
CA ILE A 17 15.52 22.95 -22.69
C ILE A 17 16.60 23.07 -23.76
N GLN A 18 17.79 22.60 -23.42
CA GLN A 18 18.92 22.59 -24.35
C GLN A 18 19.81 21.42 -24.00
N ILE A 19 19.88 20.42 -24.87
CA ILE A 19 20.73 19.25 -24.68
C ILE A 19 21.81 19.27 -25.76
N ASP A 20 23.07 19.18 -25.34
CA ASP A 20 24.18 19.21 -26.27
C ASP A 20 24.22 17.92 -27.08
N GLY A 21 24.04 18.03 -28.39
CA GLY A 21 24.07 16.89 -29.28
C GLY A 21 22.71 16.32 -29.62
N VAL A 22 21.67 16.66 -28.86
CA VAL A 22 20.31 16.21 -29.11
C VAL A 22 19.50 17.42 -29.55
N MET A 23 18.91 17.34 -30.74
CA MET A 23 18.20 18.47 -31.33
C MET A 23 16.74 18.42 -30.88
N VAL A 24 16.50 19.01 -29.71
CA VAL A 24 15.15 19.13 -29.15
C VAL A 24 14.86 20.60 -28.96
N GLU A 25 13.72 21.06 -29.51
CA GLU A 25 13.36 22.47 -29.52
C GLU A 25 12.37 22.83 -28.42
N TYR A 26 11.28 22.06 -28.29
CA TYR A 26 10.22 22.39 -27.36
C TYR A 26 9.80 21.14 -26.58
N LEU A 27 9.26 21.38 -25.39
CA LEU A 27 8.77 20.31 -24.52
C LEU A 27 7.38 20.66 -24.04
N ASN A 28 6.52 19.64 -23.94
CA ASN A 28 5.18 19.84 -23.42
C ASN A 28 5.17 20.03 -21.91
N SER A 29 5.98 19.26 -21.19
CA SER A 29 6.04 19.37 -19.73
C SER A 29 7.38 18.83 -19.25
N VAL A 30 7.73 19.23 -18.03
CA VAL A 30 8.96 18.78 -17.37
C VAL A 30 8.62 18.42 -15.94
N SER A 31 9.10 17.26 -15.48
CA SER A 31 8.81 16.80 -14.14
C SER A 31 9.56 17.64 -13.10
N ASN A 32 9.49 17.22 -11.86
CA ASN A 32 10.14 17.91 -10.79
C ASN A 32 11.59 17.64 -10.78
N LEU A 33 12.35 18.70 -10.68
CA LEU A 33 13.76 18.60 -10.60
C LEU A 33 14.04 19.20 -9.27
N GLN A 34 14.74 18.51 -8.42
CA GLN A 34 15.02 19.02 -7.13
C GLN A 34 16.44 18.89 -6.84
N ILE A 35 16.90 19.72 -5.94
CA ILE A 35 18.25 19.64 -5.47
C ILE A 35 18.03 19.01 -4.12
N GLU A 36 18.73 17.94 -3.78
CA GLU A 36 18.45 17.30 -2.54
C GLU A 36 19.66 16.98 -1.77
N GLN A 37 19.53 16.66 -0.50
CA GLN A 37 20.65 16.30 0.29
C GLN A 37 20.29 15.31 1.35
N ASP A 38 21.21 14.57 1.92
CA ASP A 38 20.88 13.61 2.95
C ASP A 38 21.03 14.09 4.36
N VAL A 39 20.01 13.97 5.18
CA VAL A 39 20.11 14.36 6.57
C VAL A 39 20.48 13.15 7.34
N ILE A 40 21.29 13.27 8.38
CA ILE A 40 21.73 12.10 9.11
C ILE A 40 21.55 12.17 10.63
N ARG A 41 20.39 11.89 11.20
CA ARG A 41 20.20 12.01 12.63
C ARG A 41 21.03 11.09 13.43
N TYR A 42 21.46 11.54 14.60
CA TYR A 42 22.27 10.73 15.51
C TYR A 42 21.89 11.20 16.89
N GLN A 43 21.53 10.28 17.78
CA GLN A 43 21.11 10.73 19.09
C GLN A 43 22.03 10.31 20.16
N GLN A 44 22.47 11.17 21.04
CA GLN A 44 23.34 10.74 22.09
C GLN A 44 22.98 11.42 23.34
N ASN A 45 23.07 10.81 24.48
CA ASN A 45 22.77 11.46 25.73
C ASN A 45 23.91 12.25 26.23
N GLN A 46 23.82 13.43 26.84
CA GLN A 46 25.06 14.08 27.33
C GLN A 46 25.57 13.20 28.40
N GLY A 47 26.84 12.87 28.43
CA GLY A 47 27.28 11.89 29.38
C GLY A 47 27.19 12.01 30.86
N THR A 48 27.61 13.07 31.49
CA THR A 48 27.50 13.14 32.91
C THR A 48 26.12 13.36 33.45
N THR A 49 25.35 14.25 32.83
CA THR A 49 24.03 14.58 33.31
C THR A 49 22.84 13.92 32.70
N GLY A 50 22.98 13.23 31.60
CA GLY A 50 21.88 12.52 31.03
C GLY A 50 20.85 13.16 30.14
N ARG A 51 20.98 14.44 29.84
CA ARG A 51 20.05 15.13 28.98
C ARG A 51 20.32 14.74 27.56
N ASN A 52 19.30 14.60 26.76
CA ASN A 52 19.34 14.17 25.39
C ASN A 52 19.88 15.16 24.46
N ASN A 53 20.54 14.79 23.37
CA ASN A 53 20.99 15.78 22.42
C ASN A 53 21.08 15.24 21.03
N VAL A 54 20.03 15.33 20.22
CA VAL A 54 19.97 14.77 18.86
C VAL A 54 20.54 15.66 17.85
N THR A 55 21.44 15.21 16.98
CA THR A 55 21.97 16.14 16.01
C THR A 55 21.74 15.72 14.60
N LEU A 56 21.45 16.62 13.68
CA LEU A 56 21.24 16.30 12.28
C LEU A 56 22.39 16.88 11.56
N MET A 57 22.96 16.19 10.60
CA MET A 57 24.09 16.74 9.95
C MET A 57 24.13 16.33 8.55
N PRO A 58 24.74 17.12 7.70
CA PRO A 58 24.82 17.00 6.27
C PRO A 58 25.39 15.75 5.79
N GLY A 59 24.91 15.24 4.68
CA GLY A 59 25.41 14.03 4.04
C GLY A 59 25.70 14.33 2.58
N VAL A 60 25.98 13.31 1.79
CA VAL A 60 26.28 13.54 0.39
C VAL A 60 25.08 14.07 -0.39
N ALA A 61 25.35 14.83 -1.45
CA ALA A 61 24.31 15.37 -2.30
C ALA A 61 23.73 14.31 -3.19
N LYS A 62 22.55 14.48 -3.75
CA LYS A 62 22.01 13.42 -4.59
C LYS A 62 21.69 13.67 -6.08
N ASP A 63 21.94 12.63 -6.87
CA ASP A 63 21.63 12.54 -8.30
C ASP A 63 20.15 12.21 -8.42
N GLY A 64 19.54 12.56 -9.55
CA GLY A 64 18.13 12.30 -9.74
C GLY A 64 17.80 11.84 -11.14
N SER A 65 16.62 12.23 -11.64
CA SER A 65 16.22 11.83 -12.99
C SER A 65 15.15 12.77 -13.56
N VAL A 66 15.59 13.86 -14.16
CA VAL A 66 14.66 14.81 -14.77
C VAL A 66 14.11 14.24 -16.06
N GLN A 67 12.78 14.21 -16.18
CA GLN A 67 12.15 13.67 -17.38
C GLN A 67 11.36 14.73 -18.15
N VAL A 68 11.58 14.77 -19.45
CA VAL A 68 10.91 15.73 -20.32
C VAL A 68 9.99 15.01 -21.30
N GLU A 69 8.76 15.49 -21.41
CA GLU A 69 7.79 14.87 -22.31
C GLU A 69 7.52 15.74 -23.53
N ARG A 70 7.63 15.13 -24.71
CA ARG A 70 7.41 15.84 -25.97
C ARG A 70 6.43 15.07 -26.84
N GLY A 71 5.61 15.80 -27.60
CA GLY A 71 4.64 15.20 -28.48
C GLY A 71 5.30 14.29 -29.51
N MET A 72 4.64 13.17 -29.80
CA MET A 72 5.15 12.20 -30.76
C MET A 72 5.16 12.76 -32.18
N SER A 73 6.31 12.68 -32.84
CA SER A 73 6.46 13.16 -34.21
C SER A 73 7.36 12.20 -34.96
N GLN A 74 7.74 12.60 -36.18
CA GLN A 74 8.63 11.78 -37.00
C GLN A 74 10.05 11.76 -36.44
N SER A 75 10.48 12.87 -35.82
CA SER A 75 11.85 12.96 -35.31
C SER A 75 12.08 11.92 -34.22
N SER A 76 13.28 11.31 -34.26
CA SER A 76 13.65 10.24 -33.33
C SER A 76 14.98 10.58 -32.66
N VAL A 77 15.11 11.80 -32.16
CA VAL A 77 16.33 12.20 -31.47
C VAL A 77 16.49 11.40 -30.18
N PHE A 78 15.41 11.26 -29.40
CA PHE A 78 15.47 10.45 -28.18
C PHE A 78 15.68 8.98 -28.49
N THR A 79 15.11 8.48 -29.59
CA THR A 79 15.33 7.11 -29.99
C THR A 79 16.80 6.86 -30.30
N GLN A 80 17.43 7.79 -31.03
CA GLN A 80 18.86 7.65 -31.32
C GLN A 80 19.70 7.78 -30.06
N TRP A 81 19.30 8.67 -29.15
CA TRP A 81 20.00 8.81 -27.89
C TRP A 81 19.99 7.50 -27.10
N ILE A 82 18.81 6.90 -26.94
CA ILE A 82 18.73 5.66 -26.18
C ILE A 82 19.41 4.53 -26.93
N ASN A 83 19.39 4.54 -28.27
CA ASN A 83 20.10 3.51 -29.02
C ASN A 83 21.60 3.60 -28.79
N ASP A 84 22.15 4.82 -28.79
CA ASP A 84 23.55 5.00 -28.44
C ASP A 84 23.82 4.58 -27.01
N SER A 85 22.83 4.74 -26.13
CA SER A 85 23.00 4.34 -24.73
C SER A 85 23.08 2.81 -24.59
N MET A 86 22.20 2.09 -25.27
CA MET A 86 22.12 0.64 -25.08
C MET A 86 23.34 -0.08 -25.63
N ALA A 87 24.02 0.50 -26.61
CA ALA A 87 25.21 -0.12 -27.18
C ALA A 87 26.45 0.08 -26.34
N GLY A 88 26.36 0.88 -25.27
CA GLY A 88 27.49 1.11 -24.39
C GLY A 88 28.40 2.24 -24.81
N ARG A 89 28.14 2.89 -25.94
CA ARG A 89 28.98 4.00 -26.40
C ARG A 89 28.62 5.24 -25.60
N MET A 90 29.14 5.28 -24.38
CA MET A 90 28.86 6.39 -23.46
C MET A 90 29.86 7.53 -23.58
N ALA A 91 30.85 7.42 -24.46
CA ALA A 91 31.68 8.59 -24.77
C ALA A 91 30.85 9.69 -25.43
N THR A 92 29.81 9.30 -26.18
CA THR A 92 28.91 10.25 -26.80
C THR A 92 27.51 10.24 -26.20
N ALA A 93 27.16 9.24 -25.39
CA ALA A 93 25.83 9.18 -24.80
C ALA A 93 25.68 10.15 -23.63
N ARG A 94 26.75 10.38 -22.86
CA ARG A 94 26.71 11.26 -21.70
C ARG A 94 26.84 12.70 -22.16
N LYS A 95 25.77 13.48 -22.01
CA LYS A 95 25.73 14.86 -22.46
C LYS A 95 25.40 15.79 -21.31
N ASN A 96 25.73 17.07 -21.50
CA ASN A 96 25.39 18.13 -20.55
C ASN A 96 24.09 18.78 -21.00
N ALA A 97 23.14 18.88 -20.08
CA ALA A 97 21.82 19.44 -20.39
C ALA A 97 21.58 20.70 -19.59
N THR A 98 20.64 21.51 -20.06
CA THR A 98 20.25 22.73 -19.37
C THR A 98 18.74 22.91 -19.47
N ILE A 99 18.11 23.22 -18.34
CA ILE A 99 16.69 23.55 -18.29
C ILE A 99 16.59 25.00 -17.85
N ILE A 100 16.07 25.85 -18.74
CA ILE A 100 15.98 27.28 -18.50
C ILE A 100 14.53 27.64 -18.26
N VAL A 101 14.29 28.51 -17.27
CA VAL A 101 12.97 29.07 -17.04
C VAL A 101 13.13 30.59 -17.00
N MET A 102 12.30 31.29 -17.77
CA MET A 102 12.43 32.72 -17.96
C MET A 102 11.11 33.43 -17.67
N ASP A 103 11.21 34.67 -17.22
CA ASP A 103 10.05 35.52 -17.00
C ASP A 103 9.65 36.17 -18.31
N TYR A 104 8.79 37.19 -18.24
CA TYR A 104 8.41 37.93 -19.44
C TYR A 104 9.65 38.60 -20.04
N GLU A 105 9.49 39.08 -21.28
CA GLU A 105 10.54 39.63 -22.13
C GLU A 105 11.56 38.58 -22.56
N ASP A 106 11.27 37.30 -22.31
CA ASP A 106 12.12 36.19 -22.75
C ASP A 106 13.56 36.34 -22.26
N ASN A 107 13.74 36.71 -21.00
CA ASN A 107 15.07 36.81 -20.40
C ASN A 107 15.27 35.66 -19.41
N PRO A 108 16.12 34.68 -19.74
CA PRO A 108 16.44 33.61 -18.79
C PRO A 108 16.59 34.05 -17.33
N VAL A 109 15.79 33.46 -16.45
CA VAL A 109 15.83 33.80 -15.03
C VAL A 109 16.62 32.75 -14.27
N LYS A 110 16.21 31.49 -14.38
CA LYS A 110 16.87 30.41 -13.68
C LYS A 110 17.30 29.32 -14.66
N ARG A 111 18.45 28.70 -14.38
CA ARG A 111 18.98 27.63 -15.18
C ARG A 111 19.39 26.47 -14.28
N TRP A 112 18.97 25.26 -14.64
CA TRP A 112 19.41 24.04 -13.98
C TRP A 112 20.30 23.28 -14.97
N ASN A 113 21.56 23.09 -14.61
CA ASN A 113 22.52 22.38 -15.44
C ASN A 113 22.65 20.94 -14.97
N LEU A 114 22.38 20.01 -15.87
CA LEU A 114 22.48 18.58 -15.61
C LEU A 114 23.82 18.10 -16.16
N ARG A 115 24.70 17.65 -15.27
CA ARG A 115 26.01 17.18 -15.66
C ARG A 115 25.98 15.69 -15.94
N ASN A 116 26.52 15.30 -17.10
CA ASN A 116 26.56 13.91 -17.53
C ASN A 116 25.16 13.30 -17.59
N ALA A 117 24.21 14.09 -18.07
CA ALA A 117 22.85 13.59 -18.25
C ALA A 117 22.82 12.53 -19.35
N TRP A 118 21.98 11.52 -19.16
CA TRP A 118 21.93 10.39 -20.08
C TRP A 118 20.58 9.72 -19.97
N CYS A 119 19.84 9.66 -21.08
CA CYS A 119 18.50 9.09 -21.08
C CYS A 119 18.54 7.59 -20.84
N SER A 120 17.54 7.10 -20.10
CA SER A 120 17.49 5.69 -19.74
C SER A 120 16.13 5.04 -19.95
N LYS A 121 15.10 5.78 -20.36
CA LYS A 121 13.78 5.20 -20.53
C LYS A 121 12.96 6.07 -21.46
N VAL A 122 12.40 5.46 -22.50
CA VAL A 122 11.49 6.13 -23.43
C VAL A 122 10.18 5.36 -23.42
N VAL A 123 9.08 6.05 -23.14
CA VAL A 123 7.77 5.44 -23.02
C VAL A 123 6.83 6.12 -24.01
N ALA A 124 6.12 5.32 -24.80
CA ALA A 124 5.12 5.83 -25.71
C ALA A 124 3.78 5.90 -25.00
N GLY A 125 3.03 6.96 -25.27
CA GLY A 125 1.72 7.10 -24.66
C GLY A 125 0.76 6.02 -25.14
N THR A 126 -0.23 5.73 -24.31
CA THR A 126 -1.21 4.71 -24.65
C THR A 126 -1.99 5.11 -25.90
N LEU A 127 -2.18 4.15 -26.79
CA LEU A 127 -2.88 4.39 -28.06
C LEU A 127 -4.31 3.88 -27.94
N LYS A 128 -5.28 4.75 -28.21
CA LYS A 128 -6.68 4.39 -28.18
C LYS A 128 -7.35 4.84 -29.46
N ALA A 129 -8.29 4.04 -29.95
CA ALA A 129 -8.97 4.37 -31.20
C ALA A 129 -9.80 5.64 -31.06
N GLY A 130 -10.51 5.79 -29.94
CA GLY A 130 -11.35 6.95 -29.75
C GLY A 130 -10.66 8.11 -29.07
N ASP A 131 -9.34 8.01 -28.91
CA ASP A 131 -8.57 9.05 -28.26
C ASP A 131 -8.57 10.32 -29.10
N THR A 132 -8.66 11.45 -28.41
CA THR A 132 -8.66 12.77 -29.05
C THR A 132 -7.35 13.52 -28.89
N ASN A 133 -6.68 13.36 -27.75
CA ASN A 133 -5.42 14.04 -27.51
C ASN A 133 -4.30 13.41 -28.35
N ALA A 134 -3.27 14.20 -28.61
CA ALA A 134 -2.11 13.75 -29.37
C ALA A 134 -1.27 12.78 -28.53
N LEU A 135 -0.51 11.95 -29.23
CA LEU A 135 0.36 10.98 -28.57
C LEU A 135 1.48 11.71 -27.82
N THR A 136 1.79 11.23 -26.62
CA THR A 136 2.80 11.83 -25.77
C THR A 136 3.93 10.86 -25.54
N GLU A 137 5.17 11.34 -25.69
CA GLU A 137 6.37 10.56 -25.45
C GLU A 137 7.01 11.02 -24.16
N THR A 138 7.27 10.09 -23.24
CA THR A 138 7.89 10.37 -21.96
C THR A 138 9.33 9.90 -21.98
N ILE A 139 10.24 10.77 -21.56
CA ILE A 139 11.66 10.49 -21.56
C ILE A 139 12.21 10.70 -20.17
N THR A 140 12.88 9.70 -19.62
CA THR A 140 13.50 9.78 -18.31
C THR A 140 14.99 10.01 -18.47
N ILE A 141 15.46 11.20 -18.12
CA ILE A 141 16.86 11.57 -18.23
C ILE A 141 17.45 11.63 -16.83
N VAL A 142 18.33 10.69 -16.51
CA VAL A 142 18.98 10.63 -15.22
C VAL A 142 20.27 11.43 -15.28
N PHE A 143 20.65 12.03 -14.15
CA PHE A 143 21.84 12.87 -14.09
C PHE A 143 22.61 12.54 -12.82
N GLU A 144 23.94 12.55 -12.93
CA GLU A 144 24.77 12.35 -11.74
C GLU A 144 24.77 13.58 -10.86
N GLU A 145 24.77 14.77 -11.46
CA GLU A 145 24.81 16.02 -10.72
C GLU A 145 23.87 17.04 -11.35
N LEU A 146 23.20 17.81 -10.50
CA LEU A 146 22.35 18.92 -10.92
C LEU A 146 22.81 20.16 -10.19
N VAL A 147 23.17 21.20 -10.94
CA VAL A 147 23.67 22.44 -10.37
C VAL A 147 22.72 23.56 -10.80
N VAL A 148 22.16 24.25 -9.83
CA VAL A 148 21.28 25.38 -10.12
C VAL A 148 22.13 26.63 -10.33
N GLU A 149 21.70 27.47 -11.26
CA GLU A 149 22.44 28.69 -11.60
C GLU A 149 21.50 29.80 -12.04
N PRO B 4 7.37 18.73 -44.43
CA PRO B 4 7.99 19.72 -43.54
C PRO B 4 9.04 19.10 -42.62
N LYS B 5 9.39 19.82 -41.55
CA LYS B 5 10.36 19.30 -40.61
C LYS B 5 9.82 18.07 -39.90
N PRO B 6 10.70 17.12 -39.55
CA PRO B 6 10.22 15.92 -38.84
C PRO B 6 9.56 16.24 -37.52
N GLU B 7 10.03 17.26 -36.80
CA GLU B 7 9.41 17.64 -35.54
C GLU B 7 8.09 18.39 -35.76
N ASP B 8 7.95 19.08 -36.89
CA ASP B 8 6.77 19.89 -37.14
C ASP B 8 5.48 19.07 -37.24
N VAL B 9 5.51 17.94 -37.94
CA VAL B 9 4.33 17.13 -38.16
C VAL B 9 4.06 16.33 -36.90
N LEU B 10 2.84 16.46 -36.36
CA LEU B 10 2.44 15.71 -35.19
C LEU B 10 1.89 14.35 -35.59
N VAL B 11 1.63 13.52 -34.58
CA VAL B 11 1.13 12.17 -34.79
C VAL B 11 -0.22 12.04 -34.12
N ALA B 12 -1.24 11.62 -34.89
CA ALA B 12 -2.59 11.34 -34.43
C ALA B 12 -2.68 9.90 -33.94
N PRO B 13 -3.63 9.59 -33.04
CA PRO B 13 -3.74 8.22 -32.55
C PRO B 13 -4.32 7.26 -33.59
N ASN B 14 -3.72 7.23 -34.77
CA ASN B 14 -4.09 6.31 -35.84
C ASN B 14 -3.01 5.25 -35.92
N PHE B 15 -3.36 4.02 -35.51
CA PHE B 15 -2.35 2.97 -35.39
C PHE B 15 -2.79 1.66 -36.02
N GLY B 16 -1.97 0.63 -35.85
CA GLY B 16 -2.28 -0.69 -36.36
C GLY B 16 -1.25 -1.69 -35.87
N ILE B 17 -1.60 -2.96 -36.01
CA ILE B 17 -0.73 -4.05 -35.58
C ILE B 17 -0.61 -5.07 -36.71
N GLN B 18 0.51 -5.80 -36.69
CA GLN B 18 0.75 -6.88 -37.65
C GLN B 18 1.51 -7.97 -36.93
N ILE B 19 0.86 -9.11 -36.69
CA ILE B 19 1.48 -10.26 -36.04
C ILE B 19 1.63 -11.36 -37.08
N ASP B 20 2.84 -11.86 -37.25
CA ASP B 20 3.12 -12.87 -38.26
C ASP B 20 2.51 -14.19 -37.82
N GLY B 21 1.48 -14.63 -38.54
CA GLY B 21 0.80 -15.88 -38.25
C GLY B 21 -0.50 -15.75 -37.50
N VAL B 22 -0.77 -14.61 -36.89
CA VAL B 22 -2.02 -14.35 -36.19
C VAL B 22 -2.81 -13.33 -36.98
N MET B 23 -4.04 -13.70 -37.38
CA MET B 23 -4.85 -12.86 -38.24
C MET B 23 -5.66 -11.88 -37.39
N VAL B 24 -4.97 -10.81 -36.98
CA VAL B 24 -5.60 -9.70 -36.29
C VAL B 24 -5.39 -8.44 -37.11
N GLU B 25 -6.46 -7.67 -37.29
CA GLU B 25 -6.43 -6.51 -38.16
C GLU B 25 -6.60 -5.20 -37.42
N TYR B 26 -7.49 -5.13 -36.43
CA TYR B 26 -7.78 -3.90 -35.72
C TYR B 26 -7.82 -4.17 -34.22
N LEU B 27 -7.51 -3.14 -33.44
CA LEU B 27 -7.55 -3.20 -31.99
C LEU B 27 -8.31 -1.98 -31.47
N ASN B 28 -8.63 -2.03 -30.18
CA ASN B 28 -9.28 -0.90 -29.52
C ASN B 28 -8.31 -0.05 -28.70
N SER B 29 -7.30 -0.67 -28.09
CA SER B 29 -6.30 0.07 -27.32
C SER B 29 -5.03 -0.75 -27.25
N VAL B 30 -3.92 -0.05 -26.97
CA VAL B 30 -2.61 -0.66 -26.81
C VAL B 30 -1.95 -0.04 -25.59
N SER B 31 -1.38 -0.87 -24.72
CA SER B 31 -0.74 -0.38 -23.51
C SER B 31 0.56 0.34 -23.86
N ASN B 32 1.24 0.82 -22.82
CA ASN B 32 2.48 1.57 -23.03
C ASN B 32 3.58 0.66 -23.54
N LEU B 33 4.33 1.17 -24.53
CA LEU B 33 5.49 0.48 -25.08
C LEU B 33 6.73 1.20 -24.59
N GLN B 34 7.48 0.56 -23.70
CA GLN B 34 8.62 1.17 -23.04
C GLN B 34 9.92 0.57 -23.55
N ILE B 35 10.87 1.42 -23.89
CA ILE B 35 12.24 1.01 -24.16
C ILE B 35 13.05 1.45 -22.94
N GLU B 36 13.39 0.49 -22.08
CA GLU B 36 13.97 0.78 -20.79
C GLU B 36 15.33 0.09 -20.65
N GLN B 37 16.27 0.80 -20.03
CA GLN B 37 17.60 0.26 -19.74
C GLN B 37 17.88 0.36 -18.26
N ASP B 38 18.52 -0.68 -17.71
CA ASP B 38 18.90 -0.67 -16.31
C ASP B 38 19.99 0.36 -16.05
N VAL B 39 19.95 0.96 -14.87
CA VAL B 39 20.91 1.96 -14.43
C VAL B 39 21.58 1.46 -13.16
N ILE B 40 22.91 1.50 -13.12
CA ILE B 40 23.68 1.07 -11.97
C ILE B 40 24.37 2.29 -11.37
N ARG B 41 24.11 2.54 -10.09
CA ARG B 41 24.68 3.67 -9.39
C ARG B 41 25.81 3.21 -8.49
N TYR B 42 26.97 3.84 -8.61
CA TYR B 42 28.11 3.51 -7.77
C TYR B 42 28.69 4.77 -7.15
N GLN B 43 28.87 4.76 -5.84
CA GLN B 43 29.41 5.87 -5.09
C GLN B 43 30.82 5.54 -4.63
N GLN B 44 31.75 6.46 -4.82
CA GLN B 44 33.14 6.27 -4.42
C GLN B 44 33.68 7.57 -3.86
N ASN B 45 34.79 7.46 -3.14
CA ASN B 45 35.48 8.62 -2.58
C ASN B 45 36.91 8.65 -3.12
N GLN B 46 37.34 9.84 -3.54
CA GLN B 46 38.72 9.99 -4.00
C GLN B 46 39.68 9.65 -2.87
N GLY B 47 40.70 8.84 -3.19
CA GLY B 47 41.57 8.33 -2.14
C GLY B 47 42.37 9.43 -1.45
N THR B 48 42.90 10.38 -2.22
CA THR B 48 43.80 11.38 -1.66
C THR B 48 43.06 12.58 -1.10
N THR B 49 41.98 13.03 -1.75
CA THR B 49 41.30 14.25 -1.35
C THR B 49 39.99 14.02 -0.61
N GLY B 50 39.35 12.87 -0.80
CA GLY B 50 38.13 12.55 -0.08
C GLY B 50 36.84 13.07 -0.71
N ARG B 51 36.91 13.67 -1.89
CA ARG B 51 35.69 14.12 -2.55
C ARG B 51 34.87 12.93 -3.03
N ASN B 52 33.55 13.13 -3.08
CA ASN B 52 32.62 12.05 -3.42
C ASN B 52 32.25 12.13 -4.89
N ASN B 53 32.33 10.97 -5.57
CA ASN B 53 31.97 10.86 -6.97
C ASN B 53 30.97 9.73 -7.14
N VAL B 54 29.79 10.04 -7.67
CA VAL B 54 28.77 9.03 -7.85
C VAL B 54 28.62 8.80 -9.34
N THR B 55 28.86 7.59 -9.81
CA THR B 55 28.76 7.38 -11.25
C THR B 55 27.56 6.51 -11.64
N LEU B 56 26.86 6.90 -12.70
CA LEU B 56 25.70 6.13 -13.17
C LEU B 56 26.03 5.54 -14.54
N MET B 57 25.98 4.20 -14.67
CA MET B 57 26.43 3.59 -15.92
C MET B 57 25.33 2.72 -16.50
N PRO B 58 25.57 1.99 -17.61
CA PRO B 58 24.43 1.22 -18.17
C PRO B 58 24.22 -0.26 -17.71
N GLY B 59 22.99 -0.79 -17.88
CA GLY B 59 22.70 -2.17 -17.53
C GLY B 59 22.54 -3.03 -18.78
N VAL B 60 21.36 -3.62 -18.94
CA VAL B 60 21.04 -4.43 -20.10
C VAL B 60 19.67 -4.04 -20.61
N ALA B 61 19.41 -4.35 -21.88
CA ALA B 61 18.08 -4.13 -22.44
C ALA B 61 17.06 -4.97 -21.70
N LYS B 62 15.95 -4.35 -21.34
CA LYS B 62 14.92 -4.99 -20.51
C LYS B 62 13.82 -5.54 -21.39
N ASP B 63 13.38 -6.76 -21.12
CA ASP B 63 12.27 -7.38 -21.83
C ASP B 63 10.98 -6.86 -21.19
N GLY B 64 9.86 -6.92 -21.91
CA GLY B 64 8.61 -6.42 -21.37
C GLY B 64 7.37 -7.06 -21.96
N SER B 65 6.22 -6.44 -21.73
CA SER B 65 4.95 -6.97 -22.25
C SER B 65 3.90 -5.88 -22.38
N VAL B 66 3.21 -5.86 -23.53
CA VAL B 66 2.18 -4.87 -23.78
C VAL B 66 0.82 -5.55 -24.02
N GLN B 67 -0.20 -5.07 -23.31
CA GLN B 67 -1.53 -5.65 -23.42
C GLN B 67 -2.35 -5.03 -24.56
N VAL B 68 -3.02 -5.91 -25.31
CA VAL B 68 -3.86 -5.48 -26.42
C VAL B 68 -5.30 -5.85 -26.11
N GLU B 69 -6.20 -4.88 -26.22
CA GLU B 69 -7.61 -5.12 -25.93
C GLU B 69 -8.51 -4.87 -27.13
N ARG B 70 -9.01 -5.95 -27.72
CA ARG B 70 -9.88 -5.84 -28.85
C ARG B 70 -11.29 -6.17 -28.55
N GLY B 71 -12.22 -5.70 -29.35
CA GLY B 71 -13.61 -6.08 -29.27
C GLY B 71 -13.78 -7.55 -29.57
N MET B 72 -14.03 -8.35 -28.55
CA MET B 72 -14.04 -9.80 -28.71
C MET B 72 -15.23 -10.24 -29.56
N SER B 73 -15.02 -11.32 -30.32
CA SER B 73 -16.00 -11.79 -31.29
C SER B 73 -15.87 -13.30 -31.42
N GLN B 74 -16.45 -13.84 -32.49
CA GLN B 74 -16.37 -15.28 -32.73
C GLN B 74 -14.94 -15.73 -33.01
N SER B 75 -14.13 -14.86 -33.62
CA SER B 75 -12.76 -15.21 -33.96
C SER B 75 -11.95 -15.52 -32.70
N SER B 76 -11.15 -16.58 -32.76
CA SER B 76 -10.37 -17.06 -31.63
C SER B 76 -8.90 -17.21 -32.03
N VAL B 77 -8.35 -16.19 -32.69
CA VAL B 77 -6.94 -16.24 -33.08
C VAL B 77 -6.05 -16.21 -31.85
N PHE B 78 -6.37 -15.34 -30.89
CA PHE B 78 -5.58 -15.27 -29.66
C PHE B 78 -5.77 -16.52 -28.81
N THR B 79 -6.96 -17.11 -28.84
CA THR B 79 -7.18 -18.38 -28.16
C THR B 79 -6.28 -19.47 -28.73
N GLN B 80 -6.19 -19.55 -30.06
CA GLN B 80 -5.30 -20.53 -30.68
C GLN B 80 -3.84 -20.23 -30.38
N TRP B 81 -3.48 -18.95 -30.33
CA TRP B 81 -2.12 -18.56 -29.99
C TRP B 81 -1.75 -19.04 -28.59
N ILE B 82 -2.62 -18.77 -27.61
CA ILE B 82 -2.32 -19.19 -26.24
C ILE B 82 -2.39 -20.70 -26.10
N ASN B 83 -3.21 -21.37 -26.91
CA ASN B 83 -3.23 -22.84 -26.88
C ASN B 83 -1.93 -23.41 -27.41
N ASP B 84 -1.41 -22.83 -28.49
CA ASP B 84 -0.12 -23.27 -29.03
C ASP B 84 1.00 -23.01 -28.02
N SER B 85 0.95 -21.87 -27.33
CA SER B 85 1.97 -21.58 -26.34
C SER B 85 1.84 -22.48 -25.11
N MET B 86 0.62 -22.90 -24.78
CA MET B 86 0.38 -23.65 -23.55
C MET B 86 0.88 -25.09 -23.65
N ALA B 87 0.84 -25.67 -24.84
CA ALA B 87 1.24 -27.06 -25.01
C ALA B 87 2.73 -27.22 -25.25
N GLY B 88 3.50 -26.15 -25.22
CA GLY B 88 4.94 -26.23 -25.38
C GLY B 88 5.45 -26.10 -26.79
N ARG B 89 4.56 -25.99 -27.79
CA ARG B 89 4.99 -25.84 -29.18
C ARG B 89 5.45 -24.39 -29.39
N MET B 90 6.59 -24.07 -28.79
CA MET B 90 7.14 -22.72 -28.85
C MET B 90 7.86 -22.43 -30.15
N ALA B 91 8.09 -23.43 -30.99
CA ALA B 91 8.66 -23.16 -32.31
C ALA B 91 7.72 -22.33 -33.16
N THR B 92 6.42 -22.61 -33.07
CA THR B 92 5.41 -21.85 -33.80
C THR B 92 4.72 -20.80 -32.94
N ALA B 93 4.86 -20.85 -31.61
CA ALA B 93 4.22 -19.88 -30.75
C ALA B 93 4.94 -18.53 -30.75
N ARG B 94 6.25 -18.52 -30.98
CA ARG B 94 7.04 -17.30 -30.97
C ARG B 94 6.96 -16.65 -32.35
N LYS B 95 6.37 -15.46 -32.41
CA LYS B 95 6.17 -14.74 -33.65
C LYS B 95 6.74 -13.33 -33.54
N ASN B 96 7.14 -12.78 -34.69
CA ASN B 96 7.61 -11.41 -34.78
C ASN B 96 6.42 -10.48 -34.97
N ALA B 97 6.31 -9.47 -34.13
CA ALA B 97 5.19 -8.54 -34.17
C ALA B 97 5.66 -7.15 -34.60
N THR B 98 4.71 -6.35 -35.08
CA THR B 98 4.99 -4.98 -35.47
C THR B 98 3.83 -4.09 -35.06
N ILE B 99 4.15 -2.96 -34.43
CA ILE B 99 3.16 -1.95 -34.07
C ILE B 99 3.47 -0.70 -34.87
N ILE B 100 2.50 -0.23 -35.64
CA ILE B 100 2.69 0.87 -36.58
C ILE B 100 1.82 2.04 -36.16
N VAL B 101 2.39 3.24 -36.17
CA VAL B 101 1.67 4.49 -35.98
C VAL B 101 1.89 5.34 -37.23
N MET B 102 0.79 5.76 -37.85
CA MET B 102 0.82 6.40 -39.15
C MET B 102 0.48 7.88 -39.03
N ASP B 103 0.65 8.59 -40.15
CA ASP B 103 0.35 10.00 -40.25
C ASP B 103 -1.09 10.20 -40.74
N TYR B 104 -1.42 11.43 -41.13
CA TYR B 104 -2.74 11.69 -41.69
C TYR B 104 -2.94 10.95 -43.01
N GLU B 105 -1.91 10.88 -43.84
CA GLU B 105 -1.98 10.23 -45.14
C GLU B 105 -1.93 8.71 -45.03
N ASP B 106 -2.15 8.18 -43.82
CA ASP B 106 -2.01 6.72 -43.61
C ASP B 106 -0.67 6.29 -44.21
N ASN B 107 0.42 6.93 -43.77
CA ASN B 107 1.78 6.52 -44.21
C ASN B 107 2.57 6.13 -42.97
N PRO B 108 3.07 4.89 -42.85
CA PRO B 108 3.76 4.45 -41.62
C PRO B 108 4.83 5.44 -41.17
N VAL B 109 4.81 5.81 -39.88
CA VAL B 109 5.82 6.77 -39.32
C VAL B 109 6.73 6.01 -38.36
N LYS B 110 6.15 5.33 -37.36
CA LYS B 110 6.96 4.58 -36.36
C LYS B 110 6.57 3.10 -36.42
N ARG B 111 7.57 2.20 -36.44
CA ARG B 111 7.29 0.74 -36.53
C ARG B 111 8.06 0.00 -35.42
N TRP B 112 7.43 -0.22 -34.27
CA TRP B 112 8.05 -0.97 -33.19
C TRP B 112 8.07 -2.44 -33.60
N ASN B 113 9.27 -3.01 -33.71
CA ASN B 113 9.44 -4.41 -34.04
C ASN B 113 9.66 -5.20 -32.75
N LEU B 114 8.93 -6.30 -32.61
CA LEU B 114 8.85 -7.06 -31.37
C LEU B 114 9.33 -8.46 -31.66
N ARG B 115 10.46 -8.85 -31.07
CA ARG B 115 11.11 -10.11 -31.40
C ARG B 115 10.73 -11.19 -30.40
N ASN B 116 10.37 -12.37 -30.91
CA ASN B 116 10.01 -13.52 -30.10
C ASN B 116 8.86 -13.19 -29.16
N ALA B 117 7.70 -12.88 -29.72
CA ALA B 117 6.52 -12.49 -28.97
C ALA B 117 5.52 -13.64 -28.94
N TRP B 118 5.07 -14.01 -27.74
CA TRP B 118 4.04 -15.01 -27.58
C TRP B 118 3.07 -14.57 -26.50
N CYS B 119 1.79 -14.83 -26.73
CA CYS B 119 0.76 -14.42 -25.79
C CYS B 119 0.90 -15.19 -24.49
N SER B 120 0.76 -14.48 -23.36
CA SER B 120 0.92 -15.06 -22.05
C SER B 120 -0.34 -15.02 -21.20
N LYS B 121 -1.33 -14.23 -21.58
CA LYS B 121 -2.54 -14.09 -20.78
C LYS B 121 -3.70 -13.54 -21.60
N VAL B 122 -4.83 -14.24 -21.59
CA VAL B 122 -6.05 -13.79 -22.25
C VAL B 122 -7.12 -13.61 -21.17
N VAL B 123 -7.67 -12.41 -21.08
CA VAL B 123 -8.64 -12.05 -20.06
C VAL B 123 -9.93 -11.63 -20.73
N ALA B 124 -11.04 -12.22 -20.32
CA ALA B 124 -12.35 -11.79 -20.77
C ALA B 124 -12.85 -10.67 -19.88
N GLY B 125 -13.48 -9.67 -20.50
CA GLY B 125 -14.01 -8.57 -19.73
C GLY B 125 -15.13 -9.00 -18.80
N THR B 126 -15.35 -8.21 -17.76
CA THR B 126 -16.43 -8.52 -16.82
C THR B 126 -17.78 -8.46 -17.53
N LEU B 127 -18.61 -9.47 -17.28
CA LEU B 127 -19.92 -9.57 -17.90
C LEU B 127 -20.96 -9.07 -16.91
N LYS B 128 -21.76 -8.09 -17.33
CA LYS B 128 -22.81 -7.53 -16.50
C LYS B 128 -24.13 -7.59 -17.24
N ALA B 129 -25.21 -7.86 -16.50
CA ALA B 129 -26.53 -8.00 -17.12
C ALA B 129 -26.98 -6.68 -17.72
N GLY B 130 -26.77 -5.57 -17.01
CA GLY B 130 -27.21 -4.27 -17.48
C GLY B 130 -26.13 -3.50 -18.22
N ASP B 131 -25.07 -4.20 -18.63
CA ASP B 131 -23.97 -3.55 -19.33
C ASP B 131 -24.42 -3.04 -20.69
N THR B 132 -23.85 -1.91 -21.11
CA THR B 132 -24.22 -1.25 -22.35
C THR B 132 -23.14 -1.37 -23.43
N ASN B 133 -21.90 -1.04 -23.10
CA ASN B 133 -20.83 -1.09 -24.08
C ASN B 133 -20.46 -2.52 -24.41
N ALA B 134 -19.74 -2.69 -25.52
CA ALA B 134 -19.34 -4.01 -25.96
C ALA B 134 -18.35 -4.64 -24.97
N LEU B 135 -18.37 -5.96 -24.91
CA LEU B 135 -17.52 -6.71 -23.99
C LEU B 135 -16.17 -6.96 -24.66
N THR B 136 -15.10 -6.58 -23.97
CA THR B 136 -13.76 -6.54 -24.55
C THR B 136 -12.92 -7.72 -24.10
N GLU B 137 -11.82 -7.94 -24.81
CA GLU B 137 -10.86 -8.99 -24.52
C GLU B 137 -9.48 -8.38 -24.40
N THR B 138 -8.74 -8.78 -23.36
CA THR B 138 -7.41 -8.27 -23.08
C THR B 138 -6.38 -9.35 -23.34
N ILE B 139 -5.29 -8.99 -24.02
CA ILE B 139 -4.24 -9.91 -24.38
C ILE B 139 -2.91 -9.34 -23.90
N THR B 140 -2.15 -10.13 -23.13
CA THR B 140 -0.84 -9.73 -22.66
C THR B 140 0.21 -10.51 -23.44
N ILE B 141 1.10 -9.79 -24.12
CA ILE B 141 2.13 -10.39 -24.96
C ILE B 141 3.50 -9.98 -24.42
N VAL B 142 4.37 -10.97 -24.24
CA VAL B 142 5.71 -10.73 -23.74
C VAL B 142 6.73 -10.87 -24.87
N PHE B 143 7.49 -9.81 -25.10
CA PHE B 143 8.50 -9.80 -26.14
C PHE B 143 9.90 -9.64 -25.56
N GLU B 144 10.82 -10.51 -25.99
CA GLU B 144 12.19 -10.46 -25.51
C GLU B 144 12.86 -9.14 -25.86
N GLU B 145 12.62 -8.67 -27.08
CA GLU B 145 13.21 -7.42 -27.54
C GLU B 145 12.19 -6.51 -28.23
N LEU B 146 12.34 -5.21 -28.03
CA LEU B 146 11.46 -4.22 -28.64
C LEU B 146 12.34 -3.14 -29.25
N VAL B 147 12.52 -3.21 -30.57
CA VAL B 147 13.38 -2.24 -31.25
C VAL B 147 12.51 -1.27 -32.03
N VAL B 148 12.73 0.02 -31.81
CA VAL B 148 11.97 1.05 -32.49
C VAL B 148 12.64 1.35 -33.83
N GLU B 149 11.87 1.31 -34.90
CA GLU B 149 12.38 1.56 -36.24
C GLU B 149 11.55 2.63 -36.95
N PRO C 4 -21.47 -13.52 -41.56
CA PRO C 4 -20.33 -12.82 -42.13
C PRO C 4 -19.00 -13.30 -41.57
N LYS C 5 -17.99 -12.44 -41.59
CA LYS C 5 -16.69 -12.79 -41.06
C LYS C 5 -16.76 -13.01 -39.55
N PRO C 6 -15.96 -13.93 -39.01
CA PRO C 6 -15.98 -14.15 -37.55
C PRO C 6 -15.63 -12.90 -36.76
N GLU C 7 -14.71 -12.08 -37.27
CA GLU C 7 -14.34 -10.85 -36.59
C GLU C 7 -15.36 -9.74 -36.77
N ASP C 8 -16.20 -9.83 -37.81
CA ASP C 8 -17.16 -8.78 -38.09
C ASP C 8 -18.28 -8.69 -37.07
N VAL C 9 -18.87 -9.81 -36.69
CA VAL C 9 -20.01 -9.83 -35.77
C VAL C 9 -19.47 -9.65 -34.36
N LEU C 10 -19.99 -8.64 -33.66
CA LEU C 10 -19.57 -8.37 -32.29
C LEU C 10 -20.38 -9.23 -31.32
N VAL C 11 -20.01 -9.16 -30.04
CA VAL C 11 -20.65 -9.93 -28.99
C VAL C 11 -21.26 -8.96 -27.97
N ALA C 12 -22.55 -9.10 -27.72
CA ALA C 12 -23.27 -8.32 -26.72
C ALA C 12 -23.17 -9.00 -25.36
N PRO C 13 -23.31 -8.24 -24.27
CA PRO C 13 -23.23 -8.85 -22.93
C PRO C 13 -24.44 -9.71 -22.59
N ASN C 14 -24.76 -10.67 -23.47
CA ASN C 14 -25.83 -11.63 -23.25
C ASN C 14 -25.19 -12.98 -22.97
N PHE C 15 -25.21 -13.40 -21.71
CA PHE C 15 -24.45 -14.56 -21.27
C PHE C 15 -25.37 -15.52 -20.52
N GLY C 16 -24.78 -16.62 -20.05
CA GLY C 16 -25.49 -17.61 -19.27
C GLY C 16 -24.51 -18.58 -18.65
N ILE C 17 -25.01 -19.37 -17.71
CA ILE C 17 -24.20 -20.34 -16.99
C ILE C 17 -24.92 -21.68 -16.96
N GLN C 18 -24.14 -22.73 -16.76
CA GLN C 18 -24.69 -24.08 -16.62
C GLN C 18 -23.76 -24.88 -15.73
N ILE C 19 -24.23 -25.26 -14.54
CA ILE C 19 -23.45 -26.05 -13.60
C ILE C 19 -24.16 -27.37 -13.40
N ASP C 20 -23.43 -28.47 -13.59
CA ASP C 20 -24.02 -29.79 -13.45
C ASP C 20 -24.29 -30.09 -11.99
N GLY C 21 -25.56 -30.29 -11.65
CA GLY C 21 -25.98 -30.59 -10.30
C GLY C 21 -26.41 -29.38 -9.49
N VAL C 22 -26.09 -28.17 -9.93
CA VAL C 22 -26.50 -26.94 -9.26
C VAL C 22 -27.50 -26.25 -10.16
N MET C 23 -28.71 -26.03 -9.65
CA MET C 23 -29.82 -25.49 -10.44
C MET C 23 -29.75 -23.96 -10.40
N VAL C 24 -29.00 -23.40 -11.33
CA VAL C 24 -28.84 -21.95 -11.46
C VAL C 24 -29.18 -21.56 -12.89
N GLU C 25 -30.08 -20.59 -13.04
CA GLU C 25 -30.54 -20.14 -14.35
C GLU C 25 -29.91 -18.81 -14.77
N TYR C 26 -29.93 -17.81 -13.90
CA TYR C 26 -29.51 -16.46 -14.26
C TYR C 26 -28.54 -15.92 -13.21
N LEU C 27 -27.65 -15.04 -13.66
CA LEU C 27 -26.71 -14.36 -12.79
C LEU C 27 -26.72 -12.87 -13.11
N ASN C 28 -26.48 -12.05 -12.08
CA ASN C 28 -26.41 -10.61 -12.29
C ASN C 28 -25.11 -10.21 -12.98
N SER C 29 -23.99 -10.82 -12.59
CA SER C 29 -22.70 -10.49 -13.19
C SER C 29 -21.75 -11.66 -13.00
N VAL C 30 -20.68 -11.65 -13.80
CA VAL C 30 -19.63 -12.66 -13.73
C VAL C 30 -18.29 -11.94 -13.78
N SER C 31 -17.37 -12.33 -12.89
CA SER C 31 -16.06 -11.69 -12.84
C SER C 31 -15.22 -12.08 -14.06
N ASN C 32 -13.99 -11.58 -14.09
CA ASN C 32 -13.11 -11.83 -15.22
C ASN C 32 -12.65 -13.29 -15.24
N LEU C 33 -12.69 -13.89 -16.42
CA LEU C 33 -12.20 -15.24 -16.66
C LEU C 33 -10.87 -15.13 -17.38
N GLN C 34 -9.80 -15.56 -16.72
CA GLN C 34 -8.45 -15.41 -17.23
C GLN C 34 -7.87 -16.75 -17.62
N ILE C 35 -7.31 -16.84 -18.82
CA ILE C 35 -6.47 -17.96 -19.24
C ILE C 35 -5.04 -17.49 -19.14
N GLU C 36 -4.33 -17.94 -18.10
CA GLU C 36 -2.99 -17.43 -17.81
C GLU C 36 -1.98 -18.57 -17.85
N GLN C 37 -0.76 -18.21 -18.24
CA GLN C 37 0.36 -19.14 -18.27
C GLN C 37 1.58 -18.50 -17.62
N ASP C 38 2.30 -19.29 -16.83
CA ASP C 38 3.52 -18.79 -16.19
C ASP C 38 4.60 -18.54 -17.22
N VAL C 39 5.41 -17.53 -16.97
CA VAL C 39 6.52 -17.14 -17.83
C VAL C 39 7.80 -17.17 -17.02
N ILE C 40 8.83 -17.82 -17.54
CA ILE C 40 10.12 -17.93 -16.87
C ILE C 40 11.15 -17.16 -17.68
N ARG C 41 11.81 -16.19 -17.04
CA ARG C 41 12.81 -15.37 -17.68
C ARG C 41 14.20 -15.83 -17.26
N TYR C 42 15.10 -16.00 -18.23
CA TYR C 42 16.47 -16.39 -17.93
C TYR C 42 17.43 -15.52 -18.74
N GLN C 43 18.41 -14.94 -18.04
CA GLN C 43 19.41 -14.08 -18.66
C GLN C 43 20.74 -14.81 -18.69
N GLN C 44 21.40 -14.81 -19.85
CA GLN C 44 22.68 -15.48 -20.01
C GLN C 44 23.61 -14.59 -20.84
N ASN C 45 24.89 -14.90 -20.78
CA ASN C 45 25.90 -14.21 -21.57
C ASN C 45 26.61 -15.21 -22.46
N GLN C 46 26.81 -14.85 -23.73
CA GLN C 46 27.54 -15.72 -24.64
C GLN C 46 28.97 -15.92 -24.13
N GLY C 47 29.42 -17.18 -24.15
CA GLY C 47 30.71 -17.49 -23.55
C GLY C 47 31.86 -16.80 -24.23
N THR C 48 31.85 -16.76 -25.56
CA THR C 48 32.97 -16.21 -26.31
C THR C 48 32.85 -14.69 -26.50
N THR C 49 31.79 -14.26 -27.18
CA THR C 49 31.65 -12.84 -27.52
C THR C 49 31.20 -12.00 -26.33
N GLY C 50 30.30 -12.51 -25.50
CA GLY C 50 29.89 -11.81 -24.30
C GLY C 50 28.61 -11.01 -24.38
N ARG C 51 27.89 -11.07 -25.49
CA ARG C 51 26.62 -10.36 -25.59
C ARG C 51 25.56 -11.03 -24.73
N ASN C 52 24.58 -10.25 -24.32
CA ASN C 52 23.54 -10.70 -23.40
C ASN C 52 22.35 -11.25 -24.18
N ASN C 53 21.86 -12.42 -23.77
CA ASN C 53 20.69 -13.05 -24.37
C ASN C 53 19.68 -13.35 -23.26
N VAL C 54 18.48 -12.81 -23.38
CA VAL C 54 17.45 -13.06 -22.37
C VAL C 54 16.43 -13.99 -23.00
N THR C 55 16.17 -15.11 -22.36
CA THR C 55 15.20 -16.07 -22.88
C THR C 55 14.02 -16.24 -21.94
N LEU C 56 12.86 -15.79 -22.40
CA LEU C 56 11.62 -15.91 -21.62
C LEU C 56 10.80 -17.02 -22.26
N MET C 57 10.42 -18.01 -21.46
CA MET C 57 9.65 -19.12 -21.97
C MET C 57 8.42 -19.46 -21.15
N PRO C 58 7.76 -20.57 -21.51
CA PRO C 58 6.56 -21.19 -20.95
C PRO C 58 6.54 -21.90 -19.63
N GLY C 59 5.55 -21.70 -18.77
CA GLY C 59 5.38 -22.36 -17.51
C GLY C 59 4.23 -23.34 -17.51
N VAL C 60 3.66 -23.57 -16.32
CA VAL C 60 2.46 -24.45 -16.23
C VAL C 60 1.21 -23.61 -16.44
N ALA C 61 0.12 -24.23 -16.89
CA ALA C 61 -1.16 -23.49 -17.07
C ALA C 61 -1.64 -22.98 -15.71
N LYS C 62 -2.13 -21.74 -15.67
CA LYS C 62 -2.57 -21.14 -14.37
C LYS C 62 -4.10 -21.13 -14.31
N ASP C 63 -4.60 -21.75 -13.24
CA ASP C 63 -5.98 -21.88 -12.88
C ASP C 63 -6.31 -20.89 -11.79
N GLY C 64 -7.59 -20.73 -11.48
CA GLY C 64 -8.02 -19.80 -10.46
C GLY C 64 -9.52 -19.81 -10.38
N SER C 65 -10.12 -18.81 -9.74
CA SER C 65 -11.58 -18.85 -9.58
C SER C 65 -12.39 -17.62 -9.99
N VAL C 66 -13.19 -17.78 -11.04
CA VAL C 66 -14.08 -16.74 -11.52
C VAL C 66 -15.24 -16.62 -10.53
N GLN C 67 -15.78 -15.42 -10.37
CA GLN C 67 -16.86 -15.20 -9.42
C GLN C 67 -18.22 -14.92 -10.07
N VAL C 68 -19.26 -15.52 -9.51
CA VAL C 68 -20.62 -15.34 -9.99
C VAL C 68 -21.50 -14.74 -8.91
N GLU C 69 -22.24 -13.68 -9.26
CA GLU C 69 -23.11 -13.02 -8.30
C GLU C 69 -24.56 -13.02 -8.79
N ARG C 70 -25.50 -13.25 -7.87
CA ARG C 70 -26.89 -13.26 -8.22
C ARG C 70 -27.71 -12.50 -7.24
N GLY C 71 -28.98 -12.36 -7.50
CA GLY C 71 -29.98 -11.77 -6.63
C GLY C 71 -30.41 -12.78 -5.58
N MET C 72 -30.37 -12.36 -4.32
CA MET C 72 -30.73 -13.25 -3.23
C MET C 72 -32.20 -13.64 -3.31
N SER C 73 -32.49 -14.89 -2.97
CA SER C 73 -33.85 -15.41 -3.05
C SER C 73 -33.99 -16.54 -2.03
N GLN C 74 -35.13 -17.23 -2.08
CA GLN C 74 -35.36 -18.35 -1.18
C GLN C 74 -34.48 -19.54 -1.52
N SER C 75 -34.12 -19.70 -2.80
CA SER C 75 -33.32 -20.84 -3.22
C SER C 75 -31.94 -20.81 -2.56
N SER C 76 -31.45 -21.98 -2.18
CA SER C 76 -30.17 -22.14 -1.49
C SER C 76 -29.33 -23.20 -2.17
N VAL C 77 -29.23 -23.13 -3.49
CA VAL C 77 -28.41 -24.10 -4.23
C VAL C 77 -26.92 -23.90 -3.92
N PHE C 78 -26.48 -22.64 -3.83
CA PHE C 78 -25.09 -22.37 -3.49
C PHE C 78 -24.81 -22.74 -2.03
N THR C 79 -25.79 -22.55 -1.15
CA THR C 79 -25.66 -23.00 0.23
C THR C 79 -25.44 -24.50 0.29
N GLN C 80 -26.24 -25.27 -0.45
CA GLN C 80 -26.06 -26.72 -0.47
C GLN C 80 -24.73 -27.10 -1.09
N TRP C 81 -24.30 -26.38 -2.13
CA TRP C 81 -23.00 -26.65 -2.74
C TRP C 81 -21.86 -26.48 -1.74
N ILE C 82 -21.85 -25.34 -1.03
CA ILE C 82 -20.78 -25.09 -0.08
C ILE C 82 -20.89 -26.03 1.13
N ASN C 83 -22.10 -26.47 1.48
CA ASN C 83 -22.24 -27.43 2.56
C ASN C 83 -21.68 -28.79 2.17
N ASP C 84 -21.95 -29.21 0.92
CA ASP C 84 -21.38 -30.46 0.43
C ASP C 84 -19.86 -30.38 0.36
N SER C 85 -19.33 -29.22 -0.05
CA SER C 85 -17.88 -29.07 -0.08
C SER C 85 -17.28 -28.99 1.31
N MET C 86 -18.04 -28.51 2.30
CA MET C 86 -17.50 -28.33 3.64
C MET C 86 -17.37 -29.65 4.39
N ALA C 87 -18.24 -30.61 4.12
CA ALA C 87 -18.21 -31.89 4.82
C ALA C 87 -17.19 -32.85 4.23
N GLY C 88 -16.43 -32.44 3.22
CA GLY C 88 -15.44 -33.29 2.62
C GLY C 88 -15.95 -34.22 1.54
N ARG C 89 -17.24 -34.15 1.20
CA ARG C 89 -17.82 -35.00 0.16
C ARG C 89 -17.53 -34.38 -1.21
N MET C 90 -16.25 -34.41 -1.58
CA MET C 90 -15.81 -33.82 -2.84
C MET C 90 -16.04 -34.74 -4.02
N ALA C 91 -16.48 -35.98 -3.80
CA ALA C 91 -16.87 -36.83 -4.92
C ALA C 91 -18.08 -36.26 -5.64
N THR C 92 -18.96 -35.55 -4.91
CA THR C 92 -20.11 -34.90 -5.50
C THR C 92 -20.01 -33.38 -5.51
N ALA C 93 -19.08 -32.81 -4.75
CA ALA C 93 -18.91 -31.36 -4.73
C ALA C 93 -18.21 -30.83 -5.97
N ARG C 94 -17.30 -31.62 -6.55
CA ARG C 94 -16.54 -31.19 -7.72
C ARG C 94 -17.41 -31.39 -8.96
N LYS C 95 -17.84 -30.29 -9.58
CA LYS C 95 -18.71 -30.33 -10.73
C LYS C 95 -18.04 -29.66 -11.92
N ASN C 96 -18.57 -29.94 -13.11
CA ASN C 96 -18.13 -29.32 -14.34
C ASN C 96 -19.07 -28.17 -14.69
N ALA C 97 -18.50 -27.00 -14.92
CA ALA C 97 -19.30 -25.80 -15.19
C ALA C 97 -19.07 -25.32 -16.61
N THR C 98 -19.98 -24.47 -17.08
CA THR C 98 -19.86 -23.88 -18.41
C THR C 98 -20.39 -22.46 -18.36
N ILE C 99 -19.63 -21.53 -18.94
CA ILE C 99 -20.05 -20.14 -19.08
C ILE C 99 -20.19 -19.86 -20.57
N ILE C 100 -21.38 -19.47 -21.00
CA ILE C 100 -21.70 -19.31 -22.41
C ILE C 100 -21.95 -17.83 -22.70
N VAL C 101 -21.37 -17.35 -23.79
CA VAL C 101 -21.63 -16.01 -24.31
C VAL C 101 -22.21 -16.16 -25.71
N MET C 102 -23.38 -15.57 -25.93
CA MET C 102 -24.18 -15.79 -27.13
C MET C 102 -24.18 -14.54 -28.00
N ASP C 103 -24.71 -14.71 -29.21
CA ASP C 103 -24.82 -13.65 -30.19
C ASP C 103 -26.17 -12.94 -30.06
N TYR C 104 -26.51 -12.11 -31.04
CA TYR C 104 -27.80 -11.43 -31.02
C TYR C 104 -28.95 -12.40 -31.29
N GLU C 105 -28.68 -13.52 -31.94
CA GLU C 105 -29.69 -14.53 -32.21
C GLU C 105 -29.79 -15.56 -31.10
N ASP C 106 -29.16 -15.30 -29.94
CA ASP C 106 -29.17 -16.21 -28.79
C ASP C 106 -28.59 -17.58 -29.15
N ASN C 107 -27.63 -17.60 -30.07
CA ASN C 107 -26.92 -18.82 -30.40
C ASN C 107 -25.54 -18.79 -29.76
N PRO C 108 -25.20 -19.76 -28.89
CA PRO C 108 -23.88 -19.79 -28.24
C PRO C 108 -22.72 -19.48 -29.18
N VAL C 109 -21.98 -18.42 -28.87
CA VAL C 109 -20.81 -18.04 -29.65
C VAL C 109 -19.52 -18.55 -29.00
N LYS C 110 -19.36 -18.35 -27.70
CA LYS C 110 -18.18 -18.80 -26.99
C LYS C 110 -18.58 -19.55 -25.73
N ARG C 111 -17.79 -20.58 -25.39
CA ARG C 111 -18.03 -21.39 -24.21
C ARG C 111 -16.74 -21.54 -23.44
N TRP C 112 -16.81 -21.37 -22.12
CA TRP C 112 -15.71 -21.62 -21.21
C TRP C 112 -16.09 -22.81 -20.34
N ASN C 113 -15.39 -23.93 -20.52
CA ASN C 113 -15.60 -25.12 -19.72
C ASN C 113 -14.69 -25.08 -18.49
N LEU C 114 -15.24 -25.48 -17.35
CA LEU C 114 -14.60 -25.34 -16.05
C LEU C 114 -14.54 -26.72 -15.43
N ARG C 115 -13.34 -27.27 -15.31
CA ARG C 115 -13.14 -28.65 -14.87
C ARG C 115 -12.84 -28.69 -13.38
N ASN C 116 -13.56 -29.54 -12.65
CA ASN C 116 -13.39 -29.71 -11.21
C ASN C 116 -13.58 -28.39 -10.47
N ALA C 117 -14.79 -27.84 -10.59
CA ALA C 117 -15.15 -26.57 -9.99
C ALA C 117 -16.03 -26.81 -8.76
N TRP C 118 -15.64 -26.24 -7.63
CA TRP C 118 -16.44 -26.30 -6.41
C TRP C 118 -16.42 -24.95 -5.73
N CYS C 119 -17.58 -24.57 -5.19
CA CYS C 119 -17.72 -23.30 -4.52
C CYS C 119 -16.89 -23.26 -3.24
N SER C 120 -16.27 -22.11 -2.98
CA SER C 120 -15.39 -21.93 -1.85
C SER C 120 -15.88 -20.87 -0.87
N LYS C 121 -16.30 -19.71 -1.37
CA LYS C 121 -16.70 -18.58 -0.53
C LYS C 121 -18.07 -18.08 -0.96
N VAL C 122 -18.96 -17.90 0.01
CA VAL C 122 -20.28 -17.32 -0.23
C VAL C 122 -20.37 -16.07 0.65
N VAL C 123 -20.67 -14.93 0.02
CA VAL C 123 -20.73 -13.67 0.74
C VAL C 123 -22.12 -13.06 0.56
N ALA C 124 -22.74 -12.69 1.67
CA ALA C 124 -24.00 -11.97 1.64
C ALA C 124 -23.73 -10.49 1.48
N GLY C 125 -24.55 -9.82 0.66
CA GLY C 125 -24.40 -8.40 0.48
C GLY C 125 -24.69 -7.64 1.76
N THR C 126 -24.05 -6.48 1.90
CA THR C 126 -24.25 -5.66 3.08
C THR C 126 -25.70 -5.22 3.18
N LEU C 127 -26.29 -5.42 4.35
CA LEU C 127 -27.73 -5.09 4.52
C LEU C 127 -27.79 -3.72 5.17
N LYS C 128 -28.32 -2.71 4.50
CA LYS C 128 -28.47 -1.38 5.14
C LYS C 128 -29.96 -1.09 5.24
N ALA C 129 -30.37 -0.31 6.23
CA ALA C 129 -31.80 -0.05 6.48
C ALA C 129 -32.49 0.60 5.30
N GLY C 130 -31.98 1.74 4.81
CA GLY C 130 -32.71 2.46 3.74
C GLY C 130 -32.16 2.17 2.36
N ASP C 131 -31.61 0.97 2.15
CA ASP C 131 -30.98 0.63 0.85
C ASP C 131 -32.09 0.42 -0.16
N THR C 132 -31.90 0.96 -1.37
CA THR C 132 -32.92 0.83 -2.44
C THR C 132 -32.58 -0.40 -3.27
N ASN C 133 -31.30 -0.64 -3.52
CA ASN C 133 -30.88 -1.77 -4.35
C ASN C 133 -31.23 -3.10 -3.66
N ALA C 134 -31.40 -4.17 -4.42
CA ALA C 134 -31.78 -5.47 -3.85
C ALA C 134 -30.53 -6.08 -3.23
N LEU C 135 -30.67 -7.24 -2.60
CA LEU C 135 -29.51 -7.84 -1.95
C LEU C 135 -28.79 -8.76 -2.92
N THR C 136 -27.46 -8.72 -2.89
CA THR C 136 -26.63 -9.47 -3.81
C THR C 136 -25.84 -10.55 -3.06
N GLU C 137 -25.82 -11.75 -3.64
CA GLU C 137 -25.05 -12.87 -3.12
C GLU C 137 -23.85 -13.10 -4.04
N THR C 138 -22.66 -13.19 -3.46
CA THR C 138 -21.42 -13.37 -4.19
C THR C 138 -20.90 -14.78 -3.95
N ILE C 139 -20.47 -15.43 -5.03
CA ILE C 139 -20.00 -16.81 -4.97
C ILE C 139 -18.63 -16.87 -5.64
N THR C 140 -17.64 -17.46 -4.96
CA THR C 140 -16.29 -17.63 -5.57
C THR C 140 -16.09 -19.09 -5.97
N ILE C 141 -16.42 -19.45 -7.20
CA ILE C 141 -16.23 -20.84 -7.71
C ILE C 141 -14.76 -21.07 -8.04
N VAL C 142 -14.08 -21.93 -7.29
CA VAL C 142 -12.65 -22.27 -7.63
C VAL C 142 -12.65 -23.51 -8.53
N PHE C 143 -12.09 -23.39 -9.73
CA PHE C 143 -12.02 -24.55 -10.67
C PHE C 143 -10.56 -24.89 -10.95
N GLU C 144 -10.25 -26.19 -11.05
CA GLU C 144 -8.86 -26.63 -11.29
C GLU C 144 -8.42 -26.28 -12.72
N GLU C 145 -9.32 -26.36 -13.70
CA GLU C 145 -8.91 -26.13 -15.11
C GLU C 145 -9.94 -25.27 -15.85
N LEU C 146 -9.48 -24.39 -16.74
CA LEU C 146 -10.40 -23.55 -17.57
C LEU C 146 -10.03 -23.77 -19.05
N VAL C 147 -10.95 -24.30 -19.86
CA VAL C 147 -10.63 -24.61 -21.27
C VAL C 147 -11.59 -23.86 -22.19
N VAL C 148 -11.13 -22.84 -22.91
CA VAL C 148 -11.98 -22.03 -23.76
C VAL C 148 -12.34 -22.83 -25.01
N GLU C 149 -13.62 -22.82 -25.37
CA GLU C 149 -14.10 -23.57 -26.52
C GLU C 149 -15.13 -22.77 -27.31
N PRO D 4 -44.55 -18.75 -5.31
CA PRO D 4 -44.07 -19.27 -6.58
C PRO D 4 -42.74 -20.02 -6.45
N LYS D 5 -41.92 -19.98 -7.50
CA LYS D 5 -40.63 -20.65 -7.45
C LYS D 5 -39.72 -19.99 -6.42
N PRO D 6 -38.88 -20.78 -5.74
CA PRO D 6 -37.95 -20.18 -4.77
C PRO D 6 -37.03 -19.13 -5.37
N GLU D 7 -36.60 -19.33 -6.61
CA GLU D 7 -35.74 -18.36 -7.27
C GLU D 7 -36.51 -17.15 -7.79
N ASP D 8 -37.83 -17.28 -7.97
CA ASP D 8 -38.63 -16.20 -8.53
C ASP D 8 -38.80 -15.01 -7.59
N VAL D 9 -38.96 -15.26 -6.30
CA VAL D 9 -39.20 -14.21 -5.32
C VAL D 9 -37.86 -13.62 -4.88
N LEU D 10 -37.72 -12.31 -5.02
CA LEU D 10 -36.50 -11.64 -4.60
C LEU D 10 -36.56 -11.30 -3.12
N VAL D 11 -35.46 -10.75 -2.61
CA VAL D 11 -35.33 -10.39 -1.20
C VAL D 11 -35.05 -8.90 -1.10
N ALA D 12 -35.86 -8.19 -0.29
CA ALA D 12 -35.70 -6.78 0.02
C ALA D 12 -34.84 -6.61 1.26
N PRO D 13 -34.16 -5.47 1.42
CA PRO D 13 -33.32 -5.27 2.59
C PRO D 13 -34.11 -5.05 3.88
N ASN D 14 -35.02 -5.97 4.17
CA ASN D 14 -35.80 -5.97 5.40
C ASN D 14 -35.27 -7.10 6.28
N PHE D 15 -34.52 -6.74 7.32
CA PHE D 15 -33.78 -7.71 8.12
C PHE D 15 -34.05 -7.47 9.60
N GLY D 16 -33.40 -8.29 10.43
CA GLY D 16 -33.52 -8.18 11.87
C GLY D 16 -32.47 -9.05 12.53
N ILE D 17 -32.26 -8.80 13.82
CA ILE D 17 -31.26 -9.50 14.60
C ILE D 17 -31.90 -10.01 15.89
N GLN D 18 -31.32 -11.06 16.44
CA GLN D 18 -31.79 -11.63 17.70
C GLN D 18 -30.60 -12.23 18.42
N ILE D 19 -30.20 -11.63 19.54
CA ILE D 19 -29.11 -12.12 20.36
C ILE D 19 -29.68 -12.58 21.69
N ASP D 20 -29.37 -13.82 22.07
CA ASP D 20 -29.86 -14.37 23.33
C ASP D 20 -29.18 -13.69 24.51
N GLY D 21 -29.96 -12.99 25.32
CA GLY D 21 -29.45 -12.30 26.49
C GLY D 21 -29.14 -10.84 26.28
N VAL D 22 -29.01 -10.39 25.03
CA VAL D 22 -28.76 -8.99 24.70
C VAL D 22 -30.02 -8.44 24.04
N MET D 23 -30.59 -7.39 24.63
CA MET D 23 -31.87 -6.85 24.18
C MET D 23 -31.61 -5.84 23.07
N VAL D 24 -31.52 -6.33 21.84
CA VAL D 24 -31.36 -5.51 20.65
C VAL D 24 -32.55 -5.78 19.73
N GLU D 25 -33.26 -4.73 19.35
CA GLU D 25 -34.44 -4.85 18.51
C GLU D 25 -34.19 -4.48 17.05
N TYR D 26 -33.51 -3.36 16.82
CA TYR D 26 -33.31 -2.86 15.47
C TYR D 26 -31.85 -2.48 15.26
N LEU D 27 -31.42 -2.53 14.00
CA LEU D 27 -30.07 -2.17 13.61
C LEU D 27 -30.13 -1.26 12.39
N ASN D 28 -29.11 -0.41 12.25
CA ASN D 28 -29.03 0.47 11.09
C ASN D 28 -28.39 -0.23 9.89
N SER D 29 -27.36 -1.03 10.13
CA SER D 29 -26.70 -1.76 9.05
C SER D 29 -25.99 -2.98 9.62
N VAL D 30 -25.70 -3.93 8.75
CA VAL D 30 -24.98 -5.14 9.10
C VAL D 30 -23.91 -5.39 8.04
N SER D 31 -22.69 -5.69 8.47
CA SER D 31 -21.60 -5.91 7.54
C SER D 31 -21.80 -7.23 6.79
N ASN D 32 -20.84 -7.55 5.93
CA ASN D 32 -20.94 -8.74 5.11
C ASN D 32 -20.81 -10.00 5.96
N LEU D 33 -21.68 -10.98 5.68
CA LEU D 33 -21.64 -12.29 6.33
C LEU D 33 -21.07 -13.28 5.33
N GLN D 34 -19.88 -13.80 5.63
CA GLN D 34 -19.15 -14.67 4.72
C GLN D 34 -19.13 -16.09 5.27
N ILE D 35 -19.38 -17.05 4.39
CA ILE D 35 -19.19 -18.46 4.67
C ILE D 35 -17.93 -18.87 3.94
N GLU D 36 -16.88 -19.19 4.69
CA GLU D 36 -15.54 -19.37 4.15
C GLU D 36 -15.07 -20.81 4.29
N GLN D 37 -14.28 -21.25 3.33
CA GLN D 37 -13.62 -22.55 3.40
C GLN D 37 -12.23 -22.44 2.79
N ASP D 38 -11.23 -22.95 3.51
CA ASP D 38 -9.86 -22.89 3.03
C ASP D 38 -9.69 -23.82 1.83
N VAL D 39 -8.87 -23.37 0.87
CA VAL D 39 -8.56 -24.13 -0.34
C VAL D 39 -7.06 -24.41 -0.34
N ILE D 40 -6.68 -25.67 -0.52
CA ILE D 40 -5.29 -26.07 -0.56
C ILE D 40 -4.95 -26.49 -1.98
N ARG D 41 -3.96 -25.84 -2.57
CA ARG D 41 -3.53 -26.13 -3.93
C ARG D 41 -2.25 -26.96 -3.90
N TYR D 42 -2.26 -28.07 -4.63
CA TYR D 42 -1.07 -28.93 -4.70
C TYR D 42 -0.77 -29.25 -6.16
N GLN D 43 0.48 -29.05 -6.55
CA GLN D 43 0.95 -29.32 -7.90
C GLN D 43 1.84 -30.55 -7.91
N GLN D 44 1.61 -31.45 -8.86
CA GLN D 44 2.39 -32.67 -8.98
C GLN D 44 2.64 -32.96 -10.45
N ASN D 45 3.61 -33.83 -10.70
CA ASN D 45 3.93 -34.29 -12.04
C ASN D 45 3.78 -35.80 -12.10
N GLN D 46 3.14 -36.29 -13.17
CA GLN D 46 3.01 -37.73 -13.35
C GLN D 46 4.39 -38.37 -13.46
N GLY D 47 4.59 -39.47 -12.74
CA GLY D 47 5.92 -40.05 -12.63
C GLY D 47 6.48 -40.53 -13.96
N THR D 48 5.64 -41.17 -14.78
CA THR D 48 6.13 -41.80 -16.00
C THR D 48 5.95 -40.93 -17.23
N THR D 49 4.90 -40.12 -17.30
CA THR D 49 4.63 -39.31 -18.49
C THR D 49 5.08 -37.86 -18.34
N GLY D 50 5.12 -37.32 -17.12
CA GLY D 50 5.59 -35.98 -16.89
C GLY D 50 4.56 -34.88 -17.02
N ARG D 51 3.28 -35.22 -17.24
CA ARG D 51 2.24 -34.21 -17.30
C ARG D 51 2.01 -33.60 -15.93
N ASN D 52 1.53 -32.36 -15.92
CA ASN D 52 1.34 -31.59 -14.70
C ASN D 52 -0.12 -31.68 -14.27
N ASN D 53 -0.34 -31.96 -12.98
CA ASN D 53 -1.68 -32.06 -12.40
C ASN D 53 -1.75 -31.15 -11.18
N VAL D 54 -2.67 -30.20 -11.14
CA VAL D 54 -2.76 -29.33 -9.97
C VAL D 54 -4.08 -29.64 -9.28
N THR D 55 -4.08 -29.96 -7.99
CA THR D 55 -5.35 -30.28 -7.34
C THR D 55 -5.73 -29.33 -6.21
N LEU D 56 -6.99 -28.89 -6.20
CA LEU D 56 -7.48 -28.00 -5.15
C LEU D 56 -8.36 -28.85 -4.25
N MET D 57 -8.24 -28.70 -2.93
CA MET D 57 -9.03 -29.52 -2.09
C MET D 57 -9.25 -28.83 -0.80
N PRO D 58 -10.45 -29.00 -0.22
CA PRO D 58 -10.98 -28.40 1.02
C PRO D 58 -10.08 -28.31 2.26
N GLY D 59 -10.34 -27.25 3.03
CA GLY D 59 -9.69 -26.95 4.29
C GLY D 59 -10.69 -26.87 5.43
N VAL D 60 -10.24 -26.37 6.58
CA VAL D 60 -11.13 -26.23 7.73
C VAL D 60 -12.05 -25.05 7.51
N ALA D 61 -13.22 -25.10 8.13
CA ALA D 61 -14.14 -23.98 8.08
C ALA D 61 -13.57 -22.79 8.84
N LYS D 62 -13.87 -21.61 8.32
CA LYS D 62 -13.41 -20.40 8.94
C LYS D 62 -14.43 -19.60 9.75
N ASP D 63 -14.01 -19.18 10.93
CA ASP D 63 -14.73 -18.29 11.83
C ASP D 63 -14.51 -16.88 11.32
N GLY D 64 -15.42 -15.97 11.63
CA GLY D 64 -15.30 -14.60 11.17
C GLY D 64 -15.88 -13.61 12.16
N SER D 65 -16.08 -12.38 11.72
CA SER D 65 -16.65 -11.34 12.58
C SER D 65 -17.52 -10.39 11.77
N VAL D 66 -18.79 -10.28 12.17
CA VAL D 66 -19.72 -9.39 11.48
C VAL D 66 -20.01 -8.21 12.41
N GLN D 67 -19.83 -7.00 11.89
CA GLN D 67 -20.01 -5.79 12.70
C GLN D 67 -21.34 -5.05 12.56
N VAL D 68 -22.25 -5.32 13.50
CA VAL D 68 -23.55 -4.66 13.54
C VAL D 68 -23.40 -3.21 13.98
N GLU D 69 -24.29 -2.33 13.51
CA GLU D 69 -24.25 -0.92 13.87
C GLU D 69 -25.63 -0.39 14.23
N ARG D 70 -25.71 0.48 15.24
CA ARG D 70 -26.97 1.01 15.64
C ARG D 70 -26.85 2.48 15.87
N GLY D 71 -27.96 3.12 16.11
CA GLY D 71 -28.08 4.49 16.55
C GLY D 71 -27.77 4.62 18.02
N MET D 72 -26.84 5.51 18.36
CA MET D 72 -26.45 5.67 19.76
C MET D 72 -27.61 6.19 20.58
N SER D 73 -27.80 5.61 21.76
CA SER D 73 -28.92 5.96 22.62
C SER D 73 -28.50 5.75 24.07
N GLN D 74 -29.47 5.86 24.98
CA GLN D 74 -29.19 5.67 26.40
C GLN D 74 -28.88 4.22 26.73
N SER D 75 -29.48 3.27 26.01
CA SER D 75 -29.29 1.86 26.31
C SER D 75 -27.82 1.46 26.11
N SER D 76 -27.33 0.61 26.99
CA SER D 76 -25.93 0.18 27.00
C SER D 76 -25.85 -1.35 27.06
N VAL D 77 -26.64 -2.02 26.23
CA VAL D 77 -26.60 -3.48 26.19
C VAL D 77 -25.26 -3.96 25.68
N PHE D 78 -24.74 -3.34 24.62
CA PHE D 78 -23.43 -3.73 24.09
C PHE D 78 -22.31 -3.36 25.06
N THR D 79 -22.47 -2.26 25.80
CA THR D 79 -21.51 -1.92 26.84
C THR D 79 -21.43 -3.01 27.89
N GLN D 80 -22.58 -3.49 28.36
CA GLN D 80 -22.59 -4.57 29.34
C GLN D 80 -22.05 -5.86 28.75
N TRP D 81 -22.32 -6.11 27.47
CA TRP D 81 -21.78 -7.30 26.81
C TRP D 81 -20.26 -7.28 26.78
N ILE D 82 -19.68 -6.16 26.36
CA ILE D 82 -18.23 -6.06 26.30
C ILE D 82 -17.61 -6.03 27.69
N ASN D 83 -18.34 -5.49 28.68
CA ASN D 83 -17.83 -5.54 30.05
C ASN D 83 -17.81 -6.97 30.58
N ASP D 84 -18.84 -7.76 30.27
CA ASP D 84 -18.87 -9.16 30.66
C ASP D 84 -17.75 -9.94 29.97
N SER D 85 -17.50 -9.64 28.70
CA SER D 85 -16.44 -10.32 27.97
C SER D 85 -15.06 -9.91 28.49
N MET D 86 -14.92 -8.65 28.92
CA MET D 86 -13.61 -8.15 29.33
C MET D 86 -13.15 -8.74 30.65
N ALA D 87 -14.07 -9.02 31.57
CA ALA D 87 -13.71 -9.55 32.88
C ALA D 87 -13.46 -11.05 32.87
N GLY D 88 -13.62 -11.71 31.73
CA GLY D 88 -13.37 -13.13 31.64
C GLY D 88 -14.54 -14.03 31.92
N ARG D 89 -15.68 -13.47 32.32
CA ARG D 89 -16.88 -14.26 32.59
C ARG D 89 -17.51 -14.65 31.26
N MET D 90 -16.88 -15.62 30.59
CA MET D 90 -17.32 -16.07 29.28
C MET D 90 -18.37 -17.17 29.35
N ALA D 91 -18.74 -17.63 30.55
CA ALA D 91 -19.87 -18.53 30.67
C ALA D 91 -21.17 -17.84 30.27
N THR D 92 -21.25 -16.53 30.51
CA THR D 92 -22.40 -15.73 30.12
C THR D 92 -22.13 -14.79 28.96
N ALA D 93 -20.86 -14.56 28.62
CA ALA D 93 -20.54 -13.67 27.50
C ALA D 93 -20.76 -14.33 26.15
N ARG D 94 -20.54 -15.63 26.06
CA ARG D 94 -20.70 -16.36 24.80
C ARG D 94 -22.17 -16.66 24.57
N LYS D 95 -22.75 -16.05 23.54
CA LYS D 95 -24.17 -16.19 23.25
C LYS D 95 -24.37 -16.66 21.81
N ASN D 96 -25.54 -17.25 21.57
CA ASN D 96 -25.95 -17.66 20.24
C ASN D 96 -26.77 -16.54 19.60
N ALA D 97 -26.40 -16.16 18.38
CA ALA D 97 -27.05 -15.04 17.70
C ALA D 97 -27.71 -15.51 16.42
N THR D 98 -28.64 -14.71 15.92
CA THR D 98 -29.34 -15.01 14.67
C THR D 98 -29.57 -13.73 13.89
N ILE D 99 -29.32 -13.80 12.59
CA ILE D 99 -29.61 -12.71 11.66
C ILE D 99 -30.66 -13.21 10.69
N ILE D 100 -31.79 -12.51 10.61
CA ILE D 100 -32.94 -12.93 9.83
C ILE D 100 -33.15 -11.94 8.70
N VAL D 101 -33.37 -12.46 7.49
CA VAL D 101 -33.77 -11.66 6.34
C VAL D 101 -35.12 -12.19 5.87
N MET D 102 -36.10 -11.29 5.81
CA MET D 102 -37.49 -11.65 5.57
C MET D 102 -37.93 -11.21 4.18
N ASP D 103 -39.11 -11.70 3.78
CA ASP D 103 -39.70 -11.38 2.50
C ASP D 103 -40.62 -10.17 2.65
N TYR D 104 -41.43 -9.90 1.62
CA TYR D 104 -42.36 -8.79 1.66
C TYR D 104 -43.54 -9.05 2.59
N GLU D 105 -43.78 -10.30 2.96
CA GLU D 105 -44.84 -10.66 3.90
C GLU D 105 -44.34 -10.70 5.33
N ASP D 106 -43.16 -10.15 5.61
CA ASP D 106 -42.54 -10.21 6.94
C ASP D 106 -42.36 -11.64 7.41
N ASN D 107 -42.08 -12.56 6.48
CA ASN D 107 -41.86 -13.96 6.79
C ASN D 107 -40.39 -14.28 6.66
N PRO D 108 -39.69 -14.65 7.75
CA PRO D 108 -38.28 -15.07 7.66
C PRO D 108 -37.97 -15.97 6.47
N VAL D 109 -37.07 -15.51 5.62
CA VAL D 109 -36.65 -16.27 4.45
C VAL D 109 -35.28 -16.90 4.66
N LYS D 110 -34.32 -16.12 5.15
CA LYS D 110 -32.97 -16.61 5.39
C LYS D 110 -32.57 -16.36 6.83
N ARG D 111 -31.91 -17.34 7.43
CA ARG D 111 -31.43 -17.24 8.80
C ARG D 111 -29.96 -17.61 8.86
N TRP D 112 -29.17 -16.77 9.51
CA TRP D 112 -27.75 -17.04 9.77
C TRP D 112 -27.59 -17.17 11.28
N ASN D 113 -27.25 -18.37 11.73
CA ASN D 113 -27.04 -18.64 13.14
C ASN D 113 -25.55 -18.56 13.45
N LEU D 114 -25.21 -17.82 14.51
CA LEU D 114 -23.84 -17.59 14.93
C LEU D 114 -23.63 -18.26 16.28
N ARG D 115 -22.68 -19.18 16.35
CA ARG D 115 -22.44 -19.97 17.54
C ARG D 115 -21.25 -19.41 18.31
N ASN D 116 -21.41 -19.26 19.62
CA ASN D 116 -20.38 -18.73 20.51
C ASN D 116 -19.92 -17.35 20.04
N ALA D 117 -20.87 -16.42 20.02
CA ALA D 117 -20.62 -15.06 19.56
C ALA D 117 -20.55 -14.13 20.76
N TRP D 118 -19.46 -13.35 20.84
CA TRP D 118 -19.29 -12.36 21.89
C TRP D 118 -18.67 -11.10 21.30
N CYS D 119 -19.16 -9.95 21.73
CA CYS D 119 -18.66 -8.68 21.23
C CYS D 119 -17.22 -8.46 21.67
N SER D 120 -16.40 -7.95 20.75
CA SER D 120 -14.99 -7.72 21.03
C SER D 120 -14.52 -6.31 20.74
N LYS D 121 -15.37 -5.44 20.18
CA LYS D 121 -14.95 -4.08 19.87
C LYS D 121 -16.19 -3.20 19.75
N VAL D 122 -16.23 -2.11 20.52
CA VAL D 122 -17.29 -1.11 20.44
C VAL D 122 -16.64 0.22 20.09
N VAL D 123 -17.11 0.83 19.01
CA VAL D 123 -16.54 2.07 18.48
C VAL D 123 -17.65 3.12 18.44
N ALA D 124 -17.36 4.29 18.99
CA ALA D 124 -18.28 5.42 18.91
C ALA D 124 -17.99 6.23 17.66
N GLY D 125 -19.05 6.71 17.02
CA GLY D 125 -18.87 7.51 15.83
C GLY D 125 -18.19 8.82 16.14
N THR D 126 -17.51 9.37 15.13
CA THR D 126 -16.80 10.63 15.31
C THR D 126 -17.79 11.75 15.66
N LEU D 127 -17.43 12.56 16.64
CA LEU D 127 -18.29 13.64 17.10
C LEU D 127 -17.78 14.96 16.53
N LYS D 128 -18.66 15.68 15.85
CA LYS D 128 -18.34 16.98 15.29
C LYS D 128 -19.41 17.98 15.68
N ALA D 129 -18.99 19.22 15.94
CA ALA D 129 -19.94 20.23 16.40
C ALA D 129 -20.99 20.53 15.34
N GLY D 130 -20.57 20.68 14.09
CA GLY D 130 -21.48 20.96 13.01
C GLY D 130 -22.04 19.74 12.30
N ASP D 131 -21.95 18.57 12.92
CA ASP D 131 -22.44 17.32 12.27
C ASP D 131 -23.96 17.35 12.24
N THR D 132 -24.55 16.79 11.18
CA THR D 132 -26.03 16.79 11.03
C THR D 132 -26.57 15.38 11.30
N ASN D 133 -25.82 14.36 10.94
CA ASN D 133 -26.28 12.96 11.08
C ASN D 133 -26.26 12.57 12.56
N ALA D 134 -26.82 11.40 12.90
CA ALA D 134 -26.92 10.98 14.31
C ALA D 134 -25.64 10.22 14.67
N LEU D 135 -25.46 9.88 15.95
CA LEU D 135 -24.20 9.23 16.35
C LEU D 135 -24.36 7.73 16.12
N THR D 136 -23.39 7.11 15.46
CA THR D 136 -23.45 5.71 15.10
C THR D 136 -22.51 4.91 15.97
N GLU D 137 -22.98 3.79 16.50
CA GLU D 137 -22.19 2.88 17.31
C GLU D 137 -21.90 1.63 16.49
N THR D 138 -20.62 1.26 16.42
CA THR D 138 -20.17 0.10 15.67
C THR D 138 -19.79 -1.01 16.64
N ILE D 139 -20.30 -2.22 16.40
CA ILE D 139 -20.06 -3.36 17.27
C ILE D 139 -19.50 -4.48 16.43
N THR D 140 -18.36 -5.05 16.85
CA THR D 140 -17.74 -6.16 16.17
C THR D 140 -18.00 -7.44 16.98
N ILE D 141 -18.61 -8.43 16.34
CA ILE D 141 -18.96 -9.69 16.98
C ILE D 141 -18.23 -10.81 16.26
N VAL D 142 -17.51 -11.65 17.02
CA VAL D 142 -16.70 -12.72 16.47
C VAL D 142 -17.43 -14.04 16.68
N PHE D 143 -17.50 -14.85 15.63
CA PHE D 143 -18.20 -16.13 15.64
C PHE D 143 -17.22 -17.24 15.32
N GLU D 144 -17.18 -18.27 16.17
CA GLU D 144 -16.41 -19.46 15.85
C GLU D 144 -17.07 -20.24 14.71
N GLU D 145 -18.39 -20.27 14.68
CA GLU D 145 -19.12 -21.01 13.65
C GLU D 145 -20.31 -20.20 13.16
N LEU D 146 -20.50 -20.19 11.85
CA LEU D 146 -21.64 -19.56 11.21
C LEU D 146 -22.35 -20.61 10.38
N VAL D 147 -23.62 -20.85 10.68
CA VAL D 147 -24.42 -21.86 9.97
C VAL D 147 -25.60 -21.14 9.33
N VAL D 148 -25.71 -21.25 8.02
CA VAL D 148 -26.84 -20.67 7.30
C VAL D 148 -28.00 -21.64 7.33
N GLU D 149 -29.21 -21.11 7.44
CA GLU D 149 -30.41 -21.94 7.54
C GLU D 149 -31.61 -21.25 6.89
N PRO E 4 -39.06 8.10 28.15
CA PRO E 4 -39.40 6.91 27.35
C PRO E 4 -38.38 5.80 27.51
N LYS E 5 -38.42 4.82 26.60
CA LYS E 5 -37.48 3.71 26.65
C LYS E 5 -36.05 4.22 26.40
N PRO E 6 -35.05 3.60 27.03
CA PRO E 6 -33.66 4.02 26.77
C PRO E 6 -33.26 3.90 25.32
N GLU E 7 -33.75 2.89 24.61
CA GLU E 7 -33.45 2.76 23.20
C GLU E 7 -34.22 3.76 22.34
N ASP E 8 -35.40 4.19 22.78
CA ASP E 8 -36.24 5.09 22.00
C ASP E 8 -35.60 6.45 21.77
N VAL E 9 -34.99 7.04 22.80
CA VAL E 9 -34.43 8.38 22.70
C VAL E 9 -33.09 8.30 21.98
N LEU E 10 -32.97 9.03 20.88
CA LEU E 10 -31.72 9.06 20.13
C LEU E 10 -30.75 10.07 20.75
N VAL E 11 -29.54 10.10 20.22
CA VAL E 11 -28.48 10.95 20.73
C VAL E 11 -28.01 11.87 19.60
N ALA E 12 -28.00 13.18 19.86
CA ALA E 12 -27.54 14.21 18.96
C ALA E 12 -26.07 14.53 19.24
N PRO E 13 -25.31 15.01 18.23
CA PRO E 13 -23.89 15.30 18.45
C PRO E 13 -23.66 16.53 19.32
N ASN E 14 -24.27 16.57 20.49
CA ASN E 14 -24.08 17.64 21.48
C ASN E 14 -23.19 17.07 22.58
N PHE E 15 -21.89 17.31 22.46
CA PHE E 15 -20.89 16.68 23.31
C PHE E 15 -20.15 17.72 24.13
N GLY E 16 -19.20 17.24 24.91
CA GLY E 16 -18.36 18.10 25.73
C GLY E 16 -17.23 17.30 26.33
N ILE E 17 -16.22 18.03 26.83
CA ILE E 17 -15.04 17.41 27.41
C ILE E 17 -14.76 18.06 28.76
N GLN E 18 -14.03 17.33 29.60
CA GLN E 18 -13.61 17.83 30.91
C GLN E 18 -12.31 17.15 31.28
N ILE E 19 -11.21 17.90 31.28
CA ILE E 19 -9.90 17.38 31.67
C ILE E 19 -9.51 18.04 32.99
N ASP E 20 -9.17 17.20 33.98
CA ASP E 20 -8.85 17.70 35.31
C ASP E 20 -7.49 18.40 35.27
N GLY E 21 -7.50 19.72 35.45
CA GLY E 21 -6.29 20.52 35.45
C GLY E 21 -6.02 21.28 34.17
N VAL E 22 -6.68 20.92 33.08
CA VAL E 22 -6.52 21.61 31.80
C VAL E 22 -7.82 22.37 31.51
N MET E 23 -7.71 23.68 31.35
CA MET E 23 -8.89 24.54 31.17
C MET E 23 -9.29 24.55 29.70
N VAL E 24 -9.98 23.50 29.29
CA VAL E 24 -10.58 23.41 27.97
C VAL E 24 -12.08 23.27 28.14
N GLU E 25 -12.83 24.05 27.36
CA GLU E 25 -14.28 24.10 27.49
C GLU E 25 -15.02 23.57 26.28
N TYR E 26 -14.57 23.89 25.07
CA TYR E 26 -15.25 23.47 23.86
C TYR E 26 -14.24 22.93 22.86
N LEU E 27 -14.72 22.05 21.99
CA LEU E 27 -13.91 21.46 20.93
C LEU E 27 -14.68 21.54 19.62
N ASN E 28 -13.97 21.26 18.53
CA ASN E 28 -14.59 21.21 17.21
C ASN E 28 -14.88 19.80 16.75
N SER E 29 -14.03 18.83 17.10
CA SER E 29 -14.27 17.44 16.72
C SER E 29 -13.54 16.53 17.70
N VAL E 30 -13.99 15.29 17.76
CA VAL E 30 -13.37 14.26 18.59
C VAL E 30 -13.28 12.99 17.77
N SER E 31 -12.10 12.34 17.79
CA SER E 31 -11.90 11.14 17.00
C SER E 31 -12.69 9.98 17.59
N ASN E 32 -12.55 8.81 16.96
CA ASN E 32 -13.28 7.63 17.39
C ASN E 32 -12.77 7.14 18.75
N LEU E 33 -13.71 6.78 19.62
CA LEU E 33 -13.41 6.22 20.92
C LEU E 33 -13.73 4.73 20.89
N GLN E 34 -12.69 3.90 20.90
CA GLN E 34 -12.83 2.46 20.75
C GLN E 34 -12.59 1.77 22.08
N ILE E 35 -13.50 0.88 22.46
CA ILE E 35 -13.32 -0.03 23.59
C ILE E 35 -13.04 -1.39 22.99
N GLU E 36 -11.75 -1.75 22.89
CA GLU E 36 -11.34 -2.94 22.17
C GLU E 36 -10.71 -3.94 23.13
N GLN E 37 -10.85 -5.22 22.80
CA GLN E 37 -10.27 -6.31 23.58
C GLN E 37 -9.66 -7.32 22.63
N ASP E 38 -8.48 -7.82 22.99
CA ASP E 38 -7.78 -8.77 22.14
C ASP E 38 -8.54 -10.10 22.08
N VAL E 39 -8.44 -10.76 20.92
CA VAL E 39 -9.07 -12.04 20.68
C VAL E 39 -7.99 -13.03 20.27
N ILE E 40 -7.98 -14.20 20.91
CA ILE E 40 -6.99 -15.24 20.63
C ILE E 40 -7.72 -16.42 19.99
N ARG E 41 -7.28 -16.82 18.80
CA ARG E 41 -7.88 -17.93 18.08
C ARG E 41 -7.00 -19.16 18.23
N TYR E 42 -7.61 -20.29 18.59
CA TYR E 42 -6.87 -21.54 18.72
C TYR E 42 -7.62 -22.66 18.02
N GLN E 43 -6.91 -23.39 17.16
CA GLN E 43 -7.49 -24.50 16.40
C GLN E 43 -6.95 -25.81 16.94
N GLN E 44 -7.83 -26.77 17.16
CA GLN E 44 -7.44 -28.07 17.67
C GLN E 44 -8.25 -29.15 16.96
N ASN E 45 -7.77 -30.39 17.07
CA ASN E 45 -8.46 -31.55 16.51
C ASN E 45 -8.76 -32.54 17.63
N GLN E 46 -9.98 -33.05 17.64
CA GLN E 46 -10.33 -34.07 18.63
C GLN E 46 -9.45 -35.30 18.44
N GLY E 47 -8.92 -35.81 19.55
CA GLY E 47 -7.93 -36.88 19.46
C GLY E 47 -8.50 -38.16 18.88
N THR E 48 -9.71 -38.54 19.31
CA THR E 48 -10.28 -39.82 18.92
C THR E 48 -11.02 -39.77 17.60
N THR E 49 -11.74 -38.68 17.32
CA THR E 49 -12.59 -38.62 16.14
C THR E 49 -12.01 -37.75 15.02
N GLY E 50 -11.14 -36.80 15.34
CA GLY E 50 -10.50 -35.99 14.33
C GLY E 50 -11.26 -34.76 13.89
N ARG E 51 -12.39 -34.46 14.51
CA ARG E 51 -13.14 -33.26 14.17
C ARG E 51 -12.37 -32.01 14.60
N ASN E 52 -12.58 -30.92 13.87
CA ASN E 52 -11.85 -29.68 14.09
C ASN E 52 -12.68 -28.73 14.96
N ASN E 53 -12.04 -28.17 15.99
CA ASN E 53 -12.68 -27.23 16.89
C ASN E 53 -11.84 -25.96 16.96
N VAL E 54 -12.40 -24.81 16.62
CA VAL E 54 -11.66 -23.57 16.66
C VAL E 54 -12.19 -22.74 17.80
N THR E 55 -11.37 -22.43 18.81
CA THR E 55 -11.93 -21.66 19.92
C THR E 55 -11.40 -20.24 19.97
N LEU E 56 -12.30 -19.27 20.18
CA LEU E 56 -11.88 -17.86 20.28
C LEU E 56 -12.11 -17.37 21.71
N MET E 57 -11.04 -16.92 22.38
CA MET E 57 -11.15 -16.58 23.79
C MET E 57 -10.73 -15.15 24.04
N PRO E 58 -10.76 -14.66 25.28
CA PRO E 58 -10.38 -13.24 25.47
C PRO E 58 -8.89 -12.87 25.69
N GLY E 59 -8.50 -11.61 25.44
CA GLY E 59 -7.16 -11.15 25.64
C GLY E 59 -7.06 -10.19 26.81
N VAL E 60 -6.57 -8.98 26.55
CA VAL E 60 -6.47 -7.94 27.56
C VAL E 60 -7.08 -6.66 27.00
N ALA E 61 -7.54 -5.80 27.92
CA ALA E 61 -8.06 -4.50 27.50
C ALA E 61 -6.96 -3.68 26.83
N LYS E 62 -7.31 -3.01 25.76
CA LYS E 62 -6.36 -2.17 25.09
C LYS E 62 -6.50 -0.66 25.34
N ASP E 63 -5.37 -0.01 25.50
CA ASP E 63 -5.23 1.43 25.63
C ASP E 63 -5.27 2.01 24.22
N GLY E 64 -5.59 3.30 24.11
CA GLY E 64 -5.66 3.94 22.80
C GLY E 64 -5.36 5.42 22.88
N SER E 65 -5.73 6.15 21.84
CA SER E 65 -5.49 7.59 21.78
C SER E 65 -6.56 8.31 20.98
N VAL E 66 -7.04 9.42 21.51
CA VAL E 66 -8.07 10.21 20.83
C VAL E 66 -7.55 11.60 20.48
N GLN E 67 -7.72 11.99 19.22
CA GLN E 67 -7.21 13.27 18.75
C GLN E 67 -8.22 14.43 18.82
N VAL E 68 -8.31 15.06 19.99
CA VAL E 68 -9.21 16.19 20.17
C VAL E 68 -8.69 17.35 19.32
N GLU E 69 -9.60 18.08 18.70
CA GLU E 69 -9.21 19.21 17.86
C GLU E 69 -10.03 20.45 18.19
N ARG E 70 -9.38 21.60 18.24
CA ARG E 70 -10.06 22.84 18.54
C ARG E 70 -9.64 23.97 17.67
N GLY E 71 -10.34 25.07 17.73
CA GLY E 71 -9.98 26.33 17.09
C GLY E 71 -8.77 26.94 17.79
N MET E 72 -7.66 27.06 17.06
CA MET E 72 -6.44 27.58 17.67
C MET E 72 -6.61 29.03 18.07
N SER E 73 -6.19 29.36 19.29
CA SER E 73 -6.38 30.69 19.84
C SER E 73 -5.12 31.06 20.64
N GLN E 74 -5.22 32.13 21.41
CA GLN E 74 -4.09 32.56 22.24
C GLN E 74 -3.84 31.60 23.40
N SER E 75 -4.87 30.88 23.84
CA SER E 75 -4.72 29.96 24.95
C SER E 75 -3.76 28.83 24.60
N SER E 76 -2.92 28.47 25.57
CA SER E 76 -1.89 27.45 25.38
C SER E 76 -1.97 26.41 26.50
N VAL E 77 -3.19 25.95 26.79
CA VAL E 77 -3.36 24.93 27.82
C VAL E 77 -2.74 23.61 27.36
N PHE E 78 -2.98 23.22 26.11
CA PHE E 78 -2.38 21.99 25.59
C PHE E 78 -0.88 22.13 25.42
N THR E 79 -0.41 23.33 25.09
CA THR E 79 1.04 23.57 25.04
C THR E 79 1.68 23.35 26.40
N GLN E 80 1.05 23.88 27.45
CA GLN E 80 1.58 23.66 28.80
C GLN E 80 1.49 22.20 29.21
N TRP E 81 0.41 21.52 28.78
CA TRP E 81 0.28 20.10 29.07
C TRP E 81 1.43 19.30 28.46
N ILE E 82 1.70 19.54 27.16
CA ILE E 82 2.77 18.79 26.51
C ILE E 82 4.13 19.22 27.03
N ASN E 83 4.27 20.46 27.50
CA ASN E 83 5.53 20.87 28.11
C ASN E 83 5.76 20.16 29.44
N ASP E 84 4.70 20.04 30.25
CA ASP E 84 4.82 19.29 31.50
C ASP E 84 5.13 17.83 31.25
N SER E 85 4.51 17.24 30.22
CA SER E 85 4.79 15.85 29.89
C SER E 85 6.18 15.67 29.28
N MET E 86 6.72 16.71 28.63
CA MET E 86 7.97 16.59 27.91
C MET E 86 9.18 16.59 28.84
N ALA E 87 9.10 17.28 29.98
CA ALA E 87 10.21 17.36 30.91
C ALA E 87 10.22 16.23 31.92
N GLY E 88 9.32 15.26 31.80
CA GLY E 88 9.29 14.12 32.69
C GLY E 88 8.47 14.29 33.94
N ARG E 89 7.84 15.45 34.16
CA ARG E 89 7.00 15.67 35.33
C ARG E 89 5.66 14.97 35.11
N MET E 90 5.71 13.64 35.12
CA MET E 90 4.53 12.83 34.85
C MET E 90 3.60 12.71 36.05
N ALA E 91 4.02 13.17 37.23
CA ALA E 91 3.11 13.18 38.38
C ALA E 91 1.95 14.13 38.13
N THR E 92 2.22 15.28 37.52
CA THR E 92 1.20 16.26 37.19
C THR E 92 0.74 16.19 35.74
N ALA E 93 1.47 15.48 34.88
CA ALA E 93 1.09 15.37 33.48
C ALA E 93 -0.08 14.40 33.26
N ARG E 94 -0.19 13.38 34.10
CA ARG E 94 -1.24 12.37 33.96
C ARG E 94 -2.51 12.86 34.65
N LYS E 95 -3.56 13.09 33.87
CA LYS E 95 -4.81 13.62 34.37
C LYS E 95 -5.96 12.71 33.95
N ASN E 96 -6.98 12.65 34.80
CA ASN E 96 -8.21 11.95 34.48
C ASN E 96 -9.06 12.82 33.56
N ALA E 97 -9.69 12.20 32.56
CA ALA E 97 -10.48 12.93 31.59
C ALA E 97 -11.87 12.34 31.49
N THR E 98 -12.80 13.16 30.99
CA THR E 98 -14.18 12.72 30.79
C THR E 98 -14.70 13.29 29.48
N ILE E 99 -15.34 12.44 28.69
CA ILE E 99 -15.99 12.86 27.46
C ILE E 99 -17.48 12.56 27.61
N ILE E 100 -18.31 13.59 27.47
CA ILE E 100 -19.73 13.50 27.76
C ILE E 100 -20.52 13.75 26.48
N VAL E 101 -21.55 12.95 26.26
CA VAL E 101 -22.53 13.16 25.20
C VAL E 101 -23.90 13.24 25.86
N MET E 102 -24.63 14.32 25.58
CA MET E 102 -25.83 14.67 26.31
C MET E 102 -27.07 14.47 25.43
N ASP E 103 -28.23 14.65 26.06
CA ASP E 103 -29.53 14.50 25.41
C ASP E 103 -29.97 15.86 24.85
N TYR E 104 -31.25 15.97 24.50
CA TYR E 104 -31.77 17.22 23.96
C TYR E 104 -31.59 18.37 24.95
N GLU E 105 -31.99 18.17 26.20
CA GLU E 105 -31.85 19.22 27.21
C GLU E 105 -30.51 19.16 27.93
N ASP E 106 -29.42 19.04 27.15
CA ASP E 106 -28.06 18.96 27.66
C ASP E 106 -27.94 18.13 28.93
N ASN E 107 -28.53 16.94 28.92
CA ASN E 107 -28.47 16.02 30.06
C ASN E 107 -27.53 14.88 29.70
N PRO E 108 -26.40 14.84 30.35
CA PRO E 108 -25.41 13.76 30.17
C PRO E 108 -26.02 12.38 30.04
N VAL E 109 -25.85 11.77 28.87
CA VAL E 109 -26.36 10.45 28.58
C VAL E 109 -25.24 9.41 28.59
N LYS E 110 -24.15 9.68 27.87
CA LYS E 110 -23.01 8.77 27.83
C LYS E 110 -21.77 9.48 28.34
N ARG E 111 -20.99 8.79 29.16
CA ARG E 111 -19.75 9.34 29.69
C ARG E 111 -18.63 8.33 29.54
N TRP E 112 -17.52 8.76 28.97
CA TRP E 112 -16.31 7.96 28.87
C TRP E 112 -15.28 8.55 29.83
N ASN E 113 -14.85 7.75 30.80
CA ASN E 113 -13.82 8.16 31.74
C ASN E 113 -12.48 7.61 31.29
N LEU E 114 -11.47 8.47 31.30
CA LEU E 114 -10.15 8.19 30.76
C LEU E 114 -9.15 8.29 31.90
N ARG E 115 -8.42 7.20 32.14
CA ARG E 115 -7.52 7.11 33.28
C ARG E 115 -6.08 7.25 32.81
N ASN E 116 -5.33 8.12 33.49
CA ASN E 116 -3.92 8.37 33.21
C ASN E 116 -3.73 8.80 31.75
N ALA E 117 -4.35 9.92 31.41
CA ALA E 117 -4.31 10.47 30.05
C ALA E 117 -3.38 11.67 30.02
N TRP E 118 -2.41 11.63 29.12
CA TRP E 118 -1.50 12.76 28.92
C TRP E 118 -1.33 12.99 27.43
N CYS E 119 -1.26 14.27 27.04
CA CYS E 119 -1.14 14.61 25.63
C CYS E 119 0.20 14.17 25.08
N SER E 120 0.20 13.66 23.85
CA SER E 120 1.40 13.15 23.21
C SER E 120 1.88 14.04 22.07
N LYS E 121 0.99 14.38 21.14
CA LYS E 121 1.35 15.17 19.97
C LYS E 121 0.40 16.34 19.82
N VAL E 122 0.96 17.50 19.47
CA VAL E 122 0.20 18.70 19.15
C VAL E 122 0.58 19.09 17.73
N VAL E 123 -0.42 19.20 16.86
CA VAL E 123 -0.22 19.50 15.45
C VAL E 123 -0.94 20.80 15.11
N ALA E 124 -0.25 21.67 14.38
CA ALA E 124 -0.85 22.88 13.85
C ALA E 124 -1.37 22.62 12.44
N GLY E 125 -2.33 23.45 12.03
CA GLY E 125 -2.91 23.32 10.70
C GLY E 125 -1.97 23.83 9.63
N THR E 126 -2.37 23.60 8.39
CA THR E 126 -1.61 24.04 7.22
C THR E 126 -1.91 25.51 7.00
N LEU E 127 -0.98 26.37 7.41
CA LEU E 127 -1.15 27.81 7.23
C LEU E 127 -1.06 28.15 5.75
N LYS E 128 -2.20 28.47 5.14
CA LYS E 128 -2.27 28.81 3.73
C LYS E 128 -2.62 30.28 3.57
N ALA E 129 -1.99 30.93 2.60
CA ALA E 129 -2.21 32.36 2.39
C ALA E 129 -3.65 32.66 2.00
N GLY E 130 -4.21 31.84 1.10
CA GLY E 130 -5.56 32.07 0.63
C GLY E 130 -6.61 31.28 1.37
N ASP E 131 -6.27 30.77 2.55
CA ASP E 131 -7.18 29.97 3.34
C ASP E 131 -8.36 30.83 3.82
N THR E 132 -9.54 30.21 3.87
CA THR E 132 -10.77 30.90 4.25
C THR E 132 -11.19 30.56 5.67
N ASN E 133 -11.30 29.28 5.99
CA ASN E 133 -11.74 28.86 7.31
C ASN E 133 -10.64 29.11 8.36
N ALA E 134 -11.01 28.96 9.62
CA ALA E 134 -10.09 29.20 10.72
C ALA E 134 -8.99 28.15 10.74
N LEU E 135 -8.05 28.31 11.67
CA LEU E 135 -6.91 27.43 11.79
C LEU E 135 -7.15 26.43 12.93
N THR E 136 -7.04 25.15 12.62
CA THR E 136 -7.32 24.10 13.58
C THR E 136 -6.05 23.63 14.27
N GLU E 137 -6.22 23.10 15.48
CA GLU E 137 -5.14 22.54 16.28
C GLU E 137 -5.56 21.14 16.71
N THR E 138 -4.68 20.17 16.48
CA THR E 138 -4.96 18.78 16.77
C THR E 138 -4.16 18.31 17.97
N ILE E 139 -4.81 17.59 18.87
CA ILE E 139 -4.18 17.08 20.08
C ILE E 139 -4.42 15.58 20.16
N THR E 140 -3.35 14.82 20.34
CA THR E 140 -3.43 13.37 20.50
C THR E 140 -3.18 13.04 21.97
N ILE E 141 -4.16 12.42 22.61
CA ILE E 141 -4.10 12.06 24.02
C ILE E 141 -4.11 10.54 24.13
N VAL E 142 -3.07 9.98 24.76
CA VAL E 142 -2.95 8.54 24.94
C VAL E 142 -3.41 8.18 26.34
N PHE E 143 -4.04 7.02 26.47
CA PHE E 143 -4.64 6.60 27.73
C PHE E 143 -4.06 5.26 28.17
N GLU E 144 -4.53 4.79 29.32
CA GLU E 144 -4.30 3.42 29.75
C GLU E 144 -5.59 2.65 29.99
N GLU E 145 -6.65 3.31 30.44
CA GLU E 145 -7.95 2.66 30.64
C GLU E 145 -9.04 3.62 30.22
N LEU E 146 -9.90 3.18 29.30
CA LEU E 146 -11.09 3.94 28.90
C LEU E 146 -12.31 3.14 29.31
N VAL E 147 -13.06 3.66 30.29
CA VAL E 147 -14.22 2.97 30.84
C VAL E 147 -15.45 3.80 30.55
N VAL E 148 -16.43 3.20 29.88
CA VAL E 148 -17.68 3.88 29.55
C VAL E 148 -18.62 3.78 30.74
N GLU E 149 -19.15 4.92 31.17
CA GLU E 149 -20.06 4.96 32.31
C GLU E 149 -21.36 5.67 31.95
N PRO F 4 -10.27 40.45 25.43
CA PRO F 4 -11.16 39.39 25.92
C PRO F 4 -10.40 38.16 26.42
N LYS F 5 -11.11 37.06 26.60
CA LYS F 5 -10.47 35.84 27.07
C LYS F 5 -9.52 35.30 26.00
N PRO F 6 -8.43 34.65 26.40
CA PRO F 6 -7.51 34.08 25.41
C PRO F 6 -8.17 33.07 24.49
N GLU F 7 -9.11 32.28 25.00
CA GLU F 7 -9.80 31.32 24.15
C GLU F 7 -10.84 31.99 23.26
N ASP F 8 -11.37 33.14 23.69
CA ASP F 8 -12.42 33.80 22.93
C ASP F 8 -11.94 34.27 21.56
N VAL F 9 -10.76 34.90 21.51
CA VAL F 9 -10.25 35.46 20.26
C VAL F 9 -9.70 34.32 19.41
N LEU F 10 -10.20 34.22 18.18
CA LEU F 10 -9.73 33.21 17.25
C LEU F 10 -8.48 33.69 16.52
N VAL F 11 -7.90 32.81 15.71
CA VAL F 11 -6.68 33.09 14.98
C VAL F 11 -6.95 32.89 13.49
N ALA F 12 -6.60 33.91 12.69
CA ALA F 12 -6.70 33.93 11.24
C ALA F 12 -5.36 33.55 10.61
N PRO F 13 -5.36 32.98 9.40
CA PRO F 13 -4.09 32.57 8.78
C PRO F 13 -3.26 33.73 8.27
N ASN F 14 -3.01 34.72 9.14
CA ASN F 14 -2.14 35.85 8.80
C ASN F 14 -0.74 35.57 9.36
N PHE F 15 -0.07 34.61 8.74
CA PHE F 15 1.18 34.09 9.25
C PHE F 15 2.37 34.86 8.68
N GLY F 16 3.56 34.50 9.14
CA GLY F 16 4.80 35.08 8.66
C GLY F 16 5.97 34.27 9.14
N ILE F 17 7.12 34.52 8.53
CA ILE F 17 8.34 33.79 8.84
C ILE F 17 9.50 34.75 9.03
N GLN F 18 10.53 34.28 9.73
CA GLN F 18 11.74 35.06 9.94
C GLN F 18 12.89 34.09 10.14
N ILE F 19 13.82 34.06 9.19
CA ILE F 19 14.99 33.20 9.26
C ILE F 19 16.23 34.09 9.34
N ASP F 20 17.06 33.84 10.34
CA ASP F 20 18.28 34.62 10.53
C ASP F 20 19.29 34.28 9.44
N GLY F 21 19.65 35.28 8.65
CA GLY F 21 20.62 35.12 7.58
C GLY F 21 20.01 34.84 6.22
N VAL F 22 18.74 34.42 6.17
CA VAL F 22 18.04 34.17 4.92
C VAL F 22 16.97 35.24 4.75
N MET F 23 17.07 35.99 3.66
CA MET F 23 16.18 37.13 3.43
C MET F 23 14.90 36.64 2.74
N VAL F 24 13.94 36.25 3.56
CA VAL F 24 12.64 35.77 3.10
C VAL F 24 11.55 36.58 3.78
N GLU F 25 10.63 37.12 2.99
CA GLU F 25 9.56 37.97 3.51
C GLU F 25 8.22 37.24 3.58
N TYR F 26 7.79 36.61 2.49
CA TYR F 26 6.46 36.03 2.40
C TYR F 26 6.54 34.59 1.92
N LEU F 27 5.55 33.80 2.34
CA LEU F 27 5.42 32.41 1.93
C LEU F 27 3.98 32.16 1.48
N ASN F 28 3.83 31.28 0.49
CA ASN F 28 2.49 30.92 0.03
C ASN F 28 1.80 29.99 1.02
N SER F 29 2.54 29.05 1.59
CA SER F 29 1.95 28.10 2.54
C SER F 29 3.06 27.52 3.41
N VAL F 30 2.66 26.97 4.55
CA VAL F 30 3.57 26.32 5.49
C VAL F 30 2.95 24.99 5.90
N SER F 31 3.73 23.92 5.88
CA SER F 31 3.24 22.60 6.22
C SER F 31 2.95 22.51 7.72
N ASN F 32 2.53 21.32 8.15
CA ASN F 32 2.16 21.12 9.54
C ASN F 32 3.39 21.17 10.44
N LEU F 33 3.24 21.85 11.57
CA LEU F 33 4.27 21.92 12.60
C LEU F 33 3.84 21.06 13.78
N GLN F 34 4.59 19.98 14.04
CA GLN F 34 4.22 19.00 15.04
C GLN F 34 5.14 19.09 16.24
N ILE F 35 4.56 19.11 17.43
CA ILE F 35 5.28 18.94 18.68
C ILE F 35 4.98 17.53 19.15
N GLU F 36 5.92 16.61 18.94
CA GLU F 36 5.69 15.19 19.18
C GLU F 36 6.62 14.67 20.26
N GLN F 37 6.13 13.67 21.00
CA GLN F 37 6.90 12.98 22.02
C GLN F 37 6.69 11.49 21.89
N ASP F 38 7.78 10.73 22.02
CA ASP F 38 7.69 9.28 21.97
C ASP F 38 6.93 8.74 23.18
N VAL F 39 6.20 7.65 22.95
CA VAL F 39 5.42 6.99 23.99
C VAL F 39 5.89 5.54 24.07
N ILE F 40 6.16 5.07 25.28
CA ILE F 40 6.63 3.69 25.50
C ILE F 40 5.55 2.95 26.28
N ARG F 41 5.08 1.84 25.73
CA ARG F 41 4.05 1.04 26.37
C ARG F 41 4.68 -0.20 26.99
N TYR F 42 4.32 -0.49 28.23
CA TYR F 42 4.82 -1.69 28.90
C TYR F 42 3.67 -2.39 29.61
N GLN F 43 3.53 -3.68 29.36
CA GLN F 43 2.50 -4.51 29.96
C GLN F 43 3.12 -5.42 31.00
N GLN F 44 2.52 -5.48 32.17
CA GLN F 44 3.01 -6.33 33.25
C GLN F 44 1.83 -6.98 33.96
N ASN F 45 2.13 -8.03 34.72
CA ASN F 45 1.14 -8.74 35.51
C ASN F 45 1.55 -8.68 36.97
N GLN F 46 0.59 -8.38 37.84
CA GLN F 46 0.87 -8.36 39.28
C GLN F 46 1.30 -9.76 39.73
N GLY F 47 2.36 -9.81 40.54
CA GLY F 47 2.94 -11.08 40.90
C GLY F 47 1.99 -11.97 41.68
N THR F 48 1.23 -11.39 42.61
CA THR F 48 0.39 -12.18 43.49
C THR F 48 -0.99 -12.43 42.89
N THR F 49 -1.72 -11.37 42.53
CA THR F 49 -3.09 -11.50 42.06
C THR F 49 -3.21 -11.83 40.57
N GLY F 50 -2.23 -11.46 39.77
CA GLY F 50 -2.25 -11.77 38.35
C GLY F 50 -2.97 -10.76 37.48
N ARG F 51 -3.48 -9.66 38.05
CA ARG F 51 -4.13 -8.65 37.24
C ARG F 51 -3.14 -7.94 36.34
N ASN F 52 -3.64 -7.46 35.20
CA ASN F 52 -2.81 -6.87 34.15
C ASN F 52 -2.75 -5.36 34.34
N ASN F 53 -1.55 -4.80 34.26
CA ASN F 53 -1.33 -3.36 34.36
C ASN F 53 -0.51 -2.91 33.15
N VAL F 54 -1.04 -1.98 32.37
CA VAL F 54 -0.31 -1.49 31.21
C VAL F 54 0.15 -0.08 31.50
N THR F 55 1.46 0.13 31.52
CA THR F 55 2.02 1.45 31.80
C THR F 55 2.71 2.03 30.58
N LEU F 56 2.11 3.08 30.03
CA LEU F 56 2.67 3.76 28.87
C LEU F 56 3.17 5.11 29.36
N MET F 57 4.43 5.41 29.09
CA MET F 57 5.01 6.67 29.54
C MET F 57 5.72 7.45 28.44
N PRO F 58 6.47 8.47 28.86
CA PRO F 58 7.28 9.44 28.10
C PRO F 58 8.57 9.09 27.42
N GLY F 59 8.83 9.51 26.18
CA GLY F 59 10.05 9.29 25.46
C GLY F 59 10.83 10.56 25.26
N VAL F 60 11.71 10.53 24.27
CA VAL F 60 12.52 11.69 23.92
C VAL F 60 11.75 12.56 22.94
N ALA F 61 11.95 13.87 23.03
CA ALA F 61 11.31 14.78 22.09
C ALA F 61 11.77 14.49 20.67
N LYS F 62 10.89 14.72 19.72
CA LYS F 62 11.26 14.50 18.36
C LYS F 62 11.51 15.73 17.49
N ASP F 63 12.56 15.66 16.69
CA ASP F 63 12.93 16.66 15.69
C ASP F 63 12.05 16.42 14.48
N GLY F 64 11.83 17.44 13.67
CA GLY F 64 10.98 17.29 12.51
C GLY F 64 11.46 18.08 11.31
N SER F 65 10.58 18.28 10.33
CA SER F 65 10.96 19.01 9.13
C SER F 65 9.85 19.87 8.54
N VAL F 66 9.65 21.05 9.12
CA VAL F 66 8.63 21.97 8.62
C VAL F 66 9.02 22.45 7.23
N GLN F 67 8.04 22.54 6.33
CA GLN F 67 8.31 22.96 4.96
C GLN F 67 7.58 24.24 4.57
N VAL F 68 8.30 25.14 3.89
CA VAL F 68 7.74 26.40 3.44
C VAL F 68 7.82 26.51 1.92
N GLU F 69 6.70 26.85 1.30
CA GLU F 69 6.64 26.97 -0.16
C GLU F 69 6.38 28.43 -0.56
N ARG F 70 7.06 28.89 -1.60
CA ARG F 70 6.89 30.24 -2.06
C ARG F 70 6.72 30.30 -3.54
N GLY F 71 6.46 31.46 -4.07
CA GLY F 71 6.41 31.77 -5.48
C GLY F 71 7.81 31.96 -6.03
N MET F 72 8.11 31.26 -7.12
CA MET F 72 9.44 31.35 -7.72
C MET F 72 9.72 32.75 -8.24
N SER F 73 10.96 33.18 -8.10
CA SER F 73 11.35 34.53 -8.50
C SER F 73 12.84 34.53 -8.83
N GLN F 74 13.40 35.71 -9.08
CA GLN F 74 14.82 35.82 -9.37
C GLN F 74 15.67 35.53 -8.14
N SER F 75 15.15 35.83 -6.95
CA SER F 75 15.92 35.64 -5.72
C SER F 75 16.23 34.16 -5.51
N SER F 76 17.45 33.90 -5.02
CA SER F 76 17.95 32.55 -4.82
C SER F 76 18.52 32.41 -3.40
N VAL F 77 17.77 32.88 -2.41
CA VAL F 77 18.22 32.79 -1.03
C VAL F 77 18.21 31.33 -0.56
N PHE F 78 17.19 30.57 -0.95
CA PHE F 78 17.15 29.15 -0.61
C PHE F 78 18.20 28.37 -1.38
N THR F 79 18.49 28.78 -2.61
CA THR F 79 19.59 28.17 -3.36
C THR F 79 20.92 28.36 -2.64
N GLN F 80 21.18 29.57 -2.17
CA GLN F 80 22.42 29.83 -1.43
C GLN F 80 22.44 29.08 -0.11
N TRP F 81 21.29 28.97 0.55
CA TRP F 81 21.21 28.22 1.81
C TRP F 81 21.58 26.75 1.59
N ILE F 82 20.97 26.12 0.57
CA ILE F 82 21.26 24.72 0.33
C ILE F 82 22.67 24.53 -0.22
N ASN F 83 23.22 25.53 -0.91
CA ASN F 83 24.61 25.44 -1.35
C ASN F 83 25.56 25.49 -0.16
N ASP F 84 25.29 26.37 0.80
CA ASP F 84 26.10 26.41 2.02
C ASP F 84 25.99 25.12 2.80
N SER F 85 24.79 24.54 2.86
CA SER F 85 24.62 23.27 3.56
C SER F 85 25.32 22.13 2.81
N MET F 86 25.34 22.18 1.48
CA MET F 86 25.89 21.08 0.70
C MET F 86 27.40 21.04 0.74
N ALA F 87 28.05 22.17 0.97
CA ALA F 87 29.51 22.23 1.01
C ALA F 87 30.08 21.86 2.38
N GLY F 88 29.23 21.53 3.35
CA GLY F 88 29.68 21.17 4.67
C GLY F 88 29.94 22.33 5.61
N ARG F 89 29.69 23.56 5.17
CA ARG F 89 29.89 24.74 6.02
C ARG F 89 28.65 24.93 6.91
N MET F 90 28.58 23.98 7.89
CA MET F 90 27.39 23.97 8.79
C MET F 90 27.54 25.00 9.91
N ALA F 91 28.68 25.63 10.06
CA ALA F 91 28.80 26.69 11.06
C ALA F 91 27.92 27.87 10.71
N THR F 92 27.73 28.15 9.43
CA THR F 92 26.85 29.20 8.96
C THR F 92 25.55 28.70 8.37
N ALA F 93 25.46 27.40 8.04
CA ALA F 93 24.23 26.86 7.47
C ALA F 93 23.14 26.66 8.52
N ARG F 94 23.52 26.35 9.76
CA ARG F 94 22.55 26.12 10.82
C ARG F 94 22.07 27.44 11.37
N LYS F 95 20.81 27.78 11.11
CA LYS F 95 20.23 29.05 11.53
C LYS F 95 19.05 28.81 12.45
N ASN F 96 18.64 29.87 13.13
CA ASN F 96 17.46 29.85 14.00
C ASN F 96 16.31 30.49 13.25
N ALA F 97 15.18 29.78 13.17
CA ALA F 97 14.03 30.26 12.42
C ALA F 97 12.86 30.51 13.35
N THR F 98 11.90 31.31 12.88
CA THR F 98 10.70 31.62 13.64
C THR F 98 9.51 31.68 12.71
N ILE F 99 8.42 31.03 13.12
CA ILE F 99 7.15 31.08 12.41
C ILE F 99 6.14 31.76 13.32
N ILE F 100 5.55 32.85 12.85
CA ILE F 100 4.68 33.69 13.66
C ILE F 100 3.27 33.63 13.09
N VAL F 101 2.29 33.47 13.99
CA VAL F 101 0.87 33.56 13.64
C VAL F 101 0.28 34.70 14.45
N MET F 102 -0.34 35.66 13.76
CA MET F 102 -0.76 36.91 14.34
C MET F 102 -2.29 37.00 14.41
N ASP F 103 -2.76 38.05 15.07
CA ASP F 103 -4.18 38.34 15.22
C ASP F 103 -4.64 39.24 14.08
N TYR F 104 -5.85 39.80 14.22
CA TYR F 104 -6.36 40.72 13.21
C TYR F 104 -5.48 41.97 13.13
N GLU F 105 -5.06 42.49 14.28
CA GLU F 105 -4.21 43.68 14.32
C GLU F 105 -2.77 43.33 14.00
N ASP F 106 -2.53 42.09 13.57
CA ASP F 106 -1.21 41.60 13.19
C ASP F 106 -0.22 41.74 14.35
N ASN F 107 -0.72 41.48 15.55
CA ASN F 107 0.11 41.39 16.74
C ASN F 107 0.46 39.93 16.96
N PRO F 108 1.74 39.55 16.97
CA PRO F 108 2.13 38.15 17.17
C PRO F 108 1.37 37.48 18.30
N VAL F 109 0.64 36.43 17.96
CA VAL F 109 -0.11 35.63 18.93
C VAL F 109 0.64 34.36 19.30
N LYS F 110 1.14 33.64 18.31
CA LYS F 110 1.87 32.40 18.56
C LYS F 110 3.18 32.42 17.79
N ARG F 111 4.23 31.87 18.39
CA ARG F 111 5.55 31.80 17.77
C ARG F 111 6.13 30.41 17.94
N TRP F 112 6.65 29.84 16.85
CA TRP F 112 7.36 28.58 16.86
C TRP F 112 8.81 28.85 16.48
N ASN F 113 9.73 28.48 17.37
CA ASN F 113 11.15 28.71 17.16
C ASN F 113 11.83 27.40 16.77
N LEU F 114 12.52 27.42 15.64
CA LEU F 114 13.25 26.28 15.14
C LEU F 114 14.73 26.48 15.44
N ARG F 115 15.32 25.55 16.18
CA ARG F 115 16.71 25.65 16.61
C ARG F 115 17.59 24.76 15.74
N ASN F 116 18.69 25.33 15.24
CA ASN F 116 19.63 24.61 14.38
C ASN F 116 18.92 24.03 13.16
N ALA F 117 18.14 24.87 12.49
CA ALA F 117 17.37 24.48 11.31
C ALA F 117 18.15 24.88 10.05
N TRP F 118 18.41 23.89 9.20
CA TRP F 118 19.09 24.12 7.93
C TRP F 118 18.30 23.48 6.81
N CYS F 119 18.34 24.10 5.64
CA CYS F 119 17.57 23.62 4.50
C CYS F 119 18.09 22.27 4.03
N SER F 120 17.17 21.34 3.78
CA SER F 120 17.52 19.99 3.37
C SER F 120 17.15 19.71 1.92
N LYS F 121 15.95 20.09 1.50
CA LYS F 121 15.51 19.79 0.14
C LYS F 121 14.90 21.02 -0.51
N VAL F 122 15.17 21.18 -1.80
CA VAL F 122 14.56 22.22 -2.62
C VAL F 122 13.98 21.57 -3.86
N VAL F 123 12.68 21.78 -4.10
CA VAL F 123 11.96 21.17 -5.20
C VAL F 123 11.34 22.27 -6.04
N ALA F 124 11.56 22.19 -7.35
CA ALA F 124 10.92 23.10 -8.29
C ALA F 124 9.58 22.51 -8.72
N GLY F 125 8.57 23.39 -8.81
CA GLY F 125 7.26 22.93 -9.26
C GLY F 125 7.31 22.46 -10.71
N THR F 126 6.42 21.52 -11.02
CA THR F 126 6.38 20.97 -12.37
C THR F 126 6.06 22.06 -13.38
N LEU F 127 6.80 22.06 -14.48
CA LEU F 127 6.62 23.04 -15.55
C LEU F 127 5.80 22.40 -16.66
N LYS F 128 4.65 22.98 -16.96
CA LYS F 128 3.75 22.47 -17.98
C LYS F 128 3.31 23.61 -18.88
N ALA F 129 3.34 23.37 -20.19
CA ALA F 129 2.90 24.37 -21.15
C ALA F 129 1.40 24.61 -21.01
N GLY F 130 1.01 25.88 -21.06
CA GLY F 130 -0.38 26.25 -20.91
C GLY F 130 -0.90 26.21 -19.50
N ASP F 131 -0.02 26.15 -18.50
CA ASP F 131 -0.44 26.11 -17.11
C ASP F 131 -0.87 27.51 -16.66
N THR F 132 -2.07 27.62 -16.13
CA THR F 132 -2.60 28.90 -15.64
C THR F 132 -2.31 29.06 -14.15
N ASN F 133 -1.04 28.89 -13.76
CA ASN F 133 -0.65 29.01 -12.36
C ASN F 133 0.80 29.48 -12.30
N ALA F 134 1.16 30.06 -11.16
CA ALA F 134 2.52 30.49 -10.94
C ALA F 134 3.38 29.32 -10.49
N LEU F 135 4.66 29.37 -10.86
CA LEU F 135 5.59 28.32 -10.48
C LEU F 135 5.85 28.37 -8.98
N THR F 136 5.84 27.21 -8.34
CA THR F 136 5.98 27.10 -6.90
C THR F 136 7.27 26.37 -6.54
N GLU F 137 7.98 26.89 -5.55
CA GLU F 137 9.19 26.28 -5.02
C GLU F 137 8.91 25.76 -3.62
N THR F 138 9.24 24.49 -3.38
CA THR F 138 9.01 23.84 -2.10
C THR F 138 10.36 23.67 -1.39
N ILE F 139 10.42 24.06 -0.13
CA ILE F 139 11.64 23.99 0.67
C ILE F 139 11.35 23.14 1.89
N THR F 140 12.07 22.03 2.03
CA THR F 140 11.98 21.16 3.20
C THR F 140 13.18 21.47 4.09
N ILE F 141 12.92 22.06 5.25
CA ILE F 141 13.94 22.47 6.21
C ILE F 141 13.80 21.61 7.45
N VAL F 142 14.84 20.87 7.79
CA VAL F 142 14.84 20.03 8.97
C VAL F 142 15.31 20.84 10.17
N PHE F 143 14.88 20.44 11.36
CA PHE F 143 15.30 21.13 12.57
C PHE F 143 15.56 20.12 13.67
N GLU F 144 16.54 20.43 14.52
CA GLU F 144 16.84 19.56 15.65
C GLU F 144 15.83 19.73 16.78
N GLU F 145 15.27 20.92 16.94
CA GLU F 145 14.35 21.20 18.03
C GLU F 145 13.37 22.28 17.62
N LEU F 146 12.11 22.12 18.05
CA LEU F 146 11.07 23.11 17.83
C LEU F 146 10.45 23.46 19.17
N VAL F 147 10.47 24.73 19.53
CA VAL F 147 9.96 25.20 20.80
C VAL F 147 8.82 26.18 20.52
N VAL F 148 7.66 25.91 21.09
CA VAL F 148 6.51 26.79 20.94
C VAL F 148 6.56 27.87 22.02
N GLU F 149 6.34 29.11 21.61
CA GLU F 149 6.38 30.24 22.53
C GLU F 149 5.28 31.24 22.23
N ALA G 15 32.59 14.42 -34.38
CA ALA G 15 32.64 14.40 -32.93
C ALA G 15 32.93 15.79 -32.38
N SER G 16 33.15 16.75 -33.27
CA SER G 16 33.45 18.12 -32.89
C SER G 16 32.22 19.00 -32.83
N GLY G 17 31.03 18.46 -33.09
CA GLY G 17 29.82 19.26 -33.08
C GLY G 17 28.86 18.92 -31.95
N SER G 18 29.16 17.86 -31.21
CA SER G 18 28.28 17.45 -30.12
C SER G 18 29.00 17.09 -28.83
N ARG G 19 30.30 16.86 -28.84
CA ARG G 19 30.98 16.46 -27.61
C ARG G 19 31.29 17.67 -26.74
N PRO G 20 31.14 17.55 -25.43
CA PRO G 20 31.48 18.65 -24.53
C PRO G 20 32.98 18.77 -24.33
N ILE G 21 33.37 19.69 -23.46
CA ILE G 21 34.79 19.91 -23.19
C ILE G 21 35.34 18.76 -22.36
N GLU G 22 36.40 18.15 -22.86
CA GLU G 22 37.04 17.02 -22.18
C GLU G 22 38.55 17.21 -22.22
N GLY G 23 39.23 16.62 -21.24
CA GLY G 23 40.67 16.72 -21.18
C GLY G 23 41.35 15.88 -22.25
N VAL G 24 42.56 16.30 -22.59
CA VAL G 24 43.39 15.59 -23.56
C VAL G 24 44.14 14.50 -22.82
N THR G 31 46.18 12.17 -23.98
CA THR G 31 47.41 11.68 -24.58
C THR G 31 48.36 12.85 -24.80
N SER G 32 49.66 12.53 -24.80
CA SER G 32 50.71 13.51 -25.06
C SER G 32 51.56 13.00 -26.22
N VAL G 33 51.66 13.79 -27.28
CA VAL G 33 52.34 13.38 -28.51
C VAL G 33 53.58 14.23 -28.68
N ALA G 34 54.72 13.58 -28.90
CA ALA G 34 55.99 14.26 -29.08
C ALA G 34 56.39 14.26 -30.56
N ALA G 35 56.76 15.43 -31.05
CA ALA G 35 57.17 15.60 -32.44
C ALA G 35 58.70 15.62 -32.50
N PHE G 36 59.27 14.70 -33.28
CA PHE G 36 60.71 14.57 -33.40
C PHE G 36 61.15 15.01 -34.79
N VAL G 37 62.09 15.95 -34.85
CA VAL G 37 62.64 16.47 -36.09
C VAL G 37 64.11 16.12 -36.15
N GLY G 38 64.53 15.50 -37.24
CA GLY G 38 65.92 15.12 -37.37
C GLY G 38 66.15 14.29 -38.62
N LEU G 39 67.24 13.54 -38.62
CA LEU G 39 67.68 12.77 -39.76
C LEU G 39 67.53 11.28 -39.49
N ALA G 40 67.09 10.53 -40.51
CA ALA G 40 66.91 9.09 -40.39
C ALA G 40 66.93 8.47 -41.77
N PRO G 41 67.49 7.27 -41.93
CA PRO G 41 67.47 6.62 -43.25
C PRO G 41 66.06 6.24 -43.66
N THR G 42 65.84 6.25 -44.98
CA THR G 42 64.55 5.91 -45.58
C THR G 42 63.42 6.78 -45.04
N GLY G 43 62.17 6.39 -45.33
CA GLY G 43 61.03 7.11 -44.86
C GLY G 43 60.73 8.34 -45.69
N PRO G 44 59.65 9.05 -45.37
CA PRO G 44 59.30 10.25 -46.12
C PRO G 44 60.18 11.43 -45.76
N LEU G 45 60.04 12.54 -46.49
CA LEU G 45 60.81 13.75 -46.25
C LEU G 45 59.86 14.90 -45.93
N ASN G 46 60.09 15.56 -44.80
CA ASN G 46 59.31 16.70 -44.33
C ASN G 46 57.82 16.35 -44.15
N GLU G 47 57.50 15.07 -44.05
CA GLU G 47 56.12 14.64 -43.86
C GLU G 47 55.94 14.10 -42.45
N PRO G 48 55.18 14.79 -41.58
CA PRO G 48 54.98 14.27 -40.22
C PRO G 48 54.23 12.95 -40.22
N THR G 49 54.90 11.88 -39.79
CA THR G 49 54.31 10.56 -39.75
C THR G 49 53.98 10.19 -38.31
N LEU G 50 52.74 9.75 -38.10
CA LEU G 50 52.30 9.33 -36.77
C LEU G 50 52.77 7.91 -36.51
N VAL G 51 53.55 7.73 -35.45
CA VAL G 51 54.09 6.43 -35.07
C VAL G 51 53.61 6.11 -33.66
N THR G 52 53.01 4.94 -33.49
CA THR G 52 52.46 4.53 -32.20
C THR G 52 53.31 3.49 -31.49
N ASN G 53 54.25 2.86 -32.18
CA ASN G 53 55.08 1.82 -31.58
C ASN G 53 56.43 1.81 -32.27
N TRP G 54 57.42 1.24 -31.59
CA TRP G 54 58.76 1.12 -32.17
C TRP G 54 58.75 0.25 -33.41
N THR G 55 57.93 -0.81 -33.40
CA THR G 55 57.81 -1.66 -34.58
C THR G 55 57.29 -0.88 -35.77
N GLN G 56 56.30 -0.01 -35.55
CA GLN G 56 55.83 0.86 -36.61
C GLN G 56 56.92 1.80 -37.09
N TYR G 57 57.75 2.29 -36.17
CA TYR G 57 58.84 3.18 -36.55
C TYR G 57 59.85 2.48 -37.45
N VAL G 58 60.23 1.25 -37.11
CA VAL G 58 61.20 0.55 -37.97
C VAL G 58 60.54 0.06 -39.25
N ALA G 59 59.22 -0.13 -39.25
CA ALA G 59 58.53 -0.48 -40.49
C ALA G 59 58.45 0.70 -41.44
N ALA G 60 58.30 1.91 -40.90
CA ALA G 60 58.24 3.12 -41.74
C ALA G 60 59.61 3.73 -41.94
N PHE G 61 60.28 4.09 -40.84
CA PHE G 61 61.61 4.69 -40.91
C PHE G 61 62.67 3.60 -40.74
N GLY G 62 63.93 4.02 -40.60
CA GLY G 62 65.03 3.09 -40.46
C GLY G 62 65.45 2.91 -39.01
N ASP G 63 66.06 1.76 -38.74
CA ASP G 63 66.59 1.43 -37.42
C ASP G 63 67.94 2.11 -37.25
N PHE G 64 68.72 1.65 -36.27
CA PHE G 64 70.06 2.20 -36.01
C PHE G 64 71.01 1.74 -37.10
N THR G 65 70.96 2.42 -38.25
CA THR G 65 71.85 2.14 -39.37
C THR G 65 72.66 3.36 -39.78
N GLY G 66 72.87 4.30 -38.88
CA GLY G 66 73.64 5.49 -39.19
C GLY G 66 73.95 6.27 -37.94
N GLY G 67 74.81 7.28 -38.10
CA GLY G 67 75.18 8.13 -37.00
C GLY G 67 74.17 9.22 -36.71
N TYR G 68 72.94 8.83 -36.42
CA TYR G 68 71.86 9.76 -36.14
C TYR G 68 71.25 9.44 -34.79
N TYR G 69 70.90 10.49 -34.04
CA TYR G 69 70.30 10.35 -32.72
C TYR G 69 68.79 10.22 -32.77
N LEU G 70 68.17 10.35 -33.95
CA LEU G 70 66.72 10.26 -34.03
C LEU G 70 66.22 8.88 -33.62
N ALA G 71 66.89 7.82 -34.09
CA ALA G 71 66.48 6.47 -33.72
C ALA G 71 66.64 6.24 -32.22
N HIS G 72 67.76 6.71 -31.65
CA HIS G 72 67.96 6.58 -30.21
C HIS G 72 66.90 7.37 -29.44
N SER G 73 66.58 8.58 -29.91
CA SER G 73 65.58 9.40 -29.22
C SER G 73 64.21 8.72 -29.25
N VAL G 74 63.82 8.17 -30.40
CA VAL G 74 62.53 7.50 -30.49
C VAL G 74 62.50 6.24 -29.64
N TYR G 75 63.60 5.49 -29.64
CA TYR G 75 63.67 4.29 -28.81
C TYR G 75 63.56 4.63 -27.33
N GLY G 76 64.22 5.70 -26.91
CA GLY G 76 64.10 6.13 -25.52
C GLY G 76 62.71 6.63 -25.19
N PHE G 77 62.08 7.36 -26.12
CA PHE G 77 60.73 7.86 -25.90
C PHE G 77 59.74 6.72 -25.72
N PHE G 78 59.84 5.68 -26.56
CA PHE G 78 58.90 4.57 -26.47
C PHE G 78 59.22 3.64 -25.31
N ASN G 79 60.50 3.43 -25.01
CA ASN G 79 60.88 2.59 -23.88
C ASN G 79 60.43 3.19 -22.55
N ASN G 80 60.58 4.51 -22.40
CA ASN G 80 60.14 5.19 -21.19
C ASN G 80 58.63 5.27 -21.08
N GLY G 81 57.90 4.99 -22.15
CA GLY G 81 56.46 5.07 -22.13
C GLY G 81 55.93 6.24 -22.94
N GLY G 82 55.44 5.96 -24.15
CA GLY G 82 54.92 7.01 -25.00
C GLY G 82 53.70 6.55 -25.79
N SER G 83 52.60 7.31 -25.66
CA SER G 83 51.37 6.93 -26.35
C SER G 83 51.52 7.03 -27.86
N ALA G 84 52.12 8.11 -28.35
CA ALA G 84 52.28 8.31 -29.78
C ALA G 84 53.38 9.34 -30.01
N ALA G 85 53.81 9.43 -31.27
CA ALA G 85 54.82 10.41 -31.65
C ALA G 85 54.59 10.82 -33.10
N TYR G 86 55.13 11.98 -33.46
CA TYR G 86 55.01 12.52 -34.81
C TYR G 86 56.43 12.72 -35.35
N VAL G 87 56.95 11.70 -36.02
CA VAL G 87 58.32 11.74 -36.52
C VAL G 87 58.36 12.58 -37.78
N VAL G 88 59.31 13.52 -37.84
CA VAL G 88 59.52 14.38 -38.98
C VAL G 88 60.96 14.23 -39.44
N ARG G 89 61.14 13.91 -40.72
CA ARG G 89 62.46 13.75 -41.31
C ARG G 89 62.68 14.84 -42.36
N VAL G 90 63.78 15.58 -42.24
CA VAL G 90 64.06 16.71 -43.10
C VAL G 90 65.27 16.46 -43.99
N GLY G 91 66.28 15.75 -43.50
CA GLY G 91 67.49 15.55 -44.27
C GLY G 91 68.12 14.18 -44.09
N GLY G 92 67.32 13.19 -43.72
CA GLY G 92 67.85 11.86 -43.46
C GLY G 92 68.48 11.21 -44.66
N SER G 93 69.80 11.04 -44.61
CA SER G 93 70.54 10.39 -45.69
C SER G 93 70.66 8.90 -45.39
N ALA G 94 71.49 8.20 -46.17
CA ALA G 94 71.70 6.78 -45.96
C ALA G 94 73.16 6.40 -46.21
N GLY G 252 61.83 22.94 -41.07
CA GLY G 252 60.96 21.78 -41.00
C GLY G 252 59.86 21.92 -39.95
N PHE G 253 60.02 22.91 -39.07
CA PHE G 253 59.02 23.14 -38.03
C PHE G 253 57.71 23.63 -38.61
N GLY G 254 57.76 24.29 -39.77
CA GLY G 254 56.53 24.78 -40.40
C GLY G 254 55.55 23.70 -40.76
N GLY G 255 56.02 22.47 -40.97
CA GLY G 255 55.13 21.35 -41.20
C GLY G 255 54.43 20.83 -39.97
N LEU G 256 54.87 21.24 -38.78
CA LEU G 256 54.25 20.83 -37.53
C LEU G 256 53.16 21.78 -37.06
N GLU G 257 52.91 22.87 -37.80
CA GLU G 257 51.87 23.81 -37.42
C GLU G 257 50.47 23.34 -37.78
N ALA G 258 50.35 22.29 -38.60
CA ALA G 258 49.06 21.75 -38.99
C ALA G 258 48.60 20.62 -38.08
N ILE G 259 49.34 20.32 -37.02
CA ILE G 259 49.00 19.26 -36.07
C ILE G 259 48.72 19.91 -34.73
N ASP G 260 47.65 19.46 -34.07
CA ASP G 260 47.21 20.06 -32.80
C ASP G 260 47.58 19.21 -31.60
N GLU G 261 47.54 17.88 -31.72
CA GLU G 261 47.77 17.00 -30.58
C GLU G 261 49.20 17.03 -30.06
N ILE G 262 50.14 17.64 -30.80
CA ILE G 262 51.53 17.66 -30.37
C ILE G 262 51.68 18.58 -29.17
N SER G 263 52.36 18.08 -28.13
CA SER G 263 52.59 18.84 -26.91
C SER G 263 54.04 19.07 -26.56
N MET G 264 54.99 18.47 -27.30
CA MET G 264 56.40 18.70 -27.07
C MET G 264 57.16 18.37 -28.35
N VAL G 265 58.33 18.99 -28.50
CA VAL G 265 59.14 18.84 -29.70
C VAL G 265 60.60 18.63 -29.30
N ALA G 266 61.38 18.10 -30.24
CA ALA G 266 62.79 17.86 -30.01
C ALA G 266 63.53 17.86 -31.33
N VAL G 267 64.82 18.16 -31.26
CA VAL G 267 65.71 18.16 -32.43
C VAL G 267 66.96 17.37 -32.10
N PRO G 268 66.87 16.04 -31.97
CA PRO G 268 68.02 15.25 -31.50
C PRO G 268 69.24 15.32 -32.39
N ASP G 269 69.06 15.42 -33.71
CA ASP G 269 70.18 15.34 -34.65
C ASP G 269 70.86 16.67 -34.91
N LEU G 270 70.40 17.75 -34.28
CA LEU G 270 71.11 19.02 -34.42
C LEU G 270 72.50 18.94 -33.81
N MET G 271 72.60 18.37 -32.61
CA MET G 271 73.90 18.20 -31.97
C MET G 271 74.74 17.15 -32.70
N ALA G 272 74.10 16.18 -33.35
CA ALA G 272 74.84 15.22 -34.15
C ALA G 272 75.56 15.90 -35.31
N ALA G 273 74.89 16.85 -35.97
CA ALA G 273 75.54 17.62 -37.02
C ALA G 273 76.55 18.60 -36.45
N TYR G 274 76.29 19.14 -35.26
CA TYR G 274 77.24 20.07 -34.66
C TYR G 274 78.53 19.37 -34.26
N GLN G 275 78.45 18.11 -33.83
CA GLN G 275 79.64 17.41 -33.37
C GLN G 275 80.67 17.25 -34.49
N ARG G 276 80.20 16.97 -35.70
CA ARG G 276 81.11 16.80 -36.83
C ARG G 276 81.82 18.10 -37.22
N GLY G 277 81.33 19.25 -36.76
CA GLY G 277 81.87 20.52 -37.17
C GLY G 277 81.29 21.08 -38.45
N ALA G 278 80.37 20.36 -39.10
CA ALA G 278 79.74 20.88 -40.31
C ALA G 278 78.83 22.06 -40.01
N ILE G 279 78.28 22.13 -38.81
CA ILE G 279 77.38 23.20 -38.39
C ILE G 279 78.00 23.91 -37.19
N ASP G 280 78.12 25.22 -37.29
CA ASP G 280 78.72 26.01 -36.22
C ASP G 280 77.71 26.23 -35.09
N LEU G 281 78.19 26.85 -34.01
CA LEU G 281 77.32 27.08 -32.86
C LEU G 281 76.28 28.15 -33.14
N GLU G 282 76.60 29.13 -34.00
CA GLU G 282 75.64 30.18 -34.31
C GLU G 282 74.41 29.62 -35.00
N ALA G 283 74.60 28.69 -35.94
CA ALA G 283 73.45 28.08 -36.62
C ALA G 283 72.62 27.25 -35.65
N VAL G 284 73.26 26.55 -34.72
CA VAL G 284 72.53 25.78 -33.72
C VAL G 284 71.70 26.71 -32.85
N LYS G 285 72.28 27.83 -32.43
CA LYS G 285 71.54 28.80 -31.62
C LYS G 285 70.37 29.38 -32.40
N ALA G 286 70.57 29.66 -33.68
CA ALA G 286 69.48 30.17 -34.52
C ALA G 286 68.36 29.15 -34.64
N VAL G 287 68.71 27.88 -34.83
CA VAL G 287 67.70 26.83 -34.94
C VAL G 287 66.92 26.70 -33.65
N GLN G 288 67.61 26.75 -32.50
CA GLN G 288 66.93 26.64 -31.22
C GLN G 288 66.03 27.85 -30.97
N LEU G 289 66.49 29.05 -31.35
CA LEU G 289 65.64 30.23 -31.24
C LEU G 289 64.40 30.11 -32.11
N GLY G 290 64.55 29.60 -33.34
CA GLY G 290 63.40 29.38 -34.19
C GLY G 290 62.43 28.38 -33.61
N LEU G 291 62.96 27.30 -33.02
CA LEU G 291 62.10 26.31 -32.38
C LEU G 291 61.33 26.90 -31.21
N ILE G 292 62.01 27.71 -30.39
CA ILE G 292 61.35 28.34 -29.25
C ILE G 292 60.27 29.32 -29.73
N ALA G 293 60.58 30.09 -30.77
CA ALA G 293 59.58 31.01 -31.32
C ALA G 293 58.38 30.27 -31.88
N HIS G 294 58.62 29.14 -32.56
CA HIS G 294 57.52 28.34 -33.07
C HIS G 294 56.67 27.78 -31.94
N CYS G 295 57.31 27.33 -30.87
CA CYS G 295 56.56 26.84 -29.71
C CYS G 295 55.72 27.96 -29.09
N GLU G 296 56.28 29.16 -29.00
CA GLU G 296 55.52 30.29 -28.46
C GLU G 296 54.33 30.62 -29.35
N LEU G 297 54.48 30.45 -30.67
CA LEU G 297 53.35 30.71 -31.62
C LEU G 297 52.18 29.76 -31.36
N MET G 298 52.35 28.47 -31.67
CA MET G 298 51.25 27.48 -31.49
C MET G 298 50.67 27.61 -30.08
N GLY G 299 51.50 27.75 -29.04
CA GLY G 299 50.99 28.04 -27.68
C GLY G 299 50.54 26.84 -26.88
N ASP G 300 50.73 25.64 -27.41
CA ASP G 300 50.28 24.41 -26.77
C ASP G 300 51.41 23.43 -26.49
N ARG G 301 52.64 23.75 -26.86
CA ARG G 301 53.77 22.84 -26.70
C ARG G 301 54.95 23.57 -26.08
N VAL G 302 55.79 22.82 -25.39
CA VAL G 302 57.02 23.34 -24.78
C VAL G 302 58.19 22.55 -25.34
N ALA G 303 59.24 23.28 -25.72
CA ALA G 303 60.41 22.66 -26.35
C ALA G 303 61.37 22.13 -25.30
N ILE G 304 62.20 21.17 -25.72
CA ILE G 304 63.23 20.57 -24.88
C ILE G 304 64.59 20.86 -25.50
N ILE G 305 65.51 21.38 -24.71
CA ILE G 305 66.80 21.86 -25.17
C ILE G 305 67.89 20.96 -24.62
N ASP G 306 68.83 20.58 -25.50
CA ASP G 306 69.98 19.77 -25.16
C ASP G 306 71.25 20.53 -25.47
N PRO G 307 72.17 20.67 -24.53
CA PRO G 307 73.37 21.48 -24.76
C PRO G 307 74.41 20.69 -25.54
N PRO G 308 75.44 21.37 -26.04
CA PRO G 308 76.52 20.65 -26.70
C PRO G 308 77.23 19.72 -25.74
N PRO G 309 77.75 18.60 -26.22
CA PRO G 309 78.39 17.64 -25.32
C PRO G 309 79.73 18.13 -24.82
N ASN G 310 80.27 17.41 -23.84
CA ASN G 310 81.58 17.69 -23.25
C ASN G 310 81.63 19.10 -22.67
N GLN G 311 80.77 19.34 -21.68
CA GLN G 311 80.70 20.62 -20.99
C GLN G 311 80.62 20.40 -19.49
N ASN G 312 81.21 21.33 -18.74
CA ASN G 312 81.22 21.27 -17.29
C ASN G 312 80.11 22.15 -16.72
N ALA G 313 80.06 22.24 -15.39
CA ALA G 313 79.06 23.08 -14.73
C ALA G 313 79.29 24.55 -15.05
N ARG G 314 80.54 25.01 -14.91
CA ARG G 314 80.85 26.39 -15.27
C ARG G 314 80.66 26.62 -16.77
N GLN G 315 81.08 25.65 -17.59
CA GLN G 315 80.92 25.79 -19.03
C GLN G 315 79.45 25.87 -19.42
N ILE G 316 78.60 25.03 -18.84
CA ILE G 316 77.18 25.09 -19.18
C ILE G 316 76.53 26.36 -18.62
N ARG G 317 76.97 26.82 -17.45
CA ARG G 317 76.45 28.09 -16.94
C ARG G 317 76.78 29.23 -17.90
N VAL G 318 78.02 29.27 -18.38
CA VAL G 318 78.41 30.32 -19.33
C VAL G 318 77.62 30.18 -20.62
N TRP G 319 77.46 28.96 -21.12
CA TRP G 319 76.74 28.73 -22.37
C TRP G 319 75.29 29.17 -22.26
N ARG G 320 74.64 28.87 -21.13
CA ARG G 320 73.24 29.23 -20.96
C ARG G 320 73.05 30.71 -20.67
N GLN G 321 74.01 31.36 -20.01
CA GLN G 321 73.81 32.75 -19.61
C GLN G 321 74.28 33.76 -20.64
N GLU G 322 75.32 33.44 -21.43
CA GLU G 322 75.88 34.40 -22.36
C GLU G 322 75.67 34.01 -23.82
N THR G 323 76.10 32.81 -24.22
CA THR G 323 76.04 32.43 -25.63
C THR G 323 74.63 32.04 -26.06
N ALA G 324 73.84 31.44 -25.18
CA ALA G 324 72.52 30.94 -25.52
C ALA G 324 71.50 31.39 -24.49
N GLY G 325 71.50 32.69 -24.20
CA GLY G 325 70.66 33.21 -23.14
C GLY G 325 69.19 33.23 -23.51
N TYR G 326 68.59 32.05 -23.63
CA TYR G 326 67.17 31.95 -23.94
C TYR G 326 66.32 32.44 -22.78
N ASP G 327 65.19 33.07 -23.11
CA ASP G 327 64.24 33.57 -22.11
C ASP G 327 62.84 33.33 -22.68
N SER G 328 62.25 32.20 -22.32
CA SER G 328 60.93 31.84 -22.80
C SER G 328 60.28 30.90 -21.79
N LYS G 329 58.94 30.96 -21.72
CA LYS G 329 58.17 30.09 -20.85
C LYS G 329 57.86 28.74 -21.48
N TYR G 330 58.25 28.52 -22.74
CA TYR G 330 57.95 27.30 -23.47
C TYR G 330 59.23 26.54 -23.82
N ALA G 331 60.14 26.45 -22.87
CA ALA G 331 61.40 25.74 -23.09
C ALA G 331 61.91 25.18 -21.78
N ALA G 332 62.44 23.97 -21.83
CA ALA G 332 63.07 23.32 -20.69
C ALA G 332 64.39 22.70 -21.13
N LEU G 333 65.46 23.00 -20.41
CA LEU G 333 66.80 22.55 -20.78
C LEU G 333 67.22 21.39 -19.89
N TYR G 334 67.92 20.42 -20.48
CA TYR G 334 68.41 19.26 -19.75
C TYR G 334 69.89 19.06 -20.06
N TYR G 335 70.74 19.33 -19.06
CA TYR G 335 72.18 19.47 -19.26
C TYR G 335 72.88 18.15 -19.58
N PRO G 336 72.93 17.17 -18.69
CA PRO G 336 73.82 16.03 -18.92
C PRO G 336 73.24 15.05 -19.95
N TRP G 337 74.15 14.49 -20.73
CA TRP G 337 73.74 13.58 -21.82
C TRP G 337 73.67 12.14 -21.30
N ILE G 338 72.57 11.45 -21.66
CA ILE G 338 72.36 10.03 -21.27
C ILE G 338 73.25 9.14 -22.16
N LYS G 339 73.79 8.05 -21.60
CA LYS G 339 74.56 7.08 -22.43
C LYS G 339 73.73 5.82 -22.60
N SER G 340 73.19 5.57 -23.80
CA SER G 340 72.29 4.40 -23.97
C SER G 340 72.98 3.27 -24.75
N PHE G 341 72.25 2.17 -25.01
CA PHE G 341 72.82 1.01 -25.75
C PHE G 341 72.47 1.07 -27.24
N ASP G 342 73.45 0.88 -28.12
CA ASP G 342 73.22 0.90 -29.58
C ASP G 342 73.38 -0.51 -30.16
N PRO G 343 72.29 -1.18 -30.58
CA PRO G 343 72.38 -2.51 -31.19
C PRO G 343 73.19 -2.55 -32.47
N ALA G 344 73.41 -1.40 -33.12
CA ALA G 344 74.21 -1.37 -34.34
C ALA G 344 75.64 -1.81 -34.08
N THR G 345 76.25 -1.30 -33.01
CA THR G 345 77.62 -1.63 -32.66
C THR G 345 77.75 -2.42 -31.37
N GLY G 346 76.67 -2.61 -30.63
CA GLY G 346 76.74 -3.35 -29.39
C GLY G 346 77.49 -2.65 -28.27
N GLN G 347 77.62 -1.32 -28.35
CA GLN G 347 78.34 -0.54 -27.36
C GLN G 347 77.46 0.59 -26.86
N SER G 348 77.99 1.35 -25.91
CA SER G 348 77.27 2.48 -25.33
C SER G 348 77.66 3.76 -26.04
N ARG G 349 76.65 4.54 -26.43
CA ARG G 349 76.84 5.78 -27.17
C ARG G 349 76.15 6.91 -26.43
N LEU G 350 76.73 8.11 -26.56
CA LEU G 350 76.18 9.30 -25.91
C LEU G 350 75.13 9.95 -26.80
N VAL G 351 73.95 10.17 -26.25
CA VAL G 351 72.84 10.78 -26.99
C VAL G 351 72.22 11.87 -26.11
N PRO G 352 71.57 12.85 -26.73
CA PRO G 352 70.88 13.86 -25.94
C PRO G 352 69.76 13.24 -25.15
N PRO G 353 69.46 13.77 -23.95
CA PRO G 353 68.43 13.15 -23.10
C PRO G 353 67.01 13.51 -23.50
N SER G 354 66.81 14.46 -24.41
CA SER G 354 65.46 14.91 -24.74
C SER G 354 64.59 13.75 -25.21
N GLY G 355 65.10 12.94 -26.14
CA GLY G 355 64.33 11.81 -26.62
C GLY G 355 63.89 10.87 -25.51
N HIS G 356 64.70 10.77 -24.46
CA HIS G 356 64.25 10.02 -23.28
C HIS G 356 63.38 10.89 -22.38
N VAL G 357 63.79 12.15 -22.16
CA VAL G 357 63.12 13.00 -21.18
C VAL G 357 61.66 13.20 -21.58
N ALA G 358 61.40 13.46 -22.85
CA ALA G 358 60.02 13.62 -23.32
C ALA G 358 59.18 12.40 -22.94
N GLY G 359 59.74 11.20 -23.13
CA GLY G 359 59.02 10.00 -22.75
C GLY G 359 58.61 10.02 -21.29
N ILE G 360 59.53 10.47 -20.41
CA ILE G 360 59.21 10.58 -19.00
C ILE G 360 57.96 11.42 -18.80
N TRP G 361 57.89 12.55 -19.52
CA TRP G 361 56.70 13.41 -19.42
C TRP G 361 55.44 12.62 -19.70
N ALA G 362 55.45 11.83 -20.78
CA ALA G 362 54.28 11.04 -21.12
C ALA G 362 53.91 10.10 -19.99
N ARG G 363 54.92 9.48 -19.37
CA ARG G 363 54.66 8.59 -18.24
C ARG G 363 53.91 9.32 -17.14
N ASN G 364 54.30 10.58 -16.86
CA ASN G 364 53.58 11.36 -15.88
C ASN G 364 52.10 11.48 -16.26
N ASP G 365 51.84 11.82 -17.52
CA ASP G 365 50.46 11.98 -17.97
C ASP G 365 49.70 10.66 -17.93
N SER G 366 50.39 9.53 -17.79
CA SER G 366 49.73 8.24 -17.67
C SER G 366 49.72 7.72 -16.24
N GLU G 367 50.43 8.36 -15.31
CA GLU G 367 50.53 7.84 -13.95
C GLU G 367 50.28 8.87 -12.86
N ARG G 368 50.47 10.14 -13.12
CA ARG G 368 50.25 11.12 -12.08
C ARG G 368 49.61 12.41 -12.53
N GLY G 369 49.31 12.54 -13.80
CA GLY G 369 48.64 13.72 -14.30
C GLY G 369 49.61 14.84 -14.64
N VAL G 370 49.08 15.87 -15.30
CA VAL G 370 49.90 17.00 -15.72
C VAL G 370 50.21 17.94 -14.55
N HIS G 371 49.36 17.96 -13.52
CA HIS G 371 49.53 18.90 -12.42
C HIS G 371 50.76 18.62 -11.58
N LYS G 372 51.40 17.43 -11.80
CA LYS G 372 52.58 17.02 -10.97
C LYS G 372 53.85 17.18 -11.78
N ALA G 373 54.85 17.90 -11.21
CA ALA G 373 56.10 18.15 -11.93
C ALA G 373 56.81 16.84 -12.24
N PRO G 374 57.17 16.58 -13.50
CA PRO G 374 57.83 15.32 -13.86
C PRO G 374 59.32 15.32 -13.51
N ALA G 375 59.61 15.47 -12.22
CA ALA G 375 60.99 15.53 -11.74
C ALA G 375 61.50 14.16 -11.28
N ASN G 376 60.83 13.57 -10.28
CA ASN G 376 61.31 12.33 -9.66
C ASN G 376 60.86 11.14 -10.53
N GLU G 377 61.57 10.95 -11.63
CA GLU G 377 61.30 9.85 -12.54
C GLU G 377 62.62 9.23 -12.98
N VAL G 378 62.55 7.96 -13.39
CA VAL G 378 63.73 7.19 -13.76
C VAL G 378 63.87 7.20 -15.28
N VAL G 379 65.08 7.46 -15.76
CA VAL G 379 65.40 7.34 -17.19
C VAL G 379 65.70 5.86 -17.45
N ARG G 380 64.70 5.13 -17.97
CA ARG G 380 64.83 3.68 -18.09
C ARG G 380 65.93 3.29 -19.07
N GLY G 381 66.05 4.00 -20.19
CA GLY G 381 67.04 3.65 -21.20
C GLY G 381 68.45 4.06 -20.89
N ALA G 382 68.66 4.86 -19.84
CA ALA G 382 69.98 5.37 -19.52
C ALA G 382 70.82 4.30 -18.82
N VAL G 383 72.08 4.20 -19.22
CA VAL G 383 73.04 3.30 -18.57
C VAL G 383 74.01 4.09 -17.70
N ASP G 384 74.53 5.19 -18.21
CA ASP G 384 75.45 6.04 -17.45
C ASP G 384 75.29 7.48 -17.94
N LEU G 385 75.95 8.39 -17.24
CA LEU G 385 75.93 9.80 -17.58
C LEU G 385 77.33 10.26 -17.97
N GLU G 386 77.38 11.35 -18.74
CA GLU G 386 78.67 11.88 -19.18
C GLU G 386 79.42 12.56 -18.05
N LEU G 387 78.72 13.01 -17.01
CA LEU G 387 79.36 13.70 -15.89
C LEU G 387 78.38 13.72 -14.72
N GLN G 388 78.82 13.22 -13.57
CA GLN G 388 77.97 13.23 -12.38
C GLN G 388 77.95 14.63 -11.78
N ILE G 389 76.75 15.11 -11.43
CA ILE G 389 76.55 16.46 -10.93
C ILE G 389 76.41 16.40 -9.41
N THR G 390 77.25 17.16 -8.71
CA THR G 390 77.19 17.26 -7.26
C THR G 390 76.23 18.38 -6.85
N ARG G 391 75.92 18.41 -5.55
CA ARG G 391 75.03 19.44 -5.04
C ARG G 391 75.65 20.82 -5.13
N GLY G 392 76.98 20.91 -5.02
CA GLY G 392 77.64 22.21 -5.14
C GLY G 392 77.44 22.84 -6.50
N GLU G 393 77.55 22.05 -7.57
CA GLU G 393 77.31 22.56 -8.91
C GLU G 393 75.83 22.76 -9.17
N GLN G 394 74.97 21.91 -8.62
CA GLN G 394 73.53 22.09 -8.78
C GLN G 394 73.06 23.38 -8.12
N ASP G 395 73.72 23.80 -7.04
CA ASP G 395 73.34 25.03 -6.37
C ASP G 395 73.43 26.24 -7.30
N LEU G 396 74.30 26.17 -8.30
CA LEU G 396 74.39 27.22 -9.32
C LEU G 396 73.62 26.88 -10.59
N LEU G 397 73.47 25.60 -10.91
CA LEU G 397 72.78 25.22 -12.15
C LEU G 397 71.27 25.42 -12.03
N ASN G 398 70.69 25.07 -10.88
CA ASN G 398 69.24 25.12 -10.74
C ASN G 398 68.66 26.54 -10.87
N PRO G 399 69.18 27.56 -10.20
CA PRO G 399 68.55 28.88 -10.28
C PRO G 399 68.51 29.47 -11.68
N ILE G 400 69.40 29.06 -12.58
CA ILE G 400 69.45 29.62 -13.92
C ILE G 400 68.57 28.80 -14.86
N GLY G 401 67.75 27.91 -14.29
CA GLY G 401 66.79 27.17 -15.08
C GLY G 401 67.34 25.97 -15.82
N VAL G 402 68.39 25.35 -15.31
CA VAL G 402 68.98 24.16 -15.93
C VAL G 402 68.59 22.94 -15.10
N ASN G 403 67.86 22.02 -15.71
CA ASN G 403 67.44 20.80 -15.06
C ASN G 403 68.49 19.72 -15.27
N CYS G 404 68.90 19.06 -14.19
CA CYS G 404 69.98 18.09 -14.25
C CYS G 404 69.44 16.67 -14.25
N ILE G 405 70.34 15.72 -14.52
CA ILE G 405 70.05 14.30 -14.43
C ILE G 405 71.17 13.66 -13.61
N ARG G 406 70.82 13.06 -12.47
CA ARG G 406 71.82 12.60 -11.52
C ARG G 406 71.53 11.16 -11.12
N SER G 407 72.61 10.45 -10.77
CA SER G 407 72.52 9.06 -10.32
C SER G 407 72.60 9.00 -8.81
N PHE G 408 71.61 8.38 -8.18
CA PHE G 408 71.53 8.23 -6.75
C PHE G 408 71.64 6.76 -6.35
N PRO G 409 72.45 6.45 -5.33
CA PRO G 409 72.61 5.05 -4.93
C PRO G 409 71.32 4.49 -4.35
N GLY G 410 70.91 3.34 -4.87
CA GLY G 410 69.65 2.73 -4.48
C GLY G 410 68.43 3.29 -5.18
N ARG G 411 68.59 4.31 -6.02
CA ARG G 411 67.49 4.90 -6.76
C ARG G 411 67.71 4.95 -8.26
N GLY G 412 68.94 4.80 -8.74
CA GLY G 412 69.20 4.82 -10.16
C GLY G 412 69.39 6.21 -10.71
N ILE G 413 69.19 6.34 -12.02
CA ILE G 413 69.34 7.61 -12.70
C ILE G 413 67.99 8.33 -12.71
N ARG G 414 67.96 9.53 -12.14
CA ARG G 414 66.73 10.29 -11.98
C ARG G 414 66.92 11.73 -12.43
N VAL G 415 65.85 12.31 -12.96
CA VAL G 415 65.86 13.72 -13.31
C VAL G 415 65.72 14.55 -12.03
N TRP G 416 66.39 15.69 -12.00
CA TRP G 416 66.39 16.58 -10.84
C TRP G 416 66.22 18.00 -11.36
N GLY G 417 65.01 18.52 -11.24
CA GLY G 417 64.72 19.87 -11.72
C GLY G 417 63.44 19.95 -12.52
N ALA G 418 62.60 20.93 -12.22
CA ALA G 418 61.34 21.14 -12.92
C ALA G 418 61.15 22.61 -13.24
N ARG G 419 62.19 23.25 -13.79
CA ARG G 419 62.17 24.67 -14.08
C ARG G 419 62.30 24.91 -15.57
N THR G 420 61.74 26.03 -16.02
CA THR G 420 61.79 26.44 -17.42
C THR G 420 62.87 27.50 -17.63
N LEU G 421 63.13 27.80 -18.89
CA LEU G 421 64.12 28.82 -19.26
C LEU G 421 63.47 30.19 -19.34
N SER G 422 62.82 30.58 -18.25
CA SER G 422 62.09 31.83 -18.17
C SER G 422 62.58 32.65 -16.98
N SER G 423 62.66 33.97 -17.17
CA SER G 423 63.05 34.88 -16.11
C SER G 423 61.88 35.33 -15.25
N ASP G 424 60.65 35.00 -15.63
CA ASP G 424 59.49 35.40 -14.85
C ASP G 424 59.34 34.47 -13.64
N PRO G 425 59.34 35.01 -12.42
CA PRO G 425 59.17 34.13 -11.25
C PRO G 425 57.84 33.40 -11.24
N ALA G 426 56.79 33.99 -11.81
CA ALA G 426 55.49 33.34 -11.81
C ALA G 426 55.45 32.10 -12.72
N TRP G 427 56.31 32.05 -13.74
CA TRP G 427 56.36 30.95 -14.68
C TRP G 427 57.69 30.21 -14.60
N ARG G 428 58.23 30.08 -13.39
CA ARG G 428 59.51 29.42 -13.19
C ARG G 428 59.37 27.92 -12.93
N TYR G 429 58.15 27.39 -12.88
CA TYR G 429 57.91 25.99 -12.62
C TYR G 429 57.32 25.32 -13.86
N LEU G 430 57.83 24.15 -14.20
CA LEU G 430 57.40 23.45 -15.40
C LEU G 430 55.96 22.96 -15.26
N ASN G 431 55.58 22.48 -14.07
CA ASN G 431 54.26 21.88 -13.90
C ASN G 431 53.15 22.90 -14.11
N ILE G 432 53.35 24.14 -13.63
CA ILE G 432 52.33 25.16 -13.78
C ILE G 432 52.09 25.47 -15.26
N ARG G 433 53.18 25.65 -16.02
CA ARG G 433 53.06 25.95 -17.43
C ARG G 433 52.44 24.78 -18.19
N ARG G 434 52.85 23.56 -17.87
CA ARG G 434 52.29 22.40 -18.55
C ARG G 434 50.80 22.26 -18.27
N TYR G 435 50.39 22.46 -17.02
CA TYR G 435 48.97 22.37 -16.68
C TYR G 435 48.17 23.47 -17.37
N PHE G 436 48.71 24.69 -17.42
CA PHE G 436 48.00 25.77 -18.10
C PHE G 436 47.84 25.48 -19.58
N ASN G 437 48.90 24.98 -20.22
CA ASN G 437 48.81 24.64 -21.64
C ASN G 437 47.80 23.51 -21.86
N TYR G 438 47.81 22.50 -20.99
CA TYR G 438 46.86 21.39 -21.13
C TYR G 438 45.42 21.86 -21.00
N LEU G 439 45.15 22.72 -20.00
CA LEU G 439 43.80 23.24 -19.82
C LEU G 439 43.37 24.07 -21.01
N GLU G 440 44.26 24.94 -21.50
CA GLU G 440 43.93 25.78 -22.65
C GLU G 440 43.62 24.92 -23.88
N GLU G 441 44.46 23.92 -24.14
CA GLU G 441 44.24 23.06 -25.30
C GLU G 441 42.95 22.27 -25.18
N SER G 442 42.66 21.74 -23.98
CA SER G 442 41.42 20.99 -23.80
C SER G 442 40.20 21.87 -24.01
N ILE G 443 40.23 23.10 -23.47
CA ILE G 443 39.10 24.01 -23.64
C ILE G 443 38.93 24.39 -25.10
N LEU G 444 40.03 24.70 -25.79
CA LEU G 444 39.95 25.07 -27.20
C LEU G 444 39.42 23.93 -28.05
N ILE G 445 39.85 22.70 -27.77
CA ILE G 445 39.34 21.54 -28.49
C ILE G 445 37.85 21.35 -28.22
N GLY G 446 37.44 21.49 -26.97
CA GLY G 446 36.04 21.26 -26.63
C GLY G 446 35.11 22.34 -27.15
N THR G 447 35.61 23.55 -27.34
CA THR G 447 34.79 24.67 -27.81
C THR G 447 34.91 24.89 -29.31
N GLN G 448 35.09 23.81 -30.09
CA GLN G 448 35.21 23.94 -31.53
C GLN G 448 33.88 24.13 -32.22
N TRP G 449 32.77 23.85 -31.55
CA TRP G 449 31.45 23.98 -32.16
C TRP G 449 30.90 25.40 -32.12
N VAL G 450 31.59 26.32 -31.44
CA VAL G 450 31.09 27.70 -31.33
C VAL G 450 31.19 28.47 -32.63
N VAL G 451 31.85 27.92 -33.65
CA VAL G 451 32.01 28.63 -34.92
C VAL G 451 30.66 28.71 -35.61
N PHE G 452 30.32 29.91 -36.11
CA PHE G 452 29.07 30.23 -36.78
C PHE G 452 27.86 30.09 -35.86
N GLU G 453 28.06 30.14 -34.55
CA GLU G 453 26.94 30.15 -33.61
C GLU G 453 26.59 31.59 -33.23
N PRO G 454 25.32 31.85 -32.89
CA PRO G 454 24.94 33.21 -32.50
C PRO G 454 25.69 33.68 -31.27
N ASN G 455 26.00 34.98 -31.24
CA ASN G 455 26.72 35.58 -30.12
C ASN G 455 25.71 36.23 -29.17
N ASP G 456 24.96 35.37 -28.48
CA ASP G 456 23.97 35.83 -27.52
C ASP G 456 24.21 35.20 -26.16
N HIS G 457 23.28 35.39 -25.22
CA HIS G 457 23.47 34.85 -23.87
C HIS G 457 23.40 33.34 -23.84
N ASN G 458 22.72 32.70 -24.79
CA ASN G 458 22.64 31.25 -24.80
C ASN G 458 24.00 30.61 -25.02
N LEU G 459 24.77 31.12 -25.98
CA LEU G 459 26.11 30.59 -26.22
C LEU G 459 27.01 30.79 -25.02
N TRP G 460 26.93 31.96 -24.38
CA TRP G 460 27.73 32.21 -23.19
C TRP G 460 27.37 31.26 -22.06
N ALA G 461 26.06 31.02 -21.87
CA ALA G 461 25.64 30.09 -20.83
C ALA G 461 26.13 28.68 -21.12
N ARG G 462 26.06 28.25 -22.39
CA ARG G 462 26.56 26.93 -22.76
C ARG G 462 28.06 26.81 -22.49
N ILE G 463 28.82 27.85 -22.85
CA ILE G 463 30.26 27.83 -22.64
C ILE G 463 30.58 27.77 -21.15
N ARG G 464 29.89 28.58 -20.35
CA ARG G 464 30.11 28.58 -18.90
C ARG G 464 29.79 27.22 -18.31
N ARG G 465 28.67 26.62 -18.70
CA ARG G 465 28.29 25.32 -18.17
C ARG G 465 29.31 24.25 -18.54
N ASN G 466 29.76 24.23 -19.80
CA ASN G 466 30.73 23.23 -20.21
C ASN G 466 32.05 23.40 -19.48
N VAL G 467 32.53 24.64 -19.35
CA VAL G 467 33.80 24.87 -18.68
C VAL G 467 33.71 24.50 -17.20
N SER G 468 32.59 24.83 -16.55
CA SER G 468 32.42 24.46 -15.15
C SER G 468 32.37 22.95 -14.98
N ALA G 469 31.64 22.25 -15.86
CA ALA G 469 31.57 20.80 -15.78
C ALA G 469 32.92 20.15 -16.02
N PHE G 470 33.76 20.77 -16.85
CA PHE G 470 35.10 20.24 -17.07
C PHE G 470 36.00 20.51 -15.87
N LEU G 471 35.94 21.71 -15.29
CA LEU G 471 36.84 22.10 -14.22
C LEU G 471 36.48 21.48 -12.87
N VAL G 472 35.22 21.12 -12.66
CA VAL G 472 34.86 20.51 -11.38
C VAL G 472 35.54 19.15 -11.23
N ASN G 473 35.69 18.41 -12.32
CA ASN G 473 36.40 17.13 -12.25
C ASN G 473 37.87 17.33 -11.90
N GLU G 474 38.49 18.37 -12.46
CA GLU G 474 39.87 18.69 -12.09
C GLU G 474 39.98 19.09 -10.63
N TRP G 475 39.00 19.83 -10.13
CA TRP G 475 39.00 20.21 -8.71
C TRP G 475 38.86 18.98 -7.81
N ARG G 476 38.01 18.04 -8.20
CA ARG G 476 37.81 16.84 -7.38
C ARG G 476 39.08 16.02 -7.30
N ASN G 477 39.85 15.96 -8.38
CA ASN G 477 41.08 15.18 -8.41
C ASN G 477 42.19 15.79 -7.55
N GLY G 478 42.00 17.01 -7.04
CA GLY G 478 43.00 17.66 -6.22
C GLY G 478 44.05 18.43 -6.97
N ALA G 479 43.92 18.56 -8.30
CA ALA G 479 44.88 19.35 -9.05
C ALA G 479 44.85 20.81 -8.65
N LEU G 480 43.64 21.35 -8.44
CA LEU G 480 43.46 22.72 -7.99
C LEU G 480 43.23 22.75 -6.49
N PHE G 481 43.53 23.90 -5.88
CA PHE G 481 43.42 24.07 -4.45
C PHE G 481 42.15 24.85 -4.12
N GLY G 482 41.33 24.30 -3.24
CA GLY G 482 40.12 24.97 -2.82
C GLY G 482 39.20 24.10 -1.99
N GLN G 483 38.64 24.65 -0.91
CA GLN G 483 37.69 23.89 -0.11
C GLN G 483 36.41 23.59 -0.88
N SER G 484 35.98 24.55 -1.70
CA SER G 484 34.81 24.41 -2.56
C SER G 484 35.17 24.82 -3.99
N PRO G 485 34.40 24.37 -4.98
CA PRO G 485 34.75 24.69 -6.38
C PRO G 485 34.84 26.19 -6.66
N ASP G 486 34.10 27.01 -5.93
CA ASP G 486 34.14 28.46 -6.16
C ASP G 486 35.51 29.04 -5.85
N GLN G 487 36.14 28.60 -4.75
CA GLN G 487 37.45 29.13 -4.38
C GLN G 487 38.59 28.51 -5.16
N ALA G 488 38.36 27.43 -5.88
CA ALA G 488 39.41 26.77 -6.66
C ALA G 488 39.43 27.20 -8.12
N TYR G 489 38.27 27.53 -8.69
CA TYR G 489 38.20 27.95 -10.08
C TYR G 489 37.04 28.94 -10.23
N TYR G 490 37.20 29.86 -11.17
CA TYR G 490 36.15 30.83 -11.48
C TYR G 490 36.08 31.04 -12.98
N VAL G 491 34.87 31.05 -13.52
CA VAL G 491 34.63 31.20 -14.94
C VAL G 491 33.73 32.42 -15.16
N LYS G 492 34.16 33.32 -16.04
CA LYS G 492 33.41 34.53 -16.37
C LYS G 492 33.33 34.65 -17.88
N CYS G 493 32.12 34.45 -18.43
CA CYS G 493 31.87 34.53 -19.86
C CYS G 493 30.53 35.25 -20.07
N ASP G 494 30.12 36.01 -19.06
CA ASP G 494 28.83 36.71 -19.11
C ASP G 494 29.08 38.19 -19.26
N GLU G 495 28.55 38.77 -20.34
CA GLU G 495 28.58 40.21 -20.59
C GLU G 495 30.00 40.76 -20.75
N GLU G 496 31.01 39.88 -20.71
CA GLU G 496 32.37 40.32 -20.95
C GLU G 496 32.57 40.72 -22.40
N THR G 497 32.02 39.95 -23.33
CA THR G 497 32.08 40.27 -24.76
C THR G 497 31.10 41.42 -25.02
N ASN G 498 31.61 42.64 -25.00
CA ASN G 498 30.75 43.80 -25.18
C ASN G 498 30.19 43.83 -26.60
N PRO G 499 28.96 44.33 -26.78
CA PRO G 499 28.32 44.30 -28.11
C PRO G 499 29.14 45.00 -29.18
N PRO G 500 29.77 46.18 -28.90
CA PRO G 500 30.51 46.83 -29.99
C PRO G 500 31.99 46.46 -30.11
N GLU G 501 32.58 45.83 -29.10
CA GLU G 501 33.94 45.34 -29.22
C GLU G 501 33.96 43.82 -29.13
N SER G 502 34.58 43.18 -30.13
CA SER G 502 34.83 41.75 -30.18
C SER G 502 33.56 40.95 -30.46
N VAL G 503 32.40 41.62 -30.50
CA VAL G 503 31.18 40.94 -30.90
C VAL G 503 30.85 41.25 -32.35
N ASP G 504 31.03 42.51 -32.75
CA ASP G 504 30.91 42.86 -34.16
C ASP G 504 32.03 42.21 -34.98
N LEU G 505 33.08 41.77 -34.32
CA LEU G 505 34.17 41.04 -34.95
C LEU G 505 33.93 39.54 -34.97
N GLY G 506 32.78 39.07 -34.49
CA GLY G 506 32.49 37.64 -34.48
C GLY G 506 33.39 36.83 -33.58
N ARG G 507 33.59 37.30 -32.36
CA ARG G 507 34.46 36.61 -31.41
C ARG G 507 33.74 36.47 -30.07
N VAL G 508 34.08 35.42 -29.33
CA VAL G 508 33.54 35.19 -27.99
C VAL G 508 34.72 34.98 -27.04
N VAL G 509 34.72 35.71 -25.93
CA VAL G 509 35.84 35.73 -24.99
C VAL G 509 35.38 35.12 -23.68
N CYS G 510 36.19 34.22 -23.13
CA CYS G 510 35.92 33.57 -21.86
C CYS G 510 37.13 33.73 -20.94
N GLU G 511 36.86 34.05 -19.68
CA GLU G 511 37.91 34.22 -18.68
C GLU G 511 37.84 33.10 -17.65
N ILE G 512 39.00 32.51 -17.36
CA ILE G 512 39.08 31.38 -16.43
C ILE G 512 40.22 31.64 -15.46
N GLY G 513 39.96 31.44 -14.18
CA GLY G 513 40.98 31.55 -13.16
C GLY G 513 41.05 30.29 -12.33
N ILE G 514 42.27 29.83 -12.07
CA ILE G 514 42.53 28.58 -11.37
C ILE G 514 43.59 28.80 -10.31
N ALA G 515 43.69 27.86 -9.38
CA ALA G 515 44.64 27.92 -8.27
C ALA G 515 45.43 26.61 -8.21
N PRO G 516 46.58 26.55 -8.87
CA PRO G 516 47.41 25.34 -8.84
C PRO G 516 48.20 25.26 -7.54
N VAL G 517 48.93 24.16 -7.39
CA VAL G 517 49.71 23.87 -6.19
C VAL G 517 51.18 23.77 -6.57
N LYS G 518 52.03 24.52 -5.86
CA LYS G 518 53.46 24.49 -6.11
C LYS G 518 54.10 23.23 -5.54
N PRO G 519 55.12 22.71 -6.19
CA PRO G 519 55.82 21.53 -5.66
C PRO G 519 56.76 21.89 -4.53
N ALA G 520 57.16 20.86 -3.78
CA ALA G 520 58.08 21.00 -2.66
C ALA G 520 59.47 20.59 -3.13
N GLU G 521 60.28 21.56 -3.54
CA GLU G 521 61.58 21.26 -4.10
C GLU G 521 62.58 20.81 -3.03
N PHE G 522 62.59 21.49 -1.88
CA PHE G 522 63.58 21.24 -0.84
C PHE G 522 62.89 20.67 0.40
N VAL G 523 63.49 19.61 0.95
CA VAL G 523 63.03 18.99 2.18
C VAL G 523 64.12 19.19 3.23
N ILE G 524 63.76 19.79 4.35
CA ILE G 524 64.72 20.17 5.39
C ILE G 524 64.36 19.45 6.67
N PHE G 525 65.35 18.79 7.27
CA PHE G 525 65.19 18.09 8.54
C PHE G 525 66.11 18.71 9.58
N ARG G 526 65.64 18.78 10.82
CA ARG G 526 66.41 19.32 11.92
C ARG G 526 66.44 18.31 13.06
N LEU G 527 67.63 17.86 13.43
CA LEU G 527 67.81 16.87 14.48
C LEU G 527 68.34 17.55 15.74
N ALA G 528 67.70 17.27 16.87
CA ALA G 528 68.09 17.83 18.16
C ALA G 528 68.48 16.69 19.09
N GLN G 529 69.65 16.83 19.73
CA GLN G 529 70.13 15.77 20.60
C GLN G 529 69.23 15.60 21.82
N PHE G 530 68.81 16.70 22.43
CA PHE G 530 68.01 16.63 23.64
C PHE G 530 66.56 16.28 23.33
N SER G 531 65.95 15.49 24.21
CA SER G 531 64.55 15.13 24.08
C SER G 531 63.97 14.72 25.43
N MET H 1 -7.78 33.56 -38.85
CA MET H 1 -7.67 32.18 -39.39
C MET H 1 -9.04 31.50 -39.24
N ILE H 2 -9.97 32.14 -38.52
CA ILE H 2 -11.34 31.58 -38.37
C ILE H 2 -12.00 31.57 -39.75
N HIS H 3 -11.88 32.67 -40.49
CA HIS H 3 -12.51 32.79 -41.84
C HIS H 3 -11.86 31.78 -42.80
N GLU H 4 -10.55 31.55 -42.66
CA GLU H 4 -9.87 30.53 -43.51
C GLU H 4 -10.55 29.16 -43.29
N VAL H 5 -10.77 28.79 -42.03
CA VAL H 5 -11.46 27.51 -41.71
C VAL H 5 -12.87 27.54 -42.30
N ASP H 6 -13.57 28.66 -42.13
CA ASP H 6 -14.95 28.79 -42.70
C ASP H 6 -14.90 28.47 -44.19
N GLU H 7 -14.05 29.18 -44.95
CA GLU H 7 -13.93 28.93 -46.38
C GLU H 7 -13.64 27.46 -46.65
N VAL H 8 -12.78 26.84 -45.85
CA VAL H 8 -12.48 25.42 -46.01
C VAL H 8 -13.74 24.59 -45.82
N LEU H 9 -14.52 24.90 -44.79
CA LEU H 9 -15.75 24.16 -44.54
C LEU H 9 -16.75 24.34 -45.69
N LYS H 10 -16.88 25.57 -46.18
CA LYS H 10 -17.80 25.81 -47.29
C LYS H 10 -17.38 25.05 -48.53
N ALA H 11 -16.09 25.07 -48.87
CA ALA H 11 -15.61 24.35 -50.03
C ALA H 11 -15.79 22.85 -49.87
N LEU H 12 -15.55 22.33 -48.66
CA LEU H 12 -15.71 20.90 -48.42
C LEU H 12 -17.17 20.49 -48.53
N LEU H 13 -18.08 21.30 -47.99
CA LEU H 13 -19.50 20.93 -48.03
C LEU H 13 -20.07 21.05 -49.44
N LYS H 14 -19.77 22.15 -50.14
CA LYS H 14 -20.28 22.29 -51.50
C LYS H 14 -19.63 21.30 -52.46
N GLY H 15 -18.33 21.06 -52.30
CA GLY H 15 -17.62 20.19 -53.21
C GLY H 15 -17.43 18.78 -52.70
N GLY H 16 -18.21 18.40 -51.69
CA GLY H 16 -18.10 17.06 -51.13
C GLY H 16 -18.97 16.04 -51.85
N ALA H 17 -19.72 15.26 -51.09
CA ALA H 17 -20.64 14.27 -51.66
C ALA H 17 -22.02 14.84 -51.96
N LEU H 18 -22.28 16.08 -51.59
CA LEU H 18 -23.57 16.72 -51.86
C LEU H 18 -23.51 17.55 -53.13
N THR H 19 -23.26 16.86 -54.25
CA THR H 19 -23.23 17.49 -55.56
C THR H 19 -24.51 17.27 -56.35
N ASP H 20 -25.48 16.54 -55.79
CA ASP H 20 -26.74 16.32 -56.49
C ASP H 20 -27.52 17.61 -56.66
N SER H 21 -27.53 18.45 -55.63
CA SER H 21 -28.26 19.72 -55.67
C SER H 21 -27.39 20.84 -55.12
N GLY H 22 -27.69 22.05 -55.55
CA GLY H 22 -26.94 23.21 -55.11
C GLY H 22 -27.35 23.69 -53.73
N ILE H 23 -26.97 22.93 -52.70
CA ILE H 23 -27.29 23.31 -51.33
C ILE H 23 -26.51 24.56 -50.94
N ASP H 24 -27.05 25.30 -49.98
CA ASP H 24 -26.46 26.56 -49.52
C ASP H 24 -25.95 26.39 -48.10
N VAL H 25 -24.70 26.75 -47.87
CA VAL H 25 -24.08 26.68 -46.55
C VAL H 25 -24.05 28.09 -45.98
N ALA H 26 -24.65 28.25 -44.80
CA ALA H 26 -24.76 29.55 -44.15
C ALA H 26 -24.19 29.47 -42.74
N PHE H 27 -23.53 30.55 -42.32
CA PHE H 27 -22.95 30.65 -40.99
C PHE H 27 -23.81 31.49 -40.04
N GLU H 28 -25.02 31.85 -40.45
CA GLU H 28 -25.89 32.65 -39.60
C GLU H 28 -26.36 31.85 -38.39
N ALA H 29 -26.66 32.57 -37.31
CA ALA H 29 -27.13 31.92 -36.09
C ALA H 29 -28.51 31.32 -36.33
N PRO H 30 -28.70 30.03 -36.06
CA PRO H 30 -30.00 29.37 -36.32
C PRO H 30 -31.04 29.68 -35.26
N THR H 31 -31.41 30.95 -35.15
CA THR H 31 -32.46 31.36 -34.23
C THR H 31 -33.83 31.13 -34.85
N ARG H 32 -34.88 31.38 -34.07
CA ARG H 32 -36.23 31.23 -34.58
C ARG H 32 -36.51 32.21 -35.72
N ASP H 33 -36.04 33.45 -35.58
CA ASP H 33 -36.23 34.44 -36.64
C ASP H 33 -35.52 34.03 -37.91
N TRP H 34 -34.29 33.52 -37.80
CA TRP H 34 -33.57 33.04 -38.98
C TRP H 34 -34.26 31.83 -39.59
N ALA H 35 -34.75 30.92 -38.75
CA ALA H 35 -35.40 29.71 -39.25
C ALA H 35 -36.76 30.00 -39.88
N ALA H 36 -37.40 31.11 -39.52
CA ALA H 36 -38.71 31.43 -40.05
C ALA H 36 -38.67 32.15 -41.38
N ARG H 37 -37.49 32.42 -41.93
CA ARG H 37 -37.36 33.13 -43.20
C ARG H 37 -36.80 32.27 -44.32
N ARG H 38 -36.03 31.24 -44.02
CA ARG H 38 -35.43 30.40 -45.05
C ARG H 38 -36.52 29.61 -45.77
N ASN H 39 -36.34 29.45 -47.09
CA ASN H 39 -37.29 28.72 -47.92
C ASN H 39 -36.63 27.67 -48.80
N ALA H 40 -35.36 27.34 -48.56
CA ALA H 40 -34.64 26.34 -49.33
C ALA H 40 -33.86 25.45 -48.39
N PRO H 41 -33.59 24.20 -48.78
CA PRO H 41 -32.77 23.33 -47.93
C PRO H 41 -31.36 23.88 -47.80
N VAL H 42 -30.94 24.11 -46.55
CA VAL H 42 -29.67 24.75 -46.27
C VAL H 42 -28.93 23.96 -45.20
N VAL H 43 -27.65 24.27 -45.06
CA VAL H 43 -26.80 23.69 -44.02
C VAL H 43 -26.21 24.83 -43.22
N ASN H 44 -26.51 24.87 -41.93
CA ASN H 44 -26.02 25.90 -41.02
C ASN H 44 -24.79 25.41 -40.31
N ALA H 45 -23.74 26.24 -40.27
CA ALA H 45 -22.44 25.90 -39.72
C ALA H 45 -22.03 26.94 -38.68
N TYR H 46 -22.93 27.20 -37.73
CA TYR H 46 -22.77 28.34 -36.83
C TYR H 46 -21.59 28.15 -35.88
N LEU H 47 -20.69 29.13 -35.85
CA LEU H 47 -19.59 29.10 -34.89
C LEU H 47 -20.14 29.29 -33.47
N TYR H 48 -19.73 28.42 -32.55
CA TYR H 48 -20.27 28.39 -31.21
C TYR H 48 -19.33 28.98 -30.17
N ASP H 49 -18.09 28.51 -30.09
CA ASP H 49 -17.15 29.04 -29.11
C ASP H 49 -15.73 28.79 -29.57
N ILE H 50 -14.80 29.53 -28.98
CA ILE H 50 -13.37 29.42 -29.27
C ILE H 50 -12.66 29.06 -27.97
N ARG H 51 -11.88 27.98 -28.00
CA ARG H 51 -11.12 27.54 -26.84
C ARG H 51 -9.71 27.17 -27.29
N GLU H 52 -8.77 27.25 -26.36
CA GLU H 52 -7.38 26.93 -26.64
C GLU H 52 -7.08 25.49 -26.25
N ASP H 53 -6.44 24.76 -27.15
CA ASP H 53 -6.05 23.37 -26.90
C ASP H 53 -4.78 23.39 -26.04
N VAL H 54 -4.98 23.46 -24.72
CA VAL H 54 -3.86 23.52 -23.81
C VAL H 54 -3.07 22.20 -23.78
N GLY H 55 -3.68 21.10 -24.22
CA GLY H 55 -2.97 19.83 -24.23
C GLY H 55 -1.98 19.66 -25.36
N ARG H 56 -2.03 20.52 -26.38
CA ARG H 56 -1.11 20.46 -27.50
C ARG H 56 -0.17 21.66 -27.55
N ARG H 57 -0.04 22.39 -26.45
CA ARG H 57 0.82 23.55 -26.41
C ARG H 57 2.26 23.14 -26.10
N HIS H 58 3.21 23.71 -26.84
CA HIS H 58 4.63 23.45 -26.66
C HIS H 58 5.36 24.76 -26.44
N ARG H 59 6.29 24.76 -25.48
CA ARG H 59 7.07 25.94 -25.16
C ARG H 59 8.54 25.68 -25.44
N GLY H 60 9.19 26.60 -26.15
CA GLY H 60 10.59 26.47 -26.48
C GLY H 60 11.05 27.49 -27.49
N GLN H 61 12.37 27.71 -27.57
CA GLN H 61 12.94 28.68 -28.50
C GLN H 61 13.27 27.97 -29.81
N VAL H 62 12.32 27.99 -30.74
CA VAL H 62 12.52 27.35 -32.03
C VAL H 62 13.45 28.21 -32.88
N ALA H 63 14.50 27.59 -33.42
CA ALA H 63 15.50 28.29 -34.22
C ALA H 63 15.03 28.38 -35.67
N VAL H 64 15.13 29.57 -36.25
CA VAL H 64 14.79 29.81 -37.65
C VAL H 64 16.04 30.31 -38.36
N ARG H 65 16.43 29.62 -39.42
CA ARG H 65 17.68 29.87 -40.13
C ARG H 65 17.40 30.25 -41.58
N ASP H 66 18.32 31.02 -42.15
CA ASP H 66 18.23 31.44 -43.53
C ASP H 66 18.94 30.42 -44.43
N GLN H 67 19.16 30.78 -45.69
CA GLN H 67 19.81 29.89 -46.65
C GLN H 67 21.26 29.62 -46.33
N ASP H 68 21.88 30.38 -45.42
CA ASP H 68 23.27 30.21 -45.07
C ASP H 68 23.49 29.16 -43.98
N ASP H 69 22.45 28.40 -43.63
CA ASP H 69 22.52 27.37 -42.59
C ASP H 69 22.97 27.95 -41.26
N ILE H 70 22.59 29.20 -40.99
CA ILE H 70 22.84 29.86 -39.72
C ILE H 70 21.52 30.42 -39.19
N VAL H 71 21.26 30.20 -37.91
CA VAL H 71 20.00 30.64 -37.33
C VAL H 71 20.03 32.16 -37.15
N VAL H 72 18.94 32.81 -37.58
CA VAL H 72 18.82 34.26 -37.46
C VAL H 72 17.61 34.69 -36.67
N LYS H 73 16.68 33.79 -36.34
CA LYS H 73 15.50 34.17 -35.57
C LYS H 73 15.21 33.12 -34.52
N ARG H 74 14.58 33.55 -33.43
CA ARG H 74 14.14 32.67 -32.36
C ARG H 74 12.65 32.91 -32.15
N ARG H 75 11.84 31.90 -32.44
CA ARG H 75 10.38 32.01 -32.34
C ARG H 75 9.86 31.02 -31.31
N GLN H 76 8.53 30.93 -31.22
CA GLN H 76 7.89 30.02 -30.30
C GLN H 76 6.92 29.12 -31.04
N PRO H 77 6.69 27.90 -30.56
CA PRO H 77 5.75 27.00 -31.25
C PRO H 77 4.36 27.59 -31.24
N PRO H 78 3.59 27.35 -32.30
CA PRO H 78 2.23 27.90 -32.37
C PRO H 78 1.32 27.24 -31.35
N ARG H 79 0.31 27.99 -30.92
CA ARG H 79 -0.70 27.49 -29.99
C ARG H 79 -1.95 27.09 -30.76
N TRP H 80 -2.51 25.95 -30.41
CA TRP H 80 -3.65 25.40 -31.14
C TRP H 80 -4.95 25.82 -30.45
N PHE H 81 -5.89 26.33 -31.26
CA PHE H 81 -7.18 26.78 -30.77
C PHE H 81 -8.28 25.89 -31.34
N ARG H 82 -9.21 25.49 -30.48
CA ARG H 82 -10.32 24.62 -30.86
C ARG H 82 -11.53 25.48 -31.20
N LEU H 83 -11.94 25.44 -32.47
CA LEU H 83 -13.13 26.13 -32.93
C LEU H 83 -14.26 25.13 -33.10
N SER H 84 -15.41 25.41 -32.49
CA SER H 84 -16.56 24.53 -32.50
C SER H 84 -17.63 25.09 -33.41
N TYR H 85 -18.18 24.23 -34.27
CA TYR H 85 -19.26 24.59 -35.18
C TYR H 85 -20.45 23.70 -34.90
N LEU H 86 -21.61 24.32 -34.72
CA LEU H 86 -22.89 23.61 -34.66
C LEU H 86 -23.38 23.50 -36.10
N VAL H 87 -23.48 22.26 -36.60
CA VAL H 87 -23.85 21.97 -37.97
C VAL H 87 -25.26 21.37 -37.96
N THR H 88 -26.17 21.99 -38.71
CA THR H 88 -27.54 21.53 -38.79
C THR H 88 -27.99 21.55 -40.25
N ALA H 89 -28.98 20.71 -40.55
CA ALA H 89 -29.58 20.65 -41.87
C ALA H 89 -31.03 21.08 -41.79
N TRP H 90 -31.42 22.04 -42.63
CA TRP H 90 -32.77 22.59 -42.62
C TRP H 90 -33.45 22.28 -43.95
N THR H 91 -34.58 21.57 -43.86
CA THR H 91 -35.38 21.20 -45.02
C THR H 91 -36.82 21.03 -44.54
N LYS H 92 -37.77 21.19 -45.47
CA LYS H 92 -39.18 21.15 -45.09
C LYS H 92 -39.59 19.81 -44.50
N THR H 93 -39.16 18.71 -45.11
CA THR H 93 -39.56 17.39 -44.67
C THR H 93 -38.54 16.81 -43.70
N PRO H 94 -38.98 16.29 -42.55
CA PRO H 94 -38.01 15.75 -41.57
C PRO H 94 -37.15 14.61 -42.12
N GLN H 95 -37.73 13.74 -42.97
CA GLN H 95 -36.92 12.68 -43.54
C GLN H 95 -35.87 13.24 -44.49
N ASP H 96 -36.21 14.31 -45.22
CA ASP H 96 -35.21 14.99 -46.03
C ASP H 96 -34.13 15.61 -45.18
N GLU H 97 -34.50 16.15 -44.01
CA GLU H 97 -33.50 16.66 -43.08
C GLU H 97 -32.55 15.55 -42.61
N HIS H 98 -33.12 14.38 -42.30
CA HIS H 98 -32.29 13.25 -41.88
C HIS H 98 -31.36 12.81 -43.00
N ARG H 99 -31.87 12.78 -44.24
CA ARG H 99 -31.03 12.42 -45.37
C ARG H 99 -29.89 13.42 -45.57
N LEU H 100 -30.20 14.72 -45.43
CA LEU H 100 -29.17 15.74 -45.57
C LEU H 100 -28.13 15.61 -44.46
N LEU H 101 -28.55 15.34 -43.23
CA LEU H 101 -27.61 15.13 -42.14
C LEU H 101 -26.73 13.91 -42.39
N SER H 102 -27.32 12.84 -42.91
CA SER H 102 -26.53 11.65 -43.24
C SER H 102 -25.51 11.96 -44.34
N ALA H 103 -25.91 12.74 -45.34
CA ALA H 103 -24.97 13.13 -46.39
C ALA H 103 -23.82 13.97 -45.83
N VAL H 104 -24.14 14.90 -44.92
CA VAL H 104 -23.10 15.71 -44.30
C VAL H 104 -22.15 14.82 -43.49
N LEU H 105 -22.70 13.87 -42.75
CA LEU H 105 -21.86 12.94 -42.00
C LEU H 105 -20.95 12.14 -42.94
N ALA H 106 -21.49 11.67 -44.06
CA ALA H 106 -20.70 10.90 -45.01
C ALA H 106 -19.60 11.74 -45.62
N THR H 107 -19.88 13.02 -45.90
CA THR H 107 -18.88 13.88 -46.53
C THR H 107 -17.87 14.45 -45.55
N LEU H 108 -18.16 14.41 -44.24
CA LEU H 108 -17.23 14.94 -43.25
C LEU H 108 -16.47 13.86 -42.50
N LEU H 109 -16.94 12.61 -42.51
CA LEU H 109 -16.26 11.55 -41.77
C LEU H 109 -14.86 11.24 -42.28
N PRO H 110 -14.61 11.04 -43.57
CA PRO H 110 -13.28 10.56 -44.00
C PRO H 110 -12.15 11.55 -43.80
N ARG H 111 -12.44 12.80 -43.45
CA ARG H 111 -11.40 13.82 -43.30
C ARG H 111 -11.09 14.00 -41.81
N GLU H 112 -10.13 13.20 -41.32
CA GLU H 112 -9.69 13.34 -39.94
C GLU H 112 -8.85 14.60 -39.77
N GLN H 113 -7.93 14.85 -40.69
CA GLN H 113 -7.13 16.07 -40.68
C GLN H 113 -7.23 16.78 -42.01
N LEU H 114 -6.42 17.81 -42.21
CA LEU H 114 -6.41 18.55 -43.46
C LEU H 114 -4.99 18.75 -43.97
N PRO H 115 -4.72 18.40 -45.21
CA PRO H 115 -3.39 18.62 -45.76
C PRO H 115 -3.09 20.10 -45.92
N PRO H 116 -1.85 20.51 -45.70
CA PRO H 116 -1.53 21.95 -45.80
C PRO H 116 -1.75 22.54 -47.18
N TYR H 117 -1.56 21.77 -48.25
CA TYR H 117 -1.64 22.34 -49.59
C TYR H 117 -3.06 22.69 -49.99
N GLU H 118 -4.06 21.96 -49.51
CA GLU H 118 -5.45 22.27 -49.83
C GLU H 118 -5.98 23.47 -49.06
N LEU H 119 -5.27 23.93 -48.04
CA LEU H 119 -5.70 25.06 -47.24
C LEU H 119 -5.42 26.38 -47.97
N PRO H 120 -6.11 27.45 -47.58
CA PRO H 120 -5.83 28.77 -48.18
C PRO H 120 -4.44 29.27 -47.82
N GLY H 121 -4.08 30.45 -48.34
CA GLY H 121 -2.72 30.95 -48.16
C GLY H 121 -2.37 31.21 -46.71
N ALA H 122 -3.27 31.89 -45.99
CA ALA H 122 -3.00 32.24 -44.60
C ALA H 122 -2.89 30.99 -43.73
N LEU H 123 -3.78 30.02 -43.93
CA LEU H 123 -3.71 28.78 -43.16
C LEU H 123 -2.61 27.88 -43.67
N GLY H 124 -2.39 27.85 -44.99
CA GLY H 124 -1.37 26.99 -45.57
C GLY H 124 0.06 27.48 -45.37
N ALA H 125 0.23 28.72 -44.92
CA ALA H 125 1.58 29.23 -44.68
C ALA H 125 2.25 28.50 -43.52
N MET H 126 1.46 27.97 -42.58
CA MET H 126 2.03 27.25 -41.45
C MET H 126 2.55 25.87 -41.84
N ASN H 127 2.01 25.28 -42.90
CA ASN H 127 2.40 23.95 -43.37
C ASN H 127 2.27 22.91 -42.26
N LEU H 128 1.17 22.99 -41.51
CA LEU H 128 0.88 22.08 -40.43
C LEU H 128 -0.50 21.45 -40.63
N PRO H 129 -0.67 20.20 -40.20
CA PRO H 129 -1.99 19.57 -40.32
C PRO H 129 -3.00 20.23 -39.40
N VAL H 130 -4.25 20.21 -39.83
CA VAL H 130 -5.36 20.80 -39.10
C VAL H 130 -6.35 19.69 -38.77
N PRO H 131 -6.34 19.18 -37.53
CA PRO H 131 -7.27 18.11 -37.16
C PRO H 131 -8.72 18.56 -37.27
N MET H 132 -9.59 17.62 -37.67
CA MET H 132 -11.02 17.87 -37.79
C MET H 132 -11.76 16.70 -37.18
N THR H 133 -12.59 16.98 -36.17
CA THR H 133 -13.36 15.95 -35.47
C THR H 133 -14.84 16.20 -35.67
N VAL H 134 -15.58 15.16 -36.03
CA VAL H 134 -17.01 15.25 -36.27
C VAL H 134 -17.73 14.45 -35.18
N ALA H 135 -18.58 15.15 -34.41
CA ALA H 135 -19.39 14.53 -33.37
C ALA H 135 -18.55 13.70 -32.41
N GLY H 136 -17.40 14.25 -32.03
CA GLY H 136 -16.51 13.51 -31.13
C GLY H 136 -17.13 13.23 -29.78
N VAL H 137 -17.83 14.22 -29.22
CA VAL H 137 -18.48 14.06 -27.93
C VAL H 137 -19.60 15.08 -27.77
N SER H 143 -25.74 19.00 -22.64
CA SER H 143 -25.16 20.32 -22.70
C SER H 143 -25.63 21.08 -23.93
N LEU H 144 -26.01 20.33 -24.98
CA LEU H 144 -26.49 20.95 -26.20
C LEU H 144 -27.79 21.70 -25.99
N ALA H 145 -28.61 21.25 -25.03
CA ALA H 145 -29.86 21.96 -24.74
C ALA H 145 -29.60 23.37 -24.24
N GLU H 146 -28.61 23.53 -23.35
CA GLU H 146 -28.29 24.86 -22.85
C GLU H 146 -27.73 25.74 -23.97
N ILE H 147 -26.90 25.16 -24.85
CA ILE H 147 -26.35 25.92 -25.97
C ILE H 147 -27.47 26.40 -26.88
N TRP H 148 -28.42 25.53 -27.19
CA TRP H 148 -29.54 25.91 -28.05
C TRP H 148 -30.42 26.96 -27.38
N SER H 149 -30.64 26.83 -26.07
CA SER H 149 -31.46 27.81 -25.35
C SER H 149 -30.79 29.17 -25.34
N ALA H 150 -29.48 29.22 -25.08
CA ALA H 150 -28.78 30.50 -25.10
C ALA H 150 -28.66 31.06 -26.51
N LEU H 151 -28.54 30.19 -27.52
CA LEU H 151 -28.51 30.66 -28.90
C LEU H 151 -29.84 31.31 -29.28
N GLY H 152 -30.94 30.82 -28.73
CA GLY H 152 -32.26 31.34 -29.02
C GLY H 152 -33.11 30.44 -29.88
N GLY H 153 -32.54 29.40 -30.48
CA GLY H 153 -33.28 28.49 -31.33
C GLY H 153 -33.91 27.35 -30.54
N GLU H 154 -34.32 26.32 -31.28
CA GLU H 154 -34.96 25.15 -30.71
C GLU H 154 -34.08 23.94 -30.94
N LEU H 155 -34.18 22.96 -30.03
CA LEU H 155 -33.33 21.78 -30.09
C LEU H 155 -33.53 21.01 -31.38
N LYS H 156 -32.42 20.69 -32.04
CA LYS H 156 -32.42 19.93 -33.28
C LYS H 156 -31.18 19.04 -33.28
N PRO H 157 -31.20 17.93 -34.01
CA PRO H 157 -29.98 17.15 -34.19
C PRO H 157 -28.90 18.00 -34.83
N SER H 158 -27.67 17.86 -34.34
CA SER H 158 -26.59 18.75 -34.77
C SER H 158 -25.26 18.02 -34.68
N LEU H 159 -24.27 18.57 -35.38
CA LEU H 159 -22.91 18.07 -35.40
C LEU H 159 -22.02 19.07 -34.68
N ASP H 160 -21.17 18.57 -33.78
CA ASP H 160 -20.20 19.39 -33.07
C ASP H 160 -18.86 19.27 -33.77
N LEU H 161 -18.69 20.05 -34.83
CA LEU H 161 -17.49 19.99 -35.65
C LEU H 161 -16.37 20.78 -34.97
N VAL H 162 -15.29 20.09 -34.60
CA VAL H 162 -14.17 20.70 -33.89
C VAL H 162 -12.99 20.80 -34.85
N VAL H 163 -12.46 22.01 -35.01
CA VAL H 163 -11.33 22.27 -35.90
C VAL H 163 -10.22 22.89 -35.07
N THR H 164 -9.01 22.34 -35.20
CA THR H 164 -7.85 22.78 -34.42
C THR H 164 -6.99 23.68 -35.29
N ALA H 165 -7.13 24.99 -35.12
CA ALA H 165 -6.39 25.96 -35.91
C ALA H 165 -5.10 26.36 -35.19
N PRO H 166 -3.94 26.22 -35.82
CA PRO H 166 -2.70 26.68 -35.19
C PRO H 166 -2.44 28.16 -35.38
N PHE H 167 -2.55 28.95 -34.31
CA PHE H 167 -2.21 30.35 -34.35
C PHE H 167 -0.75 30.51 -33.93
N PRO H 168 0.11 31.09 -34.77
CA PRO H 168 1.53 31.24 -34.40
C PRO H 168 1.72 32.36 -33.41
N ALA H 169 2.21 32.01 -32.21
CA ALA H 169 2.58 33.01 -31.20
C ALA H 169 4.06 33.34 -31.35
N TYR H 170 4.37 33.94 -32.50
CA TYR H 170 5.76 34.22 -32.87
C TYR H 170 6.19 35.54 -32.27
N PRO H 171 7.18 35.58 -31.37
CA PRO H 171 7.69 36.86 -30.89
C PRO H 171 8.75 37.47 -31.80
N GLU H 172 9.28 36.70 -32.75
CA GLU H 172 10.27 37.19 -33.71
C GLU H 172 11.51 37.75 -33.02
N TYR H 173 11.92 37.09 -31.93
CA TYR H 173 13.13 37.52 -31.25
C TYR H 173 14.36 37.24 -32.10
N ASP H 174 15.26 38.21 -32.17
CA ASP H 174 16.45 38.12 -33.01
C ASP H 174 17.62 37.52 -32.21
N ALA H 175 18.55 36.93 -32.96
CA ALA H 175 19.75 36.33 -32.39
C ALA H 175 20.97 37.14 -32.78
N GLY H 176 22.07 36.91 -32.06
CA GLY H 176 23.30 37.63 -32.28
C GLY H 176 23.99 37.24 -33.57
N PRO H 177 25.00 38.02 -33.97
CA PRO H 177 25.71 37.69 -35.20
C PRO H 177 26.51 36.41 -35.04
N PRO H 178 26.72 35.67 -36.12
CA PRO H 178 27.48 34.40 -36.01
C PRO H 178 28.93 34.66 -35.65
N VAL H 179 29.51 33.68 -34.95
CA VAL H 179 30.91 33.75 -34.53
C VAL H 179 31.78 33.19 -35.66
N THR H 180 32.64 34.05 -36.21
CA THR H 180 33.50 33.65 -37.32
C THR H 180 34.96 33.48 -36.92
N GLU H 181 35.42 34.19 -35.89
CA GLU H 181 36.81 34.09 -35.44
C GLU H 181 37.01 32.99 -34.41
N GLY H 182 35.98 32.22 -34.08
CA GLY H 182 36.12 31.19 -33.07
C GLY H 182 36.05 31.77 -31.66
N ALA H 183 36.51 30.96 -30.72
CA ALA H 183 36.49 31.32 -29.30
C ALA H 183 37.90 31.54 -28.78
N THR H 184 38.05 32.54 -27.93
CA THR H 184 39.31 32.81 -27.25
C THR H 184 39.13 32.61 -25.76
N VAL H 185 40.11 31.97 -25.13
CA VAL H 185 40.06 31.63 -23.72
C VAL H 185 41.22 32.30 -23.00
N ARG H 186 40.91 33.05 -21.94
CA ARG H 186 41.92 33.71 -21.12
C ARG H 186 42.02 32.97 -19.79
N ILE H 187 43.25 32.62 -19.41
CA ILE H 187 43.48 31.82 -18.22
C ILE H 187 44.42 32.57 -17.28
N GLY H 188 44.33 32.25 -16.00
CA GLY H 188 45.15 32.92 -15.01
C GLY H 188 44.85 32.40 -13.62
N GLY H 189 45.23 33.18 -12.62
CA GLY H 189 45.01 32.81 -11.24
C GLY H 189 43.72 33.41 -10.70
N VAL H 190 43.05 32.65 -9.83
CA VAL H 190 41.79 33.10 -9.25
C VAL H 190 42.01 34.33 -8.37
N GLU H 191 43.08 34.33 -7.58
CA GLU H 191 43.40 35.45 -6.71
C GLU H 191 44.18 36.54 -7.42
N GLY H 192 44.53 36.34 -8.69
CA GLY H 192 45.23 37.35 -9.45
C GLY H 192 46.73 37.37 -9.30
N ASP H 193 47.32 36.37 -8.64
CA ASP H 193 48.77 36.34 -8.50
C ASP H 193 49.47 36.27 -9.87
N PRO H 194 49.10 35.38 -10.79
CA PRO H 194 49.61 35.50 -12.16
C PRO H 194 48.69 36.37 -12.99
N PRO H 195 49.22 37.34 -13.71
CA PRO H 195 48.37 38.20 -14.55
C PRO H 195 47.66 37.40 -15.63
N MET H 196 46.44 37.81 -15.93
CA MET H 196 45.64 37.13 -16.95
C MET H 196 46.27 37.34 -18.32
N SER H 197 46.32 36.27 -19.11
CA SER H 197 46.91 36.32 -20.44
C SER H 197 45.85 36.47 -21.52
N GLU H 198 46.30 36.83 -22.72
CA GLU H 198 45.38 36.90 -23.85
C GLU H 198 44.83 35.53 -24.21
N GLY H 199 45.67 34.50 -24.16
CA GLY H 199 45.23 33.14 -24.33
C GLY H 199 45.03 32.69 -25.76
N ARG H 200 45.24 33.56 -26.74
CA ARG H 200 45.07 33.23 -28.16
C ARG H 200 43.66 32.75 -28.46
N SER H 201 43.46 32.17 -29.62
CA SER H 201 42.13 31.74 -30.05
C SER H 201 42.27 30.51 -30.94
N HIS H 202 41.20 30.16 -31.62
CA HIS H 202 41.19 29.00 -32.50
C HIS H 202 42.13 29.21 -33.68
N ARG H 203 42.84 28.15 -34.05
CA ARG H 203 43.71 28.21 -35.22
C ARG H 203 42.88 28.28 -36.49
N PRO H 204 43.42 28.92 -37.55
CA PRO H 204 42.64 29.03 -38.80
C PRO H 204 42.24 27.68 -39.38
N HIS H 205 43.10 26.66 -39.28
CA HIS H 205 42.75 25.35 -39.82
C HIS H 205 41.62 24.71 -39.03
N GLN H 206 41.57 24.92 -37.72
CA GLN H 206 40.46 24.40 -36.92
C GLN H 206 39.14 25.07 -37.32
N VAL H 207 39.17 26.38 -37.53
CA VAL H 207 37.97 27.09 -37.97
C VAL H 207 37.52 26.61 -39.33
N ALA H 208 38.47 26.42 -40.25
CA ALA H 208 38.14 25.91 -41.58
C ALA H 208 37.54 24.51 -41.51
N ALA H 209 38.11 23.65 -40.67
CA ALA H 209 37.58 22.30 -40.52
C ALA H 209 36.17 22.32 -39.94
N ALA H 210 35.94 23.17 -38.94
CA ALA H 210 34.61 23.28 -38.35
C ALA H 210 33.60 23.79 -39.39
N ARG H 211 34.00 24.77 -40.20
CA ARG H 211 33.11 25.26 -41.24
C ARG H 211 32.81 24.19 -42.29
N ALA H 212 33.82 23.42 -42.67
CA ALA H 212 33.62 22.39 -43.69
C ALA H 212 32.79 21.23 -43.16
N ALA H 213 32.88 20.93 -41.86
CA ALA H 213 32.12 19.82 -41.29
C ALA H 213 30.63 20.11 -41.21
N ARG H 214 30.20 21.35 -41.44
CA ARG H 214 28.78 21.67 -41.40
C ARG H 214 28.02 20.92 -42.49
N LYS H 215 28.58 20.83 -43.70
CA LYS H 215 27.92 20.14 -44.80
C LYS H 215 27.83 18.65 -44.55
N ALA I 15 3.60 -24.67 -42.64
CA ALA I 15 4.55 -23.94 -41.82
C ALA I 15 5.26 -22.85 -42.62
N SER I 16 4.99 -22.83 -43.93
CA SER I 16 5.60 -21.86 -44.83
C SER I 16 4.80 -20.57 -44.96
N GLY I 17 3.65 -20.47 -44.29
CA GLY I 17 2.83 -19.28 -44.39
C GLY I 17 2.82 -18.43 -43.14
N SER I 18 3.43 -18.94 -42.06
CA SER I 18 3.45 -18.20 -40.80
C SER I 18 4.80 -18.18 -40.10
N ARG I 19 5.76 -19.01 -40.49
CA ARG I 19 7.01 -18.97 -39.73
C ARG I 19 7.94 -17.90 -40.29
N PRO I 20 8.65 -17.19 -39.43
CA PRO I 20 9.63 -16.19 -39.88
C PRO I 20 10.88 -16.87 -40.40
N ILE I 21 11.87 -16.04 -40.77
CA ILE I 21 13.12 -16.56 -41.31
C ILE I 21 13.91 -17.23 -40.19
N GLU I 22 14.31 -18.48 -40.42
CA GLU I 22 15.05 -19.25 -39.43
C GLU I 22 16.25 -19.92 -40.12
N GLY I 23 17.29 -20.18 -39.33
CA GLY I 23 18.46 -20.83 -39.87
C GLY I 23 18.19 -22.29 -40.18
N VAL I 24 18.95 -22.81 -41.14
CA VAL I 24 18.85 -24.22 -41.53
C VAL I 24 19.76 -25.03 -40.62
N THR I 31 20.19 -28.31 -40.48
CA THR I 31 20.60 -29.60 -41.00
C THR I 31 21.37 -29.42 -42.29
N SER I 32 22.29 -30.35 -42.56
CA SER I 32 23.10 -30.34 -43.76
C SER I 32 22.99 -31.71 -44.43
N VAL I 33 22.42 -31.75 -45.63
CA VAL I 33 22.10 -32.99 -46.32
C VAL I 33 23.03 -33.13 -47.53
N ALA I 34 23.68 -34.28 -47.64
CA ALA I 34 24.59 -34.57 -48.74
C ALA I 34 23.94 -35.53 -49.72
N ALA I 35 24.06 -35.23 -51.01
CA ALA I 35 23.49 -36.05 -52.07
C ALA I 35 24.61 -36.88 -52.70
N PHE I 36 24.42 -38.20 -52.73
CA PHE I 36 25.40 -39.12 -53.28
C PHE I 36 24.85 -39.77 -54.54
N VAL I 37 25.61 -39.70 -55.62
CA VAL I 37 25.23 -40.30 -56.90
C VAL I 37 26.27 -41.37 -57.23
N GLY I 38 25.81 -42.57 -57.51
CA GLY I 38 26.72 -43.66 -57.82
C GLY I 38 25.96 -44.95 -58.09
N LEU I 39 26.73 -46.03 -58.15
CA LEU I 39 26.21 -47.35 -58.47
C LEU I 39 26.13 -48.19 -57.19
N ALA I 40 25.01 -48.88 -57.00
CA ALA I 40 24.81 -49.72 -55.82
C ALA I 40 23.87 -50.85 -56.17
N PRO I 41 24.07 -52.03 -55.61
CA PRO I 41 23.14 -53.15 -55.87
C PRO I 41 21.77 -52.87 -55.28
N THR I 42 20.75 -53.42 -55.97
CA THR I 42 19.35 -53.26 -55.58
C THR I 42 18.96 -51.80 -55.40
N GLY I 43 17.80 -51.56 -54.78
CA GLY I 43 17.34 -50.22 -54.53
C GLY I 43 16.73 -49.58 -55.75
N PRO I 44 16.13 -48.40 -55.57
CA PRO I 44 15.51 -47.70 -56.70
C PRO I 44 16.57 -47.16 -57.67
N LEU I 45 16.13 -46.92 -58.89
CA LEU I 45 17.00 -46.41 -59.95
C LEU I 45 16.60 -44.98 -60.28
N ASN I 46 17.58 -44.06 -60.24
CA ASN I 46 17.38 -42.65 -60.56
C ASN I 46 16.30 -42.02 -59.67
N GLU I 47 16.17 -42.50 -58.45
CA GLU I 47 15.19 -41.97 -57.51
C GLU I 47 15.90 -41.52 -56.23
N PRO I 48 15.92 -40.22 -55.93
CA PRO I 48 16.58 -39.76 -54.69
C PRO I 48 15.87 -40.27 -53.45
N THR I 49 16.55 -41.11 -52.68
CA THR I 49 16.01 -41.70 -51.47
C THR I 49 16.64 -41.03 -50.27
N LEU I 50 15.81 -40.55 -49.34
CA LEU I 50 16.29 -39.90 -48.12
C LEU I 50 16.66 -40.99 -47.11
N VAL I 51 17.95 -41.07 -46.78
CA VAL I 51 18.46 -42.04 -45.82
C VAL I 51 19.10 -41.26 -44.69
N THR I 52 18.66 -41.54 -43.45
CA THR I 52 19.14 -40.83 -42.28
C THR I 52 19.96 -41.71 -41.35
N ASN I 53 20.24 -42.96 -41.73
CA ASN I 53 21.02 -43.86 -40.89
C ASN I 53 21.61 -44.96 -41.78
N TRP I 54 22.70 -45.55 -41.28
CA TRP I 54 23.33 -46.65 -42.01
C TRP I 54 22.39 -47.85 -42.10
N THR I 55 21.66 -48.14 -41.02
CA THR I 55 20.71 -49.23 -41.03
C THR I 55 19.63 -49.01 -42.07
N GLN I 56 19.14 -47.78 -42.19
CA GLN I 56 18.18 -47.47 -43.25
C GLN I 56 18.80 -47.66 -44.63
N TYR I 57 20.07 -47.31 -44.78
CA TYR I 57 20.74 -47.48 -46.07
C TYR I 57 20.83 -48.96 -46.46
N VAL I 58 21.21 -49.82 -45.51
CA VAL I 58 21.32 -51.24 -45.86
C VAL I 58 19.94 -51.86 -46.01
N ALA I 59 18.93 -51.29 -45.34
CA ALA I 59 17.56 -51.78 -45.52
C ALA I 59 17.01 -51.42 -46.90
N ALA I 60 17.38 -50.24 -47.41
CA ALA I 60 16.91 -49.81 -48.72
C ALA I 60 17.87 -50.23 -49.83
N PHE I 61 19.13 -49.79 -49.74
CA PHE I 61 20.14 -50.10 -50.73
C PHE I 61 20.95 -51.31 -50.29
N GLY I 62 22.01 -51.60 -51.05
CA GLY I 62 22.84 -52.74 -50.75
C GLY I 62 24.00 -52.40 -49.85
N ASP I 63 24.46 -53.40 -49.10
CA ASP I 63 25.60 -53.27 -48.20
C ASP I 63 26.89 -53.41 -49.02
N PHE I 64 28.00 -53.68 -48.34
CA PHE I 64 29.26 -53.90 -49.01
C PHE I 64 29.29 -55.26 -49.70
N THR I 65 28.79 -55.32 -50.94
CA THR I 65 28.80 -56.58 -51.68
C THR I 65 29.26 -56.43 -53.13
N GLY I 66 29.57 -55.21 -53.58
CA GLY I 66 30.04 -55.01 -54.93
C GLY I 66 31.24 -54.07 -54.96
N GLY I 67 31.90 -54.04 -56.11
CA GLY I 67 33.04 -53.16 -56.29
C GLY I 67 32.65 -51.73 -56.56
N TYR I 68 31.96 -51.10 -55.62
CA TYR I 68 31.49 -49.73 -55.76
C TYR I 68 31.88 -48.93 -54.52
N TYR I 69 32.16 -47.65 -54.74
CA TYR I 69 32.55 -46.75 -53.66
C TYR I 69 31.37 -46.05 -53.00
N LEU I 70 30.16 -46.23 -53.54
CA LEU I 70 29.00 -45.55 -52.97
C LEU I 70 28.74 -46.02 -51.54
N ALA I 71 28.81 -47.34 -51.31
CA ALA I 71 28.61 -47.84 -49.95
C ALA I 71 29.70 -47.34 -49.01
N HIS I 72 30.94 -47.33 -49.47
CA HIS I 72 32.04 -46.82 -48.65
C HIS I 72 31.84 -45.34 -48.34
N SER I 73 31.43 -44.55 -49.35
CA SER I 73 31.22 -43.13 -49.13
C SER I 73 30.09 -42.88 -48.13
N VAL I 74 28.99 -43.62 -48.25
CA VAL I 74 27.88 -43.43 -47.33
C VAL I 74 28.28 -43.86 -45.92
N TYR I 75 29.01 -44.96 -45.79
CA TYR I 75 29.47 -45.41 -44.48
C TYR I 75 30.39 -44.39 -43.84
N GLY I 76 31.29 -43.80 -44.63
CA GLY I 76 32.16 -42.77 -44.10
C GLY I 76 31.40 -41.51 -43.72
N PHE I 77 30.40 -41.13 -44.52
CA PHE I 77 29.60 -39.95 -44.22
C PHE I 77 28.84 -40.12 -42.91
N PHE I 78 28.26 -41.30 -42.69
CA PHE I 78 27.48 -41.51 -41.48
C PHE I 78 28.38 -41.74 -40.26
N ASN I 79 29.53 -42.40 -40.46
CA ASN I 79 30.44 -42.65 -39.35
C ASN I 79 31.11 -41.36 -38.89
N ASN I 80 31.48 -40.48 -39.82
CA ASN I 80 32.11 -39.22 -39.48
C ASN I 80 31.14 -38.26 -38.79
N GLY I 81 29.84 -38.52 -38.84
CA GLY I 81 28.85 -37.65 -38.24
C GLY I 81 27.99 -36.95 -39.28
N GLY I 82 26.79 -37.45 -39.48
CA GLY I 82 25.88 -36.86 -40.45
C GLY I 82 24.45 -37.02 -40.00
N SER I 83 23.62 -36.06 -40.42
CA SER I 83 22.21 -36.03 -40.04
C SER I 83 21.30 -36.69 -41.07
N ALA I 84 21.53 -36.43 -42.35
CA ALA I 84 20.70 -37.01 -43.40
C ALA I 84 21.49 -37.02 -44.71
N ALA I 85 20.99 -37.81 -45.66
CA ALA I 85 21.60 -37.89 -46.97
C ALA I 85 20.54 -38.23 -48.00
N TYR I 86 20.80 -37.89 -49.25
CA TYR I 86 19.90 -38.16 -50.36
C TYR I 86 20.64 -39.03 -51.37
N VAL I 87 20.51 -40.34 -51.22
CA VAL I 87 21.24 -41.28 -52.06
C VAL I 87 20.53 -41.40 -53.40
N VAL I 88 21.29 -41.23 -54.48
CA VAL I 88 20.77 -41.36 -55.84
C VAL I 88 21.55 -42.48 -56.52
N ARG I 89 20.82 -43.45 -57.08
CA ARG I 89 21.43 -44.59 -57.76
C ARG I 89 21.24 -44.45 -59.26
N VAL I 90 22.33 -44.61 -60.01
CA VAL I 90 22.31 -44.51 -61.46
C VAL I 90 22.68 -45.83 -62.13
N GLY I 91 22.66 -46.92 -61.40
CA GLY I 91 23.00 -48.22 -61.95
C GLY I 91 23.58 -49.11 -60.87
N GLY I 92 24.14 -50.24 -61.31
CA GLY I 92 24.74 -51.18 -60.41
C GLY I 92 24.04 -52.53 -60.40
N SER I 93 24.79 -53.59 -60.67
CA SER I 93 24.27 -54.95 -60.70
C SER I 93 24.94 -55.78 -59.61
N ALA I 94 24.14 -56.48 -58.83
CA ALA I 94 24.65 -57.30 -57.73
C ALA I 94 25.39 -58.52 -58.27
N GLY I 252 21.59 -38.14 -63.74
CA GLY I 252 21.13 -38.25 -62.37
C GLY I 252 21.12 -36.92 -61.64
N PHE I 253 21.95 -35.98 -62.11
CA PHE I 253 22.01 -34.67 -61.48
C PHE I 253 20.69 -33.91 -61.65
N GLY I 254 20.05 -34.06 -62.81
CA GLY I 254 18.77 -33.41 -63.06
C GLY I 254 17.68 -33.81 -62.09
N GLY I 255 17.78 -35.00 -61.50
CA GLY I 255 16.83 -35.41 -60.48
C GLY I 255 17.04 -34.77 -59.13
N LEU I 256 18.19 -34.13 -58.92
CA LEU I 256 18.49 -33.47 -57.67
C LEU I 256 18.08 -32.01 -57.66
N GLU I 257 17.53 -31.50 -58.76
CA GLU I 257 17.10 -30.11 -58.82
C GLU I 257 15.77 -29.85 -58.13
N ALA I 258 15.06 -30.91 -57.72
CA ALA I 258 13.77 -30.78 -57.06
C ALA I 258 13.88 -30.88 -55.55
N ILE I 259 15.10 -30.87 -55.00
CA ILE I 259 15.33 -30.98 -53.56
C ILE I 259 15.99 -29.70 -53.08
N ASP I 260 15.50 -29.14 -51.98
CA ASP I 260 15.99 -27.87 -51.46
C ASP I 260 17.02 -28.03 -50.35
N GLU I 261 16.86 -29.03 -49.49
CA GLU I 261 17.70 -29.17 -48.30
C GLU I 261 19.13 -29.61 -48.61
N ILE I 262 19.42 -30.05 -49.83
CA ILE I 262 20.75 -30.54 -50.16
C ILE I 262 21.74 -29.38 -50.16
N SER I 263 22.87 -29.57 -49.48
CA SER I 263 23.91 -28.55 -49.40
C SER I 263 25.24 -28.97 -50.02
N MET I 264 25.41 -30.23 -50.39
CA MET I 264 26.62 -30.67 -51.07
C MET I 264 26.30 -31.96 -51.84
N VAL I 265 27.16 -32.26 -52.81
CA VAL I 265 26.98 -33.43 -53.67
C VAL I 265 28.31 -34.15 -53.81
N ALA I 266 28.23 -35.41 -54.23
CA ALA I 266 29.42 -36.23 -54.41
C ALA I 266 29.14 -37.30 -55.46
N VAL I 267 30.19 -37.67 -56.19
CA VAL I 267 30.11 -38.71 -57.22
C VAL I 267 31.25 -39.71 -56.99
N PRO I 268 31.13 -40.59 -55.98
CA PRO I 268 32.26 -41.45 -55.64
C PRO I 268 32.54 -42.55 -56.65
N ASP I 269 31.50 -43.05 -57.33
CA ASP I 269 31.69 -44.22 -58.24
C ASP I 269 32.19 -43.82 -59.63
N LEU I 270 32.38 -42.53 -59.92
CA LEU I 270 32.96 -42.14 -61.19
C LEU I 270 34.39 -42.63 -61.31
N MET I 271 35.18 -42.46 -60.23
CA MET I 271 36.56 -42.94 -60.24
C MET I 271 36.63 -44.46 -60.23
N ALA I 272 35.62 -45.12 -59.65
CA ALA I 272 35.58 -46.58 -59.70
C ALA I 272 35.44 -47.07 -61.14
N ALA I 273 34.59 -46.42 -61.93
CA ALA I 273 34.48 -46.77 -63.35
C ALA I 273 35.71 -46.35 -64.13
N TYR I 274 36.34 -45.23 -63.74
CA TYR I 274 37.55 -44.79 -64.44
C TYR I 274 38.72 -45.75 -64.20
N GLN I 275 38.78 -46.37 -63.03
CA GLN I 275 39.89 -47.26 -62.72
C GLN I 275 39.93 -48.47 -63.65
N ARG I 276 38.76 -49.04 -63.96
CA ARG I 276 38.69 -50.19 -64.85
C ARG I 276 39.08 -49.85 -66.29
N GLY I 277 39.14 -48.57 -66.64
CA GLY I 277 39.48 -48.17 -67.99
C GLY I 277 38.30 -48.10 -68.94
N ALA I 278 37.09 -48.46 -68.50
CA ALA I 278 35.93 -48.38 -69.39
C ALA I 278 35.55 -46.92 -69.67
N ILE I 279 35.92 -46.00 -68.79
CA ILE I 279 35.62 -44.59 -68.94
C ILE I 279 36.93 -43.83 -69.01
N ASP I 280 37.10 -43.02 -70.06
CA ASP I 280 38.33 -42.27 -70.25
C ASP I 280 38.33 -41.02 -69.36
N LEU I 281 39.45 -40.30 -69.37
CA LEU I 281 39.56 -39.11 -68.56
C LEU I 281 38.70 -37.97 -69.08
N GLU I 282 38.49 -37.90 -70.39
CA GLU I 282 37.67 -36.84 -70.96
C GLU I 282 36.22 -36.93 -70.46
N ALA I 283 35.67 -38.14 -70.40
CA ALA I 283 34.32 -38.30 -69.89
C ALA I 283 34.23 -37.93 -68.41
N VAL I 284 35.25 -38.28 -67.63
CA VAL I 284 35.28 -37.91 -66.22
C VAL I 284 35.30 -36.39 -66.06
N LYS I 285 36.13 -35.72 -66.87
CA LYS I 285 36.19 -34.26 -66.82
C LYS I 285 34.86 -33.65 -67.23
N ALA I 286 34.21 -34.21 -68.25
CA ALA I 286 32.90 -33.70 -68.66
C ALA I 286 31.87 -33.87 -67.56
N VAL I 287 31.87 -35.02 -66.88
CA VAL I 287 30.92 -35.25 -65.80
C VAL I 287 31.17 -34.27 -64.65
N GLN I 288 32.44 -34.06 -64.30
CA GLN I 288 32.75 -33.13 -63.22
C GLN I 288 32.36 -31.70 -63.59
N LEU I 289 32.59 -31.30 -64.85
CA LEU I 289 32.18 -29.97 -65.29
C LEU I 289 30.67 -29.82 -65.25
N GLY I 290 29.94 -30.86 -65.66
CA GLY I 290 28.49 -30.81 -65.56
C GLY I 290 28.01 -30.71 -64.13
N LEU I 291 28.67 -31.42 -63.22
CA LEU I 291 28.31 -31.33 -61.80
C LEU I 291 28.57 -29.92 -61.27
N ILE I 292 29.70 -29.32 -61.65
CA ILE I 292 30.00 -27.96 -61.20
C ILE I 292 28.98 -26.98 -61.75
N ALA I 293 28.59 -27.15 -63.02
CA ALA I 293 27.59 -26.28 -63.61
C ALA I 293 26.24 -26.43 -62.93
N HIS I 294 25.87 -27.67 -62.58
CA HIS I 294 24.63 -27.90 -61.86
C HIS I 294 24.67 -27.25 -60.47
N CYS I 295 25.81 -27.33 -59.79
CA CYS I 295 25.96 -26.68 -58.50
C CYS I 295 25.82 -25.16 -58.64
N GLU I 296 26.43 -24.59 -59.68
CA GLU I 296 26.32 -23.15 -59.92
C GLU I 296 24.87 -22.76 -60.19
N LEU I 297 24.16 -23.55 -60.99
CA LEU I 297 22.75 -23.25 -61.28
C LEU I 297 21.91 -23.36 -60.02
N MET I 298 22.16 -24.37 -59.20
CA MET I 298 21.38 -24.54 -57.97
C MET I 298 21.60 -23.36 -57.02
N GLY I 299 22.84 -22.93 -56.85
CA GLY I 299 23.15 -21.76 -56.06
C GLY I 299 23.19 -21.98 -54.56
N ASP I 300 22.97 -23.20 -54.08
CA ASP I 300 22.94 -23.47 -52.66
C ASP I 300 23.88 -24.57 -52.21
N ARG I 301 24.55 -25.27 -53.12
CA ARG I 301 25.41 -26.39 -52.78
C ARG I 301 26.76 -26.23 -53.43
N VAL I 302 27.78 -26.79 -52.77
CA VAL I 302 29.15 -26.80 -53.28
C VAL I 302 29.58 -28.24 -53.50
N ALA I 303 30.23 -28.49 -54.63
CA ALA I 303 30.62 -29.84 -55.01
C ALA I 303 31.97 -30.20 -54.40
N ILE I 304 32.20 -31.50 -54.28
CA ILE I 304 33.45 -32.06 -53.77
C ILE I 304 34.09 -32.89 -54.87
N ILE I 305 35.36 -32.60 -55.16
CA ILE I 305 36.07 -33.19 -56.28
C ILE I 305 37.19 -34.07 -55.75
N ASP I 306 37.34 -35.25 -56.36
CA ASP I 306 38.37 -36.20 -56.03
C ASP I 306 39.21 -36.49 -57.27
N PRO I 307 40.53 -36.38 -57.19
CA PRO I 307 41.38 -36.61 -58.36
C PRO I 307 41.47 -38.09 -58.68
N PRO I 308 41.99 -38.43 -59.86
CA PRO I 308 42.19 -39.84 -60.17
C PRO I 308 43.17 -40.47 -59.20
N PRO I 309 43.03 -41.75 -58.91
CA PRO I 309 43.92 -42.39 -57.94
C PRO I 309 45.35 -42.52 -58.48
N ASN I 310 46.28 -42.68 -57.55
CA ASN I 310 47.70 -42.88 -57.84
C ASN I 310 48.28 -41.70 -58.61
N GLN I 311 48.25 -40.53 -57.96
CA GLN I 311 48.81 -39.30 -58.51
C GLN I 311 49.74 -38.67 -57.49
N ASN I 312 50.86 -38.12 -57.97
CA ASN I 312 51.81 -37.44 -57.12
C ASN I 312 51.40 -35.98 -56.91
N ALA I 313 52.23 -35.23 -56.20
CA ALA I 313 51.96 -33.81 -56.01
C ALA I 313 52.06 -33.05 -57.32
N ARG I 314 53.16 -33.24 -58.05
CA ARG I 314 53.30 -32.60 -59.36
C ARG I 314 52.28 -33.13 -60.35
N GLN I 315 51.94 -34.42 -60.26
CA GLN I 315 50.96 -35.00 -61.17
C GLN I 315 49.60 -34.34 -60.99
N ILE I 316 49.13 -34.20 -59.74
CA ILE I 316 47.84 -33.56 -59.53
C ILE I 316 47.93 -32.06 -59.80
N ARG I 317 49.10 -31.45 -59.59
CA ARG I 317 49.25 -30.04 -59.94
C ARG I 317 49.02 -29.84 -61.44
N VAL I 318 49.65 -30.69 -62.25
CA VAL I 318 49.44 -30.62 -63.71
C VAL I 318 47.99 -30.93 -64.05
N TRP I 319 47.40 -31.94 -63.40
CA TRP I 319 46.04 -32.34 -63.70
C TRP I 319 45.06 -31.20 -63.42
N ARG I 320 45.23 -30.51 -62.30
CA ARG I 320 44.34 -29.42 -61.92
C ARG I 320 44.61 -28.15 -62.71
N GLN I 321 45.86 -27.91 -63.15
CA GLN I 321 46.15 -26.66 -63.81
C GLN I 321 45.90 -26.71 -65.31
N GLU I 322 46.12 -27.85 -65.95
CA GLU I 322 46.00 -27.96 -67.40
C GLU I 322 44.84 -28.84 -67.85
N THR I 323 44.79 -30.09 -67.37
CA THR I 323 43.80 -31.03 -67.87
C THR I 323 42.41 -30.79 -67.28
N ALA I 324 42.32 -30.32 -66.05
CA ALA I 324 41.06 -30.16 -65.34
C ALA I 324 40.99 -28.80 -64.67
N GLY I 325 41.30 -27.75 -65.44
CA GLY I 325 41.37 -26.42 -64.88
C GLY I 325 40.01 -25.83 -64.53
N TYR I 326 39.37 -26.40 -63.51
CA TYR I 326 38.08 -25.88 -63.06
C TYR I 326 38.26 -24.52 -62.40
N ASP I 327 37.27 -23.65 -62.59
CA ASP I 327 37.26 -22.32 -61.98
C ASP I 327 35.82 -22.02 -61.56
N SER I 328 35.50 -22.32 -60.30
CA SER I 328 34.16 -22.10 -59.77
C SER I 328 34.24 -21.93 -58.27
N LYS I 329 33.31 -21.15 -57.73
CA LYS I 329 33.24 -20.92 -56.29
C LYS I 329 32.47 -22.02 -55.57
N TYR I 330 31.93 -22.99 -56.29
CA TYR I 330 31.13 -24.07 -55.72
C TYR I 330 31.80 -25.42 -55.92
N ALA I 331 33.11 -25.49 -55.69
CA ALA I 331 33.85 -26.73 -55.85
C ALA I 331 35.06 -26.72 -54.94
N ALA I 332 35.25 -27.80 -54.19
CA ALA I 332 36.41 -27.99 -53.34
C ALA I 332 37.04 -29.35 -53.64
N LEU I 333 38.34 -29.37 -53.88
CA LEU I 333 39.06 -30.57 -54.29
C LEU I 333 39.85 -31.13 -53.13
N TYR I 334 39.90 -32.46 -53.03
CA TYR I 334 40.61 -33.15 -51.95
C TYR I 334 41.51 -34.22 -52.54
N TYR I 335 42.83 -34.00 -52.49
CA TYR I 335 43.80 -34.78 -53.24
C TYR I 335 43.94 -36.22 -52.74
N PRO I 336 44.45 -36.47 -51.53
CA PRO I 336 44.84 -37.84 -51.19
C PRO I 336 43.65 -38.73 -50.86
N TRP I 337 43.69 -39.95 -51.36
CA TRP I 337 42.62 -40.90 -51.13
C TRP I 337 42.70 -41.45 -49.70
N ILE I 338 41.63 -42.12 -49.29
CA ILE I 338 41.49 -42.62 -47.93
C ILE I 338 41.48 -44.14 -47.96
N LYS I 339 42.35 -44.75 -47.15
CA LYS I 339 42.37 -46.20 -47.00
C LYS I 339 41.42 -46.59 -45.89
N SER I 340 40.36 -47.32 -46.23
CA SER I 340 39.32 -47.68 -45.28
C SER I 340 39.11 -49.18 -45.28
N PHE I 341 38.69 -49.71 -44.13
CA PHE I 341 38.49 -51.15 -43.96
C PHE I 341 37.13 -51.56 -44.50
N ASP I 342 37.11 -52.57 -45.35
CA ASP I 342 35.90 -53.07 -45.97
C ASP I 342 35.51 -54.41 -45.36
N PRO I 343 34.37 -54.52 -44.68
CA PRO I 343 33.99 -55.81 -44.08
C PRO I 343 33.73 -56.90 -45.09
N ALA I 344 33.48 -56.57 -46.36
CA ALA I 344 33.23 -57.59 -47.36
C ALA I 344 34.43 -58.50 -47.56
N THR I 345 35.63 -57.92 -47.62
CA THR I 345 36.85 -58.69 -47.78
C THR I 345 37.73 -58.71 -46.54
N GLY I 346 37.43 -57.87 -45.54
CA GLY I 346 38.20 -57.85 -44.32
C GLY I 346 39.51 -57.10 -44.41
N GLN I 347 39.81 -56.48 -45.54
CA GLN I 347 41.06 -55.76 -45.74
C GLN I 347 40.78 -54.29 -45.99
N SER I 348 41.85 -53.51 -46.17
CA SER I 348 41.76 -52.08 -46.39
C SER I 348 41.89 -51.78 -47.88
N ARG I 349 41.00 -50.93 -48.39
CA ARG I 349 41.00 -50.53 -49.79
C ARG I 349 40.93 -49.02 -49.89
N LEU I 350 41.38 -48.50 -51.03
CA LEU I 350 41.44 -47.07 -51.28
C LEU I 350 40.10 -46.58 -51.83
N VAL I 351 39.56 -45.53 -51.21
CA VAL I 351 38.31 -44.92 -51.64
C VAL I 351 38.50 -43.41 -51.69
N PRO I 352 37.71 -42.71 -52.51
CA PRO I 352 37.80 -41.26 -52.54
C PRO I 352 37.43 -40.68 -51.19
N PRO I 353 38.05 -39.57 -50.79
CA PRO I 353 37.77 -38.99 -49.48
C PRO I 353 36.48 -38.19 -49.40
N SER I 354 35.85 -37.89 -50.54
CA SER I 354 34.67 -37.03 -50.54
C SER I 354 33.58 -37.57 -49.62
N GLY I 355 33.26 -38.86 -49.76
CA GLY I 355 32.25 -39.45 -48.91
C GLY I 355 32.54 -39.30 -47.43
N HIS I 356 33.82 -39.27 -47.06
CA HIS I 356 34.18 -38.96 -45.68
C HIS I 356 34.20 -37.45 -45.45
N VAL I 357 34.77 -36.70 -46.39
CA VAL I 357 34.98 -35.26 -46.19
C VAL I 357 33.65 -34.56 -45.97
N ALA I 358 32.64 -34.89 -46.77
CA ALA I 358 31.33 -34.30 -46.60
C ALA I 358 30.83 -34.50 -45.18
N GLY I 359 31.01 -35.71 -44.63
CA GLY I 359 30.59 -35.96 -43.26
C GLY I 359 31.24 -35.01 -42.29
N ILE I 360 32.53 -34.73 -42.49
CA ILE I 360 33.23 -33.78 -41.63
C ILE I 360 32.50 -32.45 -41.62
N TRP I 361 32.08 -31.99 -42.81
CA TRP I 361 31.35 -30.72 -42.88
C TRP I 361 30.13 -30.76 -41.98
N ALA I 362 29.36 -31.86 -42.03
CA ALA I 362 28.17 -31.96 -41.20
C ALA I 362 28.54 -31.82 -39.73
N ARG I 363 29.67 -32.40 -39.31
CA ARG I 363 30.09 -32.28 -37.92
C ARG I 363 30.23 -30.81 -37.52
N ASN I 364 30.81 -29.99 -38.40
CA ASN I 364 30.93 -28.57 -38.09
C ASN I 364 29.56 -27.95 -37.89
N ASP I 365 28.59 -28.30 -38.75
CA ASP I 365 27.26 -27.74 -38.64
C ASP I 365 26.58 -28.19 -37.35
N SER I 366 27.12 -29.19 -36.66
CA SER I 366 26.60 -29.60 -35.38
C SER I 366 27.51 -29.25 -34.22
N GLU I 367 28.72 -28.73 -34.48
CA GLU I 367 29.67 -28.46 -33.40
C GLU I 367 30.29 -27.07 -33.44
N ARG I 368 30.43 -26.45 -34.61
CA ARG I 368 31.08 -25.15 -34.68
C ARG I 368 30.37 -24.16 -35.59
N GLY I 369 29.28 -24.55 -36.25
CA GLY I 369 28.58 -23.66 -37.15
C GLY I 369 29.20 -23.61 -38.52
N VAL I 370 28.52 -22.92 -39.42
CA VAL I 370 28.98 -22.82 -40.81
C VAL I 370 30.08 -21.77 -40.96
N HIS I 371 30.15 -20.79 -40.06
CA HIS I 371 31.10 -19.69 -40.18
C HIS I 371 32.55 -20.13 -39.97
N LYS I 372 32.79 -21.34 -39.48
CA LYS I 372 34.14 -21.84 -39.24
C LYS I 372 34.57 -22.76 -40.36
N ALA I 373 35.80 -22.59 -40.82
CA ALA I 373 36.33 -23.41 -41.91
C ALA I 373 36.49 -24.85 -41.45
N PRO I 374 35.94 -25.83 -42.16
CA PRO I 374 36.05 -27.24 -41.73
C PRO I 374 37.38 -27.87 -42.11
N ALA I 375 38.47 -27.28 -41.59
CA ALA I 375 39.81 -27.79 -41.87
C ALA I 375 40.29 -28.73 -40.77
N ASN I 376 40.41 -28.23 -39.53
CA ASN I 376 41.02 -28.97 -38.44
C ASN I 376 40.01 -29.98 -37.89
N GLU I 377 39.80 -31.05 -38.65
CA GLU I 377 38.90 -32.12 -38.27
C GLU I 377 39.56 -33.45 -38.57
N VAL I 378 39.12 -34.49 -37.86
CA VAL I 378 39.70 -35.82 -37.96
C VAL I 378 38.80 -36.69 -38.83
N VAL I 379 39.40 -37.40 -39.79
CA VAL I 379 38.68 -38.38 -40.60
C VAL I 379 38.61 -39.67 -39.78
N ARG I 380 37.46 -39.93 -39.17
CA ARG I 380 37.34 -41.05 -38.25
C ARG I 380 37.50 -42.38 -38.96
N GLY I 381 36.93 -42.51 -40.16
CA GLY I 381 36.98 -43.78 -40.87
C GLY I 381 38.29 -44.06 -41.58
N ALA I 382 39.21 -43.12 -41.60
CA ALA I 382 40.47 -43.29 -42.30
C ALA I 382 41.45 -44.13 -41.48
N VAL I 383 42.12 -45.06 -42.14
CA VAL I 383 43.17 -45.86 -41.53
C VAL I 383 44.55 -45.42 -41.98
N ASP I 384 44.71 -45.16 -43.28
CA ASP I 384 45.99 -44.69 -43.82
C ASP I 384 45.71 -43.87 -45.07
N LEU I 385 46.75 -43.24 -45.58
CA LEU I 385 46.67 -42.42 -46.78
C LEU I 385 47.49 -43.05 -47.90
N GLU I 386 47.10 -42.75 -49.13
CA GLU I 386 47.82 -43.28 -50.28
C GLU I 386 49.19 -42.66 -50.44
N LEU I 387 49.41 -41.46 -49.90
CA LEU I 387 50.69 -40.78 -50.02
C LEU I 387 50.74 -39.66 -49.00
N GLN I 388 51.77 -39.66 -48.14
CA GLN I 388 51.92 -38.60 -47.17
C GLN I 388 52.42 -37.33 -47.84
N ILE I 389 51.79 -36.21 -47.52
CA ILE I 389 52.11 -34.92 -48.14
C ILE I 389 53.02 -34.14 -47.19
N THR I 390 54.16 -33.71 -47.71
CA THR I 390 55.11 -32.91 -46.95
C THR I 390 54.78 -31.43 -47.11
N ARG I 391 55.44 -30.60 -46.29
CA ARG I 391 55.21 -29.16 -46.36
C ARG I 391 55.72 -28.58 -47.68
N GLY I 392 56.80 -29.14 -48.22
CA GLY I 392 57.31 -28.63 -49.49
C GLY I 392 56.33 -28.80 -50.63
N GLU I 393 55.66 -29.95 -50.68
CA GLU I 393 54.65 -30.17 -51.71
C GLU I 393 53.37 -29.41 -51.42
N GLN I 394 53.01 -29.25 -50.15
CA GLN I 394 51.84 -28.45 -49.82
C GLN I 394 52.03 -26.99 -50.19
N ASP I 395 53.28 -26.49 -50.13
CA ASP I 395 53.55 -25.11 -50.50
C ASP I 395 53.14 -24.81 -51.94
N LEU I 396 53.13 -25.83 -52.79
CA LEU I 396 52.65 -25.68 -54.16
C LEU I 396 51.22 -26.15 -54.36
N LEU I 397 50.76 -27.11 -53.56
CA LEU I 397 49.41 -27.62 -53.72
C LEU I 397 48.36 -26.65 -53.20
N ASN I 398 48.63 -26.01 -52.07
CA ASN I 398 47.64 -25.13 -51.45
C ASN I 398 47.26 -23.93 -52.32
N PRO I 399 48.20 -23.16 -52.88
CA PRO I 399 47.79 -21.94 -53.60
C PRO I 399 46.92 -22.20 -54.82
N ILE I 400 46.93 -23.41 -55.38
CA ILE I 400 46.16 -23.71 -56.57
C ILE I 400 44.80 -24.28 -56.17
N GLY I 401 44.46 -24.17 -54.89
CA GLY I 401 43.15 -24.58 -54.44
C GLY I 401 42.96 -26.05 -54.17
N VAL I 402 44.03 -26.77 -53.86
CA VAL I 402 43.97 -28.20 -53.57
C VAL I 402 44.08 -28.39 -52.08
N ASN I 403 43.02 -28.93 -51.46
CA ASN I 403 43.02 -29.21 -50.03
C ASN I 403 43.55 -30.61 -49.78
N CYS I 404 44.52 -30.73 -48.88
CA CYS I 404 45.19 -31.99 -48.62
C CYS I 404 44.65 -32.65 -47.36
N ILE I 405 45.03 -33.91 -47.18
CA ILE I 405 44.73 -34.67 -45.96
C ILE I 405 46.04 -35.28 -45.50
N ARG I 406 46.47 -34.92 -44.28
CA ARG I 406 47.79 -35.30 -43.80
C ARG I 406 47.68 -35.94 -42.42
N SER I 407 48.62 -36.82 -42.13
CA SER I 407 48.70 -37.48 -40.83
C SER I 407 49.76 -36.81 -39.97
N PHE I 408 49.36 -36.39 -38.78
CA PHE I 408 50.24 -35.73 -37.81
C PHE I 408 50.42 -36.60 -36.58
N PRO I 409 51.65 -36.71 -36.08
CA PRO I 409 51.88 -37.55 -34.89
C PRO I 409 51.22 -36.96 -33.66
N GLY I 410 50.46 -37.80 -32.96
CA GLY I 410 49.70 -37.36 -31.81
C GLY I 410 48.39 -36.67 -32.13
N ARG I 411 48.08 -36.49 -33.41
CA ARG I 411 46.83 -35.88 -33.83
C ARG I 411 46.02 -36.71 -34.81
N GLY I 412 46.63 -37.71 -35.44
CA GLY I 412 45.90 -38.56 -36.36
C GLY I 412 45.83 -37.98 -37.76
N ILE I 413 44.83 -38.42 -38.51
CA ILE I 413 44.62 -37.98 -39.89
C ILE I 413 43.68 -36.78 -39.88
N ARG I 414 44.16 -35.64 -40.38
CA ARG I 414 43.41 -34.41 -40.36
C ARG I 414 43.46 -33.74 -41.73
N VAL I 415 42.39 -33.01 -42.05
CA VAL I 415 42.32 -32.26 -43.29
C VAL I 415 43.10 -30.96 -43.11
N TRP I 416 43.95 -30.63 -44.09
CA TRP I 416 44.72 -29.40 -44.11
C TRP I 416 44.35 -28.65 -45.37
N GLY I 417 43.62 -27.54 -45.22
CA GLY I 417 43.19 -26.76 -46.35
C GLY I 417 41.71 -26.44 -46.34
N ALA I 418 41.38 -25.17 -46.54
CA ALA I 418 39.99 -24.72 -46.57
C ALA I 418 39.77 -23.77 -47.74
N ARG I 419 40.27 -24.17 -48.91
CA ARG I 419 40.18 -23.36 -50.11
C ARG I 419 39.31 -24.05 -51.15
N THR I 420 38.74 -23.24 -52.04
CA THR I 420 37.89 -23.72 -53.13
C THR I 420 38.59 -23.52 -54.46
N LEU I 421 38.04 -24.16 -55.49
CA LEU I 421 38.63 -24.13 -56.84
C LEU I 421 38.19 -22.89 -57.61
N SER I 422 38.50 -21.72 -57.04
CA SER I 422 38.12 -20.44 -57.62
C SER I 422 39.35 -19.56 -57.76
N SER I 423 39.41 -18.80 -58.85
CA SER I 423 40.49 -17.86 -59.09
C SER I 423 40.22 -16.48 -58.50
N ASP I 424 39.03 -16.25 -57.96
CA ASP I 424 38.71 -14.95 -57.39
C ASP I 424 39.29 -14.85 -55.98
N PRO I 425 40.15 -13.87 -55.71
CA PRO I 425 40.70 -13.73 -54.35
C PRO I 425 39.63 -13.50 -53.30
N ALA I 426 38.53 -12.83 -53.64
CA ALA I 426 37.48 -12.58 -52.66
C ALA I 426 36.75 -13.85 -52.26
N TRP I 427 36.69 -14.85 -53.13
CA TRP I 427 36.00 -16.10 -52.87
C TRP I 427 36.97 -17.27 -52.79
N ARG I 428 38.15 -17.04 -52.20
CA ARG I 428 39.18 -18.05 -52.11
C ARG I 428 39.09 -18.89 -50.83
N TYR I 429 38.16 -18.58 -49.95
CA TYR I 429 38.00 -19.31 -48.69
C TYR I 429 36.68 -20.06 -48.69
N LEU I 430 36.72 -21.33 -48.26
CA LEU I 430 35.53 -22.16 -48.28
C LEU I 430 34.50 -21.70 -47.26
N ASN I 431 34.95 -21.23 -46.09
CA ASN I 431 34.01 -20.86 -45.04
C ASN I 431 33.15 -19.68 -45.44
N ILE I 432 33.73 -18.69 -46.13
CA ILE I 432 32.96 -17.53 -46.56
C ILE I 432 31.86 -17.94 -47.53
N ARG I 433 32.21 -18.77 -48.52
CA ARG I 433 31.21 -19.22 -49.49
C ARG I 433 30.13 -20.06 -48.82
N ARG I 434 30.52 -20.95 -47.91
CA ARG I 434 29.55 -21.78 -47.23
C ARG I 434 28.60 -20.94 -46.38
N TYR I 435 29.11 -19.95 -45.67
CA TYR I 435 28.26 -19.09 -44.86
C TYR I 435 27.32 -18.27 -45.73
N PHE I 436 27.82 -17.74 -46.85
CA PHE I 436 26.96 -16.98 -47.74
C PHE I 436 25.84 -17.84 -48.31
N ASN I 437 26.17 -19.06 -48.73
CA ASN I 437 25.15 -19.98 -49.24
C ASN I 437 24.13 -20.31 -48.16
N TYR I 438 24.59 -20.55 -46.92
CA TYR I 438 23.68 -20.87 -45.83
C TYR I 438 22.73 -19.71 -45.55
N LEU I 439 23.26 -18.48 -45.51
CA LEU I 439 22.40 -17.33 -45.26
C LEU I 439 21.39 -17.14 -46.39
N GLU I 440 21.84 -17.28 -47.64
CA GLU I 440 20.93 -17.14 -48.77
C GLU I 440 19.82 -18.19 -48.71
N GLU I 441 20.19 -19.44 -48.42
CA GLU I 441 19.18 -20.50 -48.34
C GLU I 441 18.20 -20.25 -47.21
N SER I 442 18.70 -19.81 -46.05
CA SER I 442 17.82 -19.54 -44.92
C SER I 442 16.83 -18.43 -45.25
N ILE I 443 17.32 -17.35 -45.86
CA ILE I 443 16.44 -16.23 -46.21
C ILE I 443 15.42 -16.66 -47.25
N LEU I 444 15.85 -17.42 -48.26
CA LEU I 444 14.91 -17.86 -49.31
C LEU I 444 13.85 -18.79 -48.74
N ILE I 445 14.24 -19.68 -47.82
CA ILE I 445 13.27 -20.57 -47.20
C ILE I 445 12.29 -19.77 -46.33
N GLY I 446 12.79 -18.80 -45.57
CA GLY I 446 11.93 -18.04 -44.68
C GLY I 446 11.01 -17.07 -45.39
N THR I 447 11.37 -16.62 -46.61
CA THR I 447 10.56 -15.67 -47.35
C THR I 447 9.69 -16.34 -48.39
N GLN I 448 9.20 -17.54 -48.12
CA GLN I 448 8.32 -18.23 -49.07
C GLN I 448 6.92 -17.66 -49.08
N TRP I 449 6.46 -17.07 -47.97
CA TRP I 449 5.11 -16.57 -47.87
C TRP I 449 4.88 -15.29 -48.66
N VAL I 450 5.94 -14.67 -49.20
CA VAL I 450 5.79 -13.40 -49.91
C VAL I 450 5.07 -13.54 -51.25
N VAL I 451 4.81 -14.76 -51.70
CA VAL I 451 4.16 -14.97 -52.99
C VAL I 451 2.71 -14.48 -52.92
N PHE I 452 2.30 -13.70 -53.92
CA PHE I 452 0.97 -13.12 -54.08
C PHE I 452 0.65 -12.03 -53.06
N GLU I 453 1.58 -11.71 -52.16
CA GLU I 453 1.36 -10.57 -51.28
C GLU I 453 1.58 -9.27 -52.06
N PRO I 454 0.83 -8.21 -51.74
CA PRO I 454 0.99 -6.95 -52.46
C PRO I 454 2.39 -6.38 -52.29
N ASN I 455 2.88 -5.74 -53.35
CA ASN I 455 4.22 -5.13 -53.34
C ASN I 455 4.08 -3.68 -52.90
N ASP I 456 4.07 -3.49 -51.58
CA ASP I 456 3.99 -2.15 -51.00
C ASP I 456 4.96 -2.02 -49.84
N HIS I 457 4.85 -0.93 -49.07
CA HIS I 457 5.76 -0.73 -47.96
C HIS I 457 5.56 -1.74 -46.84
N ASN I 458 4.37 -2.34 -46.74
CA ASN I 458 4.13 -3.33 -45.68
C ASN I 458 5.00 -4.57 -45.88
N LEU I 459 5.05 -5.08 -47.11
CA LEU I 459 5.90 -6.24 -47.38
C LEU I 459 7.36 -5.93 -47.13
N TRP I 460 7.80 -4.74 -47.55
CA TRP I 460 9.19 -4.35 -47.34
C TRP I 460 9.53 -4.26 -45.86
N ALA I 461 8.64 -3.67 -45.06
CA ALA I 461 8.87 -3.57 -43.62
C ALA I 461 8.90 -4.95 -42.98
N ARG I 462 7.98 -5.83 -43.37
CA ARG I 462 7.97 -7.19 -42.83
C ARG I 462 9.26 -7.93 -43.17
N ILE I 463 9.71 -7.83 -44.42
CA ILE I 463 10.94 -8.50 -44.83
C ILE I 463 12.14 -7.93 -44.06
N ARG I 464 12.19 -6.60 -43.92
CA ARG I 464 13.30 -5.99 -43.20
C ARG I 464 13.35 -6.46 -41.76
N ARG I 465 12.20 -6.46 -41.08
CA ARG I 465 12.20 -6.84 -39.67
C ARG I 465 12.51 -8.33 -39.50
N ASN I 466 12.02 -9.18 -40.41
CA ASN I 466 12.31 -10.60 -40.31
C ASN I 466 13.80 -10.86 -40.52
N VAL I 467 14.40 -10.23 -41.53
CA VAL I 467 15.81 -10.43 -41.80
C VAL I 467 16.66 -9.88 -40.66
N SER I 468 16.27 -8.74 -40.09
CA SER I 468 17.02 -8.19 -38.96
C SER I 468 16.94 -9.11 -37.74
N ALA I 469 15.75 -9.65 -37.46
CA ALA I 469 15.61 -10.56 -36.33
C ALA I 469 16.37 -11.86 -36.56
N PHE I 470 16.50 -12.28 -37.82
CA PHE I 470 17.30 -13.47 -38.10
C PHE I 470 18.78 -13.20 -37.93
N LEU I 471 19.28 -12.07 -38.45
CA LEU I 471 20.70 -11.82 -38.48
C LEU I 471 21.25 -11.27 -37.17
N VAL I 472 20.39 -10.76 -36.27
CA VAL I 472 20.89 -10.32 -34.98
C VAL I 472 21.40 -11.51 -34.17
N ASN I 473 20.76 -12.66 -34.29
CA ASN I 473 21.25 -13.86 -33.62
C ASN I 473 22.60 -14.29 -34.17
N GLU I 474 22.80 -14.18 -35.49
CA GLU I 474 24.10 -14.49 -36.07
C GLU I 474 25.16 -13.51 -35.58
N TRP I 475 24.81 -12.24 -35.45
CA TRP I 475 25.74 -11.26 -34.92
C TRP I 475 26.11 -11.58 -33.47
N ARG I 476 25.13 -11.98 -32.67
CA ARG I 476 25.40 -12.28 -31.26
C ARG I 476 26.33 -13.48 -31.12
N ASN I 477 26.20 -14.47 -31.99
CA ASN I 477 27.02 -15.67 -31.92
C ASN I 477 28.47 -15.43 -32.31
N GLY I 478 28.79 -14.24 -32.84
CA GLY I 478 30.14 -13.93 -33.22
C GLY I 478 30.51 -14.31 -34.64
N ALA I 479 29.57 -14.85 -35.42
CA ALA I 479 29.87 -15.17 -36.81
C ALA I 479 30.19 -13.91 -37.61
N LEU I 480 29.45 -12.83 -37.36
CA LEU I 480 29.69 -11.55 -38.00
C LEU I 480 30.49 -10.65 -37.08
N PHE I 481 31.33 -9.80 -37.67
CA PHE I 481 32.21 -8.92 -36.92
C PHE I 481 31.56 -7.54 -36.80
N GLY I 482 31.58 -6.98 -35.59
CA GLY I 482 31.04 -5.66 -35.37
C GLY I 482 30.75 -5.36 -33.91
N GLN I 483 31.06 -4.15 -33.47
CA GLN I 483 30.78 -3.77 -32.08
C GLN I 483 29.29 -3.71 -31.83
N SER I 484 28.52 -3.22 -32.79
CA SER I 484 27.08 -3.11 -32.70
C SER I 484 26.48 -3.70 -33.97
N PRO I 485 25.19 -4.07 -33.95
CA PRO I 485 24.58 -4.68 -35.15
C PRO I 485 24.65 -3.79 -36.38
N ASP I 486 24.74 -2.48 -36.18
CA ASP I 486 24.76 -1.55 -37.31
C ASP I 486 25.98 -1.76 -38.20
N GLN I 487 27.17 -1.96 -37.62
CA GLN I 487 28.38 -2.14 -38.42
C GLN I 487 28.65 -3.61 -38.76
N ALA I 488 27.85 -4.54 -38.25
CA ALA I 488 28.05 -5.95 -38.59
C ALA I 488 27.23 -6.36 -39.81
N TYR I 489 25.94 -6.08 -39.81
CA TYR I 489 25.09 -6.36 -40.95
C TYR I 489 24.23 -5.14 -41.23
N TYR I 490 23.87 -4.97 -42.50
CA TYR I 490 22.96 -3.90 -42.90
C TYR I 490 21.92 -4.46 -43.87
N VAL I 491 20.65 -4.17 -43.59
CA VAL I 491 19.54 -4.62 -44.42
C VAL I 491 18.77 -3.41 -44.88
N LYS I 492 18.55 -3.32 -46.19
CA LYS I 492 17.69 -2.28 -46.76
C LYS I 492 16.78 -2.93 -47.79
N CYS I 493 15.47 -2.70 -47.63
CA CYS I 493 14.47 -3.02 -48.62
C CYS I 493 13.50 -1.84 -48.67
N ASP I 494 13.86 -0.82 -49.45
CA ASP I 494 13.01 0.35 -49.64
C ASP I 494 13.52 1.15 -50.82
N GLU I 495 12.64 1.39 -51.80
CA GLU I 495 12.94 2.18 -52.99
C GLU I 495 14.04 1.53 -53.83
N GLU I 496 14.56 0.39 -53.37
CA GLU I 496 15.46 -0.41 -54.20
C GLU I 496 14.68 -1.20 -55.24
N THR I 497 13.46 -1.63 -54.88
CA THR I 497 12.54 -2.26 -55.83
C THR I 497 11.80 -1.15 -56.58
N ASN I 498 12.43 -0.67 -57.65
CA ASN I 498 11.86 0.39 -58.45
C ASN I 498 10.51 -0.04 -59.00
N PRO I 499 9.50 0.84 -59.01
CA PRO I 499 8.16 0.43 -59.44
C PRO I 499 8.16 -0.17 -60.84
N PRO I 500 8.58 0.56 -61.88
CA PRO I 500 8.40 0.04 -63.24
C PRO I 500 9.40 -1.03 -63.64
N GLU I 501 10.39 -1.32 -62.78
CA GLU I 501 11.41 -2.32 -63.08
C GLU I 501 11.11 -3.66 -62.40
N SER I 502 10.57 -3.61 -61.18
CA SER I 502 10.32 -4.82 -60.42
C SER I 502 8.88 -4.95 -59.94
N VAL I 503 8.25 -3.85 -59.52
CA VAL I 503 6.92 -3.95 -58.93
C VAL I 503 5.90 -4.40 -59.96
N ASP I 504 5.96 -3.82 -61.17
CA ASP I 504 5.05 -4.23 -62.23
C ASP I 504 5.36 -5.64 -62.74
N LEU I 505 6.55 -6.15 -62.46
CA LEU I 505 6.93 -7.51 -62.84
C LEU I 505 6.64 -8.52 -61.75
N GLY I 506 6.05 -8.10 -60.64
CA GLY I 506 5.75 -8.99 -59.53
C GLY I 506 6.98 -9.56 -58.87
N ARG I 507 8.00 -8.72 -58.66
CA ARG I 507 9.24 -9.13 -58.03
C ARG I 507 9.62 -8.14 -56.94
N VAL I 508 10.08 -8.66 -55.81
CA VAL I 508 10.56 -7.84 -54.70
C VAL I 508 12.04 -8.16 -54.50
N VAL I 509 12.81 -7.14 -54.13
CA VAL I 509 14.26 -7.24 -54.02
C VAL I 509 14.67 -6.88 -52.60
N CYS I 510 15.51 -7.71 -52.00
CA CYS I 510 16.01 -7.50 -50.65
C CYS I 510 17.50 -7.25 -50.70
N GLU I 511 17.96 -6.22 -50.00
CA GLU I 511 19.37 -5.86 -49.96
C GLU I 511 19.96 -6.17 -48.59
N ILE I 512 21.01 -7.00 -48.59
CA ILE I 512 21.63 -7.50 -47.36
C ILE I 512 23.15 -7.43 -47.51
N GLY I 513 23.82 -6.94 -46.49
CA GLY I 513 25.28 -6.94 -46.46
C GLY I 513 25.78 -7.38 -45.10
N ILE I 514 26.83 -8.22 -45.13
CA ILE I 514 27.36 -8.84 -43.93
C ILE I 514 28.87 -8.71 -43.90
N ALA I 515 29.45 -8.95 -42.72
CA ALA I 515 30.90 -8.86 -42.51
C ALA I 515 31.40 -10.13 -41.86
N PRO I 516 31.89 -11.08 -42.63
CA PRO I 516 32.42 -12.34 -42.07
C PRO I 516 33.84 -12.14 -41.54
N VAL I 517 34.37 -13.21 -40.94
CA VAL I 517 35.70 -13.20 -40.33
C VAL I 517 36.56 -14.24 -41.03
N LYS I 518 37.76 -13.82 -41.48
CA LYS I 518 38.67 -14.73 -42.15
C LYS I 518 39.38 -15.63 -41.15
N PRO I 519 39.69 -16.86 -41.53
CA PRO I 519 40.44 -17.75 -40.65
C PRO I 519 41.93 -17.42 -40.63
N ALA I 520 42.62 -17.97 -39.63
CA ALA I 520 44.06 -17.79 -39.46
C ALA I 520 44.75 -19.06 -39.98
N GLU I 521 45.22 -19.00 -41.22
CA GLU I 521 45.81 -20.19 -41.84
C GLU I 521 47.21 -20.47 -41.30
N PHE I 522 48.02 -19.42 -41.13
CA PHE I 522 49.42 -19.58 -40.76
C PHE I 522 49.66 -19.01 -39.36
N VAL I 523 50.39 -19.77 -38.54
CA VAL I 523 50.79 -19.34 -37.20
C VAL I 523 52.32 -19.26 -37.19
N ILE I 524 52.85 -18.11 -36.82
CA ILE I 524 54.28 -17.85 -36.87
C ILE I 524 54.76 -17.51 -35.47
N PHE I 525 55.83 -18.18 -35.03
CA PHE I 525 56.46 -17.95 -33.74
C PHE I 525 57.90 -17.52 -33.96
N ARG I 526 58.35 -16.54 -33.17
CA ARG I 526 59.72 -16.03 -33.24
C ARG I 526 60.36 -16.16 -31.88
N LEU I 527 61.48 -16.86 -31.81
CA LEU I 527 62.19 -17.08 -30.56
C LEU I 527 63.49 -16.29 -30.56
N ALA I 528 63.73 -15.55 -29.48
CA ALA I 528 64.94 -14.75 -29.32
C ALA I 528 65.71 -15.24 -28.10
N GLN I 529 67.01 -15.45 -28.27
CA GLN I 529 67.82 -15.96 -27.17
C GLN I 529 67.88 -14.96 -26.02
N PHE I 530 68.10 -13.69 -26.33
CA PHE I 530 68.25 -12.69 -25.28
C PHE I 530 66.91 -12.37 -24.64
N SER I 531 66.94 -12.15 -23.33
CA SER I 531 65.74 -11.78 -22.57
C SER I 531 66.11 -11.10 -21.27
N MET J 1 -26.98 7.27 -43.12
CA MET J 1 -27.80 6.14 -42.70
C MET J 1 -28.65 6.47 -41.48
N ILE J 2 -29.33 7.62 -41.54
CA ILE J 2 -30.29 8.01 -40.51
C ILE J 2 -31.69 7.79 -41.06
N HIS J 3 -31.85 8.02 -42.36
CA HIS J 3 -33.13 7.74 -43.00
C HIS J 3 -33.46 6.25 -42.93
N GLU J 4 -32.46 5.40 -43.14
CA GLU J 4 -32.68 3.96 -42.99
C GLU J 4 -33.09 3.62 -41.56
N VAL J 5 -32.46 4.25 -40.57
CA VAL J 5 -32.79 3.96 -39.18
C VAL J 5 -34.22 4.36 -38.87
N ASP J 6 -34.64 5.55 -39.32
CA ASP J 6 -36.01 5.98 -39.00
C ASP J 6 -37.03 5.16 -39.78
N GLU J 7 -36.70 4.73 -41.00
CA GLU J 7 -37.60 3.83 -41.73
C GLU J 7 -37.74 2.50 -41.01
N VAL J 8 -36.64 1.97 -40.48
CA VAL J 8 -36.70 0.73 -39.70
C VAL J 8 -37.55 0.92 -38.46
N LEU J 9 -37.39 2.06 -37.78
CA LEU J 9 -38.19 2.34 -36.59
C LEU J 9 -39.68 2.41 -36.94
N LYS J 10 -40.02 3.09 -38.04
CA LYS J 10 -41.41 3.18 -38.44
C LYS J 10 -42.00 1.81 -38.77
N ALA J 11 -41.24 0.99 -39.51
CA ALA J 11 -41.71 -0.34 -39.86
C ALA J 11 -41.89 -1.21 -38.61
N LEU J 12 -40.97 -1.10 -37.65
CA LEU J 12 -41.07 -1.89 -36.43
C LEU J 12 -42.27 -1.44 -35.59
N LEU J 13 -42.48 -0.13 -35.45
CA LEU J 13 -43.61 0.36 -34.67
C LEU J 13 -44.94 -0.01 -35.32
N LYS J 14 -45.02 0.11 -36.65
CA LYS J 14 -46.26 -0.24 -37.33
C LYS J 14 -46.48 -1.75 -37.35
N GLY J 15 -45.42 -2.52 -37.55
CA GLY J 15 -45.51 -3.96 -37.64
C GLY J 15 -45.35 -4.71 -36.34
N GLY J 16 -45.24 -4.02 -35.22
CA GLY J 16 -45.09 -4.68 -33.93
C GLY J 16 -46.41 -5.08 -33.32
N ALA J 17 -46.59 -4.77 -32.04
CA ALA J 17 -47.85 -5.05 -31.35
C ALA J 17 -48.92 -4.02 -31.64
N LEU J 18 -48.60 -2.94 -32.36
CA LEU J 18 -49.57 -1.91 -32.72
C LEU J 18 -50.30 -2.30 -34.01
N THR J 19 -50.99 -3.43 -33.93
CA THR J 19 -51.77 -3.96 -35.05
C THR J 19 -53.25 -3.64 -34.93
N ASP J 20 -53.78 -3.55 -33.71
CA ASP J 20 -55.21 -3.33 -33.54
C ASP J 20 -55.68 -2.03 -34.20
N SER J 21 -54.91 -0.96 -34.03
CA SER J 21 -55.25 0.33 -34.59
C SER J 21 -54.09 0.86 -35.41
N GLY J 22 -54.42 1.50 -36.54
CA GLY J 22 -53.41 2.06 -37.40
C GLY J 22 -52.94 3.43 -36.94
N ILE J 23 -52.16 3.46 -35.86
CA ILE J 23 -51.66 4.74 -35.35
C ILE J 23 -50.61 5.31 -36.30
N ASP J 24 -50.37 6.60 -36.15
CA ASP J 24 -49.44 7.34 -37.01
C ASP J 24 -48.16 7.62 -36.26
N VAL J 25 -47.02 7.27 -36.88
CA VAL J 25 -45.71 7.54 -36.33
C VAL J 25 -45.16 8.78 -37.01
N ALA J 26 -44.82 9.79 -36.21
CA ALA J 26 -44.36 11.08 -36.71
C ALA J 26 -43.01 11.42 -36.08
N PHE J 27 -42.14 12.00 -36.89
CA PHE J 27 -40.81 12.43 -36.43
C PHE J 27 -40.74 13.92 -36.17
N GLU J 28 -41.87 14.62 -36.20
CA GLU J 28 -41.88 16.06 -35.95
C GLU J 28 -41.54 16.36 -34.49
N ALA J 29 -40.98 17.54 -34.27
CA ALA J 29 -40.62 17.96 -32.93
C ALA J 29 -41.87 18.14 -32.08
N PRO J 30 -41.96 17.51 -30.91
CA PRO J 30 -43.17 17.62 -30.07
C PRO J 30 -43.24 18.92 -29.28
N THR J 31 -43.30 20.03 -30.02
CA THR J 31 -43.43 21.34 -29.39
C THR J 31 -44.90 21.60 -29.04
N ARG J 32 -45.15 22.75 -28.40
CA ARG J 32 -46.52 23.11 -28.07
C ARG J 32 -47.36 23.31 -29.32
N ASP J 33 -46.79 23.95 -30.35
CA ASP J 33 -47.53 24.17 -31.60
C ASP J 33 -47.88 22.83 -32.26
N TRP J 34 -46.94 21.90 -32.29
CA TRP J 34 -47.22 20.59 -32.87
C TRP J 34 -48.27 19.84 -32.06
N ALA J 35 -48.19 19.93 -30.72
CA ALA J 35 -49.14 19.23 -29.86
C ALA J 35 -50.53 19.84 -29.92
N ALA J 36 -50.66 21.12 -30.27
CA ALA J 36 -51.94 21.79 -30.28
C ALA J 36 -52.72 21.58 -31.58
N ARG J 37 -52.15 20.86 -32.55
CA ARG J 37 -52.82 20.63 -33.83
C ARG J 37 -53.23 19.18 -34.06
N ARG J 38 -52.54 18.22 -33.45
CA ARG J 38 -52.86 16.82 -33.64
C ARG J 38 -54.22 16.48 -33.04
N ASN J 39 -54.96 15.61 -33.72
CA ASN J 39 -56.28 15.20 -33.27
C ASN J 39 -56.47 13.69 -33.28
N ALA J 40 -55.41 12.92 -33.47
CA ALA J 40 -55.46 11.47 -33.50
C ALA J 40 -54.36 10.90 -32.62
N PRO J 41 -54.54 9.70 -32.08
CA PRO J 41 -53.48 9.07 -31.28
C PRO J 41 -52.26 8.80 -32.15
N VAL J 42 -51.12 9.36 -31.75
CA VAL J 42 -49.90 9.31 -32.54
C VAL J 42 -48.73 8.90 -31.65
N VAL J 43 -47.65 8.51 -32.31
CA VAL J 43 -46.39 8.18 -31.65
C VAL J 43 -45.30 9.05 -32.24
N ASN J 44 -44.69 9.89 -31.40
CA ASN J 44 -43.62 10.79 -31.81
C ASN J 44 -42.28 10.13 -31.54
N ALA J 45 -41.41 10.16 -32.55
CA ALA J 45 -40.10 9.50 -32.51
C ALA J 45 -39.00 10.50 -32.86
N TYR J 46 -39.00 11.64 -32.16
CA TYR J 46 -38.17 12.77 -32.55
C TYR J 46 -36.69 12.47 -32.35
N LEU J 47 -35.89 12.69 -33.39
CA LEU J 47 -34.44 12.52 -33.26
C LEU J 47 -33.87 13.70 -32.46
N TYR J 48 -33.08 13.38 -31.44
CA TYR J 48 -32.56 14.40 -30.52
C TYR J 48 -31.12 14.78 -30.84
N ASP J 49 -30.20 13.83 -30.85
CA ASP J 49 -28.79 14.17 -31.06
C ASP J 49 -28.05 12.98 -31.67
N ILE J 50 -26.88 13.28 -32.23
CA ILE J 50 -25.99 12.28 -32.80
C ILE J 50 -24.67 12.34 -32.07
N ARG J 51 -24.20 11.19 -31.59
CA ARG J 51 -22.93 11.09 -30.90
C ARG J 51 -22.19 9.86 -31.43
N GLU J 52 -20.86 9.90 -31.30
CA GLU J 52 -19.99 8.84 -31.78
C GLU J 52 -19.67 7.89 -30.63
N ASP J 53 -19.83 6.59 -30.88
CA ASP J 53 -19.52 5.56 -29.88
C ASP J 53 -18.01 5.36 -29.87
N VAL J 54 -17.33 6.15 -29.03
CA VAL J 54 -15.88 6.08 -28.95
C VAL J 54 -15.43 4.75 -28.36
N GLY J 55 -16.24 4.15 -27.49
CA GLY J 55 -15.86 2.89 -26.88
C GLY J 55 -15.87 1.70 -27.82
N ARG J 56 -16.63 1.78 -28.91
CA ARG J 56 -16.71 0.70 -29.88
C ARG J 56 -15.90 0.96 -31.13
N ARG J 57 -15.05 1.98 -31.13
CA ARG J 57 -14.25 2.31 -32.30
C ARG J 57 -13.03 1.42 -32.38
N HIS J 58 -12.74 0.94 -33.59
CA HIS J 58 -11.58 0.09 -33.85
C HIS J 58 -10.76 0.70 -34.98
N ARG J 59 -9.44 0.66 -34.84
CA ARG J 59 -8.52 1.21 -35.83
C ARG J 59 -7.58 0.13 -36.32
N GLY J 60 -7.43 0.04 -37.64
CA GLY J 60 -6.59 -0.96 -38.25
C GLY J 60 -6.86 -1.13 -39.73
N GLN J 61 -5.84 -1.56 -40.48
CA GLN J 61 -5.97 -1.71 -41.93
C GLN J 61 -6.69 -3.02 -42.23
N VAL J 62 -8.00 -2.92 -42.46
CA VAL J 62 -8.80 -4.10 -42.81
C VAL J 62 -8.53 -4.45 -44.26
N ALA J 63 -8.21 -5.73 -44.50
CA ALA J 63 -7.91 -6.20 -45.84
C ALA J 63 -9.19 -6.58 -46.58
N VAL J 64 -9.28 -6.18 -47.84
CA VAL J 64 -10.42 -6.51 -48.70
C VAL J 64 -9.87 -7.19 -49.95
N ARG J 65 -10.38 -8.39 -50.24
CA ARG J 65 -9.87 -9.22 -51.30
C ARG J 65 -10.98 -9.53 -52.29
N ASP J 66 -10.59 -9.82 -53.53
CA ASP J 66 -11.53 -10.20 -54.57
C ASP J 66 -11.68 -11.73 -54.58
N GLN J 67 -12.29 -12.26 -55.64
CA GLN J 67 -12.53 -13.70 -55.76
C GLN J 67 -11.25 -14.50 -55.91
N ASP J 68 -10.12 -13.85 -56.16
CA ASP J 68 -8.84 -14.53 -56.35
C ASP J 68 -8.12 -14.79 -55.03
N ASP J 69 -8.76 -14.51 -53.89
CA ASP J 69 -8.17 -14.72 -52.57
C ASP J 69 -6.90 -13.89 -52.37
N ILE J 70 -6.82 -12.75 -53.04
CA ILE J 70 -5.70 -11.82 -52.89
C ILE J 70 -6.27 -10.46 -52.51
N VAL J 71 -5.67 -9.82 -51.50
CA VAL J 71 -6.16 -8.53 -51.05
C VAL J 71 -5.87 -7.47 -52.11
N VAL J 72 -6.84 -6.57 -52.32
CA VAL J 72 -6.71 -5.53 -53.33
C VAL J 72 -7.08 -4.17 -52.74
N LYS J 73 -7.64 -4.16 -51.53
CA LYS J 73 -8.04 -2.91 -50.90
C LYS J 73 -7.70 -2.93 -49.42
N ARG J 74 -7.43 -1.75 -48.88
CA ARG J 74 -7.17 -1.56 -47.46
C ARG J 74 -8.10 -0.49 -46.94
N ARG J 75 -9.01 -0.87 -46.06
CA ARG J 75 -10.03 0.04 -45.52
C ARG J 75 -9.86 0.14 -44.00
N GLN J 76 -10.81 0.81 -43.36
CA GLN J 76 -10.81 0.99 -41.92
C GLN J 76 -12.11 0.47 -41.33
N PRO J 77 -12.09 0.03 -40.07
CA PRO J 77 -13.32 -0.47 -39.47
C PRO J 77 -14.37 0.63 -39.38
N PRO J 78 -15.65 0.27 -39.51
CA PRO J 78 -16.70 1.29 -39.49
C PRO J 78 -16.79 2.00 -38.16
N ARG J 79 -17.22 3.26 -38.20
CA ARG J 79 -17.38 4.07 -37.01
C ARG J 79 -18.84 3.99 -36.55
N TRP J 80 -19.04 3.68 -35.26
CA TRP J 80 -20.38 3.52 -34.72
C TRP J 80 -20.85 4.86 -34.15
N PHE J 81 -22.07 5.25 -34.53
CA PHE J 81 -22.66 6.51 -34.09
C PHE J 81 -23.93 6.23 -33.31
N ARG J 82 -24.10 6.90 -32.18
CA ARG J 82 -25.27 6.73 -31.33
C ARG J 82 -26.33 7.76 -31.69
N LEU J 83 -27.48 7.28 -32.17
CA LEU J 83 -28.61 8.15 -32.48
C LEU J 83 -29.67 7.98 -31.39
N SER J 84 -30.11 9.10 -30.83
CA SER J 84 -31.07 9.10 -29.74
C SER J 84 -32.43 9.58 -30.25
N TYR J 85 -33.48 8.86 -29.90
CA TYR J 85 -34.84 9.19 -30.27
C TYR J 85 -35.68 9.35 -29.01
N LEU J 86 -36.36 10.47 -28.89
CA LEU J 86 -37.37 10.68 -27.86
C LEU J 86 -38.69 10.14 -28.39
N VAL J 87 -39.21 9.10 -27.73
CA VAL J 87 -40.43 8.42 -28.15
C VAL J 87 -41.52 8.75 -27.14
N THR J 88 -42.62 9.30 -27.63
CA THR J 88 -43.77 9.66 -26.80
C THR J 88 -45.05 9.20 -27.47
N ALA J 89 -46.08 8.99 -26.65
CA ALA J 89 -47.40 8.62 -27.12
C ALA J 89 -48.38 9.73 -26.81
N TRP J 90 -49.17 10.14 -27.80
CA TRP J 90 -50.12 11.23 -27.66
C TRP J 90 -51.52 10.71 -27.93
N THR J 91 -52.40 10.85 -26.94
CA THR J 91 -53.80 10.43 -27.04
C THR J 91 -54.61 11.32 -26.11
N LYS J 92 -55.90 11.48 -26.41
CA LYS J 92 -56.76 12.40 -25.70
C LYS J 92 -56.97 12.05 -24.22
N THR J 93 -56.67 10.82 -23.81
CA THR J 93 -56.91 10.40 -22.43
C THR J 93 -55.59 9.93 -21.82
N PRO J 94 -55.24 10.39 -20.61
CA PRO J 94 -53.96 9.97 -20.01
C PRO J 94 -53.83 8.47 -19.82
N GLN J 95 -54.90 7.76 -19.47
CA GLN J 95 -54.82 6.32 -19.34
C GLN J 95 -54.57 5.65 -20.69
N ASP J 96 -55.19 6.19 -21.75
CA ASP J 96 -54.90 5.69 -23.08
C ASP J 96 -53.46 5.99 -23.49
N GLU J 97 -52.93 7.14 -23.09
CA GLU J 97 -51.52 7.44 -23.34
C GLU J 97 -50.62 6.44 -22.63
N HIS J 98 -50.94 6.10 -21.38
CA HIS J 98 -50.17 5.11 -20.65
C HIS J 98 -50.24 3.74 -21.32
N ARG J 99 -51.43 3.37 -21.80
CA ARG J 99 -51.58 2.09 -22.50
C ARG J 99 -50.75 2.07 -23.78
N LEU J 100 -50.76 3.17 -24.53
CA LEU J 100 -49.98 3.25 -25.76
C LEU J 100 -48.48 3.18 -25.46
N LEU J 101 -48.04 3.86 -24.40
CA LEU J 101 -46.63 3.79 -24.01
C LEU J 101 -46.25 2.37 -23.60
N SER J 102 -47.13 1.69 -22.87
CA SER J 102 -46.87 0.30 -22.49
C SER J 102 -46.76 -0.60 -23.71
N ALA J 103 -47.64 -0.39 -24.70
CA ALA J 103 -47.58 -1.18 -25.93
C ALA J 103 -46.29 -0.90 -26.70
N VAL J 104 -45.89 0.37 -26.75
CA VAL J 104 -44.66 0.74 -27.51
C VAL J 104 -43.45 0.07 -26.86
N LEU J 105 -43.34 0.18 -25.53
CA LEU J 105 -42.22 -0.47 -24.80
C LEU J 105 -42.29 -1.98 -25.04
N ALA J 106 -43.51 -2.55 -25.03
CA ALA J 106 -43.65 -4.02 -25.21
C ALA J 106 -43.00 -4.45 -26.53
N THR J 107 -43.19 -3.66 -27.60
CA THR J 107 -42.64 -4.04 -28.94
C THR J 107 -41.15 -3.69 -29.04
N LEU J 108 -40.69 -2.60 -28.41
CA LEU J 108 -39.27 -2.22 -28.60
C LEU J 108 -38.37 -3.02 -27.63
N LEU J 109 -38.98 -3.78 -26.72
CA LEU J 109 -38.20 -4.53 -25.70
C LEU J 109 -37.27 -5.56 -26.36
N PRO J 110 -37.76 -6.57 -27.12
CA PRO J 110 -36.89 -7.62 -27.67
C PRO J 110 -36.20 -7.23 -28.97
N ARG J 111 -35.48 -6.10 -28.97
CA ARG J 111 -34.80 -5.62 -30.22
C ARG J 111 -33.32 -5.38 -29.92
N GLU J 112 -32.74 -6.11 -28.97
CA GLU J 112 -31.31 -5.92 -28.59
C GLU J 112 -30.50 -5.47 -29.80
N GLN J 113 -30.34 -6.33 -30.80
CA GLN J 113 -29.61 -5.98 -32.00
C GLN J 113 -30.43 -6.38 -33.23
N LEU J 114 -30.48 -5.48 -34.21
CA LEU J 114 -31.27 -5.72 -35.41
C LEU J 114 -30.46 -6.58 -36.38
N PRO J 115 -30.95 -7.76 -36.76
CA PRO J 115 -30.24 -8.54 -37.76
C PRO J 115 -30.26 -7.84 -39.10
N PRO J 116 -29.21 -8.00 -39.92
CA PRO J 116 -29.11 -7.26 -41.17
C PRO J 116 -29.87 -7.87 -42.34
N TYR J 117 -30.77 -8.82 -42.12
CA TYR J 117 -31.52 -9.42 -43.21
C TYR J 117 -32.86 -8.73 -43.46
N GLU J 118 -33.21 -7.72 -42.67
CA GLU J 118 -34.42 -6.95 -42.88
C GLU J 118 -34.16 -5.45 -43.06
N LEU J 119 -32.94 -5.00 -42.84
CA LEU J 119 -32.62 -3.58 -42.99
C LEU J 119 -32.64 -3.18 -44.46
N PRO J 120 -32.80 -1.89 -44.74
CA PRO J 120 -32.78 -1.43 -46.15
C PRO J 120 -31.40 -1.60 -46.79
N GLY J 121 -31.28 -1.18 -48.05
CA GLY J 121 -30.08 -1.47 -48.82
C GLY J 121 -28.83 -0.87 -48.20
N ALA J 122 -28.89 0.41 -47.82
CA ALA J 122 -27.71 1.07 -47.26
C ALA J 122 -27.29 0.43 -45.94
N LEU J 123 -28.24 0.13 -45.07
CA LEU J 123 -27.91 -0.54 -43.81
C LEU J 123 -27.62 -2.02 -44.02
N GLY J 124 -28.33 -2.65 -44.95
CA GLY J 124 -28.12 -4.08 -45.20
C GLY J 124 -26.80 -4.40 -45.87
N ALA J 125 -26.19 -3.43 -46.57
CA ALA J 125 -24.91 -3.67 -47.20
C ALA J 125 -23.78 -3.84 -46.18
N MET J 126 -23.98 -3.39 -44.94
CA MET J 126 -22.95 -3.53 -43.91
C MET J 126 -22.85 -4.96 -43.40
N ASN J 127 -23.98 -5.68 -43.36
CA ASN J 127 -24.03 -7.04 -42.82
C ASN J 127 -23.52 -7.09 -41.38
N LEU J 128 -23.84 -6.06 -40.61
CA LEU J 128 -23.43 -5.94 -39.22
C LEU J 128 -24.65 -5.72 -38.35
N PRO J 129 -24.63 -6.22 -37.11
CA PRO J 129 -25.75 -5.98 -36.20
C PRO J 129 -25.86 -4.52 -35.81
N VAL J 130 -27.08 -4.09 -35.57
CA VAL J 130 -27.37 -2.72 -35.17
C VAL J 130 -28.01 -2.74 -33.79
N PRO J 131 -27.23 -2.51 -32.74
CA PRO J 131 -27.78 -2.56 -31.38
C PRO J 131 -28.85 -1.50 -31.17
N MET J 132 -29.87 -1.84 -30.38
CA MET J 132 -30.96 -0.93 -30.06
C MET J 132 -31.28 -1.08 -28.58
N THR J 133 -31.30 0.05 -27.86
CA THR J 133 -31.64 0.07 -26.45
C THR J 133 -32.84 0.99 -26.25
N VAL J 134 -33.81 0.55 -25.45
CA VAL J 134 -35.06 1.29 -25.32
C VAL J 134 -35.02 2.24 -24.13
N ALA J 135 -34.58 1.78 -22.96
CA ALA J 135 -34.56 2.63 -21.77
C ALA J 135 -33.31 2.40 -20.94
N GLY J 136 -32.14 2.33 -21.58
CA GLY J 136 -30.91 2.04 -20.87
C GLY J 136 -30.60 3.02 -19.75
N VAL J 137 -30.83 4.32 -19.97
CA VAL J 137 -30.58 5.32 -18.94
C VAL J 137 -31.37 6.58 -19.26
N SER J 143 -32.05 15.09 -16.46
CA SER J 143 -31.58 15.77 -17.66
C SER J 143 -32.69 15.87 -18.71
N LEU J 144 -33.75 15.08 -18.53
CA LEU J 144 -34.86 15.11 -19.47
C LEU J 144 -35.66 16.39 -19.36
N ALA J 145 -35.67 17.03 -18.18
CA ALA J 145 -36.40 18.27 -18.02
C ALA J 145 -35.80 19.39 -18.87
N GLU J 146 -34.48 19.56 -18.79
CA GLU J 146 -33.82 20.57 -19.61
C GLU J 146 -33.98 20.26 -21.09
N ILE J 147 -33.89 18.98 -21.45
CA ILE J 147 -34.00 18.58 -22.86
C ILE J 147 -35.38 18.92 -23.39
N TRP J 148 -36.43 18.60 -22.62
CA TRP J 148 -37.78 18.95 -23.03
C TRP J 148 -37.98 20.45 -23.10
N SER J 149 -37.40 21.19 -22.16
CA SER J 149 -37.47 22.65 -22.20
C SER J 149 -36.72 23.23 -23.39
N ALA J 150 -35.76 22.49 -23.95
CA ALA J 150 -35.02 23.00 -25.10
C ALA J 150 -35.93 23.19 -26.32
N LEU J 151 -36.82 22.23 -26.58
CA LEU J 151 -37.77 22.38 -27.67
C LEU J 151 -38.92 23.32 -27.34
N GLY J 152 -39.05 23.75 -26.08
CA GLY J 152 -40.18 24.54 -25.66
C GLY J 152 -41.41 23.74 -25.30
N GLY J 153 -41.34 22.41 -25.33
CA GLY J 153 -42.47 21.58 -25.00
C GLY J 153 -42.62 21.38 -23.50
N GLU J 154 -43.57 20.53 -23.14
CA GLU J 154 -43.88 20.23 -21.75
C GLU J 154 -43.42 18.82 -21.43
N LEU J 155 -42.92 18.63 -20.20
CA LEU J 155 -42.38 17.34 -19.80
C LEU J 155 -43.45 16.26 -19.84
N LYS J 156 -43.12 15.14 -20.47
CA LYS J 156 -43.99 13.99 -20.57
C LYS J 156 -43.15 12.74 -20.44
N PRO J 157 -43.75 11.62 -20.03
CA PRO J 157 -43.00 10.35 -20.06
C PRO J 157 -42.53 10.04 -21.47
N SER J 158 -41.30 9.54 -21.57
CA SER J 158 -40.69 9.36 -22.88
C SER J 158 -39.70 8.20 -22.82
N LEU J 159 -39.37 7.69 -24.00
CA LEU J 159 -38.40 6.62 -24.17
C LEU J 159 -37.18 7.18 -24.89
N ASP J 160 -36.00 6.83 -24.38
CA ASP J 160 -34.73 7.25 -24.97
C ASP J 160 -34.19 6.08 -25.79
N LEU J 161 -34.64 5.97 -27.04
CA LEU J 161 -34.24 4.88 -27.91
C LEU J 161 -32.89 5.20 -28.52
N VAL J 162 -31.88 4.39 -28.19
CA VAL J 162 -30.52 4.59 -28.68
C VAL J 162 -30.23 3.52 -29.72
N VAL J 163 -29.83 3.95 -30.91
CA VAL J 163 -29.52 3.05 -32.03
C VAL J 163 -28.08 3.31 -32.46
N THR J 164 -27.31 2.22 -32.60
CA THR J 164 -25.89 2.32 -32.95
C THR J 164 -25.76 2.05 -34.45
N ALA J 165 -25.72 3.13 -35.23
CA ALA J 165 -25.59 3.02 -36.67
C ALA J 165 -24.12 2.87 -37.06
N PRO J 166 -23.77 1.84 -37.85
CA PRO J 166 -22.38 1.67 -38.30
C PRO J 166 -22.04 2.47 -39.56
N PHE J 167 -21.75 3.75 -39.36
CA PHE J 167 -21.38 4.61 -40.47
C PHE J 167 -20.04 4.17 -41.05
N PRO J 168 -19.84 4.28 -42.36
CA PRO J 168 -18.57 3.89 -42.96
C PRO J 168 -17.53 4.98 -42.91
N ALA J 169 -16.29 4.56 -42.73
CA ALA J 169 -15.12 5.44 -42.72
C ALA J 169 -14.02 4.87 -43.59
N TYR J 170 -14.40 4.25 -44.69
CA TYR J 170 -13.45 3.53 -45.53
C TYR J 170 -12.62 4.53 -46.35
N PRO J 171 -11.29 4.52 -46.21
CA PRO J 171 -10.46 5.32 -47.14
C PRO J 171 -10.20 4.63 -48.46
N GLU J 172 -10.40 3.31 -48.53
CA GLU J 172 -10.25 2.55 -49.78
C GLU J 172 -8.88 2.74 -50.40
N TYR J 173 -7.84 2.74 -49.57
CA TYR J 173 -6.48 2.86 -50.07
C TYR J 173 -6.11 1.61 -50.86
N ASP J 174 -5.51 1.80 -52.03
CA ASP J 174 -5.17 0.70 -52.91
C ASP J 174 -3.88 0.02 -52.46
N ALA J 175 -3.77 -1.26 -52.79
CA ALA J 175 -2.60 -2.06 -52.47
C ALA J 175 -1.79 -2.33 -53.73
N GLY J 176 -0.53 -2.71 -53.54
CA GLY J 176 0.37 -2.97 -54.65
C GLY J 176 0.02 -4.23 -55.39
N PRO J 177 0.61 -4.40 -56.59
CA PRO J 177 0.34 -5.61 -57.36
C PRO J 177 0.89 -6.84 -56.64
N PRO J 178 0.25 -7.99 -56.82
CA PRO J 178 0.73 -9.20 -56.15
C PRO J 178 2.09 -9.64 -56.67
N VAL J 179 2.85 -10.28 -55.78
CA VAL J 179 4.18 -10.77 -56.12
C VAL J 179 4.02 -12.18 -56.71
N THR J 180 4.37 -12.33 -57.98
CA THR J 180 4.25 -13.61 -58.67
C THR J 180 5.58 -14.29 -58.95
N GLU J 181 6.66 -13.52 -59.05
CA GLU J 181 7.98 -14.08 -59.30
C GLU J 181 8.73 -14.44 -58.02
N GLY J 182 8.10 -14.30 -56.87
CA GLY J 182 8.76 -14.59 -55.61
C GLY J 182 9.67 -13.45 -55.19
N ALA J 183 10.56 -13.76 -54.25
CA ALA J 183 11.48 -12.80 -53.69
C ALA J 183 12.92 -13.15 -54.10
N THR J 184 13.67 -12.14 -54.50
CA THR J 184 15.08 -12.29 -54.81
C THR J 184 15.90 -11.56 -53.74
N VAL J 185 17.01 -12.17 -53.34
CA VAL J 185 17.86 -11.65 -52.27
C VAL J 185 19.23 -11.35 -52.85
N ARG J 186 19.87 -10.30 -52.35
CA ARG J 186 21.22 -9.92 -52.75
C ARG J 186 22.07 -9.82 -51.49
N ILE J 187 23.24 -10.46 -51.51
CA ILE J 187 24.11 -10.53 -50.35
C ILE J 187 25.51 -10.08 -50.74
N GLY J 188 26.27 -9.64 -49.75
CA GLY J 188 27.61 -9.17 -49.99
C GLY J 188 28.21 -8.57 -48.74
N GLY J 189 29.30 -7.84 -48.92
CA GLY J 189 29.99 -7.20 -47.82
C GLY J 189 29.36 -5.86 -47.47
N VAL J 190 29.34 -5.56 -46.17
CA VAL J 190 28.78 -4.30 -45.71
C VAL J 190 29.60 -3.12 -46.22
N GLU J 191 30.92 -3.24 -46.17
CA GLU J 191 31.80 -2.19 -46.65
C GLU J 191 32.07 -2.28 -48.15
N GLY J 192 31.53 -3.30 -48.83
CA GLY J 192 31.72 -3.46 -50.25
C GLY J 192 32.99 -4.16 -50.67
N ASP J 193 33.67 -4.84 -49.75
CA ASP J 193 34.90 -5.54 -50.11
C ASP J 193 34.68 -6.61 -51.18
N PRO J 194 33.68 -7.48 -51.09
CA PRO J 194 33.41 -8.40 -52.20
C PRO J 194 32.40 -7.79 -53.15
N PRO J 195 32.55 -8.02 -54.46
CA PRO J 195 31.56 -7.51 -55.41
C PRO J 195 30.21 -8.13 -55.17
N MET J 196 29.15 -7.36 -55.45
CA MET J 196 27.81 -7.84 -55.16
C MET J 196 27.36 -8.87 -56.19
N SER J 197 26.38 -9.66 -55.79
CA SER J 197 25.82 -10.73 -56.61
C SER J 197 24.32 -10.55 -56.76
N GLU J 198 23.79 -11.10 -57.85
CA GLU J 198 22.34 -11.07 -58.07
C GLU J 198 21.61 -11.87 -57.01
N GLY J 199 22.15 -13.02 -56.63
CA GLY J 199 21.59 -13.82 -55.55
C GLY J 199 20.42 -14.70 -55.92
N ARG J 200 20.00 -14.69 -57.19
CA ARG J 200 18.90 -15.52 -57.66
C ARG J 200 17.61 -15.25 -56.90
N SER J 201 16.62 -16.13 -57.07
CA SER J 201 15.31 -15.93 -56.46
C SER J 201 14.71 -17.29 -56.16
N HIS J 202 13.41 -17.31 -55.85
CA HIS J 202 12.72 -18.55 -55.53
C HIS J 202 12.66 -19.46 -56.74
N ARG J 203 12.86 -20.76 -56.51
CA ARG J 203 12.76 -21.73 -57.58
C ARG J 203 11.30 -21.89 -58.00
N PRO J 204 11.06 -22.29 -59.26
CA PRO J 204 9.67 -22.45 -59.72
C PRO J 204 8.87 -23.44 -58.91
N HIS J 205 9.49 -24.52 -58.42
CA HIS J 205 8.77 -25.49 -57.62
C HIS J 205 8.35 -24.89 -56.27
N GLN J 206 9.18 -24.00 -55.72
CA GLN J 206 8.80 -23.32 -54.48
C GLN J 206 7.58 -22.43 -54.70
N VAL J 207 7.56 -21.69 -55.82
CA VAL J 207 6.41 -20.84 -56.12
C VAL J 207 5.17 -21.69 -56.33
N ALA J 208 5.31 -22.81 -57.04
CA ALA J 208 4.17 -23.70 -57.26
C ALA J 208 3.64 -24.26 -55.95
N ALA J 209 4.54 -24.67 -55.04
CA ALA J 209 4.12 -25.18 -53.74
C ALA J 209 3.42 -24.10 -52.93
N ALA J 210 3.94 -22.87 -52.97
CA ALA J 210 3.31 -21.78 -52.23
C ALA J 210 1.92 -21.48 -52.79
N ARG J 211 1.77 -21.51 -54.11
CA ARG J 211 0.46 -21.26 -54.70
C ARG J 211 -0.52 -22.40 -54.45
N ALA J 212 -0.01 -23.63 -54.33
CA ALA J 212 -0.88 -24.77 -54.05
C ALA J 212 -1.31 -24.81 -52.59
N ALA J 213 -0.43 -24.40 -51.67
CA ALA J 213 -0.77 -24.42 -50.25
C ALA J 213 -1.79 -23.36 -49.86
N ARG J 214 -2.11 -22.41 -50.75
CA ARG J 214 -3.10 -21.41 -50.44
C ARG J 214 -4.48 -22.03 -50.23
N LYS J 215 -4.84 -23.01 -51.06
CA LYS J 215 -6.13 -23.68 -50.94
C LYS J 215 -6.22 -24.50 -49.66
N ALA K 15 -27.69 -40.23 -7.71
CA ALA K 15 -26.32 -39.92 -8.13
C ALA K 15 -26.18 -39.98 -9.64
N SER K 16 -27.24 -40.43 -10.30
CA SER K 16 -27.26 -40.56 -11.76
C SER K 16 -27.84 -39.33 -12.45
N GLY K 17 -28.23 -38.30 -11.71
CA GLY K 17 -28.81 -37.13 -12.31
C GLY K 17 -27.96 -35.88 -12.18
N SER K 18 -26.86 -35.97 -11.43
CA SER K 18 -25.99 -34.82 -11.24
C SER K 18 -24.50 -35.12 -11.37
N ARG K 19 -24.07 -36.37 -11.35
CA ARG K 19 -22.63 -36.58 -11.40
C ARG K 19 -22.15 -36.63 -12.86
N PRO K 20 -20.97 -36.10 -13.13
CA PRO K 20 -20.40 -36.15 -14.47
C PRO K 20 -19.87 -37.55 -14.78
N ILE K 21 -19.26 -37.68 -15.95
CA ILE K 21 -18.73 -38.97 -16.39
C ILE K 21 -17.49 -39.31 -15.59
N GLU K 22 -17.49 -40.50 -14.99
CA GLU K 22 -16.37 -40.97 -14.19
C GLU K 22 -16.01 -42.39 -14.58
N GLY K 23 -14.75 -42.75 -14.38
CA GLY K 23 -14.30 -44.09 -14.70
C GLY K 23 -14.85 -45.11 -13.72
N VAL K 24 -14.95 -46.35 -14.18
CA VAL K 24 -15.40 -47.46 -13.35
C VAL K 24 -14.17 -48.04 -12.64
N THR K 31 -14.00 -50.51 -10.41
CA THR K 31 -14.10 -51.88 -9.95
C THR K 31 -14.40 -52.81 -11.12
N SER K 32 -13.98 -54.07 -10.97
CA SER K 32 -14.22 -55.10 -11.96
C SER K 32 -14.89 -56.28 -11.27
N VAL K 33 -16.13 -56.57 -11.65
CA VAL K 33 -16.95 -57.59 -10.99
C VAL K 33 -17.08 -58.79 -11.93
N ALA K 34 -16.77 -59.97 -11.42
CA ALA K 34 -16.86 -61.20 -12.18
C ALA K 34 -18.13 -61.96 -11.80
N ALA K 35 -18.79 -62.53 -12.81
CA ALA K 35 -20.00 -63.31 -12.62
C ALA K 35 -19.66 -64.78 -12.81
N PHE K 36 -19.95 -65.58 -11.80
CA PHE K 36 -19.66 -67.01 -11.81
C PHE K 36 -20.96 -67.80 -11.83
N VAL K 37 -21.10 -68.69 -12.81
CA VAL K 37 -22.28 -69.53 -12.97
C VAL K 37 -21.84 -70.98 -12.82
N GLY K 38 -22.50 -71.71 -11.93
CA GLY K 38 -22.14 -73.10 -11.72
C GLY K 38 -22.96 -73.71 -10.61
N LEU K 39 -22.52 -74.89 -10.17
CA LEU K 39 -23.22 -75.66 -9.16
C LEU K 39 -22.52 -75.52 -7.81
N ALA K 40 -23.31 -75.38 -6.75
CA ALA K 40 -22.76 -75.25 -5.39
C ALA K 40 -23.82 -75.67 -4.40
N PRO K 41 -23.45 -76.35 -3.31
CA PRO K 41 -24.45 -76.72 -2.31
C PRO K 41 -25.01 -75.51 -1.60
N THR K 42 -26.28 -75.63 -1.20
CA THR K 42 -27.02 -74.58 -0.49
C THR K 42 -27.04 -73.27 -1.27
N GLY K 43 -27.52 -72.20 -0.64
CA GLY K 43 -27.57 -70.91 -1.28
C GLY K 43 -28.77 -70.75 -2.20
N PRO K 44 -29.00 -69.53 -2.68
CA PRO K 44 -30.12 -69.30 -3.59
C PRO K 44 -29.89 -69.96 -4.94
N LEU K 45 -31.00 -70.25 -5.62
CA LEU K 45 -30.97 -70.90 -6.93
C LEU K 45 -31.36 -69.88 -8.00
N ASN K 46 -30.51 -69.76 -9.02
CA ASN K 46 -30.75 -68.86 -10.15
C ASN K 46 -30.93 -67.41 -9.71
N GLU K 47 -30.25 -67.02 -8.63
CA GLU K 47 -30.32 -65.66 -8.11
C GLU K 47 -28.92 -65.09 -8.01
N PRO K 48 -28.58 -64.07 -8.81
CA PRO K 48 -27.24 -63.46 -8.70
C PRO K 48 -27.01 -62.81 -7.36
N THR K 49 -26.08 -63.35 -6.58
CA THR K 49 -25.77 -62.85 -5.24
C THR K 49 -24.43 -62.12 -5.28
N LEU K 50 -24.41 -60.90 -4.77
CA LEU K 50 -23.18 -60.10 -4.72
C LEU K 50 -22.36 -60.54 -3.51
N VAL K 51 -21.20 -61.12 -3.77
CA VAL K 51 -20.28 -61.59 -2.73
C VAL K 51 -18.98 -60.82 -2.90
N THR K 52 -18.55 -60.14 -1.83
CA THR K 52 -17.36 -59.31 -1.87
C THR K 52 -16.22 -59.88 -1.03
N ASN K 53 -16.39 -61.06 -0.45
CA ASN K 53 -15.35 -61.67 0.37
C ASN K 53 -15.59 -63.16 0.45
N TRP K 54 -14.52 -63.90 0.74
CA TRP K 54 -14.64 -65.35 0.88
C TRP K 54 -15.52 -65.72 2.07
N THR K 55 -15.41 -64.97 3.17
CA THR K 55 -16.27 -65.20 4.32
C THR K 55 -17.73 -65.01 3.97
N GLN K 56 -18.04 -63.98 3.17
CA GLN K 56 -19.41 -63.79 2.71
C GLN K 56 -19.85 -64.95 1.84
N TYR K 57 -18.96 -65.46 1.00
CA TYR K 57 -19.31 -66.58 0.13
C TYR K 57 -19.63 -67.83 0.94
N VAL K 58 -18.83 -68.14 1.96
CA VAL K 58 -19.12 -69.32 2.76
C VAL K 58 -20.30 -69.10 3.70
N ALA K 59 -20.61 -67.85 4.03
CA ALA K 59 -21.80 -67.57 4.83
C ALA K 59 -23.06 -67.73 4.01
N ALA K 60 -23.02 -67.31 2.74
CA ALA K 60 -24.19 -67.42 1.86
C ALA K 60 -24.23 -68.79 1.17
N PHE K 61 -23.18 -69.11 0.40
CA PHE K 61 -23.09 -70.38 -0.30
C PHE K 61 -22.30 -71.38 0.54
N GLY K 62 -21.99 -72.53 -0.07
CA GLY K 62 -21.26 -73.55 0.63
C GLY K 62 -19.79 -73.59 0.25
N ASP K 63 -18.98 -74.13 1.16
CA ASP K 63 -17.55 -74.29 0.95
C ASP K 63 -17.31 -75.53 0.08
N PHE K 64 -16.08 -76.03 0.07
CA PHE K 64 -15.76 -77.21 -0.71
C PHE K 64 -16.34 -78.46 -0.08
N THR K 65 -17.59 -78.81 -0.45
CA THR K 65 -18.24 -79.99 0.08
C THR K 65 -18.81 -80.85 -1.04
N GLY K 66 -18.19 -80.81 -2.22
CA GLY K 66 -18.64 -81.61 -3.34
C GLY K 66 -17.70 -81.46 -4.51
N GLY K 67 -17.96 -82.26 -5.54
CA GLY K 67 -17.17 -82.21 -6.75
C GLY K 67 -17.56 -81.07 -7.66
N TYR K 68 -17.49 -79.85 -7.14
CA TYR K 68 -17.85 -78.65 -7.89
C TYR K 68 -16.67 -77.70 -7.91
N TYR K 69 -16.45 -77.07 -9.07
CA TYR K 69 -15.34 -76.14 -9.24
C TYR K 69 -15.71 -74.70 -8.92
N LEU K 70 -16.98 -74.43 -8.60
CA LEU K 70 -17.40 -73.06 -8.31
C LEU K 70 -16.69 -72.52 -7.07
N ALA K 71 -16.62 -73.33 -6.02
CA ALA K 71 -15.95 -72.89 -4.79
C ALA K 71 -14.47 -72.65 -5.04
N HIS K 72 -13.81 -73.55 -5.78
CA HIS K 72 -12.40 -73.36 -6.10
C HIS K 72 -12.20 -72.11 -6.96
N SER K 73 -13.08 -71.88 -7.93
CA SER K 73 -12.96 -70.71 -8.78
C SER K 73 -13.12 -69.43 -7.97
N VAL K 74 -14.09 -69.39 -7.06
CA VAL K 74 -14.28 -68.20 -6.23
C VAL K 74 -13.10 -67.99 -5.30
N TYR K 75 -12.58 -69.07 -4.71
CA TYR K 75 -11.43 -68.96 -3.84
C TYR K 75 -10.21 -68.44 -4.60
N GLY K 76 -10.00 -68.91 -5.83
CA GLY K 76 -8.91 -68.39 -6.63
C GLY K 76 -9.11 -66.94 -7.03
N PHE K 77 -10.35 -66.57 -7.35
CA PHE K 77 -10.65 -65.19 -7.72
C PHE K 77 -10.36 -64.24 -6.57
N PHE K 78 -10.76 -64.62 -5.35
CA PHE K 78 -10.54 -63.73 -4.21
C PHE K 78 -9.09 -63.77 -3.73
N ASN K 79 -8.43 -64.92 -3.84
CA ASN K 79 -7.02 -65.00 -3.44
C ASN K 79 -6.13 -64.18 -4.37
N ASN K 80 -6.43 -64.19 -5.67
CA ASN K 80 -5.67 -63.42 -6.65
C ASN K 80 -6.08 -61.95 -6.69
N GLY K 81 -6.90 -61.50 -5.75
CA GLY K 81 -7.34 -60.12 -5.73
C GLY K 81 -8.64 -59.92 -6.49
N GLY K 82 -9.65 -59.39 -5.82
CA GLY K 82 -10.94 -59.14 -6.45
C GLY K 82 -11.83 -58.26 -5.61
N SER K 83 -12.38 -57.21 -6.23
CA SER K 83 -13.22 -56.27 -5.49
C SER K 83 -14.57 -56.88 -5.14
N ALA K 84 -15.20 -57.56 -6.08
CA ALA K 84 -16.53 -58.13 -5.86
C ALA K 84 -16.78 -59.21 -6.91
N ALA K 85 -17.85 -59.98 -6.69
CA ALA K 85 -18.24 -61.02 -7.62
C ALA K 85 -19.75 -61.20 -7.53
N TYR K 86 -20.32 -61.75 -8.61
CA TYR K 86 -21.76 -62.02 -8.70
C TYR K 86 -21.93 -63.51 -8.91
N VAL K 87 -22.10 -64.24 -7.82
CA VAL K 87 -22.21 -65.69 -7.88
C VAL K 87 -23.63 -66.07 -8.28
N VAL K 88 -23.74 -66.90 -9.32
CA VAL K 88 -25.02 -67.42 -9.81
C VAL K 88 -24.98 -68.93 -9.68
N ARG K 89 -25.99 -69.50 -9.01
CA ARG K 89 -26.09 -70.94 -8.80
C ARG K 89 -27.19 -71.50 -9.68
N VAL K 90 -26.87 -72.56 -10.42
CA VAL K 90 -27.82 -73.22 -11.30
C VAL K 90 -28.08 -74.66 -10.89
N GLY K 91 -27.65 -75.06 -9.70
CA GLY K 91 -27.85 -76.41 -9.24
C GLY K 91 -26.91 -76.73 -8.09
N GLY K 92 -26.84 -78.03 -7.78
CA GLY K 92 -26.01 -78.51 -6.70
C GLY K 92 -26.80 -79.10 -5.55
N SER K 93 -26.52 -80.35 -5.22
CA SER K 93 -27.23 -81.06 -4.15
C SER K 93 -26.20 -81.70 -3.22
N ALA K 94 -26.09 -81.16 -2.01
CA ALA K 94 -25.19 -81.68 -0.98
C ALA K 94 -23.75 -81.79 -1.49
N GLY K 252 -29.12 -69.74 -17.22
CA GLY K 252 -28.75 -68.90 -16.10
C GLY K 252 -28.13 -67.59 -16.54
N PHE K 253 -27.68 -67.53 -17.79
CA PHE K 253 -27.08 -66.31 -18.31
C PHE K 253 -28.09 -65.18 -18.41
N GLY K 254 -29.35 -65.50 -18.71
CA GLY K 254 -30.38 -64.49 -18.82
C GLY K 254 -30.60 -63.70 -17.55
N GLY K 255 -30.27 -64.27 -16.40
CA GLY K 255 -30.36 -63.55 -15.15
C GLY K 255 -29.25 -62.55 -14.92
N LEU K 256 -28.19 -62.60 -15.73
CA LEU K 256 -27.07 -61.67 -15.62
C LEU K 256 -27.23 -60.45 -16.52
N GLU K 257 -28.33 -60.35 -17.26
CA GLU K 257 -28.56 -59.21 -18.14
C GLU K 257 -29.10 -57.99 -17.41
N ALA K 258 -29.48 -58.13 -16.14
CA ALA K 258 -30.02 -57.04 -15.36
C ALA K 258 -28.97 -56.35 -14.50
N ILE K 259 -27.70 -56.73 -14.65
CA ILE K 259 -26.60 -56.17 -13.87
C ILE K 259 -25.61 -55.53 -14.82
N ASP K 260 -25.19 -54.32 -14.51
CA ASP K 260 -24.30 -53.54 -15.37
C ASP K 260 -22.83 -53.66 -14.98
N GLU K 261 -22.53 -53.69 -13.68
CA GLU K 261 -21.15 -53.65 -13.22
C GLU K 261 -20.34 -54.88 -13.60
N ILE K 262 -20.98 -55.96 -14.06
CA ILE K 262 -20.26 -57.17 -14.40
C ILE K 262 -19.41 -56.93 -15.64
N SER K 263 -18.15 -57.32 -15.57
CA SER K 263 -17.21 -57.14 -16.68
C SER K 263 -16.60 -58.45 -17.19
N MET K 264 -16.85 -59.57 -16.53
CA MET K 264 -16.34 -60.85 -16.99
C MET K 264 -17.22 -61.96 -16.43
N VAL K 265 -17.23 -63.09 -17.12
CA VAL K 265 -18.07 -64.22 -16.75
C VAL K 265 -17.25 -65.51 -16.83
N ALA K 266 -17.75 -66.54 -16.15
CA ALA K 266 -17.09 -67.84 -16.14
C ALA K 266 -18.11 -68.93 -15.83
N VAL K 267 -17.84 -70.12 -16.34
CA VAL K 267 -18.68 -71.30 -16.10
C VAL K 267 -17.79 -72.45 -15.65
N PRO K 268 -17.26 -72.41 -14.42
CA PRO K 268 -16.28 -73.43 -14.01
C PRO K 268 -16.82 -74.85 -13.98
N ASP K 269 -18.09 -75.03 -13.65
CA ASP K 269 -18.64 -76.37 -13.43
C ASP K 269 -19.13 -77.05 -14.71
N LEU K 270 -19.04 -76.38 -15.87
CA LEU K 270 -19.38 -77.04 -17.12
C LEU K 270 -18.43 -78.21 -17.39
N MET K 271 -17.13 -77.99 -17.19
CA MET K 271 -16.16 -79.05 -17.38
C MET K 271 -16.29 -80.13 -16.30
N ALA K 272 -16.72 -79.74 -15.10
CA ALA K 272 -16.96 -80.73 -14.05
C ALA K 272 -18.08 -81.69 -14.46
N ALA K 273 -19.16 -81.16 -15.04
CA ALA K 273 -20.22 -82.03 -15.54
C ALA K 273 -19.77 -82.83 -16.76
N TYR K 274 -18.92 -82.23 -17.61
CA TYR K 274 -18.43 -82.96 -18.78
C TYR K 274 -17.52 -84.12 -18.39
N GLN K 275 -16.78 -83.98 -17.29
CA GLN K 275 -15.82 -85.02 -16.89
C GLN K 275 -16.53 -86.32 -16.55
N ARG K 276 -17.66 -86.23 -15.84
CA ARG K 276 -18.39 -87.43 -15.44
C ARG K 276 -19.14 -88.09 -16.59
N GLY K 277 -19.17 -87.45 -17.77
CA GLY K 277 -19.81 -88.03 -18.93
C GLY K 277 -21.30 -87.79 -19.05
N ALA K 278 -21.91 -87.07 -18.10
CA ALA K 278 -23.34 -86.78 -18.19
C ALA K 278 -23.65 -85.78 -19.28
N ILE K 279 -22.66 -85.00 -19.72
CA ILE K 279 -22.84 -84.00 -20.76
C ILE K 279 -21.77 -84.21 -21.82
N ASP K 280 -22.19 -84.32 -23.08
CA ASP K 280 -21.28 -84.57 -24.17
C ASP K 280 -20.58 -83.27 -24.58
N LEU K 281 -19.65 -83.39 -25.54
CA LEU K 281 -18.91 -82.22 -25.99
C LEU K 281 -19.80 -81.25 -26.77
N GLU K 282 -20.81 -81.75 -27.46
CA GLU K 282 -21.70 -80.88 -28.22
C GLU K 282 -22.45 -79.93 -27.32
N ALA K 283 -22.94 -80.43 -26.17
CA ALA K 283 -23.64 -79.56 -25.24
C ALA K 283 -22.71 -78.51 -24.65
N VAL K 284 -21.46 -78.89 -24.36
CA VAL K 284 -20.49 -77.93 -23.85
C VAL K 284 -20.21 -76.84 -24.88
N LYS K 285 -20.05 -77.23 -26.14
CA LYS K 285 -19.83 -76.25 -27.20
C LYS K 285 -21.04 -75.33 -27.35
N ALA K 286 -22.24 -75.88 -27.27
CA ALA K 286 -23.44 -75.05 -27.37
C ALA K 286 -23.52 -74.06 -26.21
N VAL K 287 -23.20 -74.51 -25.00
CA VAL K 287 -23.23 -73.61 -23.84
C VAL K 287 -22.20 -72.50 -24.00
N GLN K 288 -21.00 -72.84 -24.45
CA GLN K 288 -19.96 -71.82 -24.64
C GLN K 288 -20.34 -70.85 -25.75
N LEU K 289 -20.95 -71.33 -26.83
CA LEU K 289 -21.40 -70.43 -27.89
C LEU K 289 -22.50 -69.51 -27.39
N GLY K 290 -23.42 -70.03 -26.58
CA GLY K 290 -24.45 -69.18 -25.99
C GLY K 290 -23.87 -68.13 -25.07
N LEU K 291 -22.85 -68.52 -24.29
CA LEU K 291 -22.18 -67.54 -23.42
C LEU K 291 -21.50 -66.46 -24.23
N ILE K 292 -20.84 -66.82 -25.33
CA ILE K 292 -20.18 -65.84 -26.18
C ILE K 292 -21.21 -64.91 -26.81
N ALA K 293 -22.34 -65.46 -27.26
CA ALA K 293 -23.40 -64.63 -27.83
C ALA K 293 -23.97 -63.68 -26.80
N HIS K 294 -24.15 -64.15 -25.56
CA HIS K 294 -24.64 -63.28 -24.50
C HIS K 294 -23.64 -62.16 -24.21
N CYS K 295 -22.35 -62.48 -24.20
CA CYS K 295 -21.33 -61.45 -24.00
C CYS K 295 -21.35 -60.42 -25.12
N GLU K 296 -21.52 -60.88 -26.36
CA GLU K 296 -21.60 -59.96 -27.49
C GLU K 296 -22.83 -59.06 -27.37
N LEU K 297 -23.97 -59.62 -26.97
CA LEU K 297 -25.18 -58.82 -26.80
C LEU K 297 -25.01 -57.80 -25.70
N MET K 298 -24.40 -58.22 -24.57
CA MET K 298 -24.21 -57.30 -23.46
C MET K 298 -23.28 -56.16 -23.84
N GLY K 299 -22.19 -56.47 -24.54
CA GLY K 299 -21.29 -55.45 -25.04
C GLY K 299 -20.34 -54.86 -24.03
N ASP K 300 -20.27 -55.41 -22.83
CA ASP K 300 -19.38 -54.87 -21.81
C ASP K 300 -18.62 -55.91 -20.98
N ARG K 301 -18.67 -57.16 -21.39
CA ARG K 301 -17.96 -58.22 -20.68
C ARG K 301 -17.22 -59.12 -21.67
N VAL K 302 -16.12 -59.70 -21.20
CA VAL K 302 -15.30 -60.60 -21.99
C VAL K 302 -15.35 -61.97 -21.34
N ALA K 303 -15.77 -62.97 -22.09
CA ALA K 303 -15.89 -64.33 -21.56
C ALA K 303 -14.52 -64.99 -21.47
N ILE K 304 -14.40 -65.93 -20.54
CA ILE K 304 -13.19 -66.72 -20.34
C ILE K 304 -13.51 -68.17 -20.61
N ILE K 305 -12.70 -68.81 -21.45
CA ILE K 305 -12.96 -70.16 -21.94
C ILE K 305 -11.85 -71.09 -21.44
N ASP K 306 -12.25 -72.28 -21.00
CA ASP K 306 -11.35 -73.31 -20.54
C ASP K 306 -11.57 -74.58 -21.35
N PRO K 307 -10.52 -75.20 -21.87
CA PRO K 307 -10.69 -76.38 -22.72
C PRO K 307 -10.98 -77.61 -21.88
N PRO K 308 -11.40 -78.70 -22.50
CA PRO K 308 -11.56 -79.95 -21.76
C PRO K 308 -10.24 -80.39 -21.17
N PRO K 309 -10.26 -81.03 -20.00
CA PRO K 309 -9.01 -81.43 -19.36
C PRO K 309 -8.32 -82.56 -20.11
N ASN K 310 -7.04 -82.74 -19.78
CA ASN K 310 -6.20 -83.80 -20.35
C ASN K 310 -6.12 -83.68 -21.87
N GLN K 311 -5.55 -82.57 -22.32
CA GLN K 311 -5.38 -82.29 -23.74
C GLN K 311 -3.97 -81.79 -24.01
N ASN K 312 -3.42 -82.20 -25.16
CA ASN K 312 -2.08 -81.80 -25.56
C ASN K 312 -2.13 -80.50 -26.34
N ALA K 313 -0.96 -80.05 -26.81
CA ALA K 313 -0.91 -78.83 -27.62
C ALA K 313 -1.60 -79.04 -28.96
N ARG K 314 -1.26 -80.13 -29.66
CA ARG K 314 -1.93 -80.42 -30.93
C ARG K 314 -3.41 -80.73 -30.70
N GLN K 315 -3.73 -81.37 -29.58
CA GLN K 315 -5.12 -81.70 -29.28
C GLN K 315 -5.95 -80.43 -29.13
N ILE K 316 -5.46 -79.45 -28.36
CA ILE K 316 -6.23 -78.23 -28.22
C ILE K 316 -6.19 -77.41 -29.50
N ARG K 317 -5.11 -77.50 -30.28
CA ARG K 317 -5.10 -76.83 -31.57
C ARG K 317 -6.23 -77.33 -32.46
N VAL K 318 -6.38 -78.66 -32.55
CA VAL K 318 -7.46 -79.24 -33.32
C VAL K 318 -8.82 -78.87 -32.73
N TRP K 319 -8.92 -78.92 -31.41
CA TRP K 319 -10.20 -78.62 -30.75
C TRP K 319 -10.65 -77.19 -31.03
N ARG K 320 -9.72 -76.24 -30.96
CA ARG K 320 -10.05 -74.83 -31.19
C ARG K 320 -10.24 -74.51 -32.67
N GLN K 321 -9.53 -75.20 -33.56
CA GLN K 321 -9.62 -74.86 -34.98
C GLN K 321 -10.78 -75.53 -35.68
N GLU K 322 -11.16 -76.74 -35.30
CA GLU K 322 -12.19 -77.48 -36.02
C GLU K 322 -13.44 -77.71 -35.18
N THR K 323 -13.31 -78.29 -33.99
CA THR K 323 -14.49 -78.66 -33.21
C THR K 323 -15.13 -77.46 -32.51
N ALA K 324 -14.33 -76.47 -32.10
CA ALA K 324 -14.82 -75.34 -31.33
C ALA K 324 -14.30 -74.03 -31.90
N GLY K 325 -14.47 -73.87 -33.22
CA GLY K 325 -13.91 -72.71 -33.90
C GLY K 325 -14.64 -71.42 -33.58
N TYR K 326 -14.50 -70.96 -32.33
CA TYR K 326 -15.11 -69.70 -31.94
C TYR K 326 -14.41 -68.52 -32.63
N ASP K 327 -15.19 -67.51 -32.98
CA ASP K 327 -14.67 -66.29 -33.59
C ASP K 327 -15.45 -65.12 -33.01
N SER K 328 -14.91 -64.52 -31.94
CA SER K 328 -15.55 -63.40 -31.29
C SER K 328 -14.49 -62.54 -30.61
N LYS K 329 -14.78 -61.25 -30.50
CA LYS K 329 -13.89 -60.31 -29.84
C LYS K 329 -14.09 -60.25 -28.33
N TYR K 330 -15.06 -61.00 -27.80
CA TYR K 330 -15.39 -60.98 -26.38
C TYR K 330 -15.13 -62.34 -25.74
N ALA K 331 -14.00 -62.97 -26.09
CA ALA K 331 -13.67 -64.27 -25.54
C ALA K 331 -12.15 -64.42 -25.48
N ALA K 332 -11.67 -64.99 -24.38
CA ALA K 332 -10.26 -65.31 -24.21
C ALA K 332 -10.14 -66.71 -23.65
N LEU K 333 -9.31 -67.54 -24.27
CA LEU K 333 -9.17 -68.94 -23.92
C LEU K 333 -7.85 -69.18 -23.19
N TYR K 334 -7.88 -70.04 -22.18
CA TYR K 334 -6.69 -70.34 -21.38
C TYR K 334 -6.53 -71.86 -21.29
N TYR K 335 -5.47 -72.38 -21.94
CA TYR K 335 -5.30 -73.81 -22.17
C TYR K 335 -5.02 -74.60 -20.90
N PRO K 336 -3.87 -74.43 -20.23
CA PRO K 336 -3.50 -75.39 -19.19
C PRO K 336 -4.27 -75.18 -17.90
N TRP K 337 -4.70 -76.29 -17.31
CA TRP K 337 -5.46 -76.24 -16.06
C TRP K 337 -4.54 -75.94 -14.89
N ILE K 338 -5.15 -75.66 -13.74
CA ILE K 338 -4.44 -75.24 -12.54
C ILE K 338 -4.60 -76.31 -11.46
N LYS K 339 -3.48 -76.77 -10.92
CA LYS K 339 -3.50 -77.70 -9.80
C LYS K 339 -3.54 -76.92 -8.50
N SER K 340 -4.63 -77.04 -7.75
CA SER K 340 -4.83 -76.26 -6.54
C SER K 340 -5.13 -77.17 -5.36
N PHE K 341 -4.76 -76.72 -4.18
CA PHE K 341 -4.95 -77.50 -2.96
C PHE K 341 -6.36 -77.31 -2.42
N ASP K 342 -7.04 -78.43 -2.14
CA ASP K 342 -8.40 -78.41 -1.63
C ASP K 342 -8.41 -78.76 -0.15
N PRO K 343 -8.80 -77.85 0.73
CA PRO K 343 -8.81 -78.19 2.18
C PRO K 343 -9.79 -79.30 2.54
N ALA K 344 -10.79 -79.58 1.69
CA ALA K 344 -11.75 -80.63 2.00
C ALA K 344 -11.07 -81.99 2.07
N THR K 345 -10.19 -82.29 1.12
CA THR K 345 -9.48 -83.56 1.10
C THR K 345 -8.00 -83.44 1.45
N GLY K 346 -7.48 -82.22 1.55
CA GLY K 346 -6.08 -82.05 1.89
C GLY K 346 -5.10 -82.34 0.79
N GLN K 347 -5.56 -82.57 -0.43
CA GLN K 347 -4.71 -82.90 -1.57
C GLN K 347 -4.93 -81.89 -2.68
N SER K 348 -4.15 -82.03 -3.75
CA SER K 348 -4.19 -81.13 -4.89
C SER K 348 -5.02 -81.74 -6.00
N ARG K 349 -5.93 -80.94 -6.58
CA ARG K 349 -6.78 -81.38 -7.66
C ARG K 349 -6.78 -80.34 -8.77
N LEU K 350 -7.16 -80.80 -9.97
CA LEU K 350 -7.13 -79.96 -11.17
C LEU K 350 -8.43 -79.18 -11.30
N VAL K 351 -8.31 -77.88 -11.57
CA VAL K 351 -9.46 -77.00 -11.76
C VAL K 351 -9.19 -76.10 -12.95
N PRO K 352 -10.26 -75.63 -13.60
CA PRO K 352 -10.09 -74.67 -14.70
C PRO K 352 -9.44 -73.39 -14.22
N PRO K 353 -8.58 -72.78 -15.03
CA PRO K 353 -7.87 -71.58 -14.60
C PRO K 353 -8.70 -70.31 -14.61
N SER K 354 -9.89 -70.34 -15.22
CA SER K 354 -10.69 -69.12 -15.38
C SER K 354 -10.95 -68.46 -14.03
N GLY K 355 -11.41 -69.24 -13.05
CA GLY K 355 -11.68 -68.68 -11.74
C GLY K 355 -10.49 -67.98 -11.13
N HIS K 356 -9.27 -68.46 -11.45
CA HIS K 356 -8.08 -67.72 -11.03
C HIS K 356 -7.77 -66.59 -11.99
N VAL K 357 -7.87 -66.86 -13.29
CA VAL K 357 -7.43 -65.88 -14.30
C VAL K 357 -8.21 -64.58 -14.16
N ALA K 358 -9.53 -64.70 -14.00
CA ALA K 358 -10.35 -63.50 -13.80
C ALA K 358 -9.82 -62.67 -12.64
N GLY K 359 -9.46 -63.31 -11.54
CA GLY K 359 -8.91 -62.57 -10.41
C GLY K 359 -7.68 -61.77 -10.81
N ILE K 360 -6.81 -62.38 -11.61
CA ILE K 360 -5.62 -61.66 -12.10
C ILE K 360 -6.05 -60.37 -12.80
N TRP K 361 -7.09 -60.45 -13.64
CA TRP K 361 -7.59 -59.26 -14.32
C TRP K 361 -7.90 -58.16 -13.30
N ALA K 362 -8.61 -58.52 -12.23
CA ALA K 362 -8.95 -57.53 -11.21
C ALA K 362 -7.69 -56.91 -10.64
N ARG K 363 -6.67 -57.73 -10.35
CA ARG K 363 -5.42 -57.20 -9.84
C ARG K 363 -4.85 -56.16 -10.78
N ASN K 364 -4.91 -56.41 -12.09
CA ASN K 364 -4.44 -55.43 -13.05
C ASN K 364 -5.17 -54.11 -12.87
N ASP K 365 -6.50 -54.16 -12.77
CA ASP K 365 -7.29 -52.94 -12.62
C ASP K 365 -7.01 -52.24 -11.30
N SER K 366 -6.35 -52.90 -10.36
CA SER K 366 -5.98 -52.27 -9.11
C SER K 366 -4.50 -51.88 -9.05
N GLU K 367 -3.69 -52.29 -10.03
CA GLU K 367 -2.26 -52.03 -9.98
C GLU K 367 -1.69 -51.41 -11.25
N ARG K 368 -2.27 -51.65 -12.42
CA ARG K 368 -1.72 -51.14 -13.66
C ARG K 368 -2.74 -50.51 -14.59
N GLY K 369 -4.03 -50.60 -14.28
CA GLY K 369 -5.06 -50.05 -15.13
C GLY K 369 -5.47 -51.01 -16.23
N VAL K 370 -6.56 -50.64 -16.91
CA VAL K 370 -7.08 -51.48 -17.99
C VAL K 370 -6.23 -51.39 -19.25
N HIS K 371 -5.52 -50.29 -19.46
CA HIS K 371 -4.76 -50.08 -20.68
C HIS K 371 -3.60 -51.05 -20.84
N LYS K 372 -3.20 -51.76 -19.80
CA LYS K 372 -2.11 -52.71 -19.86
C LYS K 372 -2.63 -54.13 -19.97
N ALA K 373 -2.03 -54.91 -20.85
CA ALA K 373 -2.44 -56.30 -21.04
C ALA K 373 -2.10 -57.12 -19.80
N PRO K 374 -3.08 -57.83 -19.22
CA PRO K 374 -2.80 -58.63 -18.01
C PRO K 374 -2.11 -59.96 -18.32
N ALA K 375 -0.92 -59.86 -18.90
CA ALA K 375 -0.16 -61.06 -19.28
C ALA K 375 0.83 -61.46 -18.20
N ASN K 376 1.77 -60.59 -17.87
CA ASN K 376 2.85 -60.90 -16.95
C ASN K 376 2.35 -60.77 -15.51
N GLU K 377 1.56 -61.76 -15.10
CA GLU K 377 1.01 -61.80 -13.75
C GLU K 377 1.14 -63.21 -13.20
N VAL K 378 1.17 -63.31 -11.87
CA VAL K 378 1.36 -64.58 -11.18
C VAL K 378 0.01 -65.14 -10.76
N VAL K 379 -0.14 -66.45 -10.85
CA VAL K 379 -1.31 -67.15 -10.34
C VAL K 379 -0.98 -67.59 -8.92
N ARG K 380 -1.48 -66.84 -7.94
CA ARG K 380 -1.11 -67.08 -6.55
C ARG K 380 -1.60 -68.43 -6.06
N GLY K 381 -2.83 -68.82 -6.42
CA GLY K 381 -3.39 -70.06 -5.94
C GLY K 381 -2.86 -71.31 -6.62
N ALA K 382 -2.16 -71.18 -7.73
CA ALA K 382 -1.67 -72.33 -8.47
C ALA K 382 -0.49 -72.97 -7.75
N VAL K 383 -0.44 -74.30 -7.81
CA VAL K 383 0.67 -75.07 -7.27
C VAL K 383 1.47 -75.74 -8.37
N ASP K 384 0.78 -76.38 -9.31
CA ASP K 384 1.42 -77.02 -10.46
C ASP K 384 0.49 -76.90 -11.66
N LEU K 385 0.96 -77.38 -12.81
CA LEU K 385 0.19 -77.37 -14.04
C LEU K 385 0.02 -78.78 -14.55
N GLU K 386 -1.05 -78.98 -15.33
CA GLU K 386 -1.30 -80.29 -15.91
C GLU K 386 -0.28 -80.64 -16.99
N LEU K 387 0.36 -79.64 -17.60
CA LEU K 387 1.35 -79.87 -18.65
C LEU K 387 2.17 -78.61 -18.89
N GLN K 388 3.49 -78.75 -18.90
CA GLN K 388 4.37 -77.61 -19.14
C GLN K 388 4.46 -77.34 -20.64
N ILE K 389 4.21 -76.10 -21.03
CA ILE K 389 4.20 -75.71 -22.43
C ILE K 389 5.58 -75.18 -22.80
N THR K 390 6.15 -75.73 -23.87
CA THR K 390 7.45 -75.30 -24.36
C THR K 390 7.28 -74.18 -25.40
N ARG K 391 8.41 -73.59 -25.79
CA ARG K 391 8.37 -72.53 -26.79
C ARG K 391 7.90 -73.05 -28.13
N GLY K 392 8.29 -74.28 -28.48
CA GLY K 392 7.88 -74.84 -29.76
C GLY K 392 6.37 -75.00 -29.87
N GLU K 393 5.73 -75.49 -28.81
CA GLU K 393 4.28 -75.63 -28.82
C GLU K 393 3.59 -74.27 -28.75
N GLN K 394 4.17 -73.33 -28.00
CA GLN K 394 3.59 -71.99 -27.93
C GLN K 394 3.66 -71.30 -29.28
N ASP K 395 4.68 -71.60 -30.09
CA ASP K 395 4.80 -70.97 -31.40
C ASP K 395 3.59 -71.27 -32.28
N LEU K 396 2.91 -72.39 -32.05
CA LEU K 396 1.67 -72.71 -32.75
C LEU K 396 0.43 -72.36 -31.96
N LEU K 397 0.50 -72.37 -30.62
CA LEU K 397 -0.68 -72.08 -29.82
C LEU K 397 -1.02 -70.59 -29.82
N ASN K 398 -0.01 -69.73 -29.74
CA ASN K 398 -0.27 -68.29 -29.63
C ASN K 398 -0.98 -67.71 -30.85
N PRO K 399 -0.57 -67.96 -32.09
CA PRO K 399 -1.22 -67.28 -33.23
C PRO K 399 -2.69 -67.62 -33.39
N ILE K 400 -3.17 -68.74 -32.83
CA ILE K 400 -4.56 -69.13 -32.99
C ILE K 400 -5.37 -68.61 -31.82
N GLY K 401 -4.80 -67.68 -31.05
CA GLY K 401 -5.53 -67.03 -29.98
C GLY K 401 -5.67 -67.84 -28.71
N VAL K 402 -4.70 -68.70 -28.40
CA VAL K 402 -4.73 -69.51 -27.18
C VAL K 402 -3.68 -68.95 -26.22
N ASN K 403 -4.13 -68.45 -25.08
CA ASN K 403 -3.24 -67.93 -24.05
C ASN K 403 -2.82 -69.06 -23.11
N CYS K 404 -1.53 -69.18 -22.87
CA CYS K 404 -0.98 -70.26 -22.08
C CYS K 404 -0.67 -69.82 -20.66
N ILE K 405 -0.37 -70.79 -19.80
CA ILE K 405 0.11 -70.55 -18.45
C ILE K 405 1.34 -71.41 -18.25
N ARG K 406 2.47 -70.78 -17.99
CA ARG K 406 3.75 -71.49 -17.96
C ARG K 406 4.51 -71.17 -16.68
N SER K 407 5.33 -72.13 -16.26
CA SER K 407 6.16 -71.98 -15.08
C SER K 407 7.59 -71.64 -15.49
N PHE K 408 8.11 -70.54 -14.95
CA PHE K 408 9.45 -70.08 -15.24
C PHE K 408 10.32 -70.14 -13.98
N PRO K 409 11.55 -70.61 -14.10
CA PRO K 409 12.43 -70.71 -12.92
C PRO K 409 12.79 -69.33 -12.39
N GLY K 410 12.59 -69.14 -11.09
CA GLY K 410 12.81 -67.85 -10.47
C GLY K 410 11.68 -66.86 -10.64
N ARG K 411 10.62 -67.23 -11.35
CA ARG K 411 9.47 -66.37 -11.54
C ARG K 411 8.13 -67.02 -11.18
N GLY K 412 8.07 -68.34 -11.05
CA GLY K 412 6.84 -69.00 -10.67
C GLY K 412 5.93 -69.26 -11.85
N ILE K 413 4.65 -69.41 -11.55
CA ILE K 413 3.64 -69.69 -12.57
C ILE K 413 3.07 -68.35 -13.06
N ARG K 414 3.19 -68.10 -14.36
CA ARG K 414 2.78 -66.84 -14.96
C ARG K 414 1.96 -67.10 -16.21
N VAL K 415 1.01 -66.20 -16.46
CA VAL K 415 0.25 -66.26 -17.70
C VAL K 415 1.11 -65.72 -18.84
N TRP K 416 0.94 -66.29 -20.03
CA TRP K 416 1.71 -65.92 -21.21
C TRP K 416 0.72 -65.84 -22.37
N GLY K 417 0.37 -64.62 -22.77
CA GLY K 417 -0.56 -64.43 -23.86
C GLY K 417 -1.67 -63.44 -23.52
N ALA K 418 -1.93 -62.51 -24.42
CA ALA K 418 -2.98 -61.50 -24.23
C ALA K 418 -3.78 -61.35 -25.51
N ARG K 419 -4.20 -62.46 -26.09
CA ARG K 419 -4.93 -62.47 -27.34
C ARG K 419 -6.35 -62.99 -27.13
N THR K 420 -7.26 -62.55 -27.99
CA THR K 420 -8.66 -62.97 -27.96
C THR K 420 -8.92 -64.01 -29.03
N LEU K 421 -10.11 -64.61 -28.97
CA LEU K 421 -10.52 -65.62 -29.94
C LEU K 421 -11.21 -64.95 -31.14
N SER K 422 -10.51 -64.00 -31.73
CA SER K 422 -11.02 -63.23 -32.85
C SER K 422 -10.08 -63.32 -34.04
N SER K 423 -10.65 -63.37 -35.24
CA SER K 423 -9.87 -63.41 -36.46
C SER K 423 -9.53 -62.02 -37.01
N ASP K 424 -10.09 -60.98 -36.40
CA ASP K 424 -9.81 -59.62 -36.86
C ASP K 424 -8.45 -59.17 -36.35
N PRO K 425 -7.51 -58.80 -37.22
CA PRO K 425 -6.20 -58.32 -36.75
C PRO K 425 -6.31 -57.07 -35.89
N ALA K 426 -7.30 -56.23 -36.11
CA ALA K 426 -7.44 -55.01 -35.32
C ALA K 426 -7.82 -55.31 -33.87
N TRP K 427 -8.56 -56.39 -33.64
CA TRP K 427 -9.01 -56.76 -32.30
C TRP K 427 -8.36 -58.05 -31.84
N ARG K 428 -7.08 -58.22 -32.12
CA ARG K 428 -6.35 -59.42 -31.73
C ARG K 428 -5.65 -59.27 -30.38
N TYR K 429 -5.78 -58.13 -29.72
CA TYR K 429 -5.15 -57.89 -28.44
C TYR K 429 -6.21 -57.72 -27.36
N LEU K 430 -5.99 -58.35 -26.21
CA LEU K 430 -6.97 -58.29 -25.13
C LEU K 430 -7.06 -56.89 -24.53
N ASN K 431 -5.92 -56.21 -24.38
CA ASN K 431 -5.91 -54.91 -23.71
C ASN K 431 -6.72 -53.88 -24.48
N ILE K 432 -6.63 -53.89 -25.81
CA ILE K 432 -7.37 -52.92 -26.61
C ILE K 432 -8.87 -53.11 -26.42
N ARG K 433 -9.34 -54.35 -26.51
CA ARG K 433 -10.76 -54.62 -26.34
C ARG K 433 -11.22 -54.28 -24.94
N ARG K 434 -10.43 -54.64 -23.93
CA ARG K 434 -10.80 -54.33 -22.55
C ARG K 434 -10.89 -52.83 -22.32
N TYR K 435 -9.93 -52.06 -22.84
CA TYR K 435 -9.96 -50.62 -22.68
C TYR K 435 -11.15 -50.01 -23.40
N PHE K 436 -11.46 -50.49 -24.61
CA PHE K 436 -12.61 -49.97 -25.33
C PHE K 436 -13.90 -50.25 -24.57
N ASN K 437 -14.05 -51.46 -24.05
CA ASN K 437 -15.25 -51.78 -23.26
C ASN K 437 -15.33 -50.92 -22.01
N TYR K 438 -14.20 -50.71 -21.33
CA TYR K 438 -14.21 -49.88 -20.13
C TYR K 438 -14.61 -48.45 -20.44
N LEU K 439 -14.06 -47.87 -21.52
CA LEU K 439 -14.43 -46.51 -21.89
C LEU K 439 -15.90 -46.42 -22.27
N GLU K 440 -16.40 -47.39 -23.04
CA GLU K 440 -17.80 -47.37 -23.43
C GLU K 440 -18.72 -47.44 -22.21
N GLU K 441 -18.40 -48.35 -21.28
CA GLU K 441 -19.22 -48.47 -20.08
C GLU K 441 -19.17 -47.22 -19.22
N SER K 442 -17.98 -46.63 -19.08
CA SER K 442 -17.87 -45.41 -18.28
C SER K 442 -18.70 -44.28 -18.89
N ILE K 443 -18.62 -44.11 -20.22
CA ILE K 443 -19.38 -43.05 -20.87
C ILE K 443 -20.88 -43.31 -20.75
N LEU K 444 -21.30 -44.56 -20.95
CA LEU K 444 -22.73 -44.88 -20.86
C LEU K 444 -23.26 -44.67 -19.46
N ILE K 445 -22.48 -45.02 -18.44
CA ILE K 445 -22.90 -44.79 -17.05
C ILE K 445 -22.97 -43.30 -16.76
N GLY K 446 -21.99 -42.54 -17.22
CA GLY K 446 -21.96 -41.11 -16.92
C GLY K 446 -23.02 -40.32 -17.66
N THR K 447 -23.47 -40.82 -18.81
CA THR K 447 -24.46 -40.12 -19.61
C THR K 447 -25.88 -40.64 -19.38
N GLN K 448 -26.19 -41.05 -18.15
CA GLN K 448 -27.52 -41.56 -17.83
C GLN K 448 -28.55 -40.46 -17.64
N TRP K 449 -28.12 -39.21 -17.47
CA TRP K 449 -29.04 -38.10 -17.21
C TRP K 449 -29.58 -37.47 -18.47
N VAL K 450 -29.10 -37.87 -19.66
CA VAL K 450 -29.61 -37.32 -20.90
C VAL K 450 -31.01 -37.82 -21.24
N VAL K 451 -31.55 -38.72 -20.42
CA VAL K 451 -32.86 -39.30 -20.70
C VAL K 451 -33.96 -38.29 -20.36
N PHE K 452 -34.86 -38.06 -21.32
CA PHE K 452 -35.86 -36.99 -21.31
C PHE K 452 -35.25 -35.60 -21.22
N GLU K 453 -34.11 -35.37 -21.87
CA GLU K 453 -33.57 -34.03 -22.01
C GLU K 453 -33.77 -33.53 -23.44
N PRO K 454 -33.97 -32.22 -23.63
CA PRO K 454 -34.17 -31.70 -24.98
C PRO K 454 -32.96 -31.94 -25.87
N ASN K 455 -33.23 -32.25 -27.13
CA ASN K 455 -32.18 -32.56 -28.11
C ASN K 455 -31.82 -31.30 -28.88
N ASP K 456 -31.06 -30.43 -28.24
CA ASP K 456 -30.58 -29.19 -28.82
C ASP K 456 -29.06 -29.12 -28.68
N HIS K 457 -28.49 -27.96 -29.02
CA HIS K 457 -27.04 -27.80 -28.94
C HIS K 457 -26.54 -27.80 -27.51
N ASN K 458 -27.40 -27.47 -26.53
CA ASN K 458 -26.97 -27.48 -25.13
C ASN K 458 -26.59 -28.88 -24.68
N LEU K 459 -27.40 -29.88 -25.02
CA LEU K 459 -27.06 -31.26 -24.67
C LEU K 459 -25.77 -31.70 -25.33
N TRP K 460 -25.59 -31.37 -26.61
CA TRP K 460 -24.38 -31.78 -27.31
C TRP K 460 -23.15 -31.13 -26.68
N ALA K 461 -23.25 -29.85 -26.31
CA ALA K 461 -22.13 -29.19 -25.63
C ALA K 461 -21.85 -29.83 -24.29
N ARG K 462 -22.89 -30.19 -23.53
CA ARG K 462 -22.70 -30.81 -22.22
C ARG K 462 -21.99 -32.16 -22.36
N ILE K 463 -22.43 -32.98 -23.31
CA ILE K 463 -21.80 -34.28 -23.49
C ILE K 463 -20.37 -34.12 -23.98
N ARG K 464 -20.11 -33.18 -24.89
CA ARG K 464 -18.75 -32.96 -25.36
C ARG K 464 -17.84 -32.55 -24.21
N ARG K 465 -18.31 -31.61 -23.37
CA ARG K 465 -17.51 -31.16 -22.24
C ARG K 465 -17.23 -32.30 -21.26
N ASN K 466 -18.26 -33.08 -20.93
CA ASN K 466 -18.07 -34.17 -19.97
C ASN K 466 -17.11 -35.23 -20.51
N VAL K 467 -17.26 -35.60 -21.79
CA VAL K 467 -16.39 -36.61 -22.37
C VAL K 467 -14.96 -36.11 -22.46
N SER K 468 -14.77 -34.84 -22.81
CA SER K 468 -13.42 -34.28 -22.85
C SER K 468 -12.78 -34.26 -21.47
N ALA K 469 -13.55 -33.86 -20.45
CA ALA K 469 -13.02 -33.84 -19.09
C ALA K 469 -12.70 -35.24 -18.59
N PHE K 470 -13.44 -36.24 -19.06
CA PHE K 470 -13.13 -37.62 -18.67
C PHE K 470 -11.89 -38.13 -19.38
N LEU K 471 -11.77 -37.85 -20.68
CA LEU K 471 -10.67 -38.40 -21.47
C LEU K 471 -9.35 -37.68 -21.24
N VAL K 472 -9.37 -36.43 -20.76
CA VAL K 472 -8.10 -35.76 -20.50
C VAL K 472 -7.34 -36.46 -19.38
N ASN K 473 -8.05 -37.00 -18.38
CA ASN K 473 -7.38 -37.75 -17.33
C ASN K 473 -6.75 -39.02 -17.87
N GLU K 474 -7.44 -39.70 -18.79
CA GLU K 474 -6.84 -40.88 -19.42
C GLU K 474 -5.61 -40.51 -20.24
N TRP K 475 -5.66 -39.37 -20.94
CA TRP K 475 -4.49 -38.93 -21.70
C TRP K 475 -3.32 -38.61 -20.78
N ARG K 476 -3.58 -37.96 -19.64
CA ARG K 476 -2.51 -37.60 -18.72
C ARG K 476 -1.83 -38.84 -18.15
N ASN K 477 -2.61 -39.90 -17.88
CA ASN K 477 -2.06 -41.12 -17.33
C ASN K 477 -1.20 -41.90 -18.31
N GLY K 478 -1.18 -41.50 -19.58
CA GLY K 478 -0.39 -42.19 -20.58
C GLY K 478 -1.08 -43.36 -21.25
N ALA K 479 -2.35 -43.62 -20.93
CA ALA K 479 -3.06 -44.71 -21.58
C ALA K 479 -3.22 -44.44 -23.07
N LEU K 480 -3.52 -43.20 -23.44
CA LEU K 480 -3.68 -42.80 -24.83
C LEU K 480 -2.43 -42.06 -25.31
N PHE K 481 -1.93 -42.48 -26.46
CA PHE K 481 -0.72 -41.89 -27.04
C PHE K 481 -1.06 -40.56 -27.70
N GLY K 482 -0.16 -39.59 -27.52
CA GLY K 482 -0.33 -38.28 -28.12
C GLY K 482 0.39 -37.18 -27.37
N GLN K 483 1.02 -36.26 -28.11
CA GLN K 483 1.74 -35.16 -27.47
C GLN K 483 0.80 -34.18 -26.80
N SER K 484 -0.35 -33.91 -27.42
CA SER K 484 -1.35 -33.01 -26.87
C SER K 484 -2.70 -33.72 -26.94
N PRO K 485 -3.67 -33.29 -26.12
CA PRO K 485 -4.97 -34.00 -26.09
C PRO K 485 -5.65 -34.10 -27.44
N ASP K 486 -5.44 -33.13 -28.34
CA ASP K 486 -6.10 -33.16 -29.64
C ASP K 486 -5.65 -34.37 -30.46
N GLN K 487 -4.36 -34.67 -30.46
CA GLN K 487 -3.88 -35.82 -31.22
C GLN K 487 -4.12 -37.15 -30.51
N ALA K 488 -4.40 -37.12 -29.22
CA ALA K 488 -4.63 -38.35 -28.47
C ALA K 488 -6.08 -38.82 -28.54
N TYR K 489 -7.04 -37.90 -28.56
CA TYR K 489 -8.44 -38.25 -28.64
C TYR K 489 -9.20 -37.13 -29.33
N TYR K 490 -10.36 -37.48 -29.87
CA TYR K 490 -11.22 -36.49 -30.50
C TYR K 490 -12.67 -36.85 -30.24
N VAL K 491 -13.47 -35.86 -29.86
CA VAL K 491 -14.88 -36.04 -29.54
C VAL K 491 -15.70 -35.17 -30.48
N LYS K 492 -16.66 -35.78 -31.17
CA LYS K 492 -17.54 -35.08 -32.10
C LYS K 492 -18.98 -35.37 -31.71
N CYS K 493 -19.71 -34.33 -31.33
CA CYS K 493 -21.13 -34.45 -31.00
C CYS K 493 -21.80 -33.13 -31.40
N ASP K 494 -22.35 -33.11 -32.62
CA ASP K 494 -22.99 -31.92 -33.15
C ASP K 494 -24.05 -32.35 -34.17
N GLU K 495 -24.52 -31.38 -34.95
CA GLU K 495 -25.56 -31.66 -35.94
C GLU K 495 -25.07 -32.65 -36.98
N GLU K 496 -23.76 -32.65 -37.24
CA GLU K 496 -23.20 -33.60 -38.19
C GLU K 496 -23.35 -35.04 -37.71
N THR K 497 -23.06 -35.27 -36.42
CA THR K 497 -23.17 -36.62 -35.87
C THR K 497 -24.62 -37.07 -35.82
N ASN K 498 -25.51 -36.24 -35.27
CA ASN K 498 -26.92 -36.58 -35.15
C ASN K 498 -27.75 -35.58 -35.94
N PRO K 499 -28.17 -35.91 -37.16
CA PRO K 499 -29.02 -35.00 -37.93
C PRO K 499 -30.44 -35.03 -37.41
N PRO K 500 -31.33 -34.18 -37.94
CA PRO K 500 -32.74 -34.26 -37.54
C PRO K 500 -33.37 -35.62 -37.78
N GLU K 501 -32.90 -36.36 -38.79
CA GLU K 501 -33.43 -37.69 -39.05
C GLU K 501 -33.21 -38.64 -37.88
N SER K 502 -32.24 -38.34 -37.02
CA SER K 502 -32.04 -39.11 -35.80
C SER K 502 -32.55 -38.37 -34.57
N VAL K 503 -32.59 -37.04 -34.63
CA VAL K 503 -33.13 -36.25 -33.52
C VAL K 503 -34.60 -36.52 -33.31
N ASP K 504 -35.37 -36.61 -34.40
CA ASP K 504 -36.81 -36.85 -34.31
C ASP K 504 -37.14 -38.23 -33.75
N LEU K 505 -36.17 -39.14 -33.67
CA LEU K 505 -36.37 -40.45 -33.08
C LEU K 505 -36.06 -40.46 -31.59
N GLY K 506 -35.76 -39.30 -31.02
CA GLY K 506 -35.42 -39.23 -29.61
C GLY K 506 -34.13 -39.92 -29.26
N ARG K 507 -33.09 -39.73 -30.08
CA ARG K 507 -31.80 -40.37 -29.86
C ARG K 507 -30.69 -39.35 -30.13
N VAL K 508 -29.71 -39.31 -29.23
CA VAL K 508 -28.53 -38.45 -29.39
C VAL K 508 -27.32 -39.36 -29.59
N VAL K 509 -26.43 -38.95 -30.50
CA VAL K 509 -25.30 -39.77 -30.90
C VAL K 509 -24.01 -39.00 -30.63
N CYS K 510 -23.00 -39.70 -30.12
CA CYS K 510 -21.69 -39.11 -29.86
C CYS K 510 -20.61 -40.00 -30.47
N GLU K 511 -19.63 -39.37 -31.10
CA GLU K 511 -18.52 -40.08 -31.74
C GLU K 511 -17.23 -39.76 -31.00
N ILE K 512 -16.44 -40.80 -30.73
CA ILE K 512 -15.21 -40.68 -29.96
C ILE K 512 -14.12 -41.48 -30.64
N GLY K 513 -12.95 -40.89 -30.79
CA GLY K 513 -11.79 -41.60 -31.32
C GLY K 513 -10.61 -41.47 -30.38
N ILE K 514 -9.92 -42.59 -30.17
CA ILE K 514 -8.82 -42.67 -29.22
C ILE K 514 -7.64 -43.37 -29.89
N ALA K 515 -6.47 -43.23 -29.26
CA ALA K 515 -5.22 -43.81 -29.78
C ALA K 515 -4.54 -44.62 -28.69
N PRO K 516 -4.83 -45.90 -28.60
CA PRO K 516 -4.20 -46.76 -27.58
C PRO K 516 -2.80 -47.16 -28.01
N VAL K 517 -2.09 -47.85 -27.11
CA VAL K 517 -0.72 -48.27 -27.31
C VAL K 517 -0.65 -49.79 -27.27
N LYS K 518 -0.03 -50.38 -28.30
CA LYS K 518 0.11 -51.83 -28.37
C LYS K 518 1.23 -52.30 -27.44
N PRO K 519 1.08 -53.49 -26.87
CA PRO K 519 2.13 -54.05 -26.01
C PRO K 519 3.29 -54.61 -26.83
N ALA K 520 4.39 -54.88 -26.14
CA ALA K 520 5.59 -55.44 -26.74
C ALA K 520 5.64 -56.93 -26.40
N GLU K 521 5.18 -57.76 -27.31
CA GLU K 521 5.10 -59.20 -27.03
C GLU K 521 6.48 -59.86 -27.05
N PHE K 522 7.30 -59.53 -28.04
CA PHE K 522 8.58 -60.19 -28.25
C PHE K 522 9.72 -59.22 -27.99
N VAL K 523 10.73 -59.68 -27.27
CA VAL K 523 11.94 -58.92 -27.00
C VAL K 523 13.11 -59.65 -27.65
N ILE K 524 13.85 -58.95 -28.49
CA ILE K 524 14.92 -59.55 -29.28
C ILE K 524 16.24 -58.88 -28.90
N PHE K 525 17.25 -59.69 -28.59
CA PHE K 525 18.59 -59.21 -28.27
C PHE K 525 19.58 -59.78 -29.27
N ARG K 526 20.52 -58.95 -29.70
CA ARG K 526 21.55 -59.37 -30.65
C ARG K 526 22.92 -59.10 -30.03
N LEU K 527 23.75 -60.13 -29.95
CA LEU K 527 25.07 -60.05 -29.35
C LEU K 527 26.15 -60.13 -30.41
N ALA K 528 27.16 -59.28 -30.30
CA ALA K 528 28.28 -59.24 -31.23
C ALA K 528 29.58 -59.44 -30.46
N GLN K 529 30.48 -60.23 -31.03
CA GLN K 529 31.73 -60.58 -30.36
C GLN K 529 32.78 -59.47 -30.45
N PHE K 530 32.58 -58.46 -31.28
CA PHE K 530 33.56 -57.40 -31.48
C PHE K 530 33.02 -56.08 -30.97
N SER K 531 33.88 -55.33 -30.29
CA SER K 531 33.52 -54.00 -29.79
C SER K 531 34.75 -53.14 -29.60
N MET L 1 -47.93 -2.34 -19.06
CA MET L 1 -48.17 -2.60 -17.65
C MET L 1 -48.27 -1.30 -16.86
N ILE L 2 -48.12 -0.17 -17.56
CA ILE L 2 -48.22 1.13 -16.89
C ILE L 2 -49.65 1.40 -16.46
N HIS L 3 -50.63 1.02 -17.29
CA HIS L 3 -52.03 1.22 -16.93
C HIS L 3 -52.41 0.40 -15.71
N GLU L 4 -51.85 -0.82 -15.58
CA GLU L 4 -52.10 -1.61 -14.38
C GLU L 4 -51.56 -0.92 -13.14
N VAL L 5 -50.38 -0.32 -13.23
CA VAL L 5 -49.81 0.41 -12.10
C VAL L 5 -50.67 1.62 -11.76
N ASP L 6 -51.16 2.31 -12.80
CA ASP L 6 -52.06 3.47 -12.55
C ASP L 6 -53.29 2.98 -11.79
N GLU L 7 -53.92 1.91 -12.28
CA GLU L 7 -55.13 1.41 -11.64
C GLU L 7 -54.86 1.00 -10.20
N VAL L 8 -53.71 0.37 -9.94
CA VAL L 8 -53.35 -0.02 -8.58
C VAL L 8 -53.20 1.22 -7.70
N LEU L 9 -52.53 2.26 -8.21
CA LEU L 9 -52.37 3.49 -7.45
C LEU L 9 -53.71 4.14 -7.15
N LYS L 10 -54.60 4.18 -8.14
CA LYS L 10 -55.91 4.79 -7.94
C LYS L 10 -56.71 4.02 -6.89
N ALA L 11 -56.70 2.68 -6.97
CA ALA L 11 -57.42 1.88 -6.00
C ALA L 11 -56.84 2.04 -4.60
N LEU L 12 -55.51 2.10 -4.49
CA LEU L 12 -54.87 2.27 -3.19
C LEU L 12 -55.18 3.62 -2.58
N LEU L 13 -55.13 4.69 -3.39
CA LEU L 13 -55.41 6.02 -2.86
C LEU L 13 -56.88 6.17 -2.49
N LYS L 14 -57.79 5.67 -3.32
CA LYS L 14 -59.21 5.74 -3.01
C LYS L 14 -59.57 4.81 -1.86
N GLY L 15 -59.05 3.60 -1.86
CA GLY L 15 -59.36 2.59 -0.87
C GLY L 15 -58.44 2.56 0.34
N GLY L 16 -57.56 3.54 0.50
CA GLY L 16 -56.64 3.56 1.61
C GLY L 16 -57.26 4.10 2.88
N ALA L 17 -56.55 5.00 3.56
CA ALA L 17 -57.04 5.61 4.79
C ALA L 17 -57.81 6.90 4.54
N LEU L 18 -57.91 7.36 3.30
CA LEU L 18 -58.64 8.58 2.98
C LEU L 18 -60.07 8.26 2.55
N THR L 19 -60.78 7.58 3.44
CA THR L 19 -62.19 7.23 3.18
C THR L 19 -63.15 8.25 3.78
N ASP L 20 -62.65 9.29 4.44
CA ASP L 20 -63.53 10.30 5.00
C ASP L 20 -64.27 11.06 3.91
N SER L 21 -63.58 11.41 2.83
CA SER L 21 -64.16 12.16 1.73
C SER L 21 -63.80 11.50 0.41
N GLY L 22 -64.69 11.63 -0.57
CA GLY L 22 -64.48 11.07 -1.88
C GLY L 22 -63.56 11.91 -2.74
N ILE L 23 -62.27 11.92 -2.42
CA ILE L 23 -61.32 12.71 -3.19
C ILE L 23 -61.14 12.09 -4.58
N ASP L 24 -60.73 12.93 -5.52
CA ASP L 24 -60.53 12.52 -6.90
C ASP L 24 -59.05 12.40 -7.20
N VAL L 25 -58.64 11.25 -7.72
CA VAL L 25 -57.26 11.01 -8.11
C VAL L 25 -57.15 11.23 -9.62
N ALA L 26 -56.27 12.13 -10.02
CA ALA L 26 -56.11 12.50 -11.43
C ALA L 26 -54.66 12.34 -11.85
N PHE L 27 -54.47 11.87 -13.08
CA PHE L 27 -53.15 11.69 -13.66
C PHE L 27 -52.76 12.84 -14.60
N GLU L 28 -53.57 13.89 -14.67
CA GLU L 28 -53.28 14.99 -15.57
C GLU L 28 -52.06 15.76 -15.09
N ALA L 29 -51.36 16.38 -16.04
CA ALA L 29 -50.17 17.15 -15.71
C ALA L 29 -50.55 18.37 -14.90
N PRO L 30 -49.95 18.59 -13.74
CA PRO L 30 -50.31 19.74 -12.89
C PRO L 30 -49.68 21.05 -13.37
N THR L 31 -50.06 21.47 -14.57
CA THR L 31 -49.60 22.74 -15.10
C THR L 31 -50.45 23.88 -14.53
N ARG L 32 -50.09 25.11 -14.91
CA ARG L 32 -50.87 26.27 -14.45
C ARG L 32 -52.29 26.22 -14.98
N ASP L 33 -52.46 25.84 -16.25
CA ASP L 33 -53.80 25.75 -16.83
C ASP L 33 -54.64 24.70 -16.12
N TRP L 34 -54.06 23.54 -15.82
CA TRP L 34 -54.79 22.51 -15.10
C TRP L 34 -55.15 22.96 -13.69
N ALA L 35 -54.22 23.64 -13.02
CA ALA L 35 -54.47 24.10 -11.65
C ALA L 35 -55.48 25.24 -11.60
N ALA L 36 -55.64 25.99 -12.68
CA ALA L 36 -56.56 27.12 -12.70
C ALA L 36 -58.02 26.73 -12.89
N ARG L 37 -58.30 25.46 -13.16
CA ARG L 37 -59.67 25.01 -13.40
C ARG L 37 -60.24 24.13 -12.30
N ARG L 38 -59.40 23.42 -11.56
CA ARG L 38 -59.89 22.53 -10.51
C ARG L 38 -60.53 23.34 -9.39
N ASN L 39 -61.62 22.80 -8.82
CA ASN L 39 -62.34 23.44 -7.74
C ASN L 39 -62.66 22.51 -6.59
N ALA L 40 -62.10 21.30 -6.60
CA ALA L 40 -62.33 20.32 -5.54
C ALA L 40 -61.00 19.76 -5.07
N PRO L 41 -60.92 19.31 -3.81
CA PRO L 41 -59.68 18.69 -3.33
C PRO L 41 -59.35 17.43 -4.12
N VAL L 42 -58.19 17.43 -4.75
CA VAL L 42 -57.79 16.33 -5.63
C VAL L 42 -56.36 15.90 -5.30
N VAL L 43 -56.01 14.71 -5.78
CA VAL L 43 -54.67 14.17 -5.65
C VAL L 43 -54.14 13.90 -7.04
N ASN L 44 -53.04 14.56 -7.40
CA ASN L 44 -52.41 14.41 -8.71
C ASN L 44 -51.28 13.40 -8.62
N ALA L 45 -51.27 12.44 -9.55
CA ALA L 45 -50.32 11.33 -9.57
C ALA L 45 -49.61 11.26 -10.92
N TYR L 46 -49.06 12.40 -11.34
CA TYR L 46 -48.58 12.54 -12.71
C TYR L 46 -47.35 11.65 -12.97
N LEU L 47 -47.39 10.90 -14.06
CA LEU L 47 -46.22 10.11 -14.45
C LEU L 47 -45.12 11.02 -14.97
N TYR L 48 -43.90 10.85 -14.47
CA TYR L 48 -42.79 11.74 -14.78
C TYR L 48 -41.82 11.15 -15.78
N ASP L 49 -41.27 9.97 -15.52
CA ASP L 49 -40.33 9.35 -16.44
C ASP L 49 -40.31 7.85 -16.25
N ILE L 50 -39.76 7.15 -17.25
CA ILE L 50 -39.61 5.71 -17.22
C ILE L 50 -38.13 5.38 -17.41
N ARG L 51 -37.57 4.61 -16.48
CA ARG L 51 -36.19 4.18 -16.54
C ARG L 51 -36.11 2.70 -16.20
N GLU L 52 -35.10 2.03 -16.74
CA GLU L 52 -34.90 0.61 -16.50
C GLU L 52 -34.02 0.41 -15.27
N ASP L 53 -34.41 -0.55 -14.42
CA ASP L 53 -33.64 -0.89 -13.23
C ASP L 53 -32.53 -1.85 -13.64
N VAL L 54 -31.43 -1.25 -14.12
CA VAL L 54 -30.30 -2.06 -14.60
C VAL L 54 -29.62 -2.80 -13.47
N GLY L 55 -29.82 -2.38 -12.22
CA GLY L 55 -29.22 -3.09 -11.09
C GLY L 55 -29.91 -4.38 -10.72
N ARG L 56 -31.12 -4.60 -11.22
CA ARG L 56 -31.87 -5.81 -10.93
C ARG L 56 -32.06 -6.70 -12.16
N ARG L 57 -31.33 -6.42 -13.24
CA ARG L 57 -31.44 -7.22 -14.45
C ARG L 57 -30.71 -8.55 -14.28
N HIS L 58 -31.31 -9.61 -14.82
CA HIS L 58 -30.73 -10.94 -14.79
C HIS L 58 -30.74 -11.54 -16.19
N ARG L 59 -29.65 -12.20 -16.57
CA ARG L 59 -29.51 -12.82 -17.87
C ARG L 59 -29.32 -14.32 -17.71
N GLY L 60 -30.09 -15.10 -18.48
CA GLY L 60 -30.00 -16.54 -18.41
C GLY L 60 -31.19 -17.22 -19.06
N GLN L 61 -30.96 -18.41 -19.62
CA GLN L 61 -32.01 -19.17 -20.31
C GLN L 61 -32.85 -19.89 -19.27
N VAL L 62 -33.94 -19.26 -18.87
CA VAL L 62 -34.84 -19.86 -17.89
C VAL L 62 -35.70 -20.91 -18.59
N ALA L 63 -35.75 -22.11 -18.00
CA ALA L 63 -36.49 -23.22 -18.57
C ALA L 63 -37.95 -23.16 -18.17
N VAL L 64 -38.83 -23.49 -19.12
CA VAL L 64 -40.27 -23.56 -18.89
C VAL L 64 -40.73 -24.94 -19.29
N ARG L 65 -41.36 -25.65 -18.37
CA ARG L 65 -41.77 -27.03 -18.54
C ARG L 65 -43.29 -27.17 -18.44
N ASP L 66 -43.82 -28.15 -19.14
CA ASP L 66 -45.24 -28.45 -19.12
C ASP L 66 -45.55 -29.43 -17.98
N GLN L 67 -46.76 -29.98 -17.98
CA GLN L 67 -47.19 -30.88 -16.91
C GLN L 67 -46.44 -32.20 -16.90
N ASP L 68 -45.71 -32.53 -17.96
CA ASP L 68 -44.97 -33.78 -18.05
C ASP L 68 -43.60 -33.72 -17.39
N ASP L 69 -43.30 -32.63 -16.69
CA ASP L 69 -42.00 -32.39 -16.05
C ASP L 69 -40.88 -32.51 -17.08
N ILE L 70 -41.06 -31.88 -18.25
CA ILE L 70 -40.02 -31.78 -19.27
C ILE L 70 -40.04 -30.36 -19.81
N VAL L 71 -38.86 -29.74 -19.92
CA VAL L 71 -38.78 -28.36 -20.39
C VAL L 71 -39.09 -28.29 -21.87
N VAL L 72 -40.00 -27.39 -22.22
CA VAL L 72 -40.40 -27.20 -23.62
C VAL L 72 -40.11 -25.81 -24.14
N LYS L 73 -39.86 -24.83 -23.27
CA LYS L 73 -39.57 -23.47 -23.71
C LYS L 73 -38.36 -22.92 -22.98
N ARG L 74 -37.70 -21.96 -23.62
CA ARG L 74 -36.58 -21.25 -23.01
C ARG L 74 -36.84 -19.75 -23.14
N ARG L 75 -36.85 -19.05 -22.01
CA ARG L 75 -37.11 -17.61 -22.02
C ARG L 75 -36.03 -16.87 -21.25
N GLN L 76 -36.24 -15.57 -21.02
CA GLN L 76 -35.29 -14.75 -20.29
C GLN L 76 -35.96 -14.13 -19.08
N PRO L 77 -35.20 -13.82 -18.03
CA PRO L 77 -35.80 -13.24 -16.83
C PRO L 77 -36.42 -11.89 -17.15
N PRO L 78 -37.51 -11.53 -16.48
CA PRO L 78 -38.14 -10.24 -16.74
C PRO L 78 -37.23 -9.09 -16.38
N ARG L 79 -37.38 -7.98 -17.12
CA ARG L 79 -36.61 -6.78 -16.87
C ARG L 79 -37.46 -5.76 -16.13
N TRP L 80 -36.87 -5.13 -15.12
CA TRP L 80 -37.60 -4.23 -14.24
C TRP L 80 -37.44 -2.79 -14.71
N PHE L 81 -38.54 -2.05 -14.71
CA PHE L 81 -38.55 -0.65 -15.12
C PHE L 81 -39.05 0.21 -13.96
N ARG L 82 -38.37 1.33 -13.72
CA ARG L 82 -38.74 2.23 -12.63
C ARG L 82 -39.65 3.31 -13.18
N LEU L 83 -40.90 3.33 -12.71
CA LEU L 83 -41.86 4.37 -13.06
C LEU L 83 -41.95 5.36 -11.91
N SER L 84 -41.78 6.65 -12.23
CA SER L 84 -41.79 7.71 -11.23
C SER L 84 -43.10 8.47 -11.32
N TYR L 85 -43.72 8.71 -10.16
CA TYR L 85 -44.96 9.45 -10.06
C TYR L 85 -44.75 10.66 -9.16
N LEU L 86 -45.11 11.83 -9.66
CA LEU L 86 -45.14 13.06 -8.89
C LEU L 86 -46.53 13.14 -8.25
N VAL L 87 -46.58 13.05 -6.93
CA VAL L 87 -47.84 13.01 -6.18
C VAL L 87 -47.98 14.33 -5.43
N THR L 88 -49.08 15.02 -5.67
CA THR L 88 -49.37 16.29 -5.02
C THR L 88 -50.83 16.31 -4.56
N ALA L 89 -51.11 17.15 -3.57
CA ALA L 89 -52.45 17.34 -3.05
C ALA L 89 -52.88 18.77 -3.28
N TRP L 90 -54.08 18.97 -3.83
CA TRP L 90 -54.58 20.28 -4.19
C TRP L 90 -55.91 20.54 -3.50
N THR L 91 -55.97 21.66 -2.78
CA THR L 91 -57.20 22.06 -2.07
C THR L 91 -57.26 23.59 -2.08
N LYS L 92 -58.11 24.19 -1.25
CA LYS L 92 -58.23 25.63 -1.14
C LYS L 92 -57.44 26.23 0.02
N THR L 93 -56.89 25.41 0.92
CA THR L 93 -56.19 25.93 2.09
C THR L 93 -54.86 25.23 2.25
N PRO L 94 -53.76 25.97 2.45
CA PRO L 94 -52.44 25.30 2.58
C PRO L 94 -52.37 24.31 3.73
N GLN L 95 -53.04 24.61 4.85
CA GLN L 95 -53.06 23.64 5.98
C GLN L 95 -53.77 22.36 5.52
N ASP L 96 -54.84 22.51 4.72
CA ASP L 96 -55.61 21.33 4.23
C ASP L 96 -54.71 20.49 3.32
N GLU L 97 -53.92 21.14 2.46
CA GLU L 97 -53.02 20.41 1.53
C GLU L 97 -51.97 19.65 2.35
N HIS L 98 -51.42 20.28 3.41
CA HIS L 98 -50.47 19.57 4.29
C HIS L 98 -51.16 18.36 4.90
N ARG L 99 -52.40 18.57 5.31
CA ARG L 99 -53.27 17.59 5.89
C ARG L 99 -53.49 16.42 4.93
N LEU L 100 -53.75 16.73 3.68
CA LEU L 100 -53.98 15.75 2.62
C LEU L 100 -52.70 15.05 2.23
N LEU L 101 -51.59 15.80 2.13
CA LEU L 101 -50.30 15.19 1.82
C LEU L 101 -49.88 14.22 2.91
N SER L 102 -50.09 14.58 4.18
CA SER L 102 -49.77 13.68 5.27
C SER L 102 -50.60 12.41 5.22
N ALA L 103 -51.90 12.55 4.91
CA ALA L 103 -52.75 11.37 4.79
C ALA L 103 -52.29 10.47 3.65
N VAL L 104 -51.93 11.05 2.51
CA VAL L 104 -51.45 10.25 1.39
C VAL L 104 -50.15 9.54 1.74
N LEU L 105 -49.24 10.25 2.42
CA LEU L 105 -47.99 9.62 2.83
C LEU L 105 -48.25 8.48 3.81
N ALA L 106 -49.19 8.68 4.74
CA ALA L 106 -49.51 7.64 5.70
C ALA L 106 -50.13 6.42 5.04
N THR L 107 -50.97 6.63 4.04
CA THR L 107 -51.61 5.49 3.36
C THR L 107 -50.68 4.82 2.36
N LEU L 108 -49.62 5.49 1.91
CA LEU L 108 -48.65 4.87 1.02
C LEU L 108 -47.45 4.28 1.75
N LEU L 109 -47.24 4.64 3.01
CA LEU L 109 -46.07 4.17 3.76
C LEU L 109 -46.07 2.66 4.00
N PRO L 110 -47.13 2.02 4.50
CA PRO L 110 -47.02 0.61 4.90
C PRO L 110 -46.75 -0.35 3.74
N ARG L 111 -47.03 0.06 2.50
CA ARG L 111 -46.91 -0.85 1.35
C ARG L 111 -45.52 -0.70 0.75
N GLU L 112 -44.56 -1.46 1.28
CA GLU L 112 -43.22 -1.48 0.70
C GLU L 112 -43.21 -2.24 -0.62
N GLN L 113 -43.87 -3.40 -0.66
CA GLN L 113 -44.01 -4.19 -1.88
C GLN L 113 -45.47 -4.61 -2.04
N LEU L 114 -45.90 -4.73 -3.28
CA LEU L 114 -47.28 -5.07 -3.57
C LEU L 114 -47.39 -6.56 -3.87
N PRO L 115 -48.17 -7.32 -3.09
CA PRO L 115 -48.32 -8.73 -3.40
C PRO L 115 -49.08 -8.92 -4.70
N PRO L 116 -48.83 -10.02 -5.41
CA PRO L 116 -49.51 -10.24 -6.70
C PRO L 116 -51.02 -10.35 -6.59
N TYR L 117 -51.56 -10.66 -5.41
CA TYR L 117 -53.01 -10.73 -5.26
C TYR L 117 -53.66 -9.38 -5.50
N GLU L 118 -53.05 -8.30 -5.00
CA GLU L 118 -53.59 -6.96 -5.21
C GLU L 118 -53.50 -6.54 -6.67
N LEU L 119 -52.48 -7.03 -7.40
CA LEU L 119 -52.26 -6.59 -8.75
C LEU L 119 -53.36 -7.11 -9.68
N PRO L 120 -53.63 -6.39 -10.79
CA PRO L 120 -54.62 -6.88 -11.75
C PRO L 120 -54.14 -8.10 -12.51
N GLY L 121 -54.95 -8.58 -13.47
CA GLY L 121 -54.62 -9.81 -14.16
C GLY L 121 -53.33 -9.73 -14.94
N ALA L 122 -53.14 -8.64 -15.69
CA ALA L 122 -51.97 -8.53 -16.56
C ALA L 122 -50.67 -8.52 -15.76
N LEU L 123 -50.65 -7.77 -14.64
CA LEU L 123 -49.45 -7.76 -13.80
C LEU L 123 -49.45 -8.91 -12.80
N GLY L 124 -50.64 -9.42 -12.44
CA GLY L 124 -50.71 -10.55 -11.53
C GLY L 124 -50.29 -11.86 -12.15
N ALA L 125 -50.30 -11.94 -13.49
CA ALA L 125 -49.84 -13.15 -14.16
C ALA L 125 -48.35 -13.41 -13.94
N MET L 126 -47.60 -12.37 -13.57
CA MET L 126 -46.17 -12.56 -13.30
C MET L 126 -45.91 -13.26 -11.98
N ASN L 127 -46.83 -13.12 -11.01
CA ASN L 127 -46.67 -13.70 -9.68
C ASN L 127 -45.36 -13.24 -9.04
N LEU L 128 -45.02 -11.98 -9.22
CA LEU L 128 -43.82 -11.38 -8.66
C LEU L 128 -44.16 -10.13 -7.89
N PRO L 129 -43.42 -9.83 -6.82
CA PRO L 129 -43.68 -8.60 -6.06
C PRO L 129 -43.35 -7.37 -6.89
N VAL L 130 -44.08 -6.29 -6.62
CA VAL L 130 -43.89 -5.02 -7.30
C VAL L 130 -43.48 -3.99 -6.25
N PRO L 131 -42.17 -3.72 -6.12
CA PRO L 131 -41.71 -2.77 -5.09
C PRO L 131 -42.29 -1.38 -5.30
N MET L 132 -42.57 -0.66 -4.21
CA MET L 132 -43.13 0.71 -4.28
C MET L 132 -42.48 1.58 -3.20
N THR L 133 -41.66 2.57 -3.56
CA THR L 133 -40.92 3.38 -2.56
C THR L 133 -41.49 4.79 -2.50
N VAL L 134 -42.20 5.15 -1.43
CA VAL L 134 -42.89 6.47 -1.39
C VAL L 134 -41.90 7.62 -1.48
N ALA L 135 -40.77 7.58 -0.77
CA ALA L 135 -39.89 8.76 -0.89
C ALA L 135 -38.42 8.42 -0.68
N GLY L 136 -37.55 9.17 -1.32
CA GLY L 136 -36.11 8.91 -1.20
C GLY L 136 -35.35 9.79 -2.18
N VAL L 137 -34.04 9.61 -2.27
CA VAL L 137 -33.22 10.44 -3.18
C VAL L 137 -32.63 9.52 -4.26
N SER L 143 -33.44 18.84 -7.59
CA SER L 143 -33.73 18.46 -8.97
C SER L 143 -35.21 18.60 -9.28
N LEU L 144 -36.04 18.61 -8.23
CA LEU L 144 -37.48 18.76 -8.42
C LEU L 144 -37.83 20.12 -8.99
N ALA L 145 -37.00 21.14 -8.73
CA ALA L 145 -37.25 22.46 -9.29
C ALA L 145 -37.22 22.43 -10.81
N GLU L 146 -36.22 21.77 -11.38
CA GLU L 146 -36.13 21.67 -12.84
C GLU L 146 -37.30 20.88 -13.41
N ILE L 147 -37.72 19.82 -12.73
CA ILE L 147 -38.86 19.02 -13.19
C ILE L 147 -40.12 19.87 -13.20
N TRP L 148 -40.34 20.63 -12.13
CA TRP L 148 -41.53 21.50 -12.08
C TRP L 148 -41.46 22.59 -13.14
N SER L 149 -40.27 23.16 -13.36
CA SER L 149 -40.13 24.21 -14.37
C SER L 149 -40.41 23.69 -15.76
N ALA L 150 -39.89 22.50 -16.10
CA ALA L 150 -40.15 21.92 -17.41
C ALA L 150 -41.60 21.48 -17.55
N LEU L 151 -42.23 21.08 -16.43
CA LEU L 151 -43.63 20.71 -16.46
C LEU L 151 -44.54 21.90 -16.69
N GLY L 152 -44.04 23.12 -16.49
CA GLY L 152 -44.84 24.32 -16.65
C GLY L 152 -45.57 24.77 -15.41
N GLY L 153 -45.50 24.02 -14.33
CA GLY L 153 -46.16 24.36 -13.09
C GLY L 153 -45.28 25.15 -12.16
N GLU L 154 -45.67 25.18 -10.88
CA GLU L 154 -44.92 25.89 -9.85
C GLU L 154 -44.56 24.91 -8.74
N LEU L 155 -43.43 25.16 -8.10
CA LEU L 155 -42.90 24.25 -7.08
C LEU L 155 -43.88 24.11 -5.92
N LYS L 156 -44.14 22.86 -5.54
CA LYS L 156 -45.04 22.53 -4.45
C LYS L 156 -44.48 21.32 -3.73
N PRO L 157 -44.86 21.12 -2.46
CA PRO L 157 -44.49 19.86 -1.79
C PRO L 157 -45.05 18.68 -2.56
N SER L 158 -44.24 17.63 -2.65
CA SER L 158 -44.57 16.52 -3.54
C SER L 158 -43.95 15.23 -3.04
N LEU L 159 -44.48 14.12 -3.55
CA LEU L 159 -43.99 12.78 -3.25
C LEU L 159 -43.48 12.14 -4.53
N ASP L 160 -42.29 11.55 -4.47
CA ASP L 160 -41.70 10.85 -5.62
C ASP L 160 -41.92 9.36 -5.41
N LEU L 161 -43.01 8.84 -5.98
CA LEU L 161 -43.37 7.44 -5.83
C LEU L 161 -42.72 6.63 -6.93
N VAL L 162 -41.85 5.70 -6.57
CA VAL L 162 -41.12 4.86 -7.52
C VAL L 162 -41.72 3.46 -7.47
N VAL L 163 -42.17 2.97 -8.62
CA VAL L 163 -42.76 1.65 -8.75
C VAL L 163 -41.91 0.83 -9.71
N THR L 164 -41.49 -0.35 -9.28
CA THR L 164 -40.65 -1.23 -10.09
C THR L 164 -41.53 -2.25 -10.79
N ALA L 165 -41.91 -1.95 -12.03
CA ALA L 165 -42.80 -2.82 -12.81
C ALA L 165 -41.98 -3.82 -13.62
N PRO L 166 -42.26 -5.11 -13.52
CA PRO L 166 -41.57 -6.08 -14.36
C PRO L 166 -42.21 -6.20 -15.74
N PHE L 167 -41.36 -6.41 -16.75
CA PHE L 167 -41.81 -6.60 -18.11
C PHE L 167 -41.16 -7.87 -18.67
N PRO L 168 -41.87 -8.61 -19.53
CA PRO L 168 -41.27 -9.81 -20.12
C PRO L 168 -40.54 -9.52 -21.43
N ALA L 169 -39.40 -10.17 -21.59
CA ALA L 169 -38.67 -10.09 -22.86
C ALA L 169 -39.33 -10.91 -23.96
N TYR L 170 -40.10 -11.93 -23.58
CA TYR L 170 -40.80 -12.80 -24.53
C TYR L 170 -39.89 -13.35 -25.64
N PRO L 171 -38.79 -14.02 -25.29
CA PRO L 171 -37.98 -14.68 -26.32
C PRO L 171 -38.65 -15.95 -26.82
N GLU L 172 -39.14 -16.76 -25.88
CA GLU L 172 -39.91 -17.97 -26.16
C GLU L 172 -39.17 -18.89 -27.13
N TYR L 173 -37.90 -19.16 -26.81
CA TYR L 173 -37.14 -20.12 -27.60
C TYR L 173 -37.74 -21.52 -27.47
N ASP L 174 -37.68 -22.27 -28.56
CA ASP L 174 -38.23 -23.62 -28.60
C ASP L 174 -37.11 -24.63 -28.41
N ALA L 175 -37.31 -25.56 -27.48
CA ALA L 175 -36.33 -26.60 -27.20
C ALA L 175 -36.62 -27.83 -28.05
N GLY L 176 -35.60 -28.69 -28.17
CA GLY L 176 -35.71 -29.89 -28.95
C GLY L 176 -36.59 -30.93 -28.30
N PRO L 177 -36.94 -31.98 -29.05
CA PRO L 177 -37.78 -33.03 -28.48
C PRO L 177 -37.03 -33.81 -27.42
N PRO L 178 -37.71 -34.34 -26.41
CA PRO L 178 -37.02 -35.07 -25.36
C PRO L 178 -36.38 -36.35 -25.89
N VAL L 179 -35.29 -36.74 -25.26
CA VAL L 179 -34.55 -37.95 -25.62
C VAL L 179 -35.17 -39.12 -24.86
N THR L 180 -35.78 -40.06 -25.61
CA THR L 180 -36.41 -41.22 -25.01
C THR L 180 -35.66 -42.52 -25.25
N GLU L 181 -34.84 -42.60 -26.30
CA GLU L 181 -34.07 -43.79 -26.60
C GLU L 181 -32.71 -43.79 -25.92
N GLY L 182 -32.40 -42.80 -25.11
CA GLY L 182 -31.11 -42.71 -24.47
C GLY L 182 -30.04 -42.18 -25.40
N ALA L 183 -28.80 -42.33 -24.97
CA ALA L 183 -27.63 -41.85 -25.71
C ALA L 183 -26.85 -43.05 -26.25
N THR L 184 -26.50 -42.98 -27.54
CA THR L 184 -25.66 -43.97 -28.17
C THR L 184 -24.28 -43.40 -28.42
N VAL L 185 -23.26 -44.19 -28.13
CA VAL L 185 -21.87 -43.76 -28.26
C VAL L 185 -21.20 -44.58 -29.36
N ARG L 186 -20.23 -43.95 -30.03
CA ARG L 186 -19.43 -44.61 -31.05
C ARG L 186 -17.96 -44.37 -30.74
N ILE L 187 -17.17 -45.45 -30.73
CA ILE L 187 -15.78 -45.38 -30.34
C ILE L 187 -14.92 -46.01 -31.43
N GLY L 188 -13.66 -45.62 -31.46
CA GLY L 188 -12.74 -46.12 -32.47
C GLY L 188 -11.41 -45.41 -32.40
N GLY L 189 -10.64 -45.55 -33.48
CA GLY L 189 -9.33 -44.92 -33.55
C GLY L 189 -9.40 -43.51 -34.08
N VAL L 190 -8.52 -42.64 -33.57
CA VAL L 190 -8.51 -41.25 -33.98
C VAL L 190 -8.05 -41.12 -35.43
N GLU L 191 -7.09 -41.95 -35.84
CA GLU L 191 -6.62 -41.93 -37.21
C GLU L 191 -7.44 -42.82 -38.14
N GLY L 192 -8.38 -43.57 -37.59
CA GLY L 192 -9.23 -44.43 -38.40
C GLY L 192 -8.71 -45.83 -38.66
N ASP L 193 -7.65 -46.25 -37.96
CA ASP L 193 -7.15 -47.61 -38.15
C ASP L 193 -8.18 -48.67 -37.79
N PRO L 194 -8.84 -48.61 -36.63
CA PRO L 194 -10.01 -49.47 -36.43
C PRO L 194 -11.28 -48.76 -36.86
N PRO L 195 -12.11 -49.40 -37.69
CA PRO L 195 -13.34 -48.74 -38.13
C PRO L 195 -14.27 -48.46 -36.96
N MET L 196 -15.01 -47.36 -37.06
CA MET L 196 -15.93 -46.97 -36.01
C MET L 196 -17.08 -47.96 -35.91
N SER L 197 -17.45 -48.31 -34.69
CA SER L 197 -18.54 -49.26 -34.46
C SER L 197 -19.82 -48.52 -34.12
N GLU L 198 -20.93 -49.26 -34.15
CA GLU L 198 -22.22 -48.69 -33.74
C GLU L 198 -22.20 -48.31 -32.27
N GLY L 199 -21.63 -49.16 -31.42
CA GLY L 199 -21.43 -48.84 -30.03
C GLY L 199 -22.63 -49.02 -29.14
N ARG L 200 -23.77 -49.48 -29.69
CA ARG L 200 -24.99 -49.70 -28.92
C ARG L 200 -25.44 -48.43 -28.21
N SER L 201 -26.34 -48.58 -27.24
CA SER L 201 -26.91 -47.43 -26.55
C SER L 201 -27.32 -47.87 -25.15
N HIS L 202 -28.08 -47.01 -24.47
CA HIS L 202 -28.53 -47.32 -23.12
C HIS L 202 -29.48 -48.51 -23.12
N ARG L 203 -29.32 -49.38 -22.15
CA ARG L 203 -30.20 -50.53 -22.01
C ARG L 203 -31.57 -50.07 -21.52
N PRO L 204 -32.63 -50.83 -21.83
CA PRO L 204 -33.97 -50.46 -21.34
C PRO L 204 -34.06 -50.39 -19.82
N HIS L 205 -33.27 -51.20 -19.11
CA HIS L 205 -33.27 -51.13 -17.65
C HIS L 205 -32.79 -49.77 -17.16
N GLN L 206 -31.74 -49.23 -17.77
CA GLN L 206 -31.23 -47.92 -17.37
C GLN L 206 -32.24 -46.82 -17.66
N VAL L 207 -32.90 -46.89 -18.82
CA VAL L 207 -33.92 -45.89 -19.16
C VAL L 207 -35.07 -45.95 -18.17
N ALA L 208 -35.53 -47.17 -17.84
CA ALA L 208 -36.60 -47.31 -16.87
C ALA L 208 -36.20 -46.80 -15.50
N ALA L 209 -34.97 -47.09 -15.08
CA ALA L 209 -34.49 -46.59 -13.79
C ALA L 209 -34.44 -45.07 -13.76
N ALA L 210 -33.97 -44.46 -14.85
CA ALA L 210 -33.92 -43.00 -14.92
C ALA L 210 -35.32 -42.40 -14.88
N ARG L 211 -36.27 -42.98 -15.62
CA ARG L 211 -37.62 -42.46 -15.63
C ARG L 211 -38.32 -42.67 -14.29
N ALA L 212 -37.94 -43.72 -13.55
CA ALA L 212 -38.50 -43.92 -12.22
C ALA L 212 -37.91 -42.95 -11.22
N ALA L 213 -36.60 -42.70 -11.29
CA ALA L 213 -35.94 -41.77 -10.40
C ALA L 213 -36.22 -40.31 -10.74
N ARG L 214 -36.80 -40.04 -11.92
CA ARG L 214 -37.16 -38.67 -12.25
C ARG L 214 -38.19 -38.11 -11.28
N LYS L 215 -39.06 -38.95 -10.75
CA LYS L 215 -40.08 -38.51 -9.80
C LYS L 215 -39.47 -38.16 -8.45
N ALA M 15 -29.91 -16.70 35.79
CA ALA M 15 -29.14 -17.38 34.75
C ALA M 15 -30.05 -18.24 33.88
N SER M 16 -31.32 -18.30 34.24
CA SER M 16 -32.31 -19.09 33.50
C SER M 16 -33.05 -18.30 32.45
N GLY M 17 -32.71 -17.02 32.25
CA GLY M 17 -33.41 -16.21 31.29
C GLY M 17 -32.56 -15.79 30.10
N SER M 18 -31.26 -16.07 30.15
CA SER M 18 -30.36 -15.70 29.06
C SER M 18 -29.38 -16.78 28.64
N ARG M 19 -29.16 -17.82 29.44
CA ARG M 19 -28.17 -18.82 29.06
C ARG M 19 -28.76 -19.79 28.05
N PRO M 20 -27.96 -20.24 27.09
CA PRO M 20 -28.43 -21.22 26.10
C PRO M 20 -28.44 -22.62 26.68
N ILE M 21 -28.76 -23.59 25.83
CA ILE M 21 -28.83 -24.99 26.26
C ILE M 21 -27.42 -25.52 26.44
N GLU M 22 -27.13 -26.04 27.63
CA GLU M 22 -25.83 -26.60 27.95
C GLU M 22 -26.00 -27.92 28.68
N GLY M 23 -25.00 -28.78 28.57
CA GLY M 23 -25.06 -30.06 29.23
C GLY M 23 -24.88 -29.93 30.73
N VAL M 24 -25.40 -30.93 31.45
CA VAL M 24 -25.26 -30.98 32.90
C VAL M 24 -23.92 -31.65 33.22
N THR M 31 -22.51 -32.27 36.13
CA THR M 31 -22.40 -32.94 37.42
C THR M 31 -23.50 -33.97 37.57
N SER M 32 -23.23 -34.98 38.39
CA SER M 32 -24.20 -36.03 38.71
C SER M 32 -24.33 -36.10 40.22
N VAL M 33 -25.56 -35.98 40.72
CA VAL M 33 -25.85 -35.90 42.15
C VAL M 33 -26.67 -37.12 42.54
N ALA M 34 -26.23 -37.80 43.60
CA ALA M 34 -26.91 -38.99 44.10
C ALA M 34 -27.67 -38.65 45.37
N ALA M 35 -28.90 -39.14 45.45
CA ALA M 35 -29.77 -38.91 46.61
C ALA M 35 -29.81 -40.19 47.44
N PHE M 36 -29.45 -40.08 48.71
CA PHE M 36 -29.40 -41.21 49.62
C PHE M 36 -30.48 -41.06 50.69
N VAL M 37 -31.32 -42.08 50.81
CA VAL M 37 -32.40 -42.10 51.80
C VAL M 37 -32.17 -43.29 52.72
N GLY M 38 -32.21 -43.05 54.03
CA GLY M 38 -32.01 -44.12 54.98
C GLY M 38 -31.89 -43.59 56.39
N LEU M 39 -31.30 -44.42 57.25
CA LEU M 39 -31.19 -44.14 58.67
C LEU M 39 -29.81 -43.55 58.97
N ALA M 40 -29.80 -42.43 59.71
CA ALA M 40 -28.56 -41.77 60.08
C ALA M 40 -28.68 -41.22 61.50
N PRO M 41 -27.59 -41.15 62.24
CA PRO M 41 -27.63 -40.51 63.56
C PRO M 41 -27.54 -39.00 63.45
N THR M 42 -28.34 -38.32 64.28
CA THR M 42 -28.41 -36.86 64.31
C THR M 42 -28.75 -36.27 62.95
N GLY M 43 -28.63 -34.96 62.81
CA GLY M 43 -28.90 -34.30 61.55
C GLY M 43 -30.38 -34.06 61.34
N PRO M 44 -30.72 -33.38 60.26
CA PRO M 44 -32.13 -33.08 59.97
C PRO M 44 -32.91 -34.35 59.61
N LEU M 45 -34.22 -34.28 59.81
CA LEU M 45 -35.12 -35.38 59.53
C LEU M 45 -36.00 -35.02 58.33
N ASN M 46 -36.01 -35.91 57.33
CA ASN M 46 -36.83 -35.75 56.13
C ASN M 46 -36.51 -34.44 55.40
N GLU M 47 -35.27 -33.98 55.49
CA GLU M 47 -34.85 -32.75 54.83
C GLU M 47 -33.65 -33.05 53.93
N PRO M 48 -33.80 -32.94 52.61
CA PRO M 48 -32.67 -33.20 51.72
C PRO M 48 -31.54 -32.19 51.92
N THR M 49 -30.40 -32.66 52.41
CA THR M 49 -29.24 -31.81 52.66
C THR M 49 -28.20 -32.05 51.59
N LEU M 50 -27.74 -30.96 50.97
CA LEU M 50 -26.71 -31.06 49.94
C LEU M 50 -25.35 -31.16 50.61
N VAL M 51 -24.69 -32.30 50.43
CA VAL M 51 -23.37 -32.57 50.98
C VAL M 51 -22.41 -32.79 49.84
N THR M 52 -21.32 -32.03 49.81
CA THR M 52 -20.34 -32.11 48.72
C THR M 52 -19.00 -32.68 49.18
N ASN M 53 -18.90 -33.13 50.43
CA ASN M 53 -17.65 -33.70 50.92
C ASN M 53 -17.95 -34.56 52.14
N TRP M 54 -17.05 -35.51 52.41
CA TRP M 54 -17.22 -36.37 53.58
C TRP M 54 -17.13 -35.56 54.86
N THR M 55 -16.24 -34.57 54.91
CA THR M 55 -16.12 -33.71 56.08
C THR M 55 -17.42 -32.96 56.33
N GLN M 56 -18.06 -32.47 55.26
CA GLN M 56 -19.37 -31.83 55.40
C GLN M 56 -20.39 -32.82 55.92
N TYR M 57 -20.32 -34.07 55.47
CA TYR M 57 -21.27 -35.08 55.92
C TYR M 57 -21.14 -35.35 57.41
N VAL M 58 -19.90 -35.49 57.91
CA VAL M 58 -19.74 -35.72 59.34
C VAL M 58 -20.00 -34.46 60.15
N ALA M 59 -19.86 -33.28 59.54
CA ALA M 59 -20.20 -32.05 60.25
C ALA M 59 -21.71 -31.89 60.39
N ALA M 60 -22.46 -32.30 59.37
CA ALA M 60 -23.91 -32.22 59.40
C ALA M 60 -24.54 -33.47 60.00
N PHE M 61 -24.28 -34.62 59.41
CA PHE M 61 -24.81 -35.90 59.88
C PHE M 61 -23.77 -36.58 60.78
N GLY M 62 -24.04 -37.83 61.15
CA GLY M 62 -23.16 -38.57 62.02
C GLY M 62 -22.28 -39.56 61.28
N ASP M 63 -21.16 -39.90 61.91
CA ASP M 63 -20.23 -40.90 61.37
C ASP M 63 -20.72 -42.30 61.67
N PHE M 64 -19.86 -43.30 61.48
CA PHE M 64 -20.22 -44.70 61.73
C PHE M 64 -20.37 -44.89 63.24
N THR M 65 -21.55 -44.50 63.74
CA THR M 65 -21.87 -44.64 65.16
C THR M 65 -23.08 -45.54 65.38
N GLY M 66 -23.43 -46.36 64.39
CA GLY M 66 -24.57 -47.25 64.52
C GLY M 66 -24.57 -48.26 63.41
N GLY M 67 -25.47 -49.24 63.54
CA GLY M 67 -25.61 -50.28 62.53
C GLY M 67 -26.39 -49.81 61.33
N TYR M 68 -25.90 -48.78 60.64
CA TYR M 68 -26.55 -48.22 59.48
C TYR M 68 -25.59 -48.20 58.31
N TYR M 69 -26.10 -48.52 57.12
CA TYR M 69 -25.30 -48.54 55.91
C TYR M 69 -25.22 -47.18 55.20
N LEU M 70 -25.97 -46.19 55.69
CA LEU M 70 -25.96 -44.88 55.03
C LEU M 70 -24.57 -44.25 55.09
N ALA M 71 -23.92 -44.30 56.25
CA ALA M 71 -22.58 -43.73 56.36
C ALA M 71 -21.60 -44.45 55.46
N HIS M 72 -21.67 -45.79 55.42
CA HIS M 72 -20.80 -46.55 54.53
C HIS M 72 -21.09 -46.23 53.06
N SER M 73 -22.36 -46.09 52.71
CA SER M 73 -22.72 -45.76 51.33
C SER M 73 -22.18 -44.40 50.92
N VAL M 74 -22.31 -43.41 51.80
CA VAL M 74 -21.80 -42.07 51.49
C VAL M 74 -20.29 -42.08 51.41
N TYR M 75 -19.63 -42.80 52.32
CA TYR M 75 -18.17 -42.89 52.28
C TYR M 75 -17.69 -43.55 50.99
N GLY M 76 -18.36 -44.60 50.55
CA GLY M 76 -18.01 -45.23 49.29
C GLY M 76 -18.28 -44.32 48.10
N PHE M 77 -19.38 -43.58 48.14
CA PHE M 77 -19.71 -42.66 47.05
C PHE M 77 -18.66 -41.58 46.90
N PHE M 78 -18.21 -41.01 48.03
CA PHE M 78 -17.23 -39.93 47.96
C PHE M 78 -15.82 -40.47 47.69
N ASN M 79 -15.48 -41.63 48.25
CA ASN M 79 -14.16 -42.22 48.01
C ASN M 79 -13.99 -42.61 46.55
N ASN M 80 -15.03 -43.20 45.94
CA ASN M 80 -14.98 -43.55 44.53
C ASN M 80 -14.97 -42.33 43.62
N GLY M 81 -15.35 -41.17 44.13
CA GLY M 81 -15.40 -39.96 43.33
C GLY M 81 -16.81 -39.46 43.11
N GLY M 82 -17.21 -38.46 43.87
CA GLY M 82 -18.54 -37.90 43.75
C GLY M 82 -18.56 -36.39 43.92
N SER M 83 -19.11 -35.69 42.92
CA SER M 83 -19.13 -34.24 42.98
C SER M 83 -20.03 -33.72 44.10
N ALA M 84 -21.21 -34.30 44.24
CA ALA M 84 -22.16 -33.85 45.25
C ALA M 84 -23.16 -34.97 45.53
N ALA M 85 -23.90 -34.80 46.62
CA ALA M 85 -24.93 -35.75 46.99
C ALA M 85 -26.02 -35.02 47.77
N TYR M 86 -27.21 -35.63 47.81
CA TYR M 86 -28.35 -35.09 48.52
C TYR M 86 -28.78 -36.12 49.56
N VAL M 87 -28.24 -36.01 50.77
CA VAL M 87 -28.51 -36.97 51.82
C VAL M 87 -29.88 -36.67 52.43
N VAL M 88 -30.76 -37.68 52.48
CA VAL M 88 -32.14 -37.45 52.99
C VAL M 88 -32.40 -38.39 54.16
N ARG M 89 -32.08 -37.98 55.39
CA ARG M 89 -32.28 -38.85 56.57
C ARG M 89 -33.78 -39.08 56.73
N VAL M 90 -34.20 -40.33 56.98
CA VAL M 90 -35.64 -40.62 57.21
C VAL M 90 -35.75 -41.46 58.47
N GLY M 91 -34.70 -41.48 59.29
CA GLY M 91 -34.70 -42.33 60.50
C GLY M 91 -33.86 -41.70 61.59
N GLY M 92 -33.40 -42.49 62.57
CA GLY M 92 -32.70 -41.88 63.73
C GLY M 92 -31.48 -42.62 64.23
N SER M 93 -31.08 -42.35 65.49
CA SER M 93 -29.83 -42.93 66.04
C SER M 93 -30.09 -43.87 67.22
N ALA M 94 -30.82 -43.38 68.23
CA ALA M 94 -31.16 -44.20 69.43
C ALA M 94 -29.88 -44.50 70.22
N GLY M 252 -40.46 -41.04 52.08
CA GLY M 252 -39.44 -40.02 52.07
C GLY M 252 -39.03 -39.59 50.68
N PHE M 253 -39.42 -40.38 49.68
CA PHE M 253 -39.08 -40.06 48.30
C PHE M 253 -39.82 -38.81 47.83
N GLY M 254 -40.98 -38.51 48.41
CA GLY M 254 -41.74 -37.34 48.02
C GLY M 254 -41.00 -36.04 48.25
N GLY M 255 -40.07 -36.01 49.19
CA GLY M 255 -39.24 -34.85 49.39
C GLY M 255 -38.16 -34.64 48.35
N LEU M 256 -37.89 -35.65 47.53
CA LEU M 256 -36.89 -35.56 46.47
C LEU M 256 -37.47 -35.09 45.14
N GLU M 257 -38.77 -34.84 45.07
CA GLU M 257 -39.40 -34.39 43.84
C GLU M 257 -39.17 -32.90 43.58
N ALA M 258 -38.70 -32.16 44.57
CA ALA M 258 -38.44 -30.73 44.42
C ALA M 258 -37.01 -30.44 43.99
N ILE M 259 -36.20 -31.46 43.75
CA ILE M 259 -34.81 -31.29 43.34
C ILE M 259 -34.67 -31.81 41.91
N ASP M 260 -33.96 -31.06 41.08
CA ASP M 260 -33.80 -31.39 39.67
C ASP M 260 -32.44 -32.00 39.34
N GLU M 261 -31.38 -31.58 40.04
CA GLU M 261 -30.05 -32.03 39.71
C GLU M 261 -29.79 -33.50 40.06
N ILE M 262 -30.69 -34.14 40.80
CA ILE M 262 -30.48 -35.52 41.21
C ILE M 262 -30.64 -36.44 40.01
N SER M 263 -29.68 -37.34 39.82
CA SER M 263 -29.70 -38.28 38.70
C SER M 263 -29.70 -39.74 39.12
N MET M 264 -29.57 -40.05 40.41
CA MET M 264 -29.64 -41.42 40.88
C MET M 264 -30.01 -41.41 42.36
N VAL M 265 -30.62 -42.52 42.80
CA VAL M 265 -31.09 -42.65 44.17
C VAL M 265 -30.68 -44.00 44.73
N ALA M 266 -30.72 -44.10 46.05
CA ALA M 266 -30.35 -45.34 46.73
C ALA M 266 -31.05 -45.39 48.09
N VAL M 267 -31.28 -46.62 48.55
CA VAL M 267 -31.89 -46.87 49.86
C VAL M 267 -31.02 -47.87 50.63
N PRO M 268 -29.82 -47.47 51.07
CA PRO M 268 -28.89 -48.44 51.65
C PRO M 268 -29.38 -49.14 52.90
N ASP M 269 -30.17 -48.46 53.74
CA ASP M 269 -30.55 -49.00 55.03
C ASP M 269 -31.84 -49.81 54.99
N LEU M 270 -32.45 -50.00 53.82
CA LEU M 270 -33.61 -50.87 53.73
C LEU M 270 -33.23 -52.31 54.05
N MET M 271 -32.12 -52.78 53.48
CA MET M 271 -31.66 -54.13 53.79
C MET M 271 -31.10 -54.23 55.20
N ALA M 272 -30.63 -53.10 55.76
CA ALA M 272 -30.21 -53.10 57.16
C ALA M 272 -31.39 -53.41 58.07
N ALA M 273 -32.56 -52.81 57.79
CA ALA M 273 -33.74 -53.13 58.56
C ALA M 273 -34.26 -54.53 58.24
N TYR M 274 -34.12 -54.96 56.99
CA TYR M 274 -34.59 -56.29 56.62
C TYR M 274 -33.78 -57.39 57.31
N GLN M 275 -32.48 -57.17 57.51
CA GLN M 275 -31.63 -58.19 58.12
C GLN M 275 -32.06 -58.51 59.53
N ARG M 276 -32.44 -57.49 60.31
CA ARG M 276 -32.88 -57.70 61.68
C ARG M 276 -34.21 -58.44 61.77
N GLY M 277 -34.94 -58.57 60.67
CA GLY M 277 -36.23 -59.22 60.68
C GLY M 277 -37.39 -58.33 61.06
N ALA M 278 -37.15 -57.06 61.35
CA ALA M 278 -38.25 -56.15 61.69
C ALA M 278 -39.12 -55.85 60.47
N ILE M 279 -38.54 -55.88 59.27
CA ILE M 279 -39.26 -55.61 58.04
C ILE M 279 -39.19 -56.85 57.16
N ASP M 280 -40.34 -57.33 56.72
CA ASP M 280 -40.41 -58.54 55.91
C ASP M 280 -40.05 -58.23 54.47
N LEU M 281 -40.01 -59.28 53.64
CA LEU M 281 -39.64 -59.11 52.24
C LEU M 281 -40.70 -58.36 51.46
N GLU M 282 -41.97 -58.51 51.83
CA GLU M 282 -43.05 -57.81 51.12
C GLU M 282 -42.91 -56.30 51.24
N ALA M 283 -42.57 -55.81 52.44
CA ALA M 283 -42.39 -54.37 52.61
C ALA M 283 -41.20 -53.86 51.82
N VAL M 284 -40.12 -54.64 51.77
CA VAL M 284 -38.95 -54.25 50.98
C VAL M 284 -39.31 -54.18 49.50
N LYS M 285 -40.06 -55.17 49.01
CA LYS M 285 -40.49 -55.15 47.61
C LYS M 285 -41.39 -53.95 47.33
N ALA M 286 -42.30 -53.64 48.25
CA ALA M 286 -43.17 -52.48 48.07
C ALA M 286 -42.36 -51.19 48.02
N VAL M 287 -41.37 -51.05 48.90
CA VAL M 287 -40.55 -49.86 48.92
C VAL M 287 -39.76 -49.72 47.62
N GLN M 288 -39.19 -50.83 47.14
CA GLN M 288 -38.43 -50.78 45.90
C GLN M 288 -39.34 -50.46 44.71
N LEU M 289 -40.55 -51.02 44.68
CA LEU M 289 -41.48 -50.70 43.61
C LEU M 289 -41.88 -49.23 43.65
N GLY M 290 -42.11 -48.69 44.85
CA GLY M 290 -42.41 -47.28 44.96
C GLY M 290 -41.25 -46.40 44.50
N LEU M 291 -40.02 -46.80 44.82
CA LEU M 291 -38.86 -46.06 44.36
C LEU M 291 -38.75 -46.08 42.84
N ILE M 292 -39.00 -47.25 42.23
CA ILE M 292 -38.95 -47.36 40.78
C ILE M 292 -40.04 -46.49 40.14
N ALA M 293 -41.24 -46.50 40.72
CA ALA M 293 -42.33 -45.67 40.21
C ALA M 293 -41.99 -44.19 40.33
N HIS M 294 -41.38 -43.79 41.44
CA HIS M 294 -40.97 -42.40 41.61
C HIS M 294 -39.92 -42.01 40.59
N CYS M 295 -38.96 -42.90 40.32
CA CYS M 295 -37.96 -42.63 39.30
C CYS M 295 -38.59 -42.50 37.92
N GLU M 296 -39.56 -43.36 37.61
CA GLU M 296 -40.27 -43.25 36.34
C GLU M 296 -41.02 -41.93 36.22
N LEU M 297 -41.67 -41.51 37.31
CA LEU M 297 -42.40 -40.25 37.30
C LEU M 297 -41.45 -39.07 37.12
N MET M 298 -40.30 -39.09 37.81
CA MET M 298 -39.35 -37.99 37.70
C MET M 298 -38.79 -37.89 36.28
N GLY M 299 -38.42 -39.03 35.70
CA GLY M 299 -37.97 -39.07 34.32
C GLY M 299 -36.52 -38.69 34.10
N ASP M 300 -35.76 -38.35 35.15
CA ASP M 300 -34.38 -37.93 34.99
C ASP M 300 -33.40 -38.74 35.82
N ARG M 301 -33.85 -39.74 36.57
CA ARG M 301 -32.97 -40.51 37.45
C ARG M 301 -33.24 -41.99 37.27
N VAL M 302 -32.20 -42.80 37.52
CA VAL M 302 -32.28 -44.24 37.45
C VAL M 302 -31.94 -44.81 38.82
N ALA M 303 -32.81 -45.68 39.33
CA ALA M 303 -32.64 -46.25 40.66
C ALA M 303 -31.61 -47.38 40.63
N ILE M 304 -31.00 -47.62 41.78
CA ILE M 304 -30.04 -48.70 41.97
C ILE M 304 -30.60 -49.66 43.01
N ILE M 305 -30.62 -50.94 42.66
CA ILE M 305 -31.25 -51.98 43.47
C ILE M 305 -30.19 -52.91 44.02
N ASP M 306 -30.31 -53.22 45.31
CA ASP M 306 -29.42 -54.15 46.00
C ASP M 306 -30.25 -55.29 46.57
N PRO M 307 -29.88 -56.53 46.29
CA PRO M 307 -30.68 -57.67 46.74
C PRO M 307 -30.42 -57.98 48.20
N PRO M 308 -31.23 -58.83 48.82
CA PRO M 308 -30.95 -59.24 50.18
C PRO M 308 -29.64 -60.00 50.26
N PRO M 309 -28.97 -59.96 51.40
CA PRO M 309 -27.68 -60.64 51.52
C PRO M 309 -27.85 -62.15 51.58
N ASN M 310 -26.71 -62.85 51.43
CA ASN M 310 -26.65 -64.30 51.50
C ASN M 310 -27.57 -64.96 50.48
N GLN M 311 -27.25 -64.71 49.20
CA GLN M 311 -27.99 -65.30 48.10
C GLN M 311 -27.01 -65.90 47.10
N ASN M 312 -27.41 -67.01 46.48
CA ASN M 312 -26.61 -67.67 45.46
C ASN M 312 -27.05 -67.20 44.07
N ALA M 313 -26.42 -67.76 43.04
CA ALA M 313 -26.80 -67.42 41.67
C ALA M 313 -28.22 -67.87 41.37
N ARG M 314 -28.54 -69.12 41.72
CA ARG M 314 -29.90 -69.60 41.54
C ARG M 314 -30.87 -68.86 42.44
N GLN M 315 -30.46 -68.57 43.67
CA GLN M 315 -31.33 -67.83 44.59
C GLN M 315 -31.63 -66.44 44.07
N ILE M 316 -30.61 -65.73 43.58
CA ILE M 316 -30.85 -64.39 43.05
C ILE M 316 -31.65 -64.44 41.75
N ARG M 317 -31.44 -65.46 40.92
CA ARG M 317 -32.25 -65.60 39.72
C ARG M 317 -33.72 -65.77 40.08
N VAL M 318 -34.01 -66.62 41.06
CA VAL M 318 -35.38 -66.83 41.51
C VAL M 318 -35.95 -65.54 42.10
N TRP M 319 -35.16 -64.85 42.92
CA TRP M 319 -35.62 -63.63 43.56
C TRP M 319 -35.96 -62.56 42.53
N ARG M 320 -35.14 -62.42 41.49
CA ARG M 320 -35.37 -61.40 40.48
C ARG M 320 -36.48 -61.78 39.52
N GLN M 321 -36.68 -63.08 39.23
CA GLN M 321 -37.65 -63.47 38.23
C GLN M 321 -39.04 -63.70 38.80
N GLU M 322 -39.16 -64.13 40.05
CA GLU M 322 -40.46 -64.49 40.61
C GLU M 322 -40.91 -63.55 41.72
N THR M 323 -40.11 -63.40 42.77
CA THR M 323 -40.51 -62.61 43.94
C THR M 323 -40.42 -61.11 43.70
N ALA M 324 -39.47 -60.65 42.91
CA ALA M 324 -39.22 -59.22 42.70
C ALA M 324 -39.07 -58.92 41.22
N GLY M 325 -40.01 -59.41 40.43
CA GLY M 325 -39.93 -59.28 38.98
C GLY M 325 -40.16 -57.86 38.50
N TYR M 326 -39.22 -56.97 38.81
CA TYR M 326 -39.32 -55.59 38.35
C TYR M 326 -39.12 -55.52 36.84
N ASP M 327 -39.84 -54.60 36.20
CA ASP M 327 -39.74 -54.36 34.75
C ASP M 327 -39.83 -52.86 34.53
N SER M 328 -38.67 -52.20 34.48
CA SER M 328 -38.62 -50.76 34.27
C SER M 328 -37.29 -50.40 33.61
N LYS M 329 -37.30 -49.29 32.88
CA LYS M 329 -36.11 -48.78 32.22
C LYS M 329 -35.28 -47.88 33.12
N TYR M 330 -35.75 -47.61 34.34
CA TYR M 330 -35.09 -46.70 35.27
C TYR M 330 -34.62 -47.44 36.51
N ALA M 331 -34.04 -48.64 36.33
CA ALA M 331 -33.55 -49.41 37.46
C ALA M 331 -32.39 -50.28 37.01
N ALA M 332 -31.35 -50.35 37.84
CA ALA M 332 -30.19 -51.19 37.61
C ALA M 332 -29.89 -51.95 38.89
N LEU M 333 -29.78 -53.28 38.80
CA LEU M 333 -29.57 -54.14 39.95
C LEU M 333 -28.12 -54.57 40.03
N TYR M 334 -27.59 -54.66 41.25
CA TYR M 334 -26.21 -55.08 41.49
C TYR M 334 -26.19 -56.15 42.55
N TYR M 335 -25.91 -57.39 42.15
CA TYR M 335 -26.11 -58.57 42.98
C TYR M 335 -25.14 -58.67 44.16
N PRO M 336 -23.84 -58.84 43.96
CA PRO M 336 -22.98 -59.18 45.09
C PRO M 336 -22.69 -57.96 45.97
N TRP M 337 -22.66 -58.21 47.28
CA TRP M 337 -22.41 -57.15 48.25
C TRP M 337 -20.91 -56.83 48.32
N ILE M 338 -20.59 -55.78 49.06
CA ILE M 338 -19.23 -55.25 49.15
C ILE M 338 -18.76 -55.35 50.59
N LYS M 339 -17.60 -55.97 50.80
CA LYS M 339 -16.99 -56.03 52.12
C LYS M 339 -16.16 -54.78 52.31
N SER M 340 -16.66 -53.84 53.11
CA SER M 340 -16.02 -52.55 53.30
C SER M 340 -15.49 -52.42 54.72
N PHE M 341 -14.53 -51.50 54.89
CA PHE M 341 -13.85 -51.30 56.15
C PHE M 341 -14.63 -50.33 57.03
N ASP M 342 -14.96 -50.78 58.24
CA ASP M 342 -15.65 -49.96 59.23
C ASP M 342 -14.65 -49.55 60.31
N PRO M 343 -14.32 -48.27 60.44
CA PRO M 343 -13.36 -47.86 61.49
C PRO M 343 -13.98 -47.78 62.87
N ALA M 344 -15.30 -47.84 62.99
CA ALA M 344 -15.93 -47.87 64.30
C ALA M 344 -15.50 -49.11 65.07
N THR M 345 -15.80 -50.29 64.54
CA THR M 345 -15.28 -51.54 65.08
C THR M 345 -13.90 -51.88 64.53
N GLY M 346 -13.42 -51.12 63.55
CA GLY M 346 -12.12 -51.40 62.95
C GLY M 346 -12.06 -52.76 62.29
N GLN M 347 -13.11 -53.13 61.55
CA GLN M 347 -13.22 -54.47 60.97
C GLN M 347 -13.71 -54.34 59.55
N SER M 348 -14.12 -55.46 58.96
CA SER M 348 -14.71 -55.50 57.63
C SER M 348 -16.11 -56.05 57.73
N ARG M 349 -17.07 -55.34 57.14
CA ARG M 349 -18.47 -55.74 57.20
C ARG M 349 -19.12 -55.60 55.83
N LEU M 350 -20.19 -56.34 55.62
CA LEU M 350 -20.87 -56.38 54.34
C LEU M 350 -21.85 -55.22 54.22
N VAL M 351 -21.78 -54.49 53.11
CA VAL M 351 -22.67 -53.37 52.83
C VAL M 351 -23.16 -53.50 51.40
N PRO M 352 -24.33 -52.94 51.09
CA PRO M 352 -24.81 -52.95 49.71
C PRO M 352 -23.86 -52.17 48.81
N PRO M 353 -23.71 -52.59 47.56
CA PRO M 353 -22.75 -51.93 46.66
C PRO M 353 -23.26 -50.63 46.06
N SER M 354 -24.56 -50.32 46.19
CA SER M 354 -25.12 -49.14 45.54
C SER M 354 -24.38 -47.87 45.94
N GLY M 355 -24.17 -47.68 47.25
CA GLY M 355 -23.45 -46.51 47.71
C GLY M 355 -22.08 -46.37 47.08
N HIS M 356 -21.44 -47.48 46.76
CA HIS M 356 -20.20 -47.41 46.00
C HIS M 356 -20.47 -47.30 44.51
N VAL M 357 -21.43 -48.09 44.00
CA VAL M 357 -21.65 -48.18 42.56
C VAL M 357 -22.02 -46.82 41.99
N ALA M 358 -22.92 -46.10 42.68
CA ALA M 358 -23.29 -44.75 42.24
C ALA M 358 -22.06 -43.87 42.06
N GLY M 359 -21.12 -43.95 43.01
CA GLY M 359 -19.90 -43.17 42.89
C GLY M 359 -19.16 -43.47 41.60
N ILE M 360 -19.09 -44.76 41.24
CA ILE M 360 -18.44 -45.14 39.98
C ILE M 360 -19.09 -44.39 38.83
N TRP M 361 -20.42 -44.32 38.82
CA TRP M 361 -21.11 -43.60 37.75
C TRP M 361 -20.60 -42.18 37.64
N ALA M 362 -20.46 -41.49 38.78
CA ALA M 362 -19.97 -40.12 38.75
C ALA M 362 -18.59 -40.05 38.11
N ARG M 363 -17.72 -41.03 38.42
CA ARG M 363 -16.41 -41.05 37.81
C ARG M 363 -16.49 -41.07 36.30
N ASN M 364 -17.43 -41.86 35.75
CA ASN M 364 -17.64 -41.86 34.31
C ASN M 364 -17.95 -40.45 33.81
N ASP M 365 -18.89 -39.78 34.47
CA ASP M 365 -19.27 -38.44 34.04
C ASP M 365 -18.13 -37.44 34.21
N SER M 366 -17.09 -37.80 34.94
CA SER M 366 -15.92 -36.94 35.08
C SER M 366 -14.72 -37.43 34.27
N GLU M 367 -14.78 -38.64 33.70
CA GLU M 367 -13.64 -39.19 32.99
C GLU M 367 -13.94 -39.74 31.61
N ARG M 368 -15.16 -40.19 31.33
CA ARG M 368 -15.47 -40.78 30.04
C ARG M 368 -16.77 -40.31 29.44
N GLY M 369 -17.57 -39.51 30.13
CA GLY M 369 -18.85 -39.06 29.62
C GLY M 369 -19.97 -40.05 29.89
N VAL M 370 -21.19 -39.57 29.68
CA VAL M 370 -22.37 -40.41 29.90
C VAL M 370 -22.56 -41.44 28.80
N HIS M 371 -22.02 -41.19 27.60
CA HIS M 371 -22.25 -42.07 26.47
C HIS M 371 -21.56 -43.42 26.62
N LYS M 372 -20.64 -43.57 27.58
CA LYS M 372 -19.92 -44.83 27.78
C LYS M 372 -20.52 -45.56 28.97
N ALA M 373 -20.74 -46.86 28.79
CA ALA M 373 -21.31 -47.68 29.86
C ALA M 373 -20.34 -47.78 31.03
N PRO M 374 -20.76 -47.47 32.25
CA PRO M 374 -19.86 -47.53 33.41
C PRO M 374 -19.67 -48.95 33.92
N ALA M 375 -19.12 -49.81 33.08
CA ALA M 375 -18.91 -51.22 33.43
C ALA M 375 -17.51 -51.46 33.96
N ASN M 376 -16.49 -51.18 33.15
CA ASN M 376 -15.11 -51.53 33.47
C ASN M 376 -14.51 -50.46 34.38
N GLU M 377 -14.96 -50.49 35.63
CA GLU M 377 -14.49 -49.56 36.65
C GLU M 377 -14.18 -50.34 37.92
N VAL M 378 -13.33 -49.76 38.76
CA VAL M 378 -12.86 -50.39 39.99
C VAL M 378 -13.65 -49.85 41.16
N VAL M 379 -14.12 -50.75 42.03
CA VAL M 379 -14.75 -50.36 43.29
C VAL M 379 -13.62 -50.10 44.28
N ARG M 380 -13.27 -48.83 44.47
CA ARG M 380 -12.08 -48.48 45.26
C ARG M 380 -12.25 -48.87 46.72
N GLY M 381 -13.44 -48.66 47.29
CA GLY M 381 -13.66 -48.96 48.69
C GLY M 381 -13.84 -50.42 49.03
N ALA M 382 -13.97 -51.28 48.02
CA ALA M 382 -14.22 -52.69 48.26
C ALA M 382 -12.93 -53.41 48.66
N VAL M 383 -13.05 -54.30 49.63
CA VAL M 383 -11.96 -55.16 50.05
C VAL M 383 -12.15 -56.60 49.57
N ASP M 384 -13.35 -57.14 49.73
CA ASP M 384 -13.66 -58.49 49.28
C ASP M 384 -15.13 -58.53 48.89
N LEU M 385 -15.56 -59.67 48.37
CA LEU M 385 -16.94 -59.89 47.97
C LEU M 385 -17.55 -61.03 48.78
N GLU M 386 -18.87 -61.02 48.87
CA GLU M 386 -19.56 -62.07 49.62
C GLU M 386 -19.54 -63.40 48.88
N LEU M 387 -19.39 -63.39 47.56
CA LEU M 387 -19.36 -64.62 46.77
C LEU M 387 -18.79 -64.31 45.40
N GLN M 388 -17.74 -65.03 45.00
CA GLN M 388 -17.15 -64.84 43.69
C GLN M 388 -18.04 -65.47 42.63
N ILE M 389 -18.29 -64.71 41.56
CA ILE M 389 -19.19 -65.14 40.49
C ILE M 389 -18.36 -65.67 39.33
N THR M 390 -18.65 -66.91 38.92
CA THR M 390 -17.97 -67.52 37.80
C THR M 390 -18.71 -67.19 36.49
N ARG M 391 -18.06 -67.51 35.37
CA ARG M 391 -18.68 -67.25 34.08
C ARG M 391 -19.91 -68.12 33.85
N GLY M 392 -19.91 -69.33 34.42
CA GLY M 392 -21.07 -70.20 34.26
C GLY M 392 -22.33 -69.62 34.88
N GLU M 393 -22.20 -69.04 36.08
CA GLU M 393 -23.35 -68.41 36.72
C GLU M 393 -23.70 -67.08 36.07
N GLN M 394 -22.69 -66.34 35.62
CA GLN M 394 -22.96 -65.07 34.95
C GLN M 394 -23.67 -65.29 33.62
N ASP M 395 -23.46 -66.44 32.98
CA ASP M 395 -24.13 -66.74 31.73
C ASP M 395 -25.65 -66.73 31.90
N LEU M 396 -26.14 -67.06 33.10
CA LEU M 396 -27.56 -66.97 33.40
C LEU M 396 -27.94 -65.67 34.10
N LEU M 397 -27.01 -65.05 34.83
CA LEU M 397 -27.33 -63.82 35.55
C LEU M 397 -27.45 -62.62 34.62
N ASN M 398 -26.56 -62.53 33.62
CA ASN M 398 -26.55 -61.35 32.76
C ASN M 398 -27.83 -61.18 31.94
N PRO M 399 -28.36 -62.20 31.25
CA PRO M 399 -29.54 -61.96 30.39
C PRO M 399 -30.77 -61.50 31.14
N ILE M 400 -30.86 -61.74 32.44
CA ILE M 400 -32.06 -61.36 33.20
C ILE M 400 -31.87 -59.97 33.80
N GLY M 401 -30.82 -59.27 33.35
CA GLY M 401 -30.62 -57.89 33.76
C GLY M 401 -29.95 -57.69 35.10
N VAL M 402 -29.14 -58.66 35.55
CA VAL M 402 -28.43 -58.57 36.81
C VAL M 402 -26.97 -58.27 36.52
N ASN M 403 -26.49 -57.12 37.01
CA ASN M 403 -25.10 -56.72 36.85
C ASN M 403 -24.28 -57.21 38.02
N CYS M 404 -23.16 -57.88 37.74
CA CYS M 404 -22.36 -58.51 38.77
C CYS M 404 -21.15 -57.66 39.12
N ILE M 405 -20.48 -58.05 40.20
CA ILE M 405 -19.21 -57.46 40.60
C ILE M 405 -18.24 -58.60 40.86
N ARG M 406 -17.14 -58.64 40.09
CA ARG M 406 -16.24 -59.79 40.11
C ARG M 406 -14.81 -59.33 40.33
N SER M 407 -14.01 -60.20 40.93
CA SER M 407 -12.61 -59.94 41.18
C SER M 407 -11.76 -60.67 40.14
N PHE M 408 -10.91 -59.93 39.45
CA PHE M 408 -10.03 -60.46 38.43
C PHE M 408 -8.57 -60.32 38.86
N PRO M 409 -7.77 -61.36 38.65
CA PRO M 409 -6.35 -61.29 39.06
C PRO M 409 -5.58 -60.28 38.22
N GLY M 410 -4.88 -59.38 38.89
CA GLY M 410 -4.18 -58.31 38.22
C GLY M 410 -5.03 -57.12 37.86
N ARG M 411 -6.33 -57.17 38.10
CA ARG M 411 -7.23 -56.06 37.82
C ARG M 411 -8.06 -55.62 39.02
N GLY M 412 -8.15 -56.42 40.08
CA GLY M 412 -8.89 -56.03 41.25
C GLY M 412 -10.38 -56.33 41.13
N ILE M 413 -11.16 -55.60 41.90
CA ILE M 413 -12.62 -55.78 41.92
C ILE M 413 -13.23 -54.81 40.91
N ARG M 414 -13.96 -55.37 39.94
CA ARG M 414 -14.53 -54.58 38.85
C ARG M 414 -15.99 -54.96 38.65
N VAL M 415 -16.79 -53.98 38.24
CA VAL M 415 -18.17 -54.21 37.86
C VAL M 415 -18.21 -54.87 36.49
N TRP M 416 -19.14 -55.80 36.31
CA TRP M 416 -19.31 -56.54 35.06
C TRP M 416 -20.80 -56.55 34.75
N GLY M 417 -21.22 -55.71 33.81
CA GLY M 417 -22.62 -55.62 33.44
C GLY M 417 -23.10 -54.19 33.32
N ALA M 418 -23.78 -53.88 32.23
CA ALA M 418 -24.33 -52.55 31.98
C ALA M 418 -25.76 -52.66 31.46
N ARG M 419 -26.58 -53.47 32.13
CA ARG M 419 -27.95 -53.71 31.70
C ARG M 419 -28.92 -53.22 32.77
N THR M 420 -30.13 -52.89 32.31
CA THR M 420 -31.20 -52.43 33.19
C THR M 420 -32.21 -53.55 33.44
N LEU M 421 -33.12 -53.30 34.36
CA LEU M 421 -34.17 -54.25 34.71
C LEU M 421 -35.39 -54.04 33.82
N SER M 422 -35.16 -54.07 32.51
CA SER M 422 -36.20 -53.83 31.52
C SER M 422 -36.28 -55.00 30.55
N SER M 423 -37.50 -55.33 30.13
CA SER M 423 -37.72 -56.38 29.16
C SER M 423 -37.68 -55.89 27.73
N ASP M 424 -37.60 -54.57 27.51
CA ASP M 424 -37.54 -54.03 26.16
C ASP M 424 -36.13 -54.17 25.61
N PRO M 425 -35.95 -54.87 24.48
CA PRO M 425 -34.60 -54.99 23.91
C PRO M 425 -33.97 -53.66 23.55
N ALA M 426 -34.78 -52.67 23.16
CA ALA M 426 -34.23 -51.37 22.77
C ALA M 426 -33.65 -50.61 23.96
N TRP M 427 -34.12 -50.89 25.17
CA TRP M 427 -33.66 -50.20 26.38
C TRP M 427 -32.98 -51.17 27.33
N ARG M 428 -32.25 -52.13 26.78
CA ARG M 428 -31.56 -53.14 27.59
C ARG M 428 -30.15 -52.72 27.98
N TYR M 429 -29.68 -51.55 27.54
CA TYR M 429 -28.35 -51.08 27.85
C TYR M 429 -28.42 -49.84 28.74
N LEU M 430 -27.59 -49.82 29.78
CA LEU M 430 -27.62 -48.73 30.74
C LEU M 430 -27.13 -47.43 30.11
N ASN M 431 -26.12 -47.50 29.25
CA ASN M 431 -25.52 -46.28 28.70
C ASN M 431 -26.52 -45.53 27.83
N ILE M 432 -27.31 -46.23 27.04
CA ILE M 432 -28.29 -45.57 26.17
C ILE M 432 -29.31 -44.81 27.00
N ARG M 433 -29.85 -45.46 28.04
CA ARG M 433 -30.85 -44.81 28.89
C ARG M 433 -30.24 -43.63 29.63
N ARG M 434 -29.02 -43.79 30.15
CA ARG M 434 -28.38 -42.69 30.87
C ARG M 434 -28.13 -41.50 29.95
N TYR M 435 -27.66 -41.76 28.73
CA TYR M 435 -27.42 -40.67 27.79
C TYR M 435 -28.72 -39.98 27.40
N PHE M 436 -29.79 -40.75 27.17
CA PHE M 436 -31.07 -40.14 26.83
C PHE M 436 -31.59 -39.27 27.96
N ASN M 437 -31.48 -39.76 29.20
CA ASN M 437 -31.92 -38.97 30.34
C ASN M 437 -31.09 -37.70 30.48
N TYR M 438 -29.76 -37.81 30.30
CA TYR M 438 -28.89 -36.64 30.40
C TYR M 438 -29.24 -35.60 29.34
N LEU M 439 -29.45 -36.03 28.10
CA LEU M 439 -29.82 -35.11 27.03
C LEU M 439 -31.15 -34.44 27.32
N GLU M 440 -32.14 -35.22 27.75
CA GLU M 440 -33.45 -34.65 28.06
C GLU M 440 -33.35 -33.62 29.18
N GLU M 441 -32.63 -33.95 30.25
CA GLU M 441 -32.51 -33.02 31.37
C GLU M 441 -31.77 -31.75 30.96
N SER M 442 -30.69 -31.88 30.18
CA SER M 442 -29.95 -30.70 29.76
C SER M 442 -30.81 -29.81 28.88
N ILE M 443 -31.55 -30.40 27.94
CA ILE M 443 -32.41 -29.61 27.05
C ILE M 443 -33.50 -28.92 27.85
N LEU M 444 -34.13 -29.64 28.79
CA LEU M 444 -35.20 -29.05 29.59
C LEU M 444 -34.67 -27.91 30.46
N ILE M 445 -33.48 -28.07 31.03
CA ILE M 445 -32.89 -27.00 31.82
C ILE M 445 -32.58 -25.79 30.94
N GLY M 446 -32.03 -26.03 29.74
CA GLY M 446 -31.65 -24.92 28.89
C GLY M 446 -32.82 -24.20 28.24
N THR M 447 -33.96 -24.86 28.11
CA THR M 447 -35.14 -24.25 27.48
C THR M 447 -36.12 -23.67 28.49
N GLN M 448 -35.66 -23.40 29.72
CA GLN M 448 -36.56 -22.91 30.76
C GLN M 448 -37.08 -21.50 30.48
N TRP M 449 -36.45 -20.77 29.57
CA TRP M 449 -36.84 -19.39 29.30
C TRP M 449 -38.04 -19.26 28.39
N VAL M 450 -38.55 -20.36 27.84
CA VAL M 450 -39.67 -20.30 26.90
C VAL M 450 -41.01 -20.05 27.59
N VAL M 451 -41.04 -20.06 28.92
CA VAL M 451 -42.29 -19.84 29.63
C VAL M 451 -42.75 -18.40 29.44
N PHE M 452 -44.04 -18.21 29.17
CA PHE M 452 -44.64 -16.91 28.89
C PHE M 452 -43.98 -16.20 27.72
N GLU M 453 -43.79 -16.90 26.61
CA GLU M 453 -43.23 -16.41 25.35
C GLU M 453 -44.19 -16.69 24.19
N PRO M 454 -44.18 -15.87 23.15
CA PRO M 454 -45.10 -16.10 22.03
C PRO M 454 -44.84 -17.44 21.36
N ASN M 455 -45.92 -18.07 20.93
CA ASN M 455 -45.85 -19.35 20.23
C ASN M 455 -45.90 -19.13 18.72
N ASP M 456 -44.89 -18.43 18.22
CA ASP M 456 -44.75 -18.11 16.82
C ASP M 456 -43.50 -18.78 16.26
N HIS M 457 -43.18 -18.47 14.99
CA HIS M 457 -42.02 -19.09 14.36
C HIS M 457 -40.70 -18.64 14.95
N ASN M 458 -40.66 -17.46 15.59
CA ASN M 458 -39.43 -16.98 16.19
C ASN M 458 -38.98 -17.89 17.33
N LEU M 459 -39.91 -18.27 18.21
CA LEU M 459 -39.57 -19.16 19.31
C LEU M 459 -39.12 -20.53 18.80
N TRP M 460 -39.79 -21.04 17.78
CA TRP M 460 -39.40 -22.33 17.22
C TRP M 460 -38.01 -22.26 16.61
N ALA M 461 -37.71 -21.18 15.89
CA ALA M 461 -36.37 -21.01 15.32
C ALA M 461 -35.31 -20.91 16.41
N ARG M 462 -35.60 -20.18 17.48
CA ARG M 462 -34.65 -20.08 18.59
C ARG M 462 -34.40 -21.44 19.22
N ILE M 463 -35.47 -22.22 19.43
CA ILE M 463 -35.33 -23.55 20.04
C ILE M 463 -34.50 -24.45 19.13
N ARG M 464 -34.79 -24.44 17.83
CA ARG M 464 -34.04 -25.26 16.90
C ARG M 464 -32.57 -24.88 16.89
N ARG M 465 -32.27 -23.57 16.85
CA ARG M 465 -30.89 -23.13 16.84
C ARG M 465 -30.14 -23.55 18.10
N ASN M 466 -30.79 -23.37 19.26
CA ASN M 466 -30.13 -23.73 20.52
C ASN M 466 -29.89 -25.23 20.60
N VAL M 467 -30.87 -26.05 20.21
CA VAL M 467 -30.71 -27.49 20.28
C VAL M 467 -29.63 -27.95 19.31
N SER M 468 -29.58 -27.38 18.10
CA SER M 468 -28.54 -27.75 17.15
C SER M 468 -27.16 -27.37 17.66
N ALA M 469 -27.03 -26.17 18.24
CA ALA M 469 -25.75 -25.74 18.77
C ALA M 469 -25.31 -26.60 19.95
N PHE M 470 -26.27 -27.12 20.71
CA PHE M 470 -25.91 -28.03 21.81
C PHE M 470 -25.49 -29.40 21.28
N LEU M 471 -26.23 -29.93 20.31
CA LEU M 471 -25.99 -31.28 19.84
C LEU M 471 -24.79 -31.41 18.91
N VAL M 472 -24.37 -30.32 18.25
CA VAL M 472 -23.19 -30.41 17.40
C VAL M 472 -21.95 -30.69 18.23
N ASN M 473 -21.87 -30.13 19.45
CA ASN M 473 -20.74 -30.41 20.32
C ASN M 473 -20.72 -31.88 20.73
N GLU M 474 -21.89 -32.45 21.00
CA GLU M 474 -21.96 -33.88 21.33
C GLU M 474 -21.54 -34.72 20.13
N TRP M 475 -21.94 -34.32 18.92
CA TRP M 475 -21.52 -35.04 17.73
C TRP M 475 -20.01 -34.99 17.54
N ARG M 476 -19.40 -33.82 17.80
CA ARG M 476 -17.97 -33.68 17.62
C ARG M 476 -17.20 -34.58 18.58
N ASN M 477 -17.71 -34.75 19.81
CA ASN M 477 -17.04 -35.58 20.80
C ASN M 477 -17.11 -37.07 20.47
N GLY M 478 -17.89 -37.46 19.47
CA GLY M 478 -18.00 -38.85 19.09
C GLY M 478 -19.05 -39.64 19.85
N ALA M 479 -19.85 -38.98 20.69
CA ALA M 479 -20.92 -39.68 21.40
C ALA M 479 -21.97 -40.22 20.43
N LEU M 480 -22.31 -39.43 19.41
CA LEU M 480 -23.25 -39.84 18.38
C LEU M 480 -22.50 -40.33 17.16
N PHE M 481 -23.17 -41.16 16.36
CA PHE M 481 -22.57 -41.75 15.18
C PHE M 481 -23.08 -41.03 13.93
N GLY M 482 -22.15 -40.66 13.05
CA GLY M 482 -22.51 -40.03 11.79
C GLY M 482 -21.34 -39.32 11.13
N GLN M 483 -21.24 -39.45 9.81
CA GLN M 483 -20.17 -38.77 9.08
C GLN M 483 -20.33 -37.26 9.15
N SER M 484 -21.57 -36.79 9.06
CA SER M 484 -21.91 -35.38 9.13
C SER M 484 -23.02 -35.17 10.16
N PRO M 485 -23.17 -33.96 10.68
CA PRO M 485 -24.18 -33.74 11.74
C PRO M 485 -25.60 -34.08 11.32
N ASP M 486 -25.91 -34.04 10.02
CA ASP M 486 -27.27 -34.34 9.57
C ASP M 486 -27.65 -35.79 9.85
N GLN M 487 -26.72 -36.73 9.62
CA GLN M 487 -27.02 -38.14 9.87
C GLN M 487 -26.84 -38.54 11.32
N ALA M 488 -26.25 -37.69 12.16
CA ALA M 488 -26.04 -38.02 13.56
C ALA M 488 -27.17 -37.54 14.46
N TYR M 489 -27.80 -36.41 14.13
CA TYR M 489 -28.90 -35.89 14.91
C TYR M 489 -29.82 -35.07 14.01
N TYR M 490 -31.10 -35.08 14.34
CA TYR M 490 -32.07 -34.28 13.60
C TYR M 490 -33.02 -33.62 14.59
N VAL M 491 -33.30 -32.34 14.36
CA VAL M 491 -34.18 -31.54 15.22
C VAL M 491 -35.34 -31.05 14.37
N LYS M 492 -36.56 -31.26 14.86
CA LYS M 492 -37.77 -30.89 14.15
C LYS M 492 -38.69 -30.17 15.13
N CYS M 493 -38.81 -28.85 14.97
CA CYS M 493 -39.64 -28.02 15.84
C CYS M 493 -40.42 -27.00 15.00
N ASP M 494 -40.94 -27.46 13.87
CA ASP M 494 -41.71 -26.61 12.97
C ASP M 494 -43.20 -26.68 13.34
N GLU M 495 -44.04 -26.16 12.46
CA GLU M 495 -45.47 -26.14 12.72
C GLU M 495 -46.06 -27.55 12.78
N GLU M 496 -45.38 -28.51 12.15
CA GLU M 496 -45.88 -29.88 12.14
C GLU M 496 -45.89 -30.48 13.53
N THR M 497 -44.84 -30.22 14.33
CA THR M 497 -44.76 -30.80 15.67
C THR M 497 -45.71 -30.11 16.63
N ASN M 498 -45.90 -28.81 16.43
CA ASN M 498 -46.77 -28.01 17.33
C ASN M 498 -47.86 -27.34 16.48
N PRO M 499 -48.96 -28.03 16.10
CA PRO M 499 -50.04 -27.38 15.36
C PRO M 499 -50.86 -26.48 16.27
N PRO M 500 -51.87 -25.79 15.75
CA PRO M 500 -52.73 -24.98 16.63
C PRO M 500 -53.39 -25.78 17.75
N GLU M 501 -53.65 -27.06 17.54
CA GLU M 501 -54.25 -27.91 18.57
C GLU M 501 -53.38 -27.96 19.82
N SER M 502 -52.07 -27.75 19.67
CA SER M 502 -51.17 -27.65 20.81
C SER M 502 -50.81 -26.21 21.14
N VAL M 503 -50.85 -25.31 20.16
CA VAL M 503 -50.55 -23.91 20.41
C VAL M 503 -51.59 -23.28 21.33
N ASP M 504 -52.87 -23.57 21.10
CA ASP M 504 -53.93 -23.01 21.93
C ASP M 504 -53.88 -23.49 23.37
N LEU M 505 -53.15 -24.57 23.65
CA LEU M 505 -52.97 -25.08 25.02
C LEU M 505 -51.72 -24.50 25.67
N GLY M 506 -51.03 -23.59 25.00
CA GLY M 506 -49.81 -23.02 25.55
C GLY M 506 -48.68 -24.02 25.67
N ARG M 507 -48.48 -24.85 24.65
CA ARG M 507 -47.45 -25.88 24.66
C ARG M 507 -46.67 -25.83 23.36
N VAL M 508 -45.35 -25.96 23.45
CA VAL M 508 -44.46 -26.02 22.30
C VAL M 508 -43.74 -27.37 22.34
N VAL M 509 -43.79 -28.10 21.22
CA VAL M 509 -43.28 -29.46 21.14
C VAL M 509 -42.08 -29.47 20.21
N CYS M 510 -40.99 -30.11 20.66
CA CYS M 510 -39.78 -30.24 19.88
C CYS M 510 -39.41 -31.71 19.79
N GLU M 511 -39.10 -32.18 18.58
CA GLU M 511 -38.73 -33.57 18.34
C GLU M 511 -37.24 -33.66 18.03
N ILE M 512 -36.57 -34.62 18.65
CA ILE M 512 -35.13 -34.79 18.50
C ILE M 512 -34.83 -36.26 18.25
N GLY M 513 -33.99 -36.53 17.27
CA GLY M 513 -33.54 -37.89 17.00
C GLY M 513 -32.03 -37.96 16.99
N ILE M 514 -31.50 -39.00 17.65
CA ILE M 514 -30.06 -39.16 17.81
C ILE M 514 -29.69 -40.61 17.50
N ALA M 515 -28.40 -40.83 17.30
CA ALA M 515 -27.86 -42.14 16.94
C ALA M 515 -26.72 -42.50 17.89
N PRO M 516 -27.00 -43.18 18.99
CA PRO M 516 -25.95 -43.58 19.93
C PRO M 516 -25.19 -44.79 19.42
N VAL M 517 -24.17 -45.18 20.18
CA VAL M 517 -23.29 -46.29 19.83
C VAL M 517 -23.39 -47.36 20.91
N LYS M 518 -23.64 -48.60 20.49
CA LYS M 518 -23.73 -49.71 21.43
C LYS M 518 -22.34 -50.16 21.89
N PRO M 519 -22.22 -50.61 23.12
CA PRO M 519 -20.93 -51.12 23.62
C PRO M 519 -20.65 -52.52 23.11
N ALA M 520 -19.38 -52.91 23.25
CA ALA M 520 -18.92 -54.24 22.85
C ALA M 520 -18.80 -55.10 24.11
N GLU M 521 -19.85 -55.89 24.37
CA GLU M 521 -19.87 -56.68 25.60
C GLU M 521 -18.93 -57.87 25.53
N PHE M 522 -18.91 -58.57 24.40
CA PHE M 522 -18.15 -59.80 24.25
C PHE M 522 -17.02 -59.61 23.25
N VAL M 523 -15.82 -60.06 23.61
CA VAL M 523 -14.66 -60.05 22.73
C VAL M 523 -14.28 -61.50 22.45
N ILE M 524 -14.21 -61.86 21.17
CA ILE M 524 -13.98 -63.23 20.74
C ILE M 524 -12.68 -63.28 19.95
N PHE M 525 -11.80 -64.21 20.32
CA PHE M 525 -10.55 -64.43 19.62
C PHE M 525 -10.52 -65.85 19.08
N ARG M 526 -9.97 -66.02 17.87
CA ARG M 526 -9.86 -67.32 17.24
C ARG M 526 -8.41 -67.55 16.87
N LEU M 527 -7.83 -68.64 17.37
CA LEU M 527 -6.43 -68.98 17.13
C LEU M 527 -6.36 -70.17 16.18
N ALA M 528 -5.53 -70.04 15.14
CA ALA M 528 -5.34 -71.09 14.16
C ALA M 528 -3.88 -71.51 14.18
N GLN M 529 -3.65 -72.83 14.25
CA GLN M 529 -2.28 -73.33 14.32
C GLN M 529 -1.51 -73.05 13.04
N PHE M 530 -2.13 -73.26 11.90
CA PHE M 530 -1.44 -73.10 10.62
C PHE M 530 -1.33 -71.62 10.26
N SER M 531 -0.19 -71.27 9.65
CA SER M 531 0.04 -69.90 9.18
C SER M 531 1.07 -69.89 8.07
N MET N 1 -49.26 14.47 9.77
CA MET N 1 -48.36 14.98 10.81
C MET N 1 -47.60 16.20 10.32
N ILE N 2 -47.77 16.55 9.04
CA ILE N 2 -47.19 17.78 8.52
C ILE N 2 -47.91 18.99 9.09
N HIS N 3 -49.24 18.87 9.24
CA HIS N 3 -50.01 19.97 9.85
C HIS N 3 -49.61 20.17 11.30
N GLU N 4 -49.24 19.09 12.01
CA GLU N 4 -48.73 19.24 13.36
C GLU N 4 -47.44 20.07 13.38
N VAL N 5 -46.55 19.80 12.43
CA VAL N 5 -45.30 20.56 12.35
C VAL N 5 -45.60 22.02 12.02
N ASP N 6 -46.56 22.26 11.12
CA ASP N 6 -46.93 23.63 10.78
C ASP N 6 -47.49 24.37 11.99
N GLU N 7 -48.35 23.71 12.76
CA GLU N 7 -48.89 24.31 13.98
C GLU N 7 -47.79 24.61 14.98
N VAL N 8 -46.84 23.68 15.14
CA VAL N 8 -45.73 23.91 16.06
C VAL N 8 -44.91 25.10 15.62
N LEU N 9 -44.63 25.20 14.32
CA LEU N 9 -43.87 26.35 13.81
C LEU N 9 -44.61 27.65 14.03
N LYS N 10 -45.92 27.67 13.79
CA LYS N 10 -46.70 28.88 13.99
C LYS N 10 -46.71 29.30 15.45
N ALA N 11 -46.89 28.34 16.36
CA ALA N 11 -46.88 28.66 17.78
C ALA N 11 -45.51 29.15 18.24
N LEU N 12 -44.44 28.54 17.72
CA LEU N 12 -43.10 28.96 18.08
C LEU N 12 -42.79 30.37 17.58
N LEU N 13 -43.19 30.68 16.35
CA LEU N 13 -42.90 32.00 15.80
C LEU N 13 -43.74 33.07 16.46
N LYS N 14 -45.04 32.83 16.63
CA LYS N 14 -45.90 33.82 17.27
C LYS N 14 -45.55 33.98 18.74
N GLY N 15 -45.26 32.88 19.43
CA GLY N 15 -44.99 32.94 20.85
C GLY N 15 -43.52 32.94 21.21
N GLY N 16 -42.67 33.27 20.24
CA GLY N 16 -41.24 33.30 20.47
C GLY N 16 -40.76 34.63 21.03
N ALA N 17 -39.70 35.19 20.43
CA ALA N 17 -39.16 36.47 20.84
C ALA N 17 -39.81 37.64 20.11
N LEU N 18 -40.68 37.39 19.15
CA LEU N 18 -41.36 38.45 18.41
C LEU N 18 -42.72 38.76 19.02
N THR N 19 -42.70 39.09 20.30
CA THR N 19 -43.91 39.49 21.02
C THR N 19 -44.15 40.99 21.01
N ASP N 20 -43.24 41.76 20.42
CA ASP N 20 -43.41 43.21 20.37
C ASP N 20 -44.62 43.59 19.52
N SER N 21 -44.81 42.92 18.38
CA SER N 21 -45.90 43.21 17.47
C SER N 21 -46.57 41.92 17.03
N GLY N 22 -47.83 42.04 16.65
CA GLY N 22 -48.60 40.89 16.20
C GLY N 22 -48.30 40.51 14.77
N ILE N 23 -47.12 39.94 14.54
CA ILE N 23 -46.75 39.51 13.19
C ILE N 23 -47.61 38.33 12.76
N ASP N 24 -47.75 38.18 11.45
CA ASP N 24 -48.58 37.13 10.87
C ASP N 24 -47.70 36.12 10.16
N VAL N 25 -47.87 34.85 10.50
CA VAL N 25 -47.13 33.75 9.88
C VAL N 25 -48.03 33.09 8.85
N ALA N 26 -47.56 33.03 7.61
CA ALA N 26 -48.33 32.48 6.50
C ALA N 26 -47.53 31.39 5.81
N PHE N 27 -48.23 30.34 5.37
CA PHE N 27 -47.63 29.24 4.64
C PHE N 27 -47.85 29.32 3.14
N GLU N 28 -48.38 30.44 2.65
CA GLU N 28 -48.64 30.59 1.24
C GLU N 28 -47.34 30.68 0.45
N ALA N 29 -47.40 30.27 -0.81
CA ALA N 29 -46.21 30.32 -1.66
C ALA N 29 -45.83 31.76 -1.93
N PRO N 30 -44.59 32.17 -1.68
CA PRO N 30 -44.18 33.57 -1.87
C PRO N 30 -43.90 33.91 -3.33
N THR N 31 -44.93 33.80 -4.16
CA THR N 31 -44.80 34.16 -5.56
C THR N 31 -44.93 35.68 -5.72
N ARG N 32 -44.74 36.15 -6.95
CA ARG N 32 -44.88 37.58 -7.21
C ARG N 32 -46.30 38.06 -6.95
N ASP N 33 -47.29 37.26 -7.36
CA ASP N 33 -48.68 37.65 -7.12
C ASP N 33 -48.99 37.72 -5.63
N TRP N 34 -48.50 36.75 -4.85
CA TRP N 34 -48.70 36.79 -3.41
C TRP N 34 -47.98 37.98 -2.78
N ALA N 35 -46.76 38.27 -3.25
CA ALA N 35 -46.00 39.39 -2.70
C ALA N 35 -46.58 40.73 -3.07
N ALA N 36 -47.34 40.82 -4.16
CA ALA N 36 -47.89 42.09 -4.61
C ALA N 36 -49.21 42.45 -3.92
N ARG N 37 -49.71 41.61 -3.02
CA ARG N 37 -50.98 41.87 -2.34
C ARG N 37 -50.83 42.15 -0.85
N ARG N 38 -49.80 41.62 -0.21
CA ARG N 38 -49.63 41.82 1.22
C ARG N 38 -49.32 43.29 1.52
N ASN N 39 -49.83 43.76 2.67
CA ASN N 39 -49.62 45.14 3.09
C ASN N 39 -49.16 45.25 4.54
N ALA N 40 -48.80 44.13 5.17
CA ALA N 40 -48.33 44.12 6.55
C ALA N 40 -47.09 43.26 6.66
N PRO N 41 -46.22 43.56 7.64
CA PRO N 41 -45.03 42.72 7.85
C PRO N 41 -45.44 41.30 8.23
N VAL N 42 -44.98 40.33 7.44
CA VAL N 42 -45.37 38.94 7.61
C VAL N 42 -44.14 38.05 7.55
N VAL N 43 -44.32 36.81 7.99
CA VAL N 43 -43.28 35.78 7.93
C VAL N 43 -43.84 34.61 7.13
N ASN N 44 -43.18 34.30 6.02
CA ASN N 44 -43.60 33.20 5.15
C ASN N 44 -42.78 31.96 5.49
N ALA N 45 -43.47 30.83 5.65
CA ALA N 45 -42.89 29.57 6.09
C ALA N 45 -43.21 28.46 5.10
N TYR N 46 -42.94 28.72 3.83
CA TYR N 46 -43.43 27.87 2.75
C TYR N 46 -42.69 26.53 2.72
N LEU N 47 -43.39 25.45 3.02
CA LEU N 47 -42.82 24.11 2.84
C LEU N 47 -42.66 23.82 1.36
N TYR N 48 -41.49 23.34 0.95
CA TYR N 48 -41.23 23.16 -0.47
C TYR N 48 -40.86 21.74 -0.89
N ASP N 49 -40.44 20.86 0.02
CA ASP N 49 -40.20 19.48 -0.37
C ASP N 49 -40.27 18.57 0.84
N ILE N 50 -40.45 17.27 0.57
CA ILE N 50 -40.45 16.22 1.58
C ILE N 50 -39.49 15.13 1.13
N ARG N 51 -38.55 14.77 2.01
CA ARG N 51 -37.61 13.71 1.73
C ARG N 51 -37.44 12.85 2.97
N GLU N 52 -37.08 11.59 2.75
CA GLU N 52 -36.91 10.64 3.84
C GLU N 52 -35.48 10.67 4.35
N ASP N 53 -35.32 10.64 5.67
CA ASP N 53 -34.01 10.60 6.30
C ASP N 53 -33.55 9.14 6.35
N VAL N 54 -32.95 8.70 5.23
CA VAL N 54 -32.50 7.32 5.11
C VAL N 54 -31.36 7.00 6.07
N GLY N 55 -30.64 8.01 6.55
CA GLY N 55 -29.54 7.76 7.47
C GLY N 55 -29.98 7.39 8.88
N ARG N 56 -31.21 7.73 9.25
CA ARG N 56 -31.73 7.44 10.58
C ARG N 56 -32.74 6.30 10.58
N ARG N 57 -32.90 5.59 9.47
CA ARG N 57 -33.84 4.49 9.39
C ARG N 57 -33.30 3.27 10.15
N HIS N 58 -34.19 2.58 10.85
CA HIS N 58 -33.86 1.38 11.60
C HIS N 58 -34.85 0.28 11.26
N ARG N 59 -34.34 -0.94 11.06
CA ARG N 59 -35.17 -2.09 10.71
C ARG N 59 -35.07 -3.13 11.82
N GLY N 60 -36.23 -3.64 12.24
CA GLY N 60 -36.27 -4.66 13.28
C GLY N 60 -37.66 -4.85 13.85
N GLN N 61 -37.93 -6.03 14.38
CA GLN N 61 -39.24 -6.35 14.95
C GLN N 61 -39.28 -5.87 16.40
N VAL N 62 -39.77 -4.65 16.59
CA VAL N 62 -39.90 -4.07 17.92
C VAL N 62 -41.07 -4.73 18.64
N ALA N 63 -40.82 -5.21 19.85
CA ALA N 63 -41.83 -5.88 20.64
C ALA N 63 -42.67 -4.87 21.42
N VAL N 64 -43.99 -5.07 21.39
CA VAL N 64 -44.93 -4.23 22.12
C VAL N 64 -45.72 -5.13 23.07
N ARG N 65 -45.68 -4.79 24.36
CA ARG N 65 -46.25 -5.62 25.40
C ARG N 65 -47.31 -4.85 26.17
N ASP N 66 -48.27 -5.58 26.74
CA ASP N 66 -49.33 -5.00 27.54
C ASP N 66 -48.90 -4.95 29.00
N GLN N 67 -49.87 -4.68 29.90
CA GLN N 67 -49.58 -4.57 31.32
C GLN N 67 -49.17 -5.89 31.95
N ASP N 68 -49.36 -7.02 31.27
CA ASP N 68 -49.03 -8.33 31.80
C ASP N 68 -47.57 -8.71 31.58
N ASP N 69 -46.76 -7.77 31.10
CA ASP N 69 -45.34 -8.01 30.82
C ASP N 69 -45.16 -9.16 29.82
N ILE N 70 -46.07 -9.25 28.85
CA ILE N 70 -45.97 -10.23 27.78
C ILE N 70 -46.17 -9.48 26.46
N VAL N 71 -45.31 -9.76 25.49
CA VAL N 71 -45.40 -9.08 24.20
C VAL N 71 -46.60 -9.58 23.43
N VAL N 72 -47.39 -8.65 22.90
CA VAL N 72 -48.58 -9.00 22.11
C VAL N 72 -48.55 -8.42 20.71
N LYS N 73 -47.62 -7.52 20.39
CA LYS N 73 -47.56 -6.94 19.06
C LYS N 73 -46.11 -6.86 18.60
N ARG N 74 -45.93 -6.90 17.28
CA ARG N 74 -44.62 -6.75 16.65
C ARG N 74 -44.71 -5.64 15.62
N ARG N 75 -44.02 -4.53 15.87
CA ARG N 75 -44.07 -3.36 14.99
C ARG N 75 -42.67 -3.10 14.43
N GLN N 76 -42.54 -1.98 13.72
CA GLN N 76 -41.28 -1.57 13.14
C GLN N 76 -40.94 -0.16 13.60
N PRO N 77 -39.65 0.17 13.67
CA PRO N 77 -39.27 1.52 14.09
C PRO N 77 -39.79 2.55 13.10
N PRO N 78 -40.16 3.73 13.58
CA PRO N 78 -40.69 4.75 12.69
C PRO N 78 -39.62 5.28 11.74
N ARG N 79 -40.06 5.74 10.58
CA ARG N 79 -39.18 6.27 9.56
C ARG N 79 -39.23 7.79 9.58
N TRP N 80 -38.06 8.43 9.56
CA TRP N 80 -37.97 9.87 9.71
C TRP N 80 -38.01 10.54 8.34
N PHE N 81 -38.80 11.60 8.22
CA PHE N 81 -38.92 12.37 6.99
C PHE N 81 -38.48 13.80 7.22
N ARG N 82 -37.69 14.33 6.29
CA ARG N 82 -37.16 15.69 6.39
C ARG N 82 -38.09 16.63 5.63
N LEU N 83 -38.69 17.57 6.35
CA LEU N 83 -39.53 18.60 5.77
C LEU N 83 -38.78 19.92 5.76
N SER N 84 -38.69 20.55 4.59
CA SER N 84 -37.91 21.76 4.41
C SER N 84 -38.83 22.94 4.13
N TYR N 85 -38.64 24.00 4.89
CA TYR N 85 -39.42 25.23 4.78
C TYR N 85 -38.49 26.38 4.40
N LEU N 86 -38.89 27.16 3.41
CA LEU N 86 -38.27 28.44 3.12
C LEU N 86 -38.94 29.49 4.01
N VAL N 87 -38.15 30.13 4.87
CA VAL N 87 -38.63 31.13 5.82
C VAL N 87 -38.13 32.49 5.36
N THR N 88 -39.06 33.43 5.14
CA THR N 88 -38.73 34.76 4.68
C THR N 88 -39.50 35.78 5.50
N ALA N 89 -38.95 36.99 5.58
CA ALA N 89 -39.60 38.10 6.27
C ALA N 89 -39.94 39.18 5.25
N TRP N 90 -41.19 39.63 5.25
CA TRP N 90 -41.66 40.62 4.29
C TRP N 90 -42.08 41.88 5.05
N THR N 91 -41.45 43.00 4.72
CA THR N 91 -41.75 44.29 5.32
C THR N 91 -41.39 45.37 4.31
N LYS N 92 -42.03 46.53 4.44
CA LYS N 92 -41.89 47.59 3.45
C LYS N 92 -40.48 48.16 3.39
N THR N 93 -39.68 48.00 4.44
CA THR N 93 -38.34 48.56 4.49
C THR N 93 -37.30 47.45 4.56
N PRO N 94 -36.26 47.49 3.71
CA PRO N 94 -35.25 46.42 3.75
C PRO N 94 -34.56 46.27 5.09
N GLN N 95 -34.28 47.37 5.80
CA GLN N 95 -33.68 47.26 7.13
C GLN N 95 -34.64 46.61 8.11
N ASP N 96 -35.93 46.93 8.01
CA ASP N 96 -36.92 46.25 8.83
C ASP N 96 -37.01 44.76 8.49
N GLU N 97 -36.88 44.42 7.21
CA GLU N 97 -36.84 43.03 6.81
C GLU N 97 -35.64 42.31 7.41
N HIS N 98 -34.47 42.96 7.41
CA HIS N 98 -33.29 42.36 8.02
C HIS N 98 -33.48 42.19 9.52
N ARG N 99 -34.08 43.18 10.19
CA ARG N 99 -34.34 43.06 11.61
C ARG N 99 -35.30 41.92 11.91
N LEU N 100 -36.35 41.77 11.09
CA LEU N 100 -37.29 40.67 11.29
C LEU N 100 -36.62 39.32 11.07
N LEU N 101 -35.76 39.22 10.05
CA LEU N 101 -35.03 37.98 9.82
C LEU N 101 -34.11 37.66 10.98
N SER N 102 -33.45 38.69 11.54
CA SER N 102 -32.59 38.48 12.69
C SER N 102 -33.39 38.01 13.89
N ALA N 103 -34.57 38.59 14.11
CA ALA N 103 -35.43 38.15 15.21
C ALA N 103 -35.88 36.70 15.02
N VAL N 104 -36.22 36.32 13.79
CA VAL N 104 -36.63 34.94 13.52
C VAL N 104 -35.48 33.99 13.78
N LEU N 105 -34.27 34.37 13.34
CA LEU N 105 -33.10 33.52 13.59
C LEU N 105 -32.83 33.40 15.08
N ALA N 106 -32.98 34.50 15.82
CA ALA N 106 -32.75 34.45 17.26
C ALA N 106 -33.77 33.57 17.97
N THR N 107 -35.02 33.60 17.54
CA THR N 107 -36.04 32.79 18.21
C THR N 107 -36.05 31.34 17.73
N LEU N 108 -35.41 31.03 16.61
CA LEU N 108 -35.33 29.65 16.15
C LEU N 108 -34.00 28.99 16.48
N LEU N 109 -32.98 29.76 16.85
CA LEU N 109 -31.67 29.18 17.15
C LEU N 109 -31.66 28.27 18.37
N PRO N 110 -32.20 28.63 19.53
CA PRO N 110 -32.00 27.83 20.74
C PRO N 110 -32.81 26.54 20.79
N ARG N 111 -33.44 26.12 19.70
CA ARG N 111 -34.26 24.90 19.68
C ARG N 111 -33.65 23.92 18.68
N GLU N 112 -32.71 23.10 19.16
CA GLU N 112 -32.13 22.07 18.31
C GLU N 112 -33.13 20.94 18.08
N GLN N 113 -33.80 20.49 19.14
CA GLN N 113 -34.86 19.50 19.02
C GLN N 113 -36.12 20.02 19.70
N LEU N 114 -37.15 19.18 19.81
CA LEU N 114 -38.39 19.59 20.44
C LEU N 114 -38.85 18.53 21.43
N PRO N 115 -39.22 18.94 22.64
CA PRO N 115 -39.70 17.97 23.63
C PRO N 115 -41.03 17.36 23.19
N PRO N 116 -41.26 16.09 23.53
CA PRO N 116 -42.50 15.43 23.08
C PRO N 116 -43.77 16.09 23.60
N TYR N 117 -43.76 16.66 24.81
CA TYR N 117 -44.98 17.22 25.37
C TYR N 117 -45.38 18.54 24.70
N GLU N 118 -44.43 19.28 24.15
CA GLU N 118 -44.76 20.54 23.47
C GLU N 118 -45.61 20.30 22.23
N LEU N 119 -45.31 19.24 21.48
CA LEU N 119 -46.01 18.97 20.23
C LEU N 119 -47.45 18.54 20.49
N PRO N 120 -48.33 18.67 19.49
CA PRO N 120 -49.73 18.27 19.67
C PRO N 120 -49.89 16.76 19.82
N GLY N 121 -51.14 16.30 19.94
CA GLY N 121 -51.38 14.90 20.24
C GLY N 121 -50.90 13.96 19.16
N ALA N 122 -51.13 14.30 17.88
CA ALA N 122 -50.79 13.39 16.80
C ALA N 122 -49.30 13.11 16.74
N LEU N 123 -48.47 14.14 16.91
CA LEU N 123 -47.02 13.93 16.93
C LEU N 123 -46.50 13.64 18.33
N GLY N 124 -47.21 14.07 19.36
CA GLY N 124 -46.79 13.80 20.73
C GLY N 124 -47.06 12.38 21.18
N ALA N 125 -47.90 11.64 20.44
CA ALA N 125 -48.16 10.26 20.80
C ALA N 125 -46.92 9.38 20.59
N MET N 126 -46.04 9.76 19.67
CA MET N 126 -44.83 8.98 19.43
C MET N 126 -43.83 9.10 20.58
N ASN N 127 -43.90 10.19 21.36
CA ASN N 127 -43.00 10.41 22.49
C ASN N 127 -41.53 10.35 22.06
N LEU N 128 -41.23 10.93 20.91
CA LEU N 128 -39.88 10.96 20.36
C LEU N 128 -39.48 12.40 20.08
N PRO N 129 -38.19 12.71 20.23
CA PRO N 129 -37.72 14.06 19.90
C PRO N 129 -37.82 14.33 18.41
N VAL N 130 -38.05 15.60 18.08
CA VAL N 130 -38.19 16.05 16.71
C VAL N 130 -37.10 17.06 16.42
N PRO N 131 -36.00 16.65 15.78
CA PRO N 131 -34.92 17.60 15.50
C PRO N 131 -35.37 18.73 14.60
N MET N 132 -34.83 19.92 14.86
CA MET N 132 -35.12 21.11 14.06
C MET N 132 -33.81 21.83 13.79
N THR N 133 -33.51 22.05 12.52
CA THR N 133 -32.26 22.69 12.10
C THR N 133 -32.59 23.93 11.29
N VAL N 134 -32.19 25.09 11.81
CA VAL N 134 -32.35 26.35 11.08
C VAL N 134 -31.07 26.78 10.38
N ALA N 135 -29.97 26.06 10.60
CA ALA N 135 -28.70 26.42 9.98
C ALA N 135 -28.77 26.34 8.46
N GLY N 136 -29.39 25.28 7.94
CA GLY N 136 -29.51 25.11 6.51
C GLY N 136 -28.27 24.47 5.90
N VAL N 137 -28.36 24.23 4.60
CA VAL N 137 -27.28 23.60 3.86
C VAL N 137 -26.08 24.54 3.75
N SER N 143 -28.32 26.45 -4.72
CA SER N 143 -29.52 25.76 -5.20
C SER N 143 -30.78 26.57 -4.87
N LEU N 144 -30.60 27.59 -4.03
CA LEU N 144 -31.75 28.44 -3.68
C LEU N 144 -32.25 29.23 -4.86
N ALA N 145 -31.36 29.60 -5.79
CA ALA N 145 -31.79 30.34 -6.97
C ALA N 145 -32.74 29.52 -7.82
N GLU N 146 -32.44 28.24 -8.03
CA GLU N 146 -33.31 27.38 -8.81
C GLU N 146 -34.65 27.17 -8.11
N ILE N 147 -34.63 27.03 -6.78
CA ILE N 147 -35.87 26.86 -6.04
C ILE N 147 -36.74 28.11 -6.16
N TRP N 148 -36.13 29.28 -6.03
CA TRP N 148 -36.89 30.52 -6.15
C TRP N 148 -37.44 30.70 -7.57
N SER N 149 -36.65 30.33 -8.58
CA SER N 149 -37.11 30.45 -9.96
C SER N 149 -38.28 29.51 -10.23
N ALA N 150 -38.20 28.27 -9.74
CA ALA N 150 -39.29 27.32 -9.96
C ALA N 150 -40.52 27.70 -9.15
N LEU N 151 -40.33 28.27 -7.95
CA LEU N 151 -41.46 28.69 -7.13
C LEU N 151 -42.25 29.80 -7.82
N GLY N 152 -41.55 30.74 -8.46
CA GLY N 152 -42.16 31.85 -9.17
C GLY N 152 -41.69 33.21 -8.67
N GLY N 153 -41.31 33.31 -7.41
CA GLY N 153 -40.87 34.56 -6.84
C GLY N 153 -39.43 34.89 -7.15
N GLU N 154 -39.00 36.04 -6.65
CA GLU N 154 -37.63 36.50 -6.84
C GLU N 154 -36.78 36.13 -5.63
N LEU N 155 -35.48 35.95 -5.88
CA LEU N 155 -34.57 35.52 -4.84
C LEU N 155 -34.49 36.54 -3.71
N LYS N 156 -34.60 36.06 -2.49
CA LYS N 156 -34.56 36.89 -1.29
C LYS N 156 -33.78 36.15 -0.21
N PRO N 157 -33.22 36.86 0.76
CA PRO N 157 -32.57 36.20 1.90
C PRO N 157 -33.57 35.32 2.64
N SER N 158 -33.29 34.02 2.67
CA SER N 158 -34.24 33.06 3.20
C SER N 158 -33.53 32.09 4.13
N LEU N 159 -34.30 31.45 4.99
CA LEU N 159 -33.82 30.45 5.93
C LEU N 159 -34.35 29.09 5.53
N ASP N 160 -33.47 28.09 5.52
CA ASP N 160 -33.84 26.72 5.19
C ASP N 160 -34.05 25.96 6.49
N LEU N 161 -35.30 25.82 6.91
CA LEU N 161 -35.64 25.17 8.17
C LEU N 161 -36.00 23.70 7.90
N VAL N 162 -35.29 22.78 8.51
CA VAL N 162 -35.48 21.35 8.30
C VAL N 162 -36.02 20.74 9.58
N VAL N 163 -37.14 20.04 9.47
CA VAL N 163 -37.78 19.37 10.60
C VAL N 163 -37.85 17.88 10.29
N THR N 164 -37.41 17.05 11.24
CA THR N 164 -37.39 15.60 11.07
C THR N 164 -38.61 15.01 11.75
N ALA N 165 -39.67 14.79 10.99
CA ALA N 165 -40.91 14.25 11.52
C ALA N 165 -40.89 12.72 11.46
N PRO N 166 -41.11 12.03 12.57
CA PRO N 166 -41.15 10.56 12.51
C PRO N 166 -42.53 10.03 12.15
N PHE N 167 -42.63 9.36 11.00
CA PHE N 167 -43.87 8.70 10.60
C PHE N 167 -43.77 7.23 10.96
N PRO N 168 -44.63 6.71 11.83
CA PRO N 168 -44.58 5.28 12.15
C PRO N 168 -45.04 4.42 11.00
N ALA N 169 -44.45 3.22 10.93
CA ALA N 169 -44.91 2.18 10.01
C ALA N 169 -45.71 1.15 10.80
N TYR N 170 -46.72 0.57 10.16
CA TYR N 170 -47.68 -0.31 10.84
C TYR N 170 -47.79 -1.65 10.12
N PRO N 171 -46.72 -2.46 10.13
CA PRO N 171 -46.89 -3.89 9.82
C PRO N 171 -47.11 -4.68 11.12
N GLU N 172 -48.22 -4.38 11.79
CA GLU N 172 -48.46 -4.85 13.16
C GLU N 172 -48.77 -6.34 13.14
N TYR N 173 -47.72 -7.14 13.04
CA TYR N 173 -47.87 -8.59 13.12
C TYR N 173 -48.31 -8.98 14.53
N ASP N 174 -49.17 -9.98 14.61
CA ASP N 174 -49.72 -10.44 15.88
C ASP N 174 -48.93 -11.65 16.37
N ALA N 175 -48.35 -11.53 17.56
CA ALA N 175 -47.60 -12.62 18.16
C ALA N 175 -48.55 -13.70 18.66
N GLY N 176 -48.02 -14.92 18.77
CA GLY N 176 -48.80 -16.05 19.22
C GLY N 176 -49.12 -15.97 20.70
N PRO N 177 -50.00 -16.87 21.17
CA PRO N 177 -50.36 -16.87 22.58
C PRO N 177 -49.18 -17.25 23.44
N PRO N 178 -49.09 -16.72 24.66
CA PRO N 178 -47.95 -17.05 25.52
C PRO N 178 -47.94 -18.52 25.91
N VAL N 179 -46.74 -19.05 26.11
CA VAL N 179 -46.54 -20.44 26.50
C VAL N 179 -46.66 -20.54 28.01
N THR N 180 -47.69 -21.25 28.49
CA THR N 180 -47.92 -21.40 29.91
C THR N 180 -47.58 -22.79 30.44
N GLU N 181 -47.66 -23.82 29.60
CA GLU N 181 -47.35 -25.18 30.01
C GLU N 181 -45.87 -25.53 29.84
N GLY N 182 -45.04 -24.59 29.44
CA GLY N 182 -43.64 -24.87 29.22
C GLY N 182 -43.40 -25.56 27.89
N ALA N 183 -42.22 -26.15 27.77
CA ALA N 183 -41.80 -26.84 26.56
C ALA N 183 -41.68 -28.33 26.81
N THR N 184 -42.20 -29.12 25.87
CA THR N 184 -42.07 -30.57 25.92
C THR N 184 -41.12 -31.02 24.82
N VAL N 185 -40.23 -31.95 25.17
CA VAL N 185 -39.21 -32.44 24.26
C VAL N 185 -39.44 -33.93 24.02
N ARG N 186 -39.29 -34.35 22.77
CA ARG N 186 -39.42 -35.75 22.38
C ARG N 186 -38.10 -36.22 21.81
N ILE N 187 -37.62 -37.36 22.29
CA ILE N 187 -36.32 -37.88 21.89
C ILE N 187 -36.47 -39.30 21.36
N GLY N 188 -35.51 -39.71 20.56
CA GLY N 188 -35.57 -41.03 19.96
C GLY N 188 -34.43 -41.23 18.98
N GLY N 189 -34.57 -42.24 18.14
CA GLY N 189 -33.54 -42.55 17.15
C GLY N 189 -33.80 -41.84 15.84
N VAL N 190 -32.69 -41.45 15.18
CA VAL N 190 -32.80 -40.75 13.90
C VAL N 190 -33.39 -41.65 12.83
N GLU N 191 -32.98 -42.92 12.80
CA GLU N 191 -33.49 -43.88 11.83
C GLU N 191 -34.79 -44.52 12.28
N GLY N 192 -35.27 -44.21 13.48
CA GLY N 192 -36.53 -44.74 13.96
C GLY N 192 -36.46 -46.10 14.61
N ASP N 193 -35.27 -46.63 14.87
CA ASP N 193 -35.16 -47.92 15.54
C ASP N 193 -35.79 -47.91 16.93
N PRO N 194 -35.52 -46.94 17.80
CA PRO N 194 -36.33 -46.80 19.01
C PRO N 194 -37.49 -45.85 18.76
N PRO N 195 -38.71 -46.25 19.14
CA PRO N 195 -39.86 -45.38 18.91
C PRO N 195 -39.74 -44.07 19.69
N MET N 196 -40.26 -43.00 19.10
CA MET N 196 -40.22 -41.70 19.76
C MET N 196 -41.09 -41.69 21.00
N SER N 197 -40.59 -41.11 22.08
CA SER N 197 -41.31 -41.06 23.33
C SER N 197 -41.99 -39.71 23.52
N GLU N 198 -42.93 -39.65 24.46
CA GLU N 198 -43.58 -38.39 24.79
C GLU N 198 -42.59 -37.41 25.39
N GLY N 199 -41.71 -37.88 26.26
CA GLY N 199 -40.63 -37.07 26.80
C GLY N 199 -41.01 -36.12 27.90
N ARG N 200 -42.28 -36.11 28.33
CA ARG N 200 -42.75 -35.25 29.41
C ARG N 200 -42.50 -33.78 29.10
N SER N 201 -42.56 -32.93 30.13
CA SER N 201 -42.42 -31.49 29.94
C SER N 201 -41.86 -30.89 31.23
N HIS N 202 -41.91 -29.56 31.33
CA HIS N 202 -41.38 -28.88 32.50
C HIS N 202 -42.17 -29.23 33.75
N ARG N 203 -41.46 -29.38 34.86
CA ARG N 203 -42.10 -29.62 36.12
C ARG N 203 -42.83 -28.36 36.60
N PRO N 204 -43.92 -28.52 37.37
CA PRO N 204 -44.66 -27.32 37.82
C PRO N 204 -43.81 -26.35 38.63
N HIS N 205 -42.88 -26.85 39.44
CA HIS N 205 -42.04 -25.95 40.22
C HIS N 205 -41.10 -25.16 39.33
N GLN N 206 -40.59 -25.76 38.25
CA GLN N 206 -39.75 -25.03 37.31
C GLN N 206 -40.54 -23.91 36.63
N VAL N 207 -41.77 -24.20 36.22
CA VAL N 207 -42.61 -23.18 35.60
C VAL N 207 -42.90 -22.06 36.58
N ALA N 208 -43.21 -22.41 37.84
CA ALA N 208 -43.47 -21.40 38.85
C ALA N 208 -42.24 -20.53 39.10
N ALA N 209 -41.06 -21.15 39.17
CA ALA N 209 -39.84 -20.39 39.38
C ALA N 209 -39.56 -19.46 38.21
N ALA N 210 -39.76 -19.94 36.98
CA ALA N 210 -39.56 -19.09 35.82
C ALA N 210 -40.53 -17.91 35.81
N ARG N 211 -41.79 -18.16 36.18
CA ARG N 211 -42.76 -17.07 36.24
C ARG N 211 -42.39 -16.06 37.32
N ALA N 212 -41.94 -16.54 38.49
CA ALA N 212 -41.59 -15.64 39.57
C ALA N 212 -40.33 -14.84 39.27
N ALA N 213 -39.39 -15.41 38.51
CA ALA N 213 -38.15 -14.72 38.19
C ALA N 213 -38.36 -13.55 37.23
N ARG N 214 -39.54 -13.43 36.63
CA ARG N 214 -39.80 -12.31 35.73
C ARG N 214 -39.73 -10.97 36.46
N LYS N 215 -40.27 -10.91 37.67
CA LYS N 215 -40.27 -9.67 38.44
C LYS N 215 -38.85 -9.28 38.88
N ALA O 15 -1.01 22.62 44.03
CA ALA O 15 -1.18 21.27 43.52
C ALA O 15 -2.51 20.68 43.95
N SER O 16 -3.20 21.39 44.85
CA SER O 16 -4.48 20.92 45.36
C SER O 16 -5.66 21.26 44.45
N GLY O 17 -5.44 22.04 43.40
CA GLY O 17 -6.52 22.44 42.52
C GLY O 17 -6.61 21.65 41.23
N SER O 18 -5.62 20.80 40.96
CA SER O 18 -5.60 20.02 39.73
C SER O 18 -5.24 18.56 39.91
N ARG O 19 -4.68 18.14 41.03
CA ARG O 19 -4.27 16.74 41.17
C ARG O 19 -5.47 15.88 41.56
N PRO O 20 -5.61 14.70 40.95
CA PRO O 20 -6.70 13.79 41.33
C PRO O 20 -6.42 13.10 42.65
N ILE O 21 -7.31 12.20 43.07
CA ILE O 21 -7.14 11.51 44.35
C ILE O 21 -5.98 10.53 44.25
N GLU O 22 -5.03 10.63 45.17
CA GLU O 22 -3.86 9.77 45.21
C GLU O 22 -3.66 9.25 46.61
N GLY O 23 -3.03 8.08 46.71
CA GLY O 23 -2.75 7.51 48.01
C GLY O 23 -1.67 8.28 48.75
N VAL O 24 -1.69 8.18 50.08
CA VAL O 24 -0.69 8.80 50.93
C VAL O 24 0.43 7.78 51.15
N THR O 31 3.33 8.12 52.71
CA THR O 31 4.18 8.30 53.88
C THR O 31 3.35 8.30 55.14
N SER O 32 3.97 7.85 56.23
CA SER O 32 3.34 7.83 57.55
C SER O 32 4.19 8.65 58.50
N VAL O 33 3.58 9.64 59.15
CA VAL O 33 4.30 10.57 60.02
C VAL O 33 3.82 10.36 61.44
N ALA O 34 4.77 10.19 62.37
CA ALA O 34 4.48 9.97 63.77
C ALA O 34 4.76 11.22 64.56
N ALA O 35 3.82 11.61 65.42
CA ALA O 35 3.96 12.79 66.27
C ALA O 35 4.34 12.34 67.68
N PHE O 36 5.45 12.86 68.17
CA PHE O 36 5.97 12.51 69.49
C PHE O 36 5.88 13.72 70.40
N VAL O 37 5.25 13.53 71.56
CA VAL O 37 5.09 14.58 72.57
C VAL O 37 5.84 14.13 73.82
N GLY O 38 6.74 14.98 74.30
CA GLY O 38 7.51 14.62 75.48
C GLY O 38 8.47 15.73 75.86
N LEU O 39 9.37 15.41 76.78
CA LEU O 39 10.33 16.35 77.32
C LEU O 39 11.71 16.07 76.72
N ALA O 40 12.38 17.14 76.27
CA ALA O 40 13.70 17.02 75.68
C ALA O 40 14.48 18.31 75.93
N PRO O 41 15.78 18.22 76.18
CA PRO O 41 16.57 19.44 76.37
C PRO O 41 16.67 20.26 75.10
N THR O 42 16.75 21.58 75.27
CA THR O 42 16.84 22.54 74.17
C THR O 42 15.70 22.39 73.18
N GLY O 43 15.78 23.09 72.05
CA GLY O 43 14.76 23.01 71.03
C GLY O 43 13.56 23.88 71.34
N PRO O 44 12.65 24.01 70.38
CA PRO O 44 11.45 24.81 70.60
C PRO O 44 10.51 24.16 71.60
N LEU O 45 9.67 24.98 72.21
CA LEU O 45 8.69 24.54 73.19
C LEU O 45 7.29 24.65 72.61
N ASN O 46 6.54 23.54 72.65
CA ASN O 46 5.15 23.48 72.17
C ASN O 46 5.06 23.84 70.68
N GLU O 47 6.14 23.59 69.93
CA GLU O 47 6.17 23.86 68.50
C GLU O 47 6.44 22.58 67.73
N PRO O 48 5.49 22.05 66.99
CA PRO O 48 5.74 20.82 66.22
C PRO O 48 6.81 21.04 65.17
N THR O 49 7.93 20.33 65.31
CA THR O 49 9.05 20.43 64.40
C THR O 49 9.11 19.17 63.55
N LEU O 50 9.18 19.35 62.23
CA LEU O 50 9.28 18.23 61.30
C LEU O 50 10.73 17.76 61.24
N VAL O 51 10.97 16.54 61.71
CA VAL O 51 12.30 15.94 61.69
C VAL O 51 12.23 14.67 60.84
N THR O 52 13.10 14.58 59.85
CA THR O 52 13.11 13.45 58.92
C THR O 52 14.35 12.59 59.05
N ASN O 53 15.21 12.86 60.03
CA ASN O 53 16.43 12.08 60.21
C ASN O 53 16.92 12.25 61.65
N TRP O 54 17.69 11.27 62.12
CA TRP O 54 18.25 11.36 63.46
C TRP O 54 19.24 12.51 63.56
N THR O 55 20.04 12.74 62.52
CA THR O 55 20.96 13.86 62.51
C THR O 55 20.22 15.19 62.62
N GLN O 56 19.10 15.32 61.91
CA GLN O 56 18.28 16.52 62.04
C GLN O 56 17.74 16.65 63.46
N TYR O 57 17.36 15.52 64.08
CA TYR O 57 16.84 15.58 65.44
C TYR O 57 17.90 16.07 66.43
N VAL O 58 19.14 15.58 66.32
CA VAL O 58 20.17 16.03 67.24
C VAL O 58 20.64 17.44 66.88
N ALA O 59 20.47 17.86 65.64
CA ALA O 59 20.80 19.25 65.28
C ALA O 59 19.77 20.23 65.80
N ALA O 60 18.50 19.82 65.87
CA ALA O 60 17.45 20.68 66.39
C ALA O 60 17.22 20.46 67.88
N PHE O 61 16.91 19.22 68.27
CA PHE O 61 16.68 18.88 69.66
C PHE O 61 17.97 18.33 70.27
N GLY O 62 17.89 17.80 71.48
CA GLY O 62 19.04 17.27 72.18
C GLY O 62 19.10 15.76 72.12
N ASP O 63 20.31 15.23 72.26
CA ASP O 63 20.55 13.79 72.26
C ASP O 63 20.21 13.24 73.65
N PHE O 64 20.71 12.04 73.96
CA PHE O 64 20.47 11.41 75.25
C PHE O 64 21.31 12.10 76.32
N THR O 65 20.83 13.27 76.77
CA THR O 65 21.49 14.02 77.81
C THR O 65 20.61 14.18 79.05
N GLY O 66 19.64 13.30 79.24
CA GLY O 66 18.76 13.38 80.39
C GLY O 66 17.94 12.13 80.51
N GLY O 67 17.22 12.04 81.63
CA GLY O 67 16.36 10.91 81.89
C GLY O 67 15.01 11.03 81.20
N TYR O 68 15.04 11.15 79.87
CA TYR O 68 13.83 11.30 79.08
C TYR O 68 13.78 10.21 78.03
N TYR O 69 12.56 9.68 77.79
CA TYR O 69 12.36 8.62 76.81
C TYR O 69 12.10 9.15 75.41
N LEU O 70 11.96 10.46 75.24
CA LEU O 70 11.67 11.01 73.92
C LEU O 70 12.81 10.73 72.95
N ALA O 71 14.06 10.93 73.39
CA ALA O 71 15.20 10.65 72.52
C ALA O 71 15.26 9.18 72.17
N HIS O 72 15.03 8.29 73.15
CA HIS O 72 15.03 6.86 72.87
C HIS O 72 13.92 6.49 71.90
N SER O 73 12.73 7.06 72.09
CA SER O 73 11.61 6.77 71.20
C SER O 73 11.91 7.21 69.78
N VAL O 74 12.47 8.41 69.61
CA VAL O 74 12.78 8.90 68.28
C VAL O 74 13.87 8.06 67.63
N TYR O 75 14.89 7.68 68.41
CA TYR O 75 15.96 6.83 67.88
C TYR O 75 15.41 5.48 67.44
N GLY O 76 14.51 4.89 68.23
CA GLY O 76 13.91 3.63 67.82
C GLY O 76 13.01 3.78 66.60
N PHE O 77 12.27 4.89 66.52
CA PHE O 77 11.42 5.12 65.36
C PHE O 77 12.24 5.24 64.08
N PHE O 78 13.34 5.96 64.14
CA PHE O 78 14.15 6.15 62.93
C PHE O 78 14.98 4.91 62.61
N ASN O 79 15.46 4.20 63.62
CA ASN O 79 16.26 3.00 63.39
C ASN O 79 15.41 1.88 62.81
N ASN O 80 14.17 1.73 63.29
CA ASN O 80 13.26 0.71 62.78
C ASN O 80 12.80 1.00 61.36
N GLY O 81 12.99 2.22 60.87
CA GLY O 81 12.55 2.58 59.54
C GLY O 81 11.40 3.56 59.55
N GLY O 82 11.70 4.83 59.33
CA GLY O 82 10.68 5.86 59.31
C GLY O 82 11.02 6.94 58.31
N SER O 83 9.99 7.54 57.74
CA SER O 83 10.16 8.57 56.72
C SER O 83 10.18 9.98 57.31
N ALA O 84 9.30 10.28 58.25
CA ALA O 84 9.24 11.60 58.84
C ALA O 84 8.58 11.51 60.21
N ALA O 85 8.77 12.56 61.01
CA ALA O 85 8.16 12.63 62.33
C ALA O 85 7.93 14.09 62.68
N TYR O 86 6.98 14.33 63.59
CA TYR O 86 6.63 15.67 64.05
C TYR O 86 6.86 15.70 65.56
N VAL O 87 8.07 16.09 65.96
CA VAL O 87 8.43 16.10 67.37
C VAL O 87 7.84 17.34 68.04
N VAL O 88 7.14 17.12 69.14
CA VAL O 88 6.56 18.19 69.95
C VAL O 88 7.17 18.13 71.34
N ARG O 89 7.72 19.26 71.79
CA ARG O 89 8.34 19.36 73.10
C ARG O 89 7.42 20.13 74.04
N VAL O 90 7.19 19.56 75.23
CA VAL O 90 6.34 20.18 76.24
C VAL O 90 7.12 20.53 77.50
N GLY O 91 8.43 20.37 77.50
CA GLY O 91 9.23 20.66 78.67
C GLY O 91 10.62 20.07 78.53
N GLY O 92 11.33 20.05 79.66
CA GLY O 92 12.68 19.52 79.69
C GLY O 92 13.72 20.60 79.92
N SER O 93 14.59 20.39 80.91
CA SER O 93 15.63 21.37 81.24
C SER O 93 16.91 20.59 81.56
N ALA O 94 17.78 20.45 80.55
CA ALA O 94 19.06 19.76 80.70
C ALA O 94 18.90 18.36 81.27
N GLY O 252 -0.30 20.07 74.70
CA GLY O 252 0.50 19.88 73.51
C GLY O 252 -0.26 19.21 72.38
N PHE O 253 -1.29 18.44 72.74
CA PHE O 253 -2.10 17.77 71.73
C PHE O 253 -2.84 18.76 70.85
N GLY O 254 -3.31 19.86 71.43
CA GLY O 254 -4.01 20.87 70.66
C GLY O 254 -3.18 21.50 69.56
N GLY O 255 -1.85 21.49 69.70
CA GLY O 255 -0.99 21.97 68.65
C GLY O 255 -0.82 21.00 67.48
N LEU O 256 -1.25 19.76 67.64
CA LEU O 256 -1.17 18.77 66.58
C LEU O 256 -2.42 18.72 65.71
N GLU O 257 -3.44 19.53 66.02
CA GLU O 257 -4.66 19.55 65.24
C GLU O 257 -4.51 20.31 63.93
N ALA O 258 -3.42 21.04 63.74
CA ALA O 258 -3.19 21.81 62.53
C ALA O 258 -2.32 21.06 61.51
N ILE O 259 -2.04 19.79 61.75
CA ILE O 259 -1.20 18.99 60.86
C ILE O 259 -2.06 17.85 60.30
N ASP O 260 -1.94 17.63 58.99
CA ASP O 260 -2.75 16.63 58.29
C ASP O 260 -2.02 15.31 58.07
N GLU O 261 -0.72 15.35 57.79
CA GLU O 261 0.01 14.14 57.42
C GLU O 261 0.25 13.19 58.58
N ILE O 262 -0.01 13.61 59.82
CA ILE O 262 0.26 12.77 60.97
C ILE O 262 -0.74 11.61 61.01
N SER O 263 -0.23 10.39 61.18
CA SER O 263 -1.06 9.20 61.21
C SER O 263 -0.96 8.41 62.51
N MET O 264 -0.06 8.78 63.41
CA MET O 264 0.04 8.10 64.70
C MET O 264 0.73 9.04 65.69
N VAL O 265 0.46 8.82 66.98
CA VAL O 265 0.98 9.67 68.03
C VAL O 265 1.53 8.80 69.15
N ALA O 266 2.37 9.42 69.98
CA ALA O 266 2.98 8.73 71.11
C ALA O 266 3.34 9.73 72.19
N VAL O 267 3.29 9.26 73.44
CA VAL O 267 3.65 10.07 74.61
C VAL O 267 4.64 9.28 75.46
N PRO O 268 5.91 9.22 75.05
CA PRO O 268 6.85 8.32 75.76
C PRO O 268 7.26 8.82 77.13
N ASP O 269 7.32 10.14 77.35
CA ASP O 269 7.84 10.68 78.60
C ASP O 269 6.79 10.76 79.70
N LEU O 270 5.54 10.40 79.42
CA LEU O 270 4.53 10.36 80.47
C LEU O 270 4.89 9.32 81.52
N MET O 271 5.31 8.12 81.09
CA MET O 271 5.72 7.09 82.03
C MET O 271 7.03 7.46 82.72
N ALA O 272 7.90 8.23 82.06
CA ALA O 272 9.10 8.70 82.72
C ALA O 272 8.77 9.60 83.90
N ALA O 273 7.80 10.50 83.73
CA ALA O 273 7.35 11.33 84.85
C ALA O 273 6.61 10.52 85.89
N TYR O 274 5.88 9.49 85.47
CA TYR O 274 5.17 8.64 86.42
C TYR O 274 6.13 7.83 87.29
N GLN O 275 7.27 7.41 86.72
CA GLN O 275 8.20 6.57 87.47
C GLN O 275 8.77 7.30 88.68
N ARG O 276 9.11 8.58 88.53
CA ARG O 276 9.68 9.34 89.64
C ARG O 276 8.67 9.67 90.72
N GLY O 277 7.39 9.41 90.49
CA GLY O 277 6.36 9.64 91.49
C GLY O 277 5.76 11.03 91.49
N ALA O 278 6.25 11.93 90.65
CA ALA O 278 5.68 13.28 90.60
C ALA O 278 4.29 13.29 89.99
N ILE O 279 3.95 12.30 89.17
CA ILE O 279 2.64 12.21 88.53
C ILE O 279 1.99 10.90 88.96
N ASP O 280 0.76 10.99 89.46
CA ASP O 280 0.04 9.81 89.93
C ASP O 280 -0.58 9.06 88.75
N LEU O 281 -1.19 7.92 89.05
CA LEU O 281 -1.81 7.11 88.00
C LEU O 281 -3.06 7.76 87.42
N GLU O 282 -3.80 8.50 88.26
CA GLU O 282 -5.01 9.15 87.77
C GLU O 282 -4.71 10.19 86.69
N ALA O 283 -3.64 10.97 86.89
CA ALA O 283 -3.26 11.96 85.88
C ALA O 283 -2.81 11.28 84.59
N VAL O 284 -2.08 10.17 84.71
CA VAL O 284 -1.67 9.42 83.53
C VAL O 284 -2.89 8.91 82.76
N LYS O 285 -3.87 8.36 83.49
CA LYS O 285 -5.09 7.90 82.84
C LYS O 285 -5.83 9.04 82.17
N ALA O 286 -5.89 10.20 82.83
CA ALA O 286 -6.56 11.36 82.23
C ALA O 286 -5.85 11.80 80.95
N VAL O 287 -4.52 11.82 80.98
CA VAL O 287 -3.77 12.22 79.79
C VAL O 287 -4.00 11.24 78.65
N GLN O 288 -3.99 9.94 78.95
CA GLN O 288 -4.22 8.94 77.92
C GLN O 288 -5.64 9.03 77.36
N LEU O 289 -6.64 9.28 78.22
CA LEU O 289 -8.00 9.47 77.75
C LEU O 289 -8.12 10.70 76.87
N GLY O 290 -7.45 11.79 77.25
CA GLY O 290 -7.45 12.97 76.40
C GLY O 290 -6.80 12.72 75.05
N LEU O 291 -5.70 11.97 75.04
CA LEU O 291 -5.05 11.61 73.78
C LEU O 291 -5.98 10.77 72.91
N ILE O 292 -6.68 9.81 73.50
CA ILE O 292 -7.61 8.98 72.74
C ILE O 292 -8.74 9.82 72.18
N ALA O 293 -9.27 10.76 72.98
CA ALA O 293 -10.33 11.63 72.51
C ALA O 293 -9.84 12.52 71.37
N HIS O 294 -8.61 13.03 71.48
CA HIS O 294 -8.05 13.84 70.40
C HIS O 294 -7.89 13.02 69.12
N CYS O 295 -7.45 11.77 69.25
CA CYS O 295 -7.34 10.90 68.08
C CYS O 295 -8.71 10.64 67.46
N GLU O 296 -9.74 10.43 68.29
CA GLU O 296 -11.09 10.23 67.77
C GLU O 296 -11.58 11.47 67.04
N LEU O 297 -11.32 12.66 67.60
CA LEU O 297 -11.75 13.89 66.96
C LEU O 297 -11.00 14.10 65.63
N MET O 298 -9.71 13.80 65.61
CA MET O 298 -8.93 13.97 64.38
C MET O 298 -9.43 13.04 63.29
N GLY O 299 -9.70 11.78 63.63
CA GLY O 299 -10.28 10.83 62.70
C GLY O 299 -9.31 10.22 61.70
N ASP O 300 -8.02 10.50 61.81
CA ASP O 300 -7.05 9.99 60.86
C ASP O 300 -5.85 9.29 61.50
N ARG O 301 -5.75 9.29 62.83
CA ARG O 301 -4.59 8.72 63.51
C ARG O 301 -5.06 7.78 64.60
N VAL O 302 -4.21 6.79 64.91
CA VAL O 302 -4.46 5.82 65.97
C VAL O 302 -3.35 5.95 67.01
N ALA O 303 -3.75 6.06 68.27
CA ALA O 303 -2.82 6.25 69.37
C ALA O 303 -2.18 4.93 69.78
N ILE O 304 -1.00 5.03 70.40
CA ILE O 304 -0.26 3.89 70.91
C ILE O 304 -0.11 4.05 72.41
N ILE O 305 -0.48 3.01 73.15
CA ILE O 305 -0.55 3.04 74.61
C ILE O 305 0.49 2.09 75.19
N ASP O 306 1.15 2.54 76.24
CA ASP O 306 2.15 1.76 76.96
C ASP O 306 1.75 1.66 78.43
N PRO O 307 1.73 0.47 79.02
CA PRO O 307 1.31 0.33 80.40
C PRO O 307 2.40 0.77 81.35
N PRO O 308 2.08 0.97 82.63
CA PRO O 308 3.11 1.30 83.59
C PRO O 308 4.16 0.20 83.67
N PRO O 309 5.41 0.56 83.89
CA PRO O 309 6.47 -0.45 83.89
C PRO O 309 6.38 -1.39 85.09
N ASN O 310 7.05 -2.53 84.96
CA ASN O 310 7.14 -3.55 86.02
C ASN O 310 5.74 -4.06 86.40
N GLN O 311 5.08 -4.66 85.41
CA GLN O 311 3.76 -5.24 85.60
C GLN O 311 3.71 -6.64 85.01
N ASN O 312 2.96 -7.51 85.65
CA ASN O 312 2.81 -8.89 85.21
C ASN O 312 1.65 -9.01 84.22
N ALA O 313 1.37 -10.24 83.79
CA ALA O 313 0.24 -10.46 82.88
C ALA O 313 -1.08 -10.17 83.57
N ARG O 314 -1.29 -10.75 84.76
CA ARG O 314 -2.51 -10.47 85.51
C ARG O 314 -2.58 -9.01 85.94
N GLN O 315 -1.43 -8.41 86.26
CA GLN O 315 -1.43 -7.01 86.67
C GLN O 315 -1.91 -6.10 85.55
N ILE O 316 -1.37 -6.28 84.34
CA ILE O 316 -1.84 -5.45 83.24
C ILE O 316 -3.25 -5.82 82.82
N ARG O 317 -3.65 -7.09 82.98
CA ARG O 317 -5.03 -7.45 82.70
C ARG O 317 -5.99 -6.68 83.60
N VAL O 318 -5.69 -6.62 84.89
CA VAL O 318 -6.50 -5.83 85.82
C VAL O 318 -6.44 -4.35 85.46
N TRP O 319 -5.24 -3.86 85.15
CA TRP O 319 -5.06 -2.44 84.82
C TRP O 319 -5.91 -2.04 83.62
N ARG O 320 -5.94 -2.88 82.59
CA ARG O 320 -6.69 -2.54 81.36
C ARG O 320 -8.19 -2.81 81.56
N GLN O 321 -8.60 -3.80 82.36
CA GLN O 321 -10.01 -4.11 82.48
C GLN O 321 -10.73 -3.14 83.42
N GLU O 322 -10.08 -2.75 84.53
CA GLU O 322 -10.74 -1.95 85.56
C GLU O 322 -10.20 -0.54 85.67
N THR O 323 -8.89 -0.38 85.87
CA THR O 323 -8.34 0.95 86.14
C THR O 323 -8.27 1.82 84.90
N ALA O 324 -8.04 1.21 83.73
CA ALA O 324 -7.81 1.94 82.49
C ALA O 324 -8.66 1.36 81.37
N GLY O 325 -9.95 1.20 81.63
CA GLY O 325 -10.83 0.55 80.67
C GLY O 325 -11.13 1.39 79.44
N TYR O 326 -10.11 1.61 78.62
CA TYR O 326 -10.30 2.36 77.37
C TYR O 326 -11.12 1.53 76.40
N ASP O 327 -11.98 2.22 75.63
CA ASP O 327 -12.81 1.59 74.59
C ASP O 327 -12.85 2.55 73.41
N SER O 328 -11.94 2.37 72.47
CA SER O 328 -11.87 3.22 71.30
C SER O 328 -11.25 2.45 70.14
N LYS O 329 -11.67 2.79 68.93
CA LYS O 329 -11.13 2.16 67.73
C LYS O 329 -9.81 2.77 67.28
N TYR O 330 -9.34 3.82 67.95
CA TYR O 330 -8.13 4.54 67.58
C TYR O 330 -7.06 4.41 68.66
N ALA O 331 -6.89 3.22 69.21
CA ALA O 331 -5.90 2.99 70.25
C ALA O 331 -5.41 1.56 70.19
N ALA O 332 -4.10 1.37 70.26
CA ALA O 332 -3.47 0.06 70.31
C ALA O 332 -2.47 0.04 71.45
N LEU O 333 -2.57 -0.98 72.31
CA LEU O 333 -1.75 -1.09 73.51
C LEU O 333 -0.66 -2.12 73.32
N TYR O 334 0.53 -1.85 73.86
CA TYR O 334 1.66 -2.76 73.74
C TYR O 334 2.29 -2.97 75.13
N TYR O 335 2.14 -4.17 75.67
CA TYR O 335 2.44 -4.46 77.08
C TYR O 335 3.93 -4.41 77.41
N PRO O 336 4.76 -5.30 76.89
CA PRO O 336 6.12 -5.41 77.45
C PRO O 336 7.03 -4.29 76.97
N TRP O 337 7.81 -3.76 77.91
CA TRP O 337 8.74 -2.68 77.59
C TRP O 337 9.96 -3.23 76.84
N ILE O 338 10.73 -2.32 76.27
CA ILE O 338 11.87 -2.67 75.43
C ILE O 338 13.14 -2.22 76.12
N LYS O 339 14.09 -3.14 76.27
CA LYS O 339 15.39 -2.83 76.83
C LYS O 339 16.33 -2.43 75.69
N SER O 340 16.77 -1.18 75.68
CA SER O 340 17.57 -0.65 74.59
C SER O 340 18.86 -0.04 75.14
N PHE O 341 19.90 -0.07 74.32
CA PHE O 341 21.21 0.44 74.71
C PHE O 341 21.27 1.95 74.58
N ASP O 342 21.72 2.62 75.64
CA ASP O 342 21.82 4.07 75.66
C ASP O 342 23.28 4.47 75.58
N PRO O 343 23.72 5.17 74.53
CA PRO O 343 25.13 5.57 74.44
C PRO O 343 25.57 6.53 75.51
N ALA O 344 24.64 7.22 76.18
CA ALA O 344 25.01 8.18 77.22
C ALA O 344 25.71 7.48 78.37
N THR O 345 25.18 6.33 78.81
CA THR O 345 25.76 5.58 79.90
C THR O 345 26.40 4.27 79.48
N GLY O 346 26.20 3.85 78.22
CA GLY O 346 26.80 2.62 77.73
C GLY O 346 26.12 1.35 78.19
N GLN O 347 24.98 1.46 78.87
CA GLN O 347 24.26 0.31 79.39
C GLN O 347 22.86 0.26 78.77
N SER O 348 22.12 -0.79 79.12
CA SER O 348 20.77 -1.00 78.59
C SER O 348 19.74 -0.53 79.62
N ARG O 349 18.77 0.25 79.15
CA ARG O 349 17.72 0.77 80.00
C ARG O 349 16.36 0.45 79.38
N LEU O 350 15.34 0.44 80.22
CA LEU O 350 13.98 0.10 79.80
C LEU O 350 13.25 1.35 79.30
N VAL O 351 12.67 1.24 78.12
CA VAL O 351 11.91 2.33 77.52
C VAL O 351 10.59 1.78 76.99
N PRO O 352 9.57 2.61 76.88
CA PRO O 352 8.31 2.14 76.31
C PRO O 352 8.50 1.71 74.87
N PRO O 353 7.76 0.70 74.42
CA PRO O 353 7.95 0.21 73.04
C PRO O 353 7.28 1.06 71.98
N SER O 354 6.43 2.01 72.35
CA SER O 354 5.68 2.78 71.36
C SER O 354 6.60 3.46 70.37
N GLY O 355 7.62 4.15 70.86
CA GLY O 355 8.56 4.82 69.97
C GLY O 355 9.20 3.88 68.97
N HIS O 356 9.38 2.61 69.35
CA HIS O 356 9.84 1.62 68.38
C HIS O 356 8.68 1.09 67.54
N VAL O 357 7.55 0.80 68.19
CA VAL O 357 6.44 0.12 67.53
C VAL O 357 5.94 0.96 66.36
N ALA O 358 5.77 2.27 66.58
CA ALA O 358 5.35 3.15 65.50
C ALA O 358 6.26 3.02 64.29
N GLY O 359 7.57 2.97 64.52
CA GLY O 359 8.50 2.80 63.41
C GLY O 359 8.20 1.55 62.61
N ILE O 360 7.90 0.45 63.30
CA ILE O 360 7.54 -0.78 62.61
C ILE O 360 6.39 -0.54 61.66
N TRP O 361 5.37 0.20 62.12
CA TRP O 361 4.19 0.47 61.27
C TRP O 361 4.61 1.13 59.95
N ALA O 362 5.53 2.11 60.02
CA ALA O 362 5.99 2.82 58.80
C ALA O 362 6.68 1.82 57.88
N ARG O 363 7.51 0.93 58.43
CA ARG O 363 8.19 -0.11 57.61
C ARG O 363 7.12 -0.93 56.90
N ASN O 364 6.08 -1.34 57.63
CA ASN O 364 4.96 -2.12 57.02
C ASN O 364 4.46 -1.40 55.76
N ASP O 365 4.18 -0.10 55.84
CA ASP O 365 3.60 0.63 54.68
C ASP O 365 4.58 0.65 53.51
N SER O 366 5.87 0.91 53.77
CA SER O 366 6.86 1.06 52.66
C SER O 366 7.20 -0.31 52.07
N GLU O 367 6.92 -1.40 52.80
CA GLU O 367 7.27 -2.73 52.35
C GLU O 367 6.08 -3.66 52.11
N ARG O 368 4.95 -3.47 52.79
CA ARG O 368 3.81 -4.37 52.65
C ARG O 368 2.47 -3.66 52.49
N GLY O 369 2.43 -2.34 52.59
CA GLY O 369 1.19 -1.61 52.48
C GLY O 369 0.43 -1.54 53.80
N VAL O 370 -0.63 -0.73 53.78
CA VAL O 370 -1.44 -0.55 54.99
C VAL O 370 -2.43 -1.69 55.20
N HIS O 371 -2.76 -2.44 54.14
CA HIS O 371 -3.75 -3.50 54.25
C HIS O 371 -3.25 -4.71 55.03
N LYS O 372 -1.96 -4.79 55.34
CA LYS O 372 -1.41 -5.91 56.07
C LYS O 372 -1.20 -5.54 57.54
N ALA O 373 -1.60 -6.44 58.43
CA ALA O 373 -1.47 -6.18 59.86
C ALA O 373 -0.01 -6.16 60.26
N PRO O 374 0.45 -5.11 60.95
CA PRO O 374 1.87 -5.03 61.37
C PRO O 374 2.17 -5.88 62.60
N ALA O 375 1.95 -7.19 62.47
CA ALA O 375 2.18 -8.13 63.57
C ALA O 375 3.57 -8.76 63.50
N ASN O 376 3.86 -9.47 62.41
CA ASN O 376 5.10 -10.24 62.30
C ASN O 376 6.21 -9.32 61.80
N GLU O 377 6.73 -8.49 62.71
CA GLU O 377 7.83 -7.59 62.40
C GLU O 377 8.83 -7.63 63.55
N VAL O 378 10.07 -7.30 63.23
CA VAL O 378 11.19 -7.37 64.17
C VAL O 378 11.46 -5.99 64.73
N VAL O 379 11.60 -5.90 66.06
CA VAL O 379 12.01 -4.67 66.72
C VAL O 379 13.54 -4.62 66.65
N ARG O 380 14.06 -3.83 65.72
CA ARG O 380 15.51 -3.82 65.48
C ARG O 380 16.27 -3.27 66.68
N GLY O 381 15.76 -2.21 67.32
CA GLY O 381 16.46 -1.61 68.43
C GLY O 381 16.35 -2.34 69.75
N ALA O 382 15.51 -3.38 69.81
CA ALA O 382 15.31 -4.11 71.05
C ALA O 382 16.46 -5.07 71.31
N VAL O 383 16.96 -5.06 72.54
CA VAL O 383 17.98 -6.00 72.98
C VAL O 383 17.40 -7.10 73.86
N ASP O 384 16.53 -6.73 74.79
CA ASP O 384 15.90 -7.69 75.69
C ASP O 384 14.54 -7.15 76.12
N LEU O 385 13.76 -8.02 76.76
CA LEU O 385 12.42 -7.67 77.22
C LEU O 385 12.35 -7.69 78.74
N GLU O 386 11.43 -6.90 79.28
CA GLU O 386 11.24 -6.85 80.72
C GLU O 386 10.64 -8.14 81.27
N LEU O 387 9.91 -8.90 80.45
CA LEU O 387 9.29 -10.14 80.91
C LEU O 387 8.86 -10.94 79.68
N GLN O 388 9.31 -12.19 79.60
CA GLN O 388 8.91 -13.04 78.49
C GLN O 388 7.47 -13.52 78.70
N ILE O 389 6.67 -13.43 77.64
CA ILE O 389 5.26 -13.79 77.69
C ILE O 389 5.08 -15.19 77.14
N THR O 390 4.46 -16.06 77.93
CA THR O 390 4.16 -17.41 77.50
C THR O 390 2.80 -17.48 76.81
N ARG O 391 2.53 -18.62 76.18
CA ARG O 391 1.26 -18.80 75.48
C ARG O 391 0.08 -18.80 76.45
N GLY O 392 0.28 -19.33 77.67
CA GLY O 392 -0.81 -19.34 78.63
C GLY O 392 -1.25 -17.95 79.03
N GLU O 393 -0.30 -17.04 79.23
CA GLU O 393 -0.65 -15.66 79.55
C GLU O 393 -1.17 -14.90 78.33
N GLN O 394 -0.64 -15.21 77.14
CA GLN O 394 -1.15 -14.57 75.93
C GLN O 394 -2.59 -14.97 75.67
N ASP O 395 -2.97 -16.20 76.04
CA ASP O 395 -4.35 -16.64 75.82
C ASP O 395 -5.35 -15.75 76.54
N LEU O 396 -4.93 -15.09 77.61
CA LEU O 396 -5.78 -14.13 78.31
C LEU O 396 -5.49 -12.68 77.93
N LEU O 397 -4.25 -12.37 77.53
CA LEU O 397 -3.91 -10.99 77.19
C LEU O 397 -4.48 -10.60 75.83
N ASN O 398 -4.44 -11.50 74.85
CA ASN O 398 -4.86 -11.15 73.50
C ASN O 398 -6.34 -10.78 73.39
N PRO O 399 -7.29 -11.54 73.94
CA PRO O 399 -8.71 -11.20 73.72
C PRO O 399 -9.12 -9.85 74.28
N ILE O 400 -8.38 -9.30 75.25
CA ILE O 400 -8.76 -8.03 75.86
C ILE O 400 -8.09 -6.88 75.12
N GLY O 401 -7.49 -7.17 73.98
CA GLY O 401 -6.93 -6.13 73.14
C GLY O 401 -5.52 -5.72 73.46
N VAL O 402 -4.75 -6.55 74.14
CA VAL O 402 -3.37 -6.24 74.50
C VAL O 402 -2.44 -6.96 73.52
N ASN O 403 -1.69 -6.19 72.74
CA ASN O 403 -0.73 -6.74 71.79
C ASN O 403 0.61 -6.91 72.49
N CYS O 404 1.17 -8.10 72.39
CA CYS O 404 2.38 -8.44 73.11
C CYS O 404 3.61 -8.30 72.22
N ILE O 405 4.78 -8.38 72.84
CA ILE O 405 6.05 -8.51 72.15
C ILE O 405 6.76 -9.72 72.76
N ARG O 406 7.19 -10.64 71.91
CA ARG O 406 7.79 -11.88 72.39
C ARG O 406 9.06 -12.19 71.64
N SER O 407 9.97 -12.90 72.30
CA SER O 407 11.22 -13.34 71.70
C SER O 407 11.10 -14.80 71.32
N PHE O 408 11.36 -15.10 70.05
CA PHE O 408 11.29 -16.45 69.51
C PHE O 408 12.68 -16.93 69.09
N PRO O 409 13.04 -18.18 69.41
CA PRO O 409 14.37 -18.68 69.06
C PRO O 409 14.51 -18.82 67.54
N GLY O 410 15.57 -18.22 67.01
CA GLY O 410 15.80 -18.20 65.58
C GLY O 410 15.04 -17.13 64.83
N ARG O 411 14.20 -16.36 65.52
CA ARG O 411 13.45 -15.28 64.90
C ARG O 411 13.65 -13.93 65.57
N GLY O 412 14.20 -13.90 66.78
CA GLY O 412 14.46 -12.64 67.44
C GLY O 412 13.25 -12.11 68.17
N ILE O 413 13.26 -10.81 68.40
CA ILE O 413 12.22 -10.13 69.18
C ILE O 413 11.19 -9.56 68.20
N ARG O 414 9.96 -10.08 68.26
CA ARG O 414 8.93 -9.73 67.31
C ARG O 414 7.64 -9.37 68.02
N VAL O 415 6.87 -8.46 67.41
CA VAL O 415 5.54 -8.15 67.90
C VAL O 415 4.60 -9.32 67.63
N TRP O 416 3.59 -9.46 68.48
CA TRP O 416 2.61 -10.54 68.38
C TRP O 416 1.27 -9.97 68.78
N GLY O 417 0.40 -9.71 67.80
CA GLY O 417 -0.89 -9.13 68.07
C GLY O 417 -1.20 -7.95 67.18
N ALA O 418 -2.40 -7.93 66.60
CA ALA O 418 -2.83 -6.85 65.72
C ALA O 418 -4.24 -6.42 66.07
N ARG O 419 -4.50 -6.23 67.36
CA ARG O 419 -5.81 -5.86 67.86
C ARG O 419 -5.76 -4.47 68.47
N THR O 420 -6.91 -3.80 68.44
CA THR O 420 -7.07 -2.46 69.00
C THR O 420 -7.91 -2.52 70.26
N LEU O 421 -7.88 -1.41 71.02
CA LEU O 421 -8.56 -1.33 72.31
C LEU O 421 -10.03 -0.97 72.13
N SER O 422 -10.75 -1.82 71.41
CA SER O 422 -12.15 -1.60 71.11
C SER O 422 -12.96 -2.85 71.43
N SER O 423 -14.20 -2.64 71.87
CA SER O 423 -15.12 -3.73 72.17
C SER O 423 -15.99 -4.12 70.99
N ASP O 424 -15.90 -3.41 69.87
CA ASP O 424 -16.70 -3.72 68.70
C ASP O 424 -16.07 -4.88 67.94
N PRO O 425 -16.77 -6.00 67.75
CA PRO O 425 -16.17 -7.10 66.98
C PRO O 425 -15.84 -6.72 65.55
N ALA O 426 -16.60 -5.81 64.94
CA ALA O 426 -16.32 -5.42 63.56
C ALA O 426 -15.04 -4.59 63.43
N TRP O 427 -14.60 -3.95 64.51
CA TRP O 427 -13.40 -3.11 64.50
C TRP O 427 -12.36 -3.65 65.48
N ARG O 428 -12.22 -4.97 65.54
CA ARG O 428 -11.29 -5.60 66.47
C ARG O 428 -9.93 -5.87 65.85
N TYR O 429 -9.73 -5.53 64.57
CA TYR O 429 -8.47 -5.75 63.90
C TYR O 429 -7.83 -4.42 63.53
N LEU O 430 -6.52 -4.30 63.80
CA LEU O 430 -5.83 -3.04 63.56
C LEU O 430 -5.71 -2.73 62.07
N ASN O 431 -5.50 -3.76 61.25
CA ASN O 431 -5.28 -3.52 59.82
C ASN O 431 -6.51 -2.93 59.16
N ILE O 432 -7.70 -3.39 59.54
CA ILE O 432 -8.94 -2.86 58.94
C ILE O 432 -9.08 -1.38 59.26
N ARG O 433 -8.89 -1.02 60.53
CA ARG O 433 -9.01 0.37 60.93
C ARG O 433 -7.95 1.24 60.24
N ARG O 434 -6.73 0.75 60.17
CA ARG O 434 -5.66 1.52 59.53
C ARG O 434 -5.95 1.73 58.04
N TYR O 435 -6.43 0.69 57.36
CA TYR O 435 -6.75 0.83 55.94
C TYR O 435 -7.91 1.79 55.73
N PHE O 436 -8.94 1.71 56.59
CA PHE O 436 -10.07 2.62 56.45
C PHE O 436 -9.63 4.07 56.67
N ASN O 437 -8.79 4.31 57.68
CA ASN O 437 -8.28 5.66 57.93
C ASN O 437 -7.44 6.15 56.75
N TYR O 438 -6.60 5.27 56.19
CA TYR O 438 -5.78 5.66 55.06
C TYR O 438 -6.62 6.03 53.86
N LEU O 439 -7.65 5.22 53.56
CA LEU O 439 -8.53 5.54 52.43
C LEU O 439 -9.28 6.84 52.65
N GLU O 440 -9.80 7.05 53.86
CA GLU O 440 -10.51 8.29 54.16
C GLU O 440 -9.58 9.49 54.00
N GLU O 441 -8.36 9.40 54.52
CA GLU O 441 -7.42 10.51 54.41
C GLU O 441 -7.05 10.78 52.96
N SER O 442 -6.83 9.73 52.18
CA SER O 442 -6.48 9.91 50.77
C SER O 442 -7.61 10.59 50.01
N ILE O 443 -8.85 10.15 50.24
CA ILE O 443 -9.99 10.75 49.55
C ILE O 443 -10.17 12.21 49.97
N LEU O 444 -10.04 12.49 51.27
CA LEU O 444 -10.21 13.87 51.75
C LEU O 444 -9.13 14.78 51.19
N ILE O 445 -7.89 14.29 51.11
CA ILE O 445 -6.81 15.09 50.53
C ILE O 445 -7.05 15.33 49.05
N GLY O 446 -7.48 14.30 48.32
CA GLY O 446 -7.67 14.44 46.89
C GLY O 446 -8.89 15.26 46.50
N THR O 447 -9.89 15.36 47.38
CA THR O 447 -11.10 16.12 47.09
C THR O 447 -11.08 17.52 47.69
N GLN O 448 -9.91 18.14 47.76
CA GLN O 448 -9.81 19.49 48.31
C GLN O 448 -10.31 20.55 47.34
N TRP O 449 -10.25 20.28 46.03
CA TRP O 449 -10.64 21.26 45.03
C TRP O 449 -12.14 21.45 44.93
N VAL O 450 -12.95 20.62 45.60
CA VAL O 450 -14.40 20.71 45.49
C VAL O 450 -14.98 21.95 46.14
N VAL O 451 -14.17 22.70 46.89
CA VAL O 451 -14.68 23.88 47.58
C VAL O 451 -15.06 24.95 46.56
N PHE O 452 -16.24 25.53 46.74
CA PHE O 452 -16.84 26.59 45.92
C PHE O 452 -17.26 26.11 44.53
N GLU O 453 -17.05 24.84 44.19
CA GLU O 453 -17.57 24.32 42.94
C GLU O 453 -19.08 24.13 43.04
N PRO O 454 -19.82 24.34 41.96
CA PRO O 454 -21.28 24.19 42.02
C PRO O 454 -21.67 22.75 42.36
N ASN O 455 -22.76 22.62 43.12
CA ASN O 455 -23.25 21.31 43.55
C ASN O 455 -24.28 20.83 42.52
N ASP O 456 -23.76 20.22 41.46
CA ASP O 456 -24.60 19.66 40.40
C ASP O 456 -24.11 18.28 40.00
N HIS O 457 -24.64 17.74 38.90
CA HIS O 457 -24.24 16.40 38.46
C HIS O 457 -22.78 16.36 38.00
N ASN O 458 -22.22 17.49 37.57
CA ASN O 458 -20.84 17.50 37.12
C ASN O 458 -19.88 17.18 38.25
N LEU O 459 -20.10 17.79 39.42
CA LEU O 459 -19.23 17.52 40.57
C LEU O 459 -19.36 16.06 41.00
N TRP O 460 -20.59 15.53 41.01
CA TRP O 460 -20.77 14.14 41.41
C TRP O 460 -20.09 13.19 40.44
N ALA O 461 -20.20 13.47 39.13
CA ALA O 461 -19.53 12.62 38.14
C ALA O 461 -18.01 12.69 38.29
N ARG O 462 -17.47 13.89 38.52
CA ARG O 462 -16.03 14.02 38.71
C ARG O 462 -15.57 13.26 39.95
N ILE O 463 -16.31 13.38 41.05
CA ILE O 463 -15.95 12.69 42.28
C ILE O 463 -15.99 11.18 42.08
N ARG O 464 -17.05 10.69 41.44
CA ARG O 464 -17.16 9.25 41.19
C ARG O 464 -16.00 8.76 40.32
N ARG O 465 -15.67 9.50 39.27
CA ARG O 465 -14.58 9.08 38.38
C ARG O 465 -13.25 9.06 39.12
N ASN O 466 -12.98 10.10 39.91
CA ASN O 466 -11.70 10.16 40.64
C ASN O 466 -11.61 9.04 41.67
N VAL O 467 -12.68 8.81 42.43
CA VAL O 467 -12.62 7.76 43.45
C VAL O 467 -12.50 6.38 42.82
N SER O 468 -13.21 6.15 41.71
CA SER O 468 -13.09 4.86 41.02
C SER O 468 -11.67 4.65 40.49
N ALA O 469 -11.08 5.70 39.89
CA ALA O 469 -9.71 5.57 39.38
C ALA O 469 -8.72 5.36 40.51
N PHE O 470 -9.00 5.91 41.70
CA PHE O 470 -8.12 5.67 42.84
C PHE O 470 -8.26 4.24 43.36
N LEU O 471 -9.49 3.75 43.48
CA LEU O 471 -9.73 2.46 44.13
C LEU O 471 -9.51 1.27 43.21
N VAL O 472 -9.51 1.47 41.90
CA VAL O 472 -9.21 0.35 41.00
C VAL O 472 -7.77 -0.12 41.19
N ASN O 473 -6.86 0.82 41.46
CA ASN O 473 -5.48 0.45 41.73
C ASN O 473 -5.38 -0.33 43.04
N GLU O 474 -6.16 0.05 44.05
CA GLU O 474 -6.18 -0.70 45.29
C GLU O 474 -6.71 -2.11 45.07
N TRP O 475 -7.75 -2.25 44.25
CA TRP O 475 -8.27 -3.57 43.93
C TRP O 475 -7.24 -4.42 43.19
N ARG O 476 -6.50 -3.80 42.25
CA ARG O 476 -5.50 -4.55 41.49
C ARG O 476 -4.39 -5.07 42.38
N ASN O 477 -4.00 -4.29 43.40
CA ASN O 477 -2.93 -4.69 44.30
C ASN O 477 -3.33 -5.83 45.22
N GLY O 478 -4.61 -6.20 45.26
CA GLY O 478 -5.06 -7.29 46.10
C GLY O 478 -5.47 -6.89 47.50
N ALA O 479 -5.41 -5.61 47.83
CA ALA O 479 -5.86 -5.16 49.15
C ALA O 479 -7.34 -5.44 49.35
N LEU O 480 -8.15 -5.17 48.33
CA LEU O 480 -9.57 -5.48 48.37
C LEU O 480 -9.80 -6.89 47.84
N PHE O 481 -11.01 -7.42 48.09
CA PHE O 481 -11.35 -8.78 47.70
C PHE O 481 -12.45 -8.69 46.66
N GLY O 482 -12.29 -9.41 45.56
CA GLY O 482 -13.30 -9.45 44.52
C GLY O 482 -12.75 -9.85 43.17
N GLN O 483 -13.48 -10.69 42.45
CA GLN O 483 -13.06 -11.13 41.12
C GLN O 483 -13.02 -9.96 40.15
N SER O 484 -14.00 -9.09 40.24
CA SER O 484 -14.10 -7.90 39.41
C SER O 484 -14.27 -6.67 40.29
N PRO O 485 -13.94 -5.48 39.77
CA PRO O 485 -14.00 -4.28 40.62
C PRO O 485 -15.37 -4.02 41.21
N ASP O 486 -16.45 -4.38 40.51
CA ASP O 486 -17.79 -4.12 41.02
C ASP O 486 -18.08 -4.89 42.31
N GLN O 487 -17.55 -6.11 42.43
CA GLN O 487 -17.73 -6.90 43.65
C GLN O 487 -16.72 -6.56 44.74
N ALA O 488 -15.70 -5.76 44.43
CA ALA O 488 -14.69 -5.40 45.42
C ALA O 488 -14.93 -4.05 46.06
N TYR O 489 -15.27 -3.04 45.27
CA TYR O 489 -15.58 -1.71 45.79
C TYR O 489 -16.78 -1.16 45.04
N TYR O 490 -17.54 -0.30 45.71
CA TYR O 490 -18.65 0.40 45.07
C TYR O 490 -18.64 1.86 45.51
N VAL O 491 -18.71 2.75 44.55
CA VAL O 491 -18.74 4.19 44.79
C VAL O 491 -20.06 4.73 44.25
N LYS O 492 -20.77 5.46 45.09
CA LYS O 492 -22.07 6.04 44.73
C LYS O 492 -22.15 7.42 45.36
N CYS O 493 -22.33 8.44 44.53
CA CYS O 493 -22.25 9.83 44.98
C CYS O 493 -23.50 10.63 44.69
N ASP O 494 -24.41 10.10 43.86
CA ASP O 494 -25.67 10.80 43.54
C ASP O 494 -26.72 10.50 44.61
N GLU O 495 -27.84 11.24 44.62
CA GLU O 495 -28.95 11.02 45.60
C GLU O 495 -28.56 11.53 46.99
N GLU O 496 -27.47 11.02 47.57
CA GLU O 496 -27.09 11.41 48.96
C GLU O 496 -27.09 12.94 49.07
N THR O 497 -26.55 13.63 48.07
CA THR O 497 -26.56 15.12 48.08
C THR O 497 -27.97 15.60 47.72
N ASN O 498 -28.96 15.28 48.56
CA ASN O 498 -30.37 15.63 48.18
C ASN O 498 -30.49 17.14 47.95
N PRO O 499 -31.12 17.58 46.84
CA PRO O 499 -31.21 18.99 46.44
C PRO O 499 -31.72 19.89 47.55
N PRO O 500 -32.79 19.55 48.28
CA PRO O 500 -33.33 20.50 49.25
C PRO O 500 -32.56 20.63 50.56
N GLU O 501 -31.93 19.58 51.07
CA GLU O 501 -31.22 19.67 52.34
C GLU O 501 -29.73 19.81 52.08
N SER O 502 -29.09 18.83 51.42
CA SER O 502 -27.64 18.83 51.36
C SER O 502 -27.10 19.90 50.42
N VAL O 503 -27.70 20.02 49.23
CA VAL O 503 -27.25 21.03 48.27
C VAL O 503 -27.50 22.43 48.80
N ASP O 504 -28.68 22.67 49.39
CA ASP O 504 -28.99 23.97 49.97
C ASP O 504 -28.06 24.32 51.12
N LEU O 505 -27.76 23.35 52.00
CA LEU O 505 -26.86 23.58 53.11
C LEU O 505 -25.42 23.83 52.67
N GLY O 506 -25.01 23.30 51.53
CA GLY O 506 -23.69 23.56 51.02
C GLY O 506 -22.67 22.46 51.28
N ARG O 507 -23.08 21.20 51.15
CA ARG O 507 -22.19 20.06 51.35
C ARG O 507 -22.44 19.03 50.27
N VAL O 508 -21.42 18.22 49.97
CA VAL O 508 -21.52 17.12 49.01
C VAL O 508 -21.14 15.83 49.73
N VAL O 509 -21.87 14.76 49.44
CA VAL O 509 -21.76 13.49 50.16
C VAL O 509 -21.39 12.40 49.17
N CYS O 510 -20.38 11.61 49.51
CA CYS O 510 -19.95 10.48 48.69
C CYS O 510 -19.96 9.22 49.55
N GLU O 511 -20.60 8.16 49.04
CA GLU O 511 -20.70 6.89 49.73
C GLU O 511 -19.78 5.88 49.05
N ILE O 512 -18.98 5.18 49.86
CA ILE O 512 -17.98 4.25 49.35
C ILE O 512 -18.03 2.98 50.20
N GLY O 513 -18.03 1.85 49.54
CA GLY O 513 -17.98 0.57 50.22
C GLY O 513 -16.86 -0.30 49.69
N ILE O 514 -16.15 -0.95 50.60
CA ILE O 514 -14.97 -1.74 50.27
C ILE O 514 -15.06 -3.10 50.97
N ALA O 515 -14.23 -4.03 50.51
CA ALA O 515 -14.19 -5.39 51.03
C ALA O 515 -12.76 -5.76 51.39
N PRO O 516 -12.34 -5.52 52.63
CA PRO O 516 -10.98 -5.88 53.05
C PRO O 516 -10.88 -7.37 53.35
N VAL O 517 -9.65 -7.80 53.65
CA VAL O 517 -9.34 -9.20 53.90
C VAL O 517 -8.81 -9.33 55.32
N LYS O 518 -9.40 -10.25 56.09
CA LYS O 518 -8.97 -10.48 57.46
C LYS O 518 -7.67 -11.28 57.50
N PRO O 519 -6.81 -11.02 58.48
CA PRO O 519 -5.58 -11.81 58.63
C PRO O 519 -5.85 -13.17 59.24
N ALA O 520 -4.86 -14.05 59.09
CA ALA O 520 -4.91 -15.41 59.63
C ALA O 520 -4.11 -15.43 60.92
N GLU O 521 -4.80 -15.29 62.06
CA GLU O 521 -4.10 -15.21 63.34
C GLU O 521 -3.57 -16.57 63.79
N PHE O 522 -4.37 -17.62 63.63
CA PHE O 522 -4.03 -18.95 64.14
C PHE O 522 -3.79 -19.91 62.99
N VAL O 523 -2.72 -20.69 63.10
CA VAL O 523 -2.40 -21.74 62.14
C VAL O 523 -2.44 -23.07 62.88
N ILE O 524 -3.24 -24.00 62.37
CA ILE O 524 -3.48 -25.28 63.03
C ILE O 524 -3.03 -26.41 62.12
N PHE O 525 -2.23 -27.31 62.65
CA PHE O 525 -1.76 -28.49 61.93
C PHE O 525 -2.22 -29.75 62.64
N ARG O 526 -2.66 -30.74 61.86
CA ARG O 526 -3.12 -32.01 62.41
C ARG O 526 -2.30 -33.13 61.78
N LEU O 527 -1.65 -33.93 62.64
CA LEU O 527 -0.80 -35.03 62.19
C LEU O 527 -1.47 -36.35 62.51
N ALA O 528 -1.55 -37.24 61.52
CA ALA O 528 -2.13 -38.55 61.67
C ALA O 528 -1.08 -39.61 61.38
N GLN O 529 -0.98 -40.60 62.29
CA GLN O 529 0.03 -41.64 62.12
C GLN O 529 -0.22 -42.48 60.87
N PHE O 530 -1.47 -42.87 60.65
CA PHE O 530 -1.79 -43.73 59.53
C PHE O 530 -1.73 -42.96 58.21
N SER O 531 -1.23 -43.62 57.17
CA SER O 531 -1.17 -43.03 55.84
C SER O 531 -1.07 -44.11 54.78
N MET P 1 -28.91 40.51 14.28
CA MET P 1 -27.58 41.09 14.11
C MET P 1 -27.29 41.41 12.64
N ILE P 2 -28.28 41.14 11.78
CA ILE P 2 -28.12 41.46 10.36
C ILE P 2 -28.17 42.97 10.16
N HIS P 3 -29.03 43.54 10.99
CA HIS P 3 -29.30 44.93 11.09
C HIS P 3 -28.35 45.44 12.10
N GLU P 4 -27.10 45.08 11.88
CA GLU P 4 -26.02 45.53 12.68
C GLU P 4 -24.95 45.54 11.64
N VAL P 5 -24.84 44.43 10.94
CA VAL P 5 -23.89 44.25 9.85
C VAL P 5 -24.18 45.24 8.73
N ASP P 6 -25.46 45.49 8.44
CA ASP P 6 -25.84 46.44 7.42
C ASP P 6 -25.37 47.85 7.78
N GLU P 7 -25.56 48.25 9.03
CA GLU P 7 -25.13 49.56 9.49
C GLU P 7 -23.61 49.67 9.41
N VAL P 8 -22.90 48.61 9.80
CA VAL P 8 -21.44 48.62 9.73
C VAL P 8 -20.98 48.77 8.29
N LEU P 9 -21.61 48.05 7.37
CA LEU P 9 -21.25 48.15 5.95
C LEU P 9 -21.51 49.55 5.42
N LYS P 10 -22.66 50.14 5.79
CA LYS P 10 -22.97 51.49 5.34
C LYS P 10 -21.95 52.49 5.86
N ALA P 11 -21.59 52.40 7.14
CA ALA P 11 -20.61 53.31 7.71
C ALA P 11 -19.25 53.13 7.06
N LEU P 12 -18.85 51.89 6.80
CA LEU P 12 -17.56 51.63 6.17
C LEU P 12 -17.52 52.18 4.75
N LEU P 13 -18.59 51.97 3.98
CA LEU P 13 -18.61 52.47 2.60
C LEU P 13 -18.65 53.99 2.57
N LYS P 14 -19.43 54.62 3.46
CA LYS P 14 -19.49 56.07 3.48
C LYS P 14 -18.19 56.67 4.02
N GLY P 15 -17.62 56.06 5.06
CA GLY P 15 -16.43 56.57 5.71
C GLY P 15 -15.11 56.08 5.15
N GLY P 16 -15.13 55.30 4.08
CA GLY P 16 -13.90 54.79 3.51
C GLY P 16 -13.25 55.76 2.54
N ALA P 17 -12.86 55.26 1.37
CA ALA P 17 -12.28 56.11 0.33
C ALA P 17 -13.34 56.86 -0.47
N LEU P 18 -14.62 56.60 -0.23
CA LEU P 18 -15.71 57.30 -0.92
C LEU P 18 -16.06 58.59 -0.19
N THR P 19 -15.04 59.45 -0.06
CA THR P 19 -15.19 60.75 0.59
C THR P 19 -15.38 61.88 -0.40
N ASP P 20 -14.84 61.75 -1.62
CA ASP P 20 -14.93 62.84 -2.60
C ASP P 20 -16.37 63.20 -2.92
N SER P 21 -17.22 62.19 -3.10
CA SER P 21 -18.62 62.41 -3.42
C SER P 21 -19.49 61.61 -2.45
N GLY P 22 -20.63 62.21 -2.09
CA GLY P 22 -21.55 61.56 -1.19
C GLY P 22 -22.48 60.58 -1.89
N ILE P 23 -21.93 59.43 -2.28
CA ILE P 23 -22.75 58.44 -2.96
C ILE P 23 -23.72 57.79 -1.98
N ASP P 24 -24.76 57.18 -2.53
CA ASP P 24 -25.82 56.57 -1.74
C ASP P 24 -25.66 55.05 -1.73
N VAL P 25 -25.66 54.46 -0.54
CA VAL P 25 -25.59 53.02 -0.37
C VAL P 25 -27.00 52.50 -0.13
N ALA P 26 -27.45 51.59 -0.99
CA ALA P 26 -28.81 51.06 -0.94
C ALA P 26 -28.76 49.54 -0.85
N PHE P 27 -29.68 48.99 -0.06
CA PHE P 27 -29.81 47.55 0.11
C PHE P 27 -30.95 46.96 -0.72
N GLU P 28 -31.55 47.75 -1.60
CA GLU P 28 -32.65 47.27 -2.41
C GLU P 28 -32.16 46.25 -3.44
N ALA P 29 -33.05 45.35 -3.83
CA ALA P 29 -32.71 44.33 -4.81
C ALA P 29 -32.45 44.98 -6.17
N PRO P 30 -31.30 44.70 -6.79
CA PRO P 30 -30.97 45.34 -8.09
C PRO P 30 -31.69 44.69 -9.27
N THR P 31 -33.02 44.75 -9.25
CA THR P 31 -33.81 44.22 -10.34
C THR P 31 -33.86 45.25 -11.48
N ARG P 32 -34.49 44.87 -12.59
CA ARG P 32 -34.63 45.78 -13.72
C ARG P 32 -35.47 46.99 -13.34
N ASP P 33 -36.56 46.78 -12.59
CA ASP P 33 -37.40 47.89 -12.17
C ASP P 33 -36.63 48.86 -11.27
N TRP P 34 -35.83 48.33 -10.34
CA TRP P 34 -35.02 49.19 -9.48
C TRP P 34 -33.96 49.93 -10.28
N ALA P 35 -33.35 49.24 -11.26
CA ALA P 35 -32.31 49.86 -12.07
C ALA P 35 -32.86 50.91 -13.02
N ALA P 36 -34.12 50.83 -13.39
CA ALA P 36 -34.71 51.76 -14.34
C ALA P 36 -35.20 53.05 -13.70
N ARG P 37 -35.09 53.19 -12.38
CA ARG P 37 -35.55 54.38 -11.69
C ARG P 37 -34.44 55.23 -11.09
N ARG P 38 -33.30 54.64 -10.76
CA ARG P 38 -32.20 55.39 -10.16
C ARG P 38 -31.62 56.39 -11.16
N ASN P 39 -31.25 57.56 -10.66
CA ASN P 39 -30.67 58.61 -11.50
C ASN P 39 -29.39 59.19 -10.91
N ALA P 40 -28.83 58.57 -9.87
CA ALA P 40 -27.61 59.04 -9.24
C ALA P 40 -26.66 57.86 -9.05
N PRO P 41 -25.35 58.12 -9.02
CA PRO P 41 -24.39 57.03 -8.76
C PRO P 41 -24.61 56.43 -7.38
N VAL P 42 -24.86 55.13 -7.33
CA VAL P 42 -25.21 54.45 -6.09
C VAL P 42 -24.40 53.17 -5.97
N VAL P 43 -24.36 52.64 -4.75
CA VAL P 43 -23.73 51.36 -4.45
C VAL P 43 -24.77 50.45 -3.83
N ASN P 44 -25.05 49.33 -4.50
CA ASN P 44 -26.02 48.36 -4.04
C ASN P 44 -25.33 47.26 -3.26
N ALA P 45 -25.87 46.94 -2.09
CA ALA P 45 -25.30 45.97 -1.16
C ALA P 45 -26.32 44.89 -0.81
N TYR P 46 -26.92 44.30 -1.83
CA TYR P 46 -28.09 43.45 -1.64
C TYR P 46 -27.72 42.16 -0.91
N LEU P 47 -28.45 41.85 0.16
CA LEU P 47 -28.25 40.59 0.86
C LEU P 47 -28.75 39.43 0.00
N TYR P 48 -27.94 38.38 -0.10
CA TYR P 48 -28.23 37.25 -0.98
C TYR P 48 -28.72 36.02 -0.24
N ASP P 49 -27.96 35.54 0.75
CA ASP P 49 -28.40 34.36 1.49
C ASP P 49 -27.74 34.36 2.87
N ILE P 50 -28.28 33.53 3.76
CA ILE P 50 -27.75 33.33 5.10
C ILE P 50 -27.40 31.85 5.25
N ARG P 51 -26.17 31.58 5.66
CA ARG P 51 -25.70 30.21 5.84
C ARG P 51 -24.83 30.14 7.09
N GLU P 52 -24.97 29.05 7.84
CA GLU P 52 -24.22 28.87 9.06
C GLU P 52 -22.83 28.31 8.76
N ASP P 53 -21.80 28.89 9.39
CA ASP P 53 -20.44 28.42 9.25
C ASP P 53 -20.25 27.19 10.12
N VAL P 54 -20.53 26.02 9.55
CA VAL P 54 -20.44 24.77 10.31
C VAL P 54 -19.01 24.47 10.68
N GLY P 55 -18.04 24.91 9.87
CA GLY P 55 -16.64 24.61 10.16
C GLY P 55 -16.09 25.35 11.37
N ARG P 56 -16.70 26.45 11.75
CA ARG P 56 -16.25 27.25 12.89
C ARG P 56 -17.10 27.03 14.13
N ARG P 57 -17.97 26.03 14.13
CA ARG P 57 -18.83 25.78 15.28
C ARG P 57 -18.09 25.03 16.37
N HIS P 58 -18.30 25.46 17.61
CA HIS P 58 -17.70 24.83 18.79
C HIS P 58 -18.80 24.47 19.77
N ARG P 59 -18.68 23.29 20.39
CA ARG P 59 -19.67 22.78 21.32
C ARG P 59 -19.01 22.50 22.66
N GLY P 60 -19.64 22.98 23.73
CA GLY P 60 -19.11 22.78 25.07
C GLY P 60 -19.76 23.69 26.09
N GLN P 61 -19.81 23.25 27.35
CA GLN P 61 -20.43 24.03 28.42
C GLN P 61 -19.46 25.09 28.91
N VAL P 62 -19.59 26.29 28.35
CA VAL P 62 -18.73 27.40 28.73
C VAL P 62 -19.19 27.95 30.07
N ALA P 63 -18.25 28.11 31.00
CA ALA P 63 -18.57 28.60 32.33
C ALA P 63 -18.64 30.12 32.33
N VAL P 64 -19.61 30.66 33.06
CA VAL P 64 -19.78 32.10 33.24
C VAL P 64 -19.83 32.38 34.73
N ARG P 65 -18.94 33.25 35.20
CA ARG P 65 -18.78 33.52 36.62
C ARG P 65 -19.05 34.99 36.90
N ASP P 66 -19.45 35.27 38.14
CA ASP P 66 -19.72 36.63 38.58
C ASP P 66 -18.44 37.23 39.18
N GLN P 67 -18.58 38.36 39.87
CA GLN P 67 -17.44 39.05 40.45
C GLN P 67 -16.79 38.27 41.59
N ASP P 68 -17.44 37.22 42.09
CA ASP P 68 -16.90 36.40 43.17
C ASP P 68 -15.99 35.28 42.68
N ASP P 69 -15.65 35.27 41.39
CA ASP P 69 -14.77 34.27 40.80
C ASP P 69 -15.34 32.85 40.94
N ILE P 70 -16.67 32.74 41.00
CA ILE P 70 -17.35 31.46 41.07
C ILE P 70 -18.34 31.39 39.91
N VAL P 71 -18.33 30.26 39.18
CA VAL P 71 -19.20 30.10 38.04
C VAL P 71 -20.65 30.02 38.50
N VAL P 72 -21.54 30.72 37.79
CA VAL P 72 -22.94 30.76 38.16
C VAL P 72 -23.82 30.41 36.96
N LYS P 73 -23.24 30.41 35.76
CA LYS P 73 -24.00 30.09 34.57
C LYS P 73 -23.21 29.16 33.67
N ARG P 74 -23.93 28.37 32.87
CA ARG P 74 -23.35 27.52 31.85
C ARG P 74 -24.00 27.83 30.52
N ARG P 75 -23.20 28.21 29.53
CA ARG P 75 -23.71 28.59 28.22
C ARG P 75 -23.03 27.80 27.12
N GLN P 76 -23.29 28.16 25.87
CA GLN P 76 -22.68 27.50 24.73
C GLN P 76 -21.97 28.52 23.85
N PRO P 77 -20.92 28.10 23.14
CA PRO P 77 -20.20 29.03 22.27
C PRO P 77 -21.10 29.56 21.17
N PRO P 78 -20.92 30.82 20.77
CA PRO P 78 -21.77 31.39 19.71
C PRO P 78 -21.55 30.66 18.39
N ARG P 79 -22.61 30.61 17.59
CA ARG P 79 -22.55 29.96 16.28
C ARG P 79 -22.42 31.03 15.20
N TRP P 80 -21.50 30.81 14.28
CA TRP P 80 -21.19 31.79 13.25
C TRP P 80 -22.04 31.57 12.02
N PHE P 81 -22.58 32.66 11.47
CA PHE P 81 -23.40 32.63 10.27
C PHE P 81 -22.75 33.47 9.18
N ARG P 82 -22.74 32.95 7.96
CA ARG P 82 -22.13 33.63 6.82
C ARG P 82 -23.22 34.39 6.07
N LEU P 83 -23.13 35.72 6.09
CA LEU P 83 -24.03 36.58 5.35
C LEU P 83 -23.34 37.06 4.09
N SER P 84 -23.98 36.84 2.94
CA SER P 84 -23.41 37.19 1.64
C SER P 84 -24.11 38.44 1.11
N TYR P 85 -23.31 39.38 0.61
CA TYR P 85 -23.80 40.61 0.02
C TYR P 85 -23.28 40.72 -1.40
N LEU P 86 -24.19 40.92 -2.33
CA LEU P 86 -23.84 41.28 -3.71
C LEU P 86 -23.66 42.79 -3.76
N VAL P 87 -22.44 43.23 -4.04
CA VAL P 87 -22.08 44.65 -4.05
C VAL P 87 -21.84 45.06 -5.50
N THR P 88 -22.58 46.07 -5.94
CA THR P 88 -22.47 46.58 -7.30
C THR P 88 -22.44 48.09 -7.28
N ALA P 89 -21.86 48.67 -8.33
CA ALA P 89 -21.79 50.12 -8.50
C ALA P 89 -22.61 50.51 -9.72
N TRP P 90 -23.45 51.53 -9.58
CA TRP P 90 -24.34 51.96 -10.64
C TRP P 90 -24.12 53.44 -10.94
N THR P 91 -23.89 53.75 -12.22
CA THR P 91 -23.75 55.12 -12.68
C THR P 91 -24.05 55.15 -14.17
N LYS P 92 -23.90 56.33 -14.78
CA LYS P 92 -24.30 56.53 -16.16
C LYS P 92 -23.22 56.19 -17.18
N THR P 93 -22.00 55.88 -16.74
CA THR P 93 -20.92 55.60 -17.67
C THR P 93 -20.17 54.34 -17.23
N PRO P 94 -19.89 53.41 -18.14
CA PRO P 94 -19.18 52.18 -17.72
C PRO P 94 -17.81 52.43 -17.11
N GLN P 95 -17.07 53.42 -17.61
CA GLN P 95 -15.76 53.71 -17.01
C GLN P 95 -15.91 54.25 -15.60
N ASP P 96 -16.93 55.08 -15.38
CA ASP P 96 -17.21 55.54 -14.02
C ASP P 96 -17.68 54.40 -13.13
N GLU P 97 -18.42 53.44 -13.68
CA GLU P 97 -18.79 52.25 -12.93
C GLU P 97 -17.56 51.46 -12.51
N HIS P 98 -16.61 51.30 -13.43
CA HIS P 98 -15.36 50.61 -13.09
C HIS P 98 -14.57 51.37 -12.04
N ARG P 99 -14.55 52.70 -12.13
CA ARG P 99 -13.86 53.50 -11.13
C ARG P 99 -14.50 53.32 -9.75
N LEU P 100 -15.84 53.35 -9.69
CA LEU P 100 -16.52 53.16 -8.42
C LEU P 100 -16.28 51.76 -7.86
N LEU P 101 -16.29 50.74 -8.72
CA LEU P 101 -16.01 49.39 -8.25
C LEU P 101 -14.59 49.27 -7.73
N SER P 102 -13.63 49.90 -8.41
CA SER P 102 -12.24 49.89 -7.93
C SER P 102 -12.12 50.59 -6.59
N ALA P 103 -12.82 51.71 -6.42
CA ALA P 103 -12.80 52.41 -5.13
C ALA P 103 -13.40 51.56 -4.02
N VAL P 104 -14.49 50.84 -4.33
CA VAL P 104 -15.11 49.95 -3.34
C VAL P 104 -14.14 48.83 -2.97
N LEU P 105 -13.47 48.25 -3.96
CA LEU P 105 -12.46 47.23 -3.70
C LEU P 105 -11.35 47.78 -2.81
N ALA P 106 -10.89 49.00 -3.09
CA ALA P 106 -9.82 49.59 -2.30
C ALA P 106 -10.26 49.85 -0.87
N THR P 107 -11.50 50.29 -0.65
CA THR P 107 -11.93 50.62 0.71
C THR P 107 -12.26 49.36 1.51
N LEU P 108 -12.69 48.28 0.83
CA LEU P 108 -13.01 47.05 1.56
C LEU P 108 -11.83 46.10 1.67
N LEU P 109 -10.74 46.34 0.93
CA LEU P 109 -9.61 45.41 0.98
C LEU P 109 -8.92 45.37 2.34
N PRO P 110 -8.54 46.50 2.97
CA PRO P 110 -7.69 46.43 4.16
C PRO P 110 -8.39 45.98 5.43
N ARG P 111 -9.61 45.46 5.37
CA ARG P 111 -10.35 45.04 6.55
C ARG P 111 -10.63 43.55 6.44
N GLU P 112 -9.70 42.73 6.95
CA GLU P 112 -9.92 41.30 7.00
C GLU P 112 -10.95 40.93 8.06
N GLN P 113 -10.84 41.51 9.24
CA GLN P 113 -11.79 41.32 10.33
C GLN P 113 -12.30 42.68 10.78
N LEU P 114 -13.15 42.67 11.82
CA LEU P 114 -13.72 43.89 12.36
C LEU P 114 -13.51 43.89 13.87
N PRO P 115 -12.72 44.81 14.43
CA PRO P 115 -12.57 44.87 15.88
C PRO P 115 -13.86 45.28 16.53
N PRO P 116 -14.14 44.81 17.74
CA PRO P 116 -15.43 45.06 18.38
C PRO P 116 -15.54 46.40 19.10
N TYR P 117 -14.63 47.34 18.89
CA TYR P 117 -14.72 48.64 19.56
C TYR P 117 -15.43 49.69 18.71
N GLU P 118 -15.86 49.35 17.50
CA GLU P 118 -16.63 50.25 16.66
C GLU P 118 -17.98 49.69 16.25
N LEU P 119 -18.24 48.41 16.51
CA LEU P 119 -19.51 47.81 16.14
C LEU P 119 -20.65 48.35 17.02
N PRO P 120 -21.89 48.25 16.55
CA PRO P 120 -23.03 48.71 17.38
C PRO P 120 -23.20 47.88 18.64
N GLY P 121 -24.21 48.22 19.44
CA GLY P 121 -24.34 47.60 20.75
C GLY P 121 -24.53 46.10 20.68
N ALA P 122 -25.43 45.64 19.79
CA ALA P 122 -25.70 44.22 19.69
C ALA P 122 -24.46 43.44 19.24
N LEU P 123 -23.73 43.97 18.25
CA LEU P 123 -22.52 43.30 17.81
C LEU P 123 -21.36 43.56 18.78
N GLY P 124 -21.32 44.75 19.38
CA GLY P 124 -20.23 45.09 20.29
C GLY P 124 -20.29 44.35 21.61
N ALA P 125 -21.47 43.87 22.02
CA ALA P 125 -21.58 43.10 23.25
C ALA P 125 -20.89 41.74 23.15
N MET P 126 -20.62 41.27 21.93
CA MET P 126 -19.97 39.97 21.76
C MET P 126 -18.49 40.03 22.10
N ASN P 127 -17.85 41.17 21.84
CA ASN P 127 -16.40 41.34 22.05
C ASN P 127 -15.60 40.28 21.27
N LEU P 128 -16.07 39.98 20.07
CA LEU P 128 -15.44 38.99 19.21
C LEU P 128 -15.18 39.59 17.84
N PRO P 129 -14.11 39.16 17.16
CA PRO P 129 -13.86 39.66 15.81
C PRO P 129 -14.90 39.18 14.83
N VAL P 130 -15.14 40.00 13.81
CA VAL P 130 -16.11 39.68 12.77
C VAL P 130 -15.38 39.59 11.43
N PRO P 131 -15.02 38.39 10.98
CA PRO P 131 -14.29 38.27 9.72
C PRO P 131 -15.11 38.79 8.54
N MET P 132 -14.41 39.41 7.59
CA MET P 132 -15.03 39.96 6.38
C MET P 132 -14.15 39.62 5.20
N THR P 133 -14.71 38.93 4.21
CA THR P 133 -14.01 38.60 2.98
C THR P 133 -14.68 39.30 1.80
N VAL P 134 -13.87 39.85 0.91
CA VAL P 134 -14.40 40.67 -0.17
C VAL P 134 -14.68 39.84 -1.42
N ALA P 135 -13.67 39.16 -1.97
CA ALA P 135 -13.87 38.38 -3.18
C ALA P 135 -13.13 37.05 -3.10
N GLY P 136 -13.25 36.37 -1.96
CA GLY P 136 -12.55 35.10 -1.77
C GLY P 136 -12.89 34.03 -2.79
N VAL P 137 -14.15 33.93 -3.18
CA VAL P 137 -14.55 32.95 -4.18
C VAL P 137 -15.83 33.39 -4.89
N SER P 143 -21.60 30.70 -11.11
CA SER P 143 -22.82 30.56 -10.31
C SER P 143 -23.52 31.90 -10.15
N LEU P 144 -22.80 32.99 -10.43
CA LEU P 144 -23.39 34.32 -10.30
C LEU P 144 -24.45 34.56 -11.36
N ALA P 145 -24.34 33.89 -12.52
CA ALA P 145 -25.35 34.05 -13.55
C ALA P 145 -26.71 33.55 -13.07
N GLU P 146 -26.74 32.40 -12.41
CA GLU P 146 -28.00 31.88 -11.88
C GLU P 146 -28.55 32.80 -10.79
N ILE P 147 -27.68 33.35 -9.95
CA ILE P 147 -28.13 34.25 -8.90
C ILE P 147 -28.76 35.50 -9.50
N TRP P 148 -28.13 36.06 -10.52
CA TRP P 148 -28.68 37.25 -11.16
C TRP P 148 -29.98 36.93 -11.91
N SER P 149 -30.06 35.76 -12.54
CA SER P 149 -31.29 35.37 -13.23
C SER P 149 -32.44 35.19 -12.26
N ALA P 150 -32.19 34.53 -11.12
CA ALA P 150 -33.25 34.36 -10.12
C ALA P 150 -33.62 35.68 -9.46
N LEU P 151 -32.64 36.57 -9.28
CA LEU P 151 -32.92 37.88 -8.71
C LEU P 151 -33.80 38.71 -9.63
N GLY P 152 -33.68 38.51 -10.95
CA GLY P 152 -34.45 39.25 -11.91
C GLY P 152 -33.66 40.32 -12.66
N GLY P 153 -32.44 40.62 -12.23
CA GLY P 153 -31.62 41.61 -12.87
C GLY P 153 -30.78 41.02 -13.99
N GLU P 154 -29.82 41.82 -14.45
CA GLU P 154 -28.91 41.43 -15.52
C GLU P 154 -27.49 41.36 -14.97
N LEU P 155 -26.70 40.44 -15.53
CA LEU P 155 -25.36 40.18 -15.01
C LEU P 155 -24.49 41.42 -15.09
N LYS P 156 -23.84 41.74 -13.98
CA LYS P 156 -22.92 42.86 -13.87
C LYS P 156 -21.77 42.44 -12.98
N PRO P 157 -20.61 43.07 -13.12
CA PRO P 157 -19.52 42.81 -12.17
C PRO P 157 -19.97 43.10 -10.75
N SER P 158 -19.62 42.22 -9.83
CA SER P 158 -20.13 42.32 -8.47
C SER P 158 -19.12 41.76 -7.48
N LEU P 159 -19.31 42.12 -6.22
CA LEU P 159 -18.48 41.67 -5.12
C LEU P 159 -19.31 40.77 -4.22
N ASP P 160 -18.74 39.64 -3.82
CA ASP P 160 -19.41 38.69 -2.92
C ASP P 160 -18.84 38.90 -1.52
N LEU P 161 -19.36 39.89 -0.81
CA LEU P 161 -18.88 40.23 0.52
C LEU P 161 -19.47 39.27 1.54
N VAL P 162 -18.62 38.48 2.17
CA VAL P 162 -19.02 37.48 3.16
C VAL P 162 -18.66 38.00 4.54
N VAL P 163 -19.65 38.10 5.42
CA VAL P 163 -19.47 38.56 6.79
C VAL P 163 -19.87 37.44 7.74
N THR P 164 -18.99 37.14 8.69
CA THR P 164 -19.22 36.05 9.63
C THR P 164 -19.75 36.63 10.93
N ALA P 165 -21.06 36.64 11.09
CA ALA P 165 -21.70 37.20 12.27
C ALA P 165 -21.88 36.13 13.33
N PRO P 166 -21.35 36.28 14.58
CA PRO P 166 -21.44 35.21 15.57
C PRO P 166 -22.79 35.20 16.32
N PHE P 167 -23.82 34.64 15.70
CA PHE P 167 -25.15 34.56 16.36
C PHE P 167 -25.01 33.74 17.65
N PRO P 168 -25.62 34.16 18.79
CA PRO P 168 -25.43 33.47 20.07
C PRO P 168 -26.42 32.34 20.38
N ALA P 169 -25.91 31.21 20.85
CA ALA P 169 -26.79 30.10 21.28
C ALA P 169 -26.82 30.13 22.81
N TYR P 170 -27.85 30.74 23.39
CA TYR P 170 -27.90 30.91 24.87
C TYR P 170 -28.80 29.86 25.52
N PRO P 171 -28.24 28.78 26.12
CA PRO P 171 -29.05 27.80 26.85
C PRO P 171 -29.24 28.29 28.29
N GLU P 172 -28.34 29.15 28.77
CA GLU P 172 -28.45 29.72 30.14
C GLU P 172 -28.69 28.61 31.16
N TYR P 173 -27.97 27.49 31.06
CA TYR P 173 -28.09 26.41 32.06
C TYR P 173 -27.54 26.93 33.40
N ASP P 174 -28.37 26.89 34.45
CA ASP P 174 -27.96 27.47 35.75
C ASP P 174 -27.10 26.46 36.50
N ALA P 175 -26.27 26.92 37.43
CA ALA P 175 -25.35 26.02 38.17
C ALA P 175 -25.67 26.01 39.66
N GLY P 176 -25.50 24.87 40.32
CA GLY P 176 -25.84 24.70 41.72
C GLY P 176 -25.09 25.65 42.62
N PRO P 177 -25.55 25.78 43.87
CA PRO P 177 -24.87 26.67 44.80
C PRO P 177 -23.46 26.17 45.09
N PRO P 178 -22.53 27.07 45.35
CA PRO P 178 -21.15 26.66 45.61
C PRO P 178 -21.05 25.85 46.90
N VAL P 179 -20.08 24.94 46.92
CA VAL P 179 -19.83 24.08 48.06
C VAL P 179 -18.94 24.84 49.04
N THR P 180 -19.47 25.16 50.21
CA THR P 180 -18.74 25.91 51.23
C THR P 180 -18.33 25.08 52.43
N GLU P 181 -19.05 24.00 52.72
CA GLU P 181 -18.71 23.14 53.85
C GLU P 181 -17.74 22.03 53.48
N GLY P 182 -17.24 22.01 52.24
CA GLY P 182 -16.33 20.98 51.81
C GLY P 182 -17.06 19.70 51.46
N ALA P 183 -16.27 18.63 51.34
CA ALA P 183 -16.77 17.31 50.97
C ALA P 183 -16.65 16.36 52.15
N THR P 184 -17.71 15.57 52.37
CA THR P 184 -17.70 14.52 53.38
C THR P 184 -17.80 13.17 52.70
N VAL P 185 -17.10 12.19 53.26
CA VAL P 185 -16.99 10.86 52.67
C VAL P 185 -17.49 9.84 53.68
N ARG P 186 -18.29 8.88 53.22
CA ARG P 186 -18.80 7.80 54.05
C ARG P 186 -18.22 6.48 53.54
N ILE P 187 -17.65 5.70 54.45
CA ILE P 187 -16.96 4.46 54.09
C ILE P 187 -17.55 3.31 54.88
N GLY P 188 -17.39 2.11 54.35
CA GLY P 188 -17.94 0.93 55.00
C GLY P 188 -17.74 -0.29 54.13
N GLY P 189 -18.47 -1.35 54.47
CA GLY P 189 -18.38 -2.60 53.72
C GLY P 189 -19.34 -2.61 52.55
N VAL P 190 -18.91 -3.26 51.47
CA VAL P 190 -19.74 -3.34 50.27
C VAL P 190 -21.00 -4.15 50.55
N GLU P 191 -20.86 -5.27 51.26
CA GLU P 191 -22.00 -6.09 51.61
C GLU P 191 -22.73 -5.62 52.86
N GLY P 192 -22.22 -4.58 53.51
CA GLY P 192 -22.87 -4.02 54.68
C GLY P 192 -22.54 -4.69 55.99
N ASP P 193 -21.50 -5.53 56.04
CA ASP P 193 -21.11 -6.14 57.32
C ASP P 193 -20.72 -5.11 58.36
N PRO P 194 -19.85 -4.14 58.07
CA PRO P 194 -19.70 -3.00 58.99
C PRO P 194 -20.66 -1.89 58.62
N PRO P 195 -21.36 -1.32 59.60
CA PRO P 195 -22.29 -0.22 59.30
C PRO P 195 -21.55 0.99 58.75
N MET P 196 -22.21 1.70 57.85
CA MET P 196 -21.62 2.89 57.24
C MET P 196 -21.42 3.98 58.29
N SER P 197 -20.27 4.63 58.22
CA SER P 197 -19.92 5.69 59.16
C SER P 197 -20.17 7.06 58.54
N GLU P 198 -20.27 8.07 59.41
CA GLU P 198 -20.41 9.44 58.93
C GLU P 198 -19.17 9.89 58.18
N GLY P 199 -17.99 9.55 58.68
CA GLY P 199 -16.75 9.80 57.98
C GLY P 199 -16.23 11.22 58.05
N ARG P 200 -16.92 12.12 58.75
CA ARG P 200 -16.50 13.51 58.91
C ARG P 200 -16.34 14.20 57.56
N SER P 201 -15.70 15.36 57.55
CA SER P 201 -15.56 16.15 56.34
C SER P 201 -14.25 16.91 56.41
N HIS P 202 -14.08 17.89 55.51
CA HIS P 202 -12.87 18.68 55.46
C HIS P 202 -12.72 19.52 56.72
N ARG P 203 -11.48 19.57 57.23
CA ARG P 203 -11.19 20.37 58.44
C ARG P 203 -11.22 21.86 58.07
N PRO P 204 -11.59 22.76 59.00
CA PRO P 204 -11.71 24.19 58.69
C PRO P 204 -10.44 24.80 58.10
N HIS P 205 -9.26 24.35 58.53
CA HIS P 205 -8.04 24.89 57.99
C HIS P 205 -7.85 24.48 56.53
N GLN P 206 -8.31 23.28 56.16
CA GLN P 206 -8.26 22.87 54.76
C GLN P 206 -9.14 23.76 53.90
N VAL P 207 -10.35 24.06 54.38
CA VAL P 207 -11.25 24.94 53.64
C VAL P 207 -10.64 26.34 53.52
N ALA P 208 -10.04 26.84 54.60
CA ALA P 208 -9.41 28.15 54.55
C ALA P 208 -8.26 28.17 53.56
N ALA P 209 -7.43 27.13 53.55
CA ALA P 209 -6.32 27.06 52.60
C ALA P 209 -6.83 27.00 51.16
N ALA P 210 -7.89 26.22 50.92
CA ALA P 210 -8.47 26.14 49.58
C ALA P 210 -9.01 27.49 49.14
N ARG P 211 -9.68 28.22 50.05
CA ARG P 211 -10.21 29.53 49.69
C ARG P 211 -9.10 30.56 49.50
N ALA P 212 -7.98 30.42 50.22
CA ALA P 212 -6.87 31.35 50.06
C ALA P 212 -6.09 31.09 48.79
N ALA P 213 -5.95 29.82 48.38
CA ALA P 213 -5.20 29.49 47.18
C ALA P 213 -5.91 29.91 45.90
N ARG P 214 -7.18 30.30 45.97
CA ARG P 214 -7.89 30.75 44.78
C ARG P 214 -7.25 32.00 44.19
N LYS P 215 -6.84 32.94 45.04
CA LYS P 215 -6.22 34.17 44.59
C LYS P 215 -4.87 33.91 43.95
N ALA Q 15 30.26 38.10 9.07
CA ALA Q 15 29.75 37.04 9.92
C ALA Q 15 29.02 37.62 11.12
N SER Q 16 29.05 38.95 11.24
CA SER Q 16 28.40 39.64 12.35
C SER Q 16 26.99 40.11 12.02
N GLY Q 17 26.49 39.81 10.82
CA GLY Q 17 25.16 40.25 10.43
C GLY Q 17 24.17 39.12 10.24
N SER Q 18 24.65 37.88 10.30
CA SER Q 18 23.76 36.74 10.11
C SER Q 18 23.96 35.61 11.11
N ARG Q 19 25.07 35.57 11.85
CA ARG Q 19 25.30 34.44 12.76
C ARG Q 19 24.54 34.66 14.07
N PRO Q 20 23.98 33.60 14.65
CA PRO Q 20 23.31 33.71 15.94
C PRO Q 20 24.32 33.80 17.08
N ILE Q 21 23.81 33.82 18.31
CA ILE Q 21 24.66 33.92 19.48
C ILE Q 21 25.38 32.60 19.71
N GLU Q 22 26.70 32.65 19.81
CA GLU Q 22 27.53 31.47 20.01
C GLU Q 22 28.57 31.74 21.07
N GLY Q 23 29.00 30.68 21.74
CA GLY Q 23 30.00 30.82 22.77
C GLY Q 23 31.37 31.14 22.22
N VAL Q 24 32.19 31.77 23.06
CA VAL Q 24 33.57 32.09 22.71
C VAL Q 24 34.44 30.89 23.08
N THR Q 31 37.70 30.42 22.64
CA THR Q 31 39.12 30.67 22.85
C THR Q 31 39.30 31.70 23.95
N SER Q 32 40.45 31.62 24.63
CA SER Q 32 40.82 32.56 25.68
C SER Q 32 42.18 33.15 25.33
N VAL Q 33 42.21 34.46 25.09
CA VAL Q 33 43.40 35.15 24.62
C VAL Q 33 43.95 36.00 25.75
N ALA Q 34 45.23 35.83 26.06
CA ALA Q 34 45.88 36.58 27.12
C ALA Q 34 46.73 37.70 26.53
N ALA Q 35 46.66 38.87 27.16
CA ALA Q 35 47.42 40.04 26.75
C ALA Q 35 48.57 40.24 27.70
N PHE Q 36 49.80 40.23 27.18
CA PHE Q 36 51.01 40.37 27.97
C PHE Q 36 51.65 41.72 27.67
N VAL Q 37 51.88 42.51 28.70
CA VAL Q 37 52.52 43.81 28.59
C VAL Q 37 53.83 43.78 29.35
N GLY Q 38 54.91 44.16 28.69
CA GLY Q 38 56.20 44.14 29.34
C GLY Q 38 57.31 44.50 28.37
N LEU Q 39 58.54 44.25 28.81
CA LEU Q 39 59.73 44.59 28.05
C LEU Q 39 60.28 43.36 27.35
N ALA Q 40 60.71 43.54 26.09
CA ALA Q 40 61.28 42.45 25.32
C ALA Q 40 62.17 43.03 24.23
N PRO Q 41 63.31 42.41 23.93
CA PRO Q 41 64.17 42.92 22.86
C PRO Q 41 63.50 42.79 21.49
N THR Q 42 63.82 43.74 20.61
CA THR Q 42 63.30 43.79 19.25
C THR Q 42 61.77 43.77 19.21
N GLY Q 43 61.22 43.61 18.02
CA GLY Q 43 59.78 43.56 17.85
C GLY Q 43 59.15 44.93 17.83
N PRO Q 44 57.85 44.99 17.52
CA PRO Q 44 57.16 46.28 17.50
C PRO Q 44 57.04 46.88 18.89
N LEU Q 45 56.93 48.21 18.93
CA LEU Q 45 56.82 48.97 20.17
C LEU Q 45 55.41 49.50 20.31
N ASN Q 46 54.78 49.20 21.45
CA ASN Q 46 53.43 49.68 21.76
C ASN Q 46 52.42 49.25 20.69
N GLU Q 47 52.61 48.06 20.14
CA GLU Q 47 51.70 47.52 19.12
C GLU Q 47 51.27 46.11 19.53
N PRO Q 48 49.99 45.89 19.82
CA PRO Q 48 49.54 44.53 20.18
C PRO Q 48 49.69 43.56 19.02
N THR Q 49 50.56 42.57 19.18
CA THR Q 49 50.82 41.58 18.15
C THR Q 49 50.20 40.25 18.55
N LEU Q 50 49.42 39.66 17.65
CA LEU Q 50 48.76 38.39 17.91
C LEU Q 50 49.76 37.27 17.63
N VAL Q 51 50.15 36.56 18.69
CA VAL Q 51 51.09 35.44 18.60
C VAL Q 51 50.36 34.19 19.07
N THR Q 52 50.32 33.17 18.21
CA THR Q 52 49.61 31.94 18.50
C THR Q 52 50.54 30.75 18.72
N ASN Q 53 51.85 30.96 18.72
CA ASN Q 53 52.79 29.87 18.92
C ASN Q 53 54.12 30.46 19.39
N TRP Q 54 54.90 29.61 20.06
CA TRP Q 54 56.22 30.05 20.53
C TRP Q 54 57.14 30.38 19.37
N THR Q 55 57.06 29.60 18.29
CA THR Q 55 57.87 29.90 17.10
C THR Q 55 57.50 31.25 16.52
N GLN Q 56 56.21 31.57 16.49
CA GLN Q 56 55.80 32.90 16.03
C GLN Q 56 56.34 33.99 16.96
N TYR Q 57 56.35 33.73 18.27
CA TYR Q 57 56.86 34.71 19.20
C TYR Q 57 58.34 34.99 18.99
N VAL Q 58 59.14 33.94 18.80
CA VAL Q 58 60.56 34.16 18.59
C VAL Q 58 60.85 34.69 17.19
N ALA Q 59 59.94 34.45 16.23
CA ALA Q 59 60.12 35.06 14.92
C ALA Q 59 59.81 36.55 14.93
N ALA Q 60 58.80 36.96 15.70
CA ALA Q 60 58.43 38.37 15.80
C ALA Q 60 59.23 39.08 16.88
N PHE Q 61 59.13 38.60 18.12
CA PHE Q 61 59.86 39.17 19.24
C PHE Q 61 61.14 38.39 19.49
N GLY Q 62 61.83 38.74 20.58
CA GLY Q 62 63.07 38.07 20.92
C GLY Q 62 62.91 36.99 21.96
N ASP Q 63 63.85 36.05 21.95
CA ASP Q 63 63.89 34.96 22.92
C ASP Q 63 64.47 35.48 24.22
N PHE Q 64 64.91 34.56 25.09
CA PHE Q 64 65.49 34.95 26.36
C PHE Q 64 66.90 35.53 26.17
N THR Q 65 66.99 36.83 25.89
CA THR Q 65 68.28 37.48 25.70
C THR Q 65 68.45 38.68 26.63
N GLY Q 66 67.78 38.69 27.77
CA GLY Q 66 67.89 39.79 28.71
C GLY Q 66 67.16 39.47 29.99
N GLY Q 67 67.32 40.36 30.96
CA GLY Q 67 66.67 40.22 32.24
C GLY Q 67 65.21 40.62 32.21
N TYR Q 68 64.43 40.02 31.33
CA TYR Q 68 63.01 40.33 31.17
C TYR Q 68 62.19 39.06 31.38
N TYR Q 69 61.06 39.21 32.06
CA TYR Q 69 60.18 38.08 32.35
C TYR Q 69 59.12 37.87 31.27
N LEU Q 70 59.04 38.73 30.27
CA LEU Q 70 58.02 38.58 29.23
C LEU Q 70 58.21 37.29 28.46
N ALA Q 71 59.45 36.99 28.07
CA ALA Q 71 59.71 35.76 27.33
C ALA Q 71 59.39 34.53 28.16
N HIS Q 72 59.78 34.55 29.44
CA HIS Q 72 59.48 33.43 30.32
C HIS Q 72 57.98 33.27 30.52
N SER Q 73 57.27 34.39 30.68
CA SER Q 73 55.82 34.33 30.85
C SER Q 73 55.13 33.77 29.61
N VAL Q 74 55.56 34.19 28.43
CA VAL Q 74 54.97 33.67 27.20
C VAL Q 74 55.28 32.20 27.03
N TYR Q 75 56.52 31.79 27.35
CA TYR Q 75 56.88 30.38 27.25
C TYR Q 75 56.05 29.53 28.21
N GLY Q 76 55.83 30.02 29.43
CA GLY Q 76 54.97 29.30 30.35
C GLY Q 76 53.53 29.25 29.90
N PHE Q 77 53.04 30.35 29.33
CA PHE Q 77 51.66 30.38 28.85
C PHE Q 77 51.44 29.37 27.73
N PHE Q 78 52.38 29.29 26.80
CA PHE Q 78 52.23 28.35 25.69
C PHE Q 78 52.53 26.91 26.10
N ASN Q 79 53.44 26.70 27.05
CA ASN Q 79 53.74 25.36 27.52
C ASN Q 79 52.57 24.78 28.31
N ASN Q 80 51.90 25.62 29.11
CA ASN Q 80 50.75 25.20 29.89
C ASN Q 80 49.46 25.16 29.08
N GLY Q 81 49.55 25.30 27.77
CA GLY Q 81 48.37 25.30 26.92
C GLY Q 81 47.80 26.69 26.70
N GLY Q 82 47.71 27.11 25.44
CA GLY Q 82 47.16 28.41 25.12
C GLY Q 82 46.85 28.56 23.65
N SER Q 83 45.63 29.00 23.34
CA SER Q 83 45.23 29.13 21.94
C SER Q 83 45.91 30.30 21.25
N ALA Q 84 45.97 31.45 21.92
CA ALA Q 84 46.56 32.64 21.32
C ALA Q 84 46.91 33.62 22.43
N ALA Q 85 47.68 34.65 22.06
CA ALA Q 85 48.07 35.69 23.00
C ALA Q 85 48.26 36.99 22.23
N TYR Q 86 48.16 38.10 22.95
CA TYR Q 86 48.34 39.44 22.40
C TYR Q 86 49.50 40.10 23.12
N VAL Q 87 50.70 39.95 22.55
CA VAL Q 87 51.90 40.49 23.18
C VAL Q 87 52.00 41.98 22.91
N VAL Q 88 52.16 42.76 23.97
CA VAL Q 88 52.34 44.20 23.89
C VAL Q 88 53.70 44.55 24.50
N ARG Q 89 54.51 45.26 23.74
CA ARG Q 89 55.85 45.65 24.17
C ARG Q 89 55.87 47.14 24.46
N VAL Q 90 56.33 47.52 25.65
CA VAL Q 90 56.44 48.92 26.02
C VAL Q 90 57.89 49.42 26.06
N GLY Q 91 58.85 48.58 25.69
CA GLY Q 91 60.25 48.96 25.71
C GLY Q 91 61.13 47.75 25.97
N GLY Q 92 62.30 48.02 26.55
CA GLY Q 92 63.23 46.97 26.89
C GLY Q 92 64.59 47.14 26.27
N SER Q 93 64.64 47.63 25.04
CA SER Q 93 65.89 47.86 24.29
C SER Q 93 66.61 46.51 24.19
N ALA Q 94 67.90 46.44 24.52
CA ALA Q 94 68.63 45.18 24.45
C ALA Q 94 69.51 45.00 25.68
N GLY Q 252 50.49 51.60 28.17
CA GLY Q 252 50.34 50.53 27.20
C GLY Q 252 48.99 49.85 27.28
N PHE Q 253 48.31 50.02 28.42
CA PHE Q 253 46.99 49.41 28.59
C PHE Q 253 45.97 50.02 27.65
N GLY Q 254 46.08 51.32 27.37
CA GLY Q 254 45.13 51.97 26.47
C GLY Q 254 45.12 51.39 25.08
N GLY Q 255 46.22 50.77 24.65
CA GLY Q 255 46.24 50.09 23.37
C GLY Q 255 45.52 48.76 23.33
N LEU Q 256 45.16 48.23 24.49
CA LEU Q 256 44.43 46.96 24.58
C LEU Q 256 42.92 47.15 24.60
N GLU Q 257 42.43 48.39 24.55
CA GLU Q 257 41.00 48.65 24.56
C GLU Q 257 40.34 48.45 23.21
N ALA Q 258 41.13 48.30 22.14
CA ALA Q 258 40.60 48.10 20.79
C ALA Q 258 40.47 46.64 20.41
N ILE Q 259 40.75 45.71 21.33
CA ILE Q 259 40.68 44.28 21.07
C ILE Q 259 39.65 43.68 22.01
N ASP Q 260 38.76 42.86 21.46
CA ASP Q 260 37.67 42.28 22.23
C ASP Q 260 37.94 40.87 22.73
N GLU Q 261 38.68 40.06 21.96
CA GLU Q 261 38.86 38.65 22.30
C GLU Q 261 39.72 38.45 23.54
N ILE Q 262 40.40 39.50 24.03
CA ILE Q 262 41.26 39.36 25.19
C ILE Q 262 40.40 39.11 26.43
N SER Q 263 40.79 38.10 27.22
CA SER Q 263 40.06 37.73 28.42
C SER Q 263 40.90 37.80 29.69
N MET Q 264 42.20 38.05 29.59
CA MET Q 264 43.05 38.18 30.77
C MET Q 264 44.30 38.97 30.39
N VAL Q 265 44.91 39.59 31.39
CA VAL Q 265 46.08 40.44 31.18
C VAL Q 265 47.13 40.12 32.22
N ALA Q 266 48.37 40.52 31.93
CA ALA Q 266 49.48 40.30 32.83
C ALA Q 266 50.57 41.34 32.57
N VAL Q 267 51.32 41.66 33.61
CA VAL Q 267 52.44 42.60 33.51
C VAL Q 267 53.67 41.96 34.15
N PRO Q 268 54.28 40.97 33.50
CA PRO Q 268 55.37 40.22 34.15
C PRO Q 268 56.59 41.06 34.47
N ASP Q 269 56.92 42.06 33.66
CA ASP Q 269 58.16 42.80 33.80
C ASP Q 269 58.09 43.96 34.79
N LEU Q 270 56.93 44.20 35.39
CA LEU Q 270 56.83 45.23 36.44
C LEU Q 270 57.70 44.87 37.63
N MET Q 271 57.63 43.60 38.06
CA MET Q 271 58.46 43.16 39.17
C MET Q 271 59.94 43.08 38.78
N ALA Q 272 60.22 42.82 37.50
CA ALA Q 272 61.61 42.84 37.04
C ALA Q 272 62.21 44.23 37.19
N ALA Q 273 61.44 45.26 36.83
CA ALA Q 273 61.92 46.63 37.03
C ALA Q 273 61.97 47.00 38.50
N TYR Q 274 61.03 46.49 39.30
CA TYR Q 274 61.04 46.78 40.73
C TYR Q 274 62.24 46.16 41.43
N GLN Q 275 62.70 45.00 40.95
CA GLN Q 275 63.80 44.30 41.62
C GLN Q 275 65.09 45.10 41.57
N ARG Q 276 65.37 45.73 40.42
CA ARG Q 276 66.60 46.51 40.27
C ARG Q 276 66.56 47.85 41.02
N GLY Q 277 65.41 48.21 41.58
CA GLY Q 277 65.30 49.43 42.35
C GLY Q 277 65.02 50.69 41.56
N ALA Q 278 64.90 50.60 40.24
CA ALA Q 278 64.60 51.77 39.43
C ALA Q 278 63.16 52.25 39.63
N ILE Q 279 62.28 51.38 40.11
CA ILE Q 279 60.88 51.71 40.34
C ILE Q 279 60.52 51.32 41.77
N ASP Q 280 59.97 52.27 42.52
CA ASP Q 280 59.62 52.02 43.92
C ASP Q 280 58.30 51.24 44.00
N LEU Q 281 57.90 50.93 45.24
CA LEU Q 281 56.66 50.17 45.44
C LEU Q 281 55.43 51.00 45.13
N GLU Q 282 55.49 52.32 45.34
CA GLU Q 282 54.35 53.17 45.05
C GLU Q 282 54.00 53.16 43.57
N ALA Q 283 55.01 53.21 42.70
CA ALA Q 283 54.75 53.16 41.27
C ALA Q 283 54.17 51.82 40.87
N VAL Q 284 54.65 50.72 41.47
CA VAL Q 284 54.11 49.40 41.17
C VAL Q 284 52.64 49.33 41.59
N LYS Q 285 52.33 49.85 42.77
CA LYS Q 285 50.94 49.86 43.23
C LYS Q 285 50.05 50.70 42.31
N ALA Q 286 50.57 51.85 41.86
CA ALA Q 286 49.80 52.69 40.95
C ALA Q 286 49.54 51.97 39.63
N VAL Q 287 50.56 51.28 39.10
CA VAL Q 287 50.39 50.56 37.84
C VAL Q 287 49.37 49.44 38.00
N GLN Q 288 49.43 48.70 39.11
CA GLN Q 288 48.48 47.63 39.34
C GLN Q 288 47.06 48.16 39.51
N LEU Q 289 46.91 49.29 40.21
CA LEU Q 289 45.58 49.91 40.35
C LEU Q 289 45.05 50.37 39.01
N GLY Q 290 45.91 50.95 38.17
CA GLY Q 290 45.48 51.33 36.84
C GLY Q 290 45.06 50.13 36.00
N LEU Q 291 45.81 49.03 36.12
CA LEU Q 291 45.44 47.81 35.40
C LEU Q 291 44.09 47.28 35.87
N ILE Q 292 43.84 47.31 37.18
CA ILE Q 292 42.56 46.84 37.71
C ILE Q 292 41.43 47.75 37.23
N ALA Q 293 41.66 49.06 37.21
CA ALA Q 293 40.65 49.99 36.71
C ALA Q 293 40.37 49.76 35.24
N HIS Q 294 41.41 49.51 34.45
CA HIS Q 294 41.21 49.21 33.02
C HIS Q 294 40.42 47.91 32.84
N CYS Q 295 40.71 46.90 33.65
CA CYS Q 295 39.95 45.66 33.58
C CYS Q 295 38.48 45.89 33.93
N GLU Q 296 38.22 46.71 34.96
CA GLU Q 296 36.85 47.02 35.33
C GLU Q 296 36.13 47.77 34.21
N LEU Q 297 36.82 48.73 33.58
CA LEU Q 297 36.21 49.46 32.48
C LEU Q 297 35.92 48.55 31.29
N MET Q 298 36.85 47.65 30.97
CA MET Q 298 36.66 46.74 29.85
C MET Q 298 35.48 45.81 30.09
N GLY Q 299 35.37 45.27 31.31
CA GLY Q 299 34.24 44.45 31.69
C GLY Q 299 34.29 43.02 31.21
N ASP Q 300 35.40 42.58 30.63
CA ASP Q 300 35.48 41.23 30.08
C ASP Q 300 36.75 40.47 30.44
N ARG Q 301 37.67 41.06 31.19
CA ARG Q 301 38.95 40.43 31.49
C ARG Q 301 39.21 40.48 32.99
N VAL Q 302 39.94 39.48 33.49
CA VAL Q 302 40.30 39.38 34.89
C VAL Q 302 41.81 39.50 35.00
N ALA Q 303 42.28 40.50 35.74
CA ALA Q 303 43.70 40.73 35.90
C ALA Q 303 44.32 39.71 36.83
N ILE Q 304 45.62 39.46 36.62
CA ILE Q 304 46.40 38.54 37.45
C ILE Q 304 47.50 39.33 38.12
N ILE Q 305 47.61 39.19 39.44
CA ILE Q 305 48.52 39.99 40.26
C ILE Q 305 49.57 39.07 40.87
N ASP Q 306 50.81 39.55 40.87
CA ASP Q 306 51.94 38.87 41.45
C ASP Q 306 52.61 39.77 42.48
N PRO Q 307 52.87 39.26 43.68
CA PRO Q 307 53.45 40.11 44.73
C PRO Q 307 54.93 40.33 44.51
N PRO Q 308 55.54 41.26 45.23
CA PRO Q 308 56.99 41.41 45.14
C PRO Q 308 57.67 40.14 45.61
N PRO Q 309 58.83 39.82 45.03
CA PRO Q 309 59.51 38.57 45.39
C PRO Q 309 60.09 38.62 46.79
N ASN Q 310 60.42 37.43 47.29
CA ASN Q 310 61.05 37.26 48.61
C ASN Q 310 60.15 37.82 49.72
N GLN Q 311 58.97 37.23 49.85
CA GLN Q 311 58.00 37.64 50.85
C GLN Q 311 57.44 36.41 51.55
N ASN Q 312 57.19 36.55 52.85
CA ASN Q 312 56.66 35.46 53.66
C ASN Q 312 55.13 35.49 53.65
N ALA Q 313 54.51 34.58 54.40
CA ALA Q 313 53.06 34.56 54.50
C ALA Q 313 52.53 35.80 55.20
N ARG Q 314 53.10 36.12 56.37
CA ARG Q 314 52.69 37.33 57.08
C ARG Q 314 53.06 38.58 56.29
N GLN Q 315 54.19 38.54 55.58
CA GLN Q 315 54.62 39.68 54.78
C GLN Q 315 53.61 39.98 53.68
N ILE Q 316 53.17 38.96 52.94
CA ILE Q 316 52.18 39.21 51.91
C ILE Q 316 50.82 39.53 52.51
N ARG Q 317 50.51 38.97 53.68
CA ARG Q 317 49.25 39.35 54.34
C ARG Q 317 49.23 40.84 54.63
N VAL Q 318 50.31 41.37 55.19
CA VAL Q 318 50.41 42.81 55.46
C VAL Q 318 50.38 43.59 54.16
N TRP Q 319 51.11 43.12 53.14
CA TRP Q 319 51.18 43.83 51.87
C TRP Q 319 49.82 43.95 51.21
N ARG Q 320 49.04 42.86 51.23
CA ARG Q 320 47.73 42.86 50.60
C ARG Q 320 46.67 43.57 51.45
N GLN Q 321 46.83 43.58 52.77
CA GLN Q 321 45.79 44.17 53.60
C GLN Q 321 45.97 45.67 53.82
N GLU Q 322 47.22 46.15 53.88
CA GLU Q 322 47.49 47.54 54.19
C GLU Q 322 48.10 48.30 53.03
N THR Q 323 49.22 47.83 52.48
CA THR Q 323 49.93 48.57 51.45
C THR Q 323 49.27 48.49 50.08
N ALA Q 324 48.64 47.36 49.76
CA ALA Q 324 48.07 47.12 48.44
C ALA Q 324 46.65 46.58 48.56
N GLY Q 325 45.84 47.24 49.37
CA GLY Q 325 44.50 46.76 49.65
C GLY Q 325 43.55 46.89 48.47
N TYR Q 326 43.79 46.11 47.43
CA TYR Q 326 42.91 46.11 46.27
C TYR Q 326 41.56 45.49 46.62
N ASP Q 327 40.51 46.03 46.02
CA ASP Q 327 39.14 45.52 46.21
C ASP Q 327 38.44 45.60 44.86
N SER Q 328 38.49 44.51 44.10
CA SER Q 328 37.86 44.46 42.79
C SER Q 328 37.47 43.03 42.48
N LYS Q 329 36.44 42.88 41.65
CA LYS Q 329 35.98 41.57 41.21
C LYS Q 329 36.71 41.07 39.98
N TYR Q 330 37.61 41.86 39.42
CA TYR Q 330 38.34 41.51 38.21
C TYR Q 330 39.83 41.37 38.47
N ALA Q 331 40.20 40.73 39.59
CA ALA Q 331 41.60 40.56 39.92
C ALA Q 331 41.77 39.29 40.73
N ALA Q 332 42.83 38.54 40.43
CA ALA Q 332 43.20 37.35 41.17
C ALA Q 332 44.69 37.38 41.45
N LEU Q 333 45.08 37.17 42.71
CA LEU Q 333 46.46 37.28 43.13
C LEU Q 333 47.05 35.90 43.38
N TYR Q 334 48.31 35.72 43.01
CA TYR Q 334 49.00 34.44 43.18
C TYR Q 334 50.33 34.67 43.87
N TYR Q 335 50.46 34.20 45.12
CA TYR Q 335 51.57 34.56 45.99
C TYR Q 335 52.91 33.97 45.56
N PRO Q 336 53.12 32.65 45.58
CA PRO Q 336 54.48 32.14 45.45
C PRO Q 336 54.96 32.17 44.01
N TRP Q 337 56.21 32.59 43.83
CA TRP Q 337 56.81 32.69 42.51
C TRP Q 337 57.17 31.30 41.98
N ILE Q 338 57.52 31.26 40.71
CA ILE Q 338 57.77 29.99 40.01
C ILE Q 338 59.24 29.95 39.61
N LYS Q 339 59.93 28.88 39.99
CA LYS Q 339 61.30 28.66 39.58
C LYS Q 339 61.30 27.88 38.27
N SER Q 340 61.79 28.52 37.20
CA SER Q 340 61.75 27.93 35.87
C SER Q 340 63.14 27.93 35.25
N PHE Q 341 63.38 26.96 34.37
CA PHE Q 341 64.67 26.80 33.74
C PHE Q 341 64.79 27.72 32.53
N ASP Q 342 65.89 28.47 32.46
CA ASP Q 342 66.12 29.41 31.37
C ASP Q 342 67.21 28.86 30.44
N PRO Q 343 66.89 28.56 29.18
CA PRO Q 343 67.91 28.02 28.27
C PRO Q 343 69.05 29.00 28.00
N ALA Q 344 68.85 30.29 28.22
CA ALA Q 344 69.91 31.26 27.95
C ALA Q 344 71.12 31.01 28.86
N THR Q 345 70.88 30.77 30.14
CA THR Q 345 71.95 30.52 31.09
C THR Q 345 72.02 29.07 31.56
N GLY Q 346 71.03 28.25 31.23
CA GLY Q 346 71.05 26.85 31.63
C GLY Q 346 70.75 26.60 33.08
N GLN Q 347 70.32 27.60 33.83
CA GLN Q 347 70.01 27.47 35.24
C GLN Q 347 68.56 27.87 35.49
N SER Q 348 68.13 27.71 36.74
CA SER Q 348 66.76 27.99 37.16
C SER Q 348 66.70 29.36 37.81
N ARG Q 349 65.72 30.16 37.41
CA ARG Q 349 65.53 31.50 37.95
C ARG Q 349 64.06 31.71 38.32
N LEU Q 350 63.82 32.67 39.20
CA LEU Q 350 62.50 32.95 39.72
C LEU Q 350 61.77 33.93 38.79
N VAL Q 351 60.53 33.58 38.44
CA VAL Q 351 59.68 34.42 37.59
C VAL Q 351 58.30 34.48 38.21
N PRO Q 352 57.51 35.52 37.95
CA PRO Q 352 56.14 35.58 38.47
C PRO Q 352 55.31 34.45 37.89
N PRO Q 353 54.35 33.91 38.66
CA PRO Q 353 53.55 32.79 38.16
C PRO Q 353 52.46 33.17 37.17
N SER Q 354 52.17 34.47 37.00
CA SER Q 354 51.05 34.88 36.17
C SER Q 354 51.17 34.33 34.76
N GLY Q 355 52.35 34.50 34.14
CA GLY Q 355 52.56 34.00 32.80
C GLY Q 355 52.27 32.51 32.66
N HIS Q 356 52.51 31.75 33.73
CA HIS Q 356 52.12 30.34 33.73
C HIS Q 356 50.65 30.19 34.10
N VAL Q 357 50.20 30.93 35.12
CA VAL Q 357 48.85 30.73 35.65
C VAL Q 357 47.81 30.99 34.57
N ALA Q 358 47.97 32.07 33.81
CA ALA Q 358 47.05 32.35 32.70
C ALA Q 358 46.95 31.16 31.77
N GLY Q 359 48.09 30.53 31.45
CA GLY Q 359 48.05 29.36 30.59
C GLY Q 359 47.16 28.27 31.16
N ILE Q 360 47.25 28.04 32.47
CA ILE Q 360 46.39 27.06 33.12
C ILE Q 360 44.93 27.37 32.82
N TRP Q 361 44.55 28.65 32.94
CA TRP Q 361 43.18 29.04 32.65
C TRP Q 361 42.77 28.57 31.26
N ALA Q 362 43.64 28.81 30.27
CA ALA Q 362 43.32 28.38 28.91
C ALA Q 362 43.10 26.87 28.87
N ARG Q 363 43.96 26.11 29.55
CA ARG Q 363 43.78 24.66 29.59
C ARG Q 363 42.40 24.30 30.11
N ASN Q 364 41.94 25.00 31.15
CA ASN Q 364 40.60 24.74 31.67
C ASN Q 364 39.55 24.93 30.58
N ASP Q 365 39.65 26.04 29.84
CA ASP Q 365 38.68 26.31 28.80
C ASP Q 365 38.75 25.30 27.66
N SER Q 366 39.81 24.49 27.60
CA SER Q 366 39.92 23.45 26.60
C SER Q 366 39.64 22.06 27.15
N GLU Q 367 39.47 21.91 28.47
CA GLU Q 367 39.29 20.60 29.07
C GLU Q 367 38.10 20.49 30.02
N ARG Q 368 37.69 21.58 30.67
CA ARG Q 368 36.61 21.51 31.65
C ARG Q 368 35.59 22.63 31.52
N GLY Q 369 35.82 23.62 30.66
CA GLY Q 369 34.91 24.73 30.51
C GLY Q 369 35.14 25.82 31.54
N VAL Q 370 34.47 26.96 31.30
CA VAL Q 370 34.63 28.11 32.18
C VAL Q 370 33.90 27.92 33.51
N HIS Q 371 32.86 27.08 33.55
CA HIS Q 371 32.05 26.92 34.75
C HIS Q 371 32.80 26.26 35.90
N LYS Q 372 33.96 25.66 35.64
CA LYS Q 372 34.74 25.01 36.68
C LYS Q 372 35.90 25.90 37.10
N ALA Q 373 36.11 25.99 38.42
CA ALA Q 373 37.18 26.82 38.93
C ALA Q 373 38.53 26.21 38.58
N PRO Q 374 39.45 26.96 37.96
CA PRO Q 374 40.75 26.41 37.56
C PRO Q 374 41.72 26.32 38.73
N ALA Q 375 41.37 25.52 39.73
CA ALA Q 375 42.20 25.38 40.93
C ALA Q 375 43.12 24.16 40.82
N ASN Q 376 42.55 22.97 40.69
CA ASN Q 376 43.31 21.73 40.72
C ASN Q 376 43.94 21.49 39.35
N GLU Q 377 44.99 22.26 39.06
CA GLU Q 377 45.72 22.14 37.81
C GLU Q 377 47.20 22.19 38.10
N VAL Q 378 47.98 21.59 37.20
CA VAL Q 378 49.43 21.48 37.35
C VAL Q 378 50.10 22.62 36.59
N VAL Q 379 51.17 23.14 37.16
CA VAL Q 379 52.03 24.13 36.50
C VAL Q 379 53.14 23.34 35.81
N ARG Q 380 53.00 23.13 34.50
CA ARG Q 380 53.93 22.26 33.78
C ARG Q 380 55.34 22.85 33.76
N GLY Q 381 55.46 24.15 33.56
CA GLY Q 381 56.78 24.76 33.45
C GLY Q 381 57.51 24.97 34.77
N ALA Q 382 56.83 24.76 35.90
CA ALA Q 382 57.44 25.00 37.20
C ALA Q 382 58.35 23.84 37.59
N VAL Q 383 59.50 24.19 38.19
CA VAL Q 383 60.44 23.22 38.72
C VAL Q 383 60.41 23.20 40.24
N ASP Q 384 60.47 24.38 40.86
CA ASP Q 384 60.42 24.51 42.31
C ASP Q 384 59.68 25.81 42.65
N LEU Q 385 59.50 26.04 43.94
CA LEU Q 385 58.85 27.24 44.44
C LEU Q 385 59.79 28.00 45.36
N GLU Q 386 59.56 29.30 45.49
CA GLU Q 386 60.38 30.12 46.36
C GLU Q 386 60.11 29.83 47.84
N LEU Q 387 58.95 29.25 48.17
CA LEU Q 387 58.61 28.94 49.54
C LEU Q 387 57.42 27.98 49.59
N GLN Q 388 57.55 26.90 50.36
CA GLN Q 388 56.45 25.95 50.50
C GLN Q 388 55.45 26.45 51.53
N ILE Q 389 54.17 26.46 51.15
CA ILE Q 389 53.11 26.99 51.98
C ILE Q 389 52.47 25.84 52.75
N THR Q 390 52.42 25.98 54.08
CA THR Q 390 51.77 25.00 54.93
C THR Q 390 50.29 25.35 55.09
N ARG Q 391 49.52 24.38 55.62
CA ARG Q 391 48.11 24.62 55.83
C ARG Q 391 47.87 25.69 56.89
N GLY Q 392 48.76 25.81 57.87
CA GLY Q 392 48.60 26.84 58.88
C GLY Q 392 48.64 28.24 58.31
N GLU Q 393 49.59 28.48 57.39
CA GLU Q 393 49.66 29.79 56.74
C GLU Q 393 48.57 29.97 55.69
N GLN Q 394 48.16 28.89 55.03
CA GLN Q 394 47.05 28.98 54.09
C GLN Q 394 45.75 29.34 54.79
N ASP Q 395 45.59 28.90 56.04
CA ASP Q 395 44.37 29.21 56.79
C ASP Q 395 44.17 30.72 56.93
N LEU Q 396 45.25 31.50 56.89
CA LEU Q 396 45.16 32.95 56.90
C LEU Q 396 45.27 33.57 55.52
N LEU Q 397 45.98 32.92 54.59
CA LEU Q 397 46.16 33.49 53.26
C LEU Q 397 44.89 33.38 52.42
N ASN Q 398 44.18 32.24 52.51
CA ASN Q 398 43.01 32.02 51.67
C ASN Q 398 41.88 33.00 51.92
N PRO Q 399 41.45 33.26 53.16
CA PRO Q 399 40.27 34.13 53.35
C PRO Q 399 40.48 35.56 52.86
N ILE Q 400 41.71 36.02 52.70
CA ILE Q 400 41.96 37.39 52.26
C ILE Q 400 42.11 37.43 50.75
N GLY Q 401 41.72 36.34 50.08
CA GLY Q 401 41.72 36.33 48.63
C GLY Q 401 43.06 36.10 47.98
N VAL Q 402 43.97 35.38 48.63
CA VAL Q 402 45.28 35.08 48.08
C VAL Q 402 45.31 33.62 47.69
N ASN Q 403 45.48 33.35 46.39
CA ASN Q 403 45.58 31.99 45.87
C ASN Q 403 47.03 31.54 45.89
N CYS Q 404 47.27 30.36 46.44
CA CYS Q 404 48.61 29.85 46.61
C CYS Q 404 48.97 28.83 45.53
N ILE Q 405 50.24 28.48 45.47
CA ILE Q 405 50.74 27.40 44.62
C ILE Q 405 51.58 26.49 45.49
N ARG Q 406 51.17 25.23 45.64
CA ARG Q 406 51.79 24.33 46.59
C ARG Q 406 52.19 23.03 45.91
N SER Q 407 53.24 22.41 46.44
CA SER Q 407 53.74 21.13 45.94
C SER Q 407 53.26 20.01 46.84
N PHE Q 408 52.60 19.02 46.23
CA PHE Q 408 52.07 17.87 46.94
C PHE Q 408 52.79 16.59 46.49
N PRO Q 409 53.14 15.72 47.43
CA PRO Q 409 53.85 14.49 47.06
C PRO Q 409 52.95 13.57 46.25
N GLY Q 410 53.46 13.11 45.11
CA GLY Q 410 52.68 12.28 44.21
C GLY Q 410 51.74 13.05 43.31
N ARG Q 411 51.67 14.37 43.44
CA ARG Q 411 50.82 15.20 42.60
C ARG Q 411 51.55 16.35 41.92
N GLY Q 412 52.73 16.73 42.39
CA GLY Q 412 53.48 17.80 41.74
C GLY Q 412 53.09 19.16 42.26
N ILE Q 413 53.37 20.17 41.46
CA ILE Q 413 53.09 21.55 41.80
C ILE Q 413 51.70 21.90 41.27
N ARG Q 414 50.80 22.29 42.17
CA ARG Q 414 49.41 22.56 41.83
C ARG Q 414 48.97 23.88 42.44
N VAL Q 415 48.07 24.56 41.73
CA VAL Q 415 47.45 25.77 42.26
C VAL Q 415 46.41 25.39 43.30
N TRP Q 416 46.32 26.19 44.37
CA TRP Q 416 45.38 25.94 45.46
C TRP Q 416 44.71 27.28 45.78
N GLY Q 417 43.46 27.43 45.35
CA GLY Q 417 42.73 28.66 45.57
C GLY Q 417 42.06 29.18 44.31
N ALA Q 418 40.79 29.55 44.44
CA ALA Q 418 40.01 30.08 43.31
C ALA Q 418 39.20 31.29 43.76
N ARG Q 419 39.85 32.21 44.46
CA ARG Q 419 39.21 33.39 45.00
C ARG Q 419 39.75 34.66 44.34
N THR Q 420 38.90 35.67 44.27
CA THR Q 420 39.26 36.97 43.71
C THR Q 420 39.58 37.95 44.83
N LEU Q 421 40.14 39.09 44.44
CA LEU Q 421 40.48 40.16 45.38
C LEU Q 421 39.28 41.08 45.63
N SER Q 422 38.15 40.50 46.01
CA SER Q 422 36.92 41.25 46.22
C SER Q 422 36.39 40.99 47.62
N SER Q 423 35.81 42.03 48.23
CA SER Q 423 35.20 41.91 49.54
C SER Q 423 33.75 41.48 49.50
N ASP Q 424 33.16 41.39 48.32
CA ASP Q 424 31.76 40.99 48.19
C ASP Q 424 31.65 39.47 48.32
N PRO Q 425 30.90 38.96 49.29
CA PRO Q 425 30.75 37.50 49.40
C PRO Q 425 30.13 36.86 48.17
N ALA Q 426 29.28 37.58 47.44
CA ALA Q 426 28.66 37.01 46.25
C ALA Q 426 29.66 36.78 45.13
N TRP Q 427 30.70 37.61 45.05
CA TRP Q 427 31.70 37.52 43.99
C TRP Q 427 33.06 37.11 44.55
N ARG Q 428 33.06 36.18 45.50
CA ARG Q 428 34.29 35.71 46.13
C ARG Q 428 34.87 34.48 45.44
N TYR Q 429 34.24 33.99 44.39
CA TYR Q 429 34.70 32.82 43.67
C TYR Q 429 35.10 33.20 42.24
N LEU Q 430 36.25 32.70 41.81
CA LEU Q 430 36.75 33.04 40.48
C LEU Q 430 35.87 32.46 39.37
N ASN Q 431 35.38 31.24 39.56
CA ASN Q 431 34.61 30.58 38.51
C ASN Q 431 33.32 31.33 38.20
N ILE Q 432 32.64 31.84 39.22
CA ILE Q 432 31.38 32.55 38.99
C ILE Q 432 31.64 33.80 38.15
N ARG Q 433 32.64 34.58 38.52
CA ARG Q 433 32.96 35.80 37.78
C ARG Q 433 33.39 35.48 36.35
N ARG Q 434 34.21 34.45 36.19
CA ARG Q 434 34.67 34.07 34.85
C ARG Q 434 33.50 33.64 33.97
N TYR Q 435 32.59 32.83 34.52
CA TYR Q 435 31.44 32.38 33.75
C TYR Q 435 30.53 33.55 33.40
N PHE Q 436 30.31 34.49 34.34
CA PHE Q 436 29.48 35.65 34.04
C PHE Q 436 30.09 36.49 32.94
N ASN Q 437 31.41 36.72 33.00
CA ASN Q 437 32.07 37.48 31.95
C ASN Q 437 31.99 36.77 30.60
N TYR Q 438 32.16 35.45 30.60
CA TYR Q 438 32.08 34.68 29.36
C TYR Q 438 30.69 34.77 28.74
N LEU Q 439 29.65 34.63 29.56
CA LEU Q 439 28.29 34.72 29.05
C LEU Q 439 27.99 36.12 28.53
N GLU Q 440 28.41 37.15 29.26
CA GLU Q 440 28.18 38.52 28.82
C GLU Q 440 28.87 38.79 27.49
N GLU Q 441 30.12 38.36 27.35
CA GLU Q 441 30.84 38.60 26.10
C GLU Q 441 30.24 37.82 24.95
N SER Q 442 29.82 36.57 25.20
CA SER Q 442 29.19 35.78 24.14
C SER Q 442 27.91 36.43 23.66
N ILE Q 443 27.08 36.90 24.59
CA ILE Q 443 25.83 37.55 24.21
C ILE Q 443 26.11 38.85 23.46
N LEU Q 444 27.06 39.65 23.93
CA LEU Q 444 27.37 40.91 23.27
C LEU Q 444 27.91 40.69 21.86
N ILE Q 445 28.76 39.67 21.68
CA ILE Q 445 29.27 39.36 20.35
C ILE Q 445 28.14 38.88 19.44
N GLY Q 446 27.26 38.02 19.95
CA GLY Q 446 26.21 37.48 19.12
C GLY Q 446 25.13 38.49 18.77
N THR Q 447 24.96 39.52 19.59
CA THR Q 447 23.94 40.55 19.36
C THR Q 447 24.50 41.79 18.67
N GLN Q 448 25.49 41.62 17.80
CA GLN Q 448 26.09 42.77 17.11
C GLN Q 448 25.25 43.25 15.94
N TRP Q 449 24.29 42.44 15.48
CA TRP Q 449 23.46 42.80 14.33
C TRP Q 449 22.28 43.68 14.69
N VAL Q 450 22.01 43.89 15.99
CA VAL Q 450 20.89 44.74 16.39
C VAL Q 450 21.16 46.21 16.12
N VAL Q 451 22.39 46.56 15.75
CA VAL Q 451 22.74 47.96 15.50
C VAL Q 451 22.01 48.44 14.24
N PHE Q 452 21.36 49.60 14.35
CA PHE Q 452 20.50 50.18 13.32
C PHE Q 452 19.36 49.26 12.91
N GLU Q 453 18.64 48.68 13.87
CA GLU Q 453 17.45 47.87 13.67
C GLU Q 453 16.26 48.49 14.42
N PRO Q 454 15.06 48.37 13.89
CA PRO Q 454 13.90 48.98 14.56
C PRO Q 454 13.68 48.39 15.95
N ASN Q 455 13.28 49.24 16.89
CA ASN Q 455 13.06 48.84 18.28
C ASN Q 455 11.58 48.52 18.45
N ASP Q 456 11.21 47.28 18.12
CA ASP Q 456 9.83 46.83 18.26
C ASP Q 456 9.81 45.44 18.87
N HIS Q 457 8.63 44.79 18.88
CA HIS Q 457 8.53 43.46 19.46
C HIS Q 457 9.29 42.41 18.66
N ASN Q 458 9.51 42.65 17.36
CA ASN Q 458 10.24 41.68 16.55
C ASN Q 458 11.68 41.52 17.03
N LEU Q 459 12.35 42.65 17.29
CA LEU Q 459 13.72 42.58 17.80
C LEU Q 459 13.76 41.89 19.15
N TRP Q 460 12.83 42.21 20.03
CA TRP Q 460 12.81 41.59 21.36
C TRP Q 460 12.62 40.08 21.25
N ALA Q 461 11.70 39.65 20.37
CA ALA Q 461 11.50 38.23 20.16
C ALA Q 461 12.76 37.56 19.60
N ARG Q 462 13.43 38.23 18.67
CA ARG Q 462 14.65 37.65 18.09
C ARG Q 462 15.73 37.47 19.14
N ILE Q 463 15.95 38.50 19.97
CA ILE Q 463 16.97 38.39 21.02
C ILE Q 463 16.59 37.34 22.04
N ARG Q 464 15.32 37.27 22.42
CA ARG Q 464 14.89 36.25 23.38
C ARG Q 464 15.14 34.86 22.82
N ARG Q 465 14.77 34.62 21.55
CA ARG Q 465 14.97 33.31 20.95
C ARG Q 465 16.45 32.96 20.87
N ASN Q 466 17.29 33.91 20.44
CA ASN Q 466 18.72 33.62 20.32
C ASN Q 466 19.35 33.33 21.68
N VAL Q 467 19.00 34.12 22.70
CA VAL Q 467 19.58 33.91 24.02
C VAL Q 467 19.11 32.59 24.61
N SER Q 468 17.84 32.23 24.40
CA SER Q 468 17.35 30.95 24.89
C SER Q 468 18.06 29.79 24.20
N ALA Q 469 18.23 29.88 22.87
CA ALA Q 469 18.92 28.82 22.15
C ALA Q 469 20.37 28.72 22.56
N PHE Q 470 20.99 29.83 22.95
CA PHE Q 470 22.37 29.77 23.43
C PHE Q 470 22.45 29.17 24.83
N LEU Q 471 21.54 29.55 25.73
CA LEU Q 471 21.61 29.12 27.12
C LEU Q 471 21.12 27.69 27.32
N VAL Q 472 20.31 27.15 26.40
CA VAL Q 472 19.87 25.76 26.58
C VAL Q 472 21.06 24.82 26.46
N ASN Q 473 22.02 25.13 25.60
CA ASN Q 473 23.22 24.30 25.49
C ASN Q 473 24.03 24.35 26.78
N GLU Q 474 24.13 25.53 27.40
CA GLU Q 474 24.82 25.63 28.69
C GLU Q 474 24.09 24.83 29.76
N TRP Q 475 22.76 24.87 29.75
CA TRP Q 475 21.99 24.08 30.72
C TRP Q 475 22.21 22.59 30.51
N ARG Q 476 22.25 22.14 29.26
CA ARG Q 476 22.42 20.71 28.99
C ARG Q 476 23.78 20.22 29.46
N ASN Q 477 24.81 21.05 29.33
CA ASN Q 477 26.16 20.68 29.74
C ASN Q 477 26.32 20.59 31.26
N GLY Q 478 25.31 21.02 32.02
CA GLY Q 478 25.39 20.97 33.47
C GLY Q 478 26.04 22.17 34.11
N ALA Q 479 26.41 23.19 33.34
CA ALA Q 479 27.00 24.39 33.93
C ALA Q 479 25.99 25.11 34.81
N LEU Q 480 24.74 25.17 34.38
CA LEU Q 480 23.67 25.82 35.14
C LEU Q 480 22.80 24.77 35.82
N PHE Q 481 22.57 24.96 37.11
CA PHE Q 481 21.78 24.03 37.91
C PHE Q 481 20.30 24.20 37.61
N GLY Q 482 19.58 23.08 37.55
CA GLY Q 482 18.15 23.11 37.30
C GLY Q 482 17.62 21.86 36.64
N GLN Q 483 16.47 21.37 37.13
CA GLN Q 483 15.87 20.17 36.55
C GLN Q 483 15.35 20.43 35.14
N SER Q 484 14.80 21.63 34.92
CA SER Q 484 14.26 22.04 33.64
C SER Q 484 14.81 23.42 33.28
N PRO Q 485 14.88 23.75 31.98
CA PRO Q 485 15.45 25.05 31.60
C PRO Q 485 14.77 26.25 32.22
N ASP Q 486 13.50 26.13 32.61
CA ASP Q 486 12.79 27.27 33.18
C ASP Q 486 13.40 27.70 34.50
N GLN Q 487 13.75 26.74 35.37
CA GLN Q 487 14.33 27.08 36.66
C GLN Q 487 15.84 27.25 36.60
N ALA Q 488 16.49 26.86 35.50
CA ALA Q 488 17.93 27.03 35.36
C ALA Q 488 18.32 28.40 34.85
N TYR Q 489 17.52 28.98 33.96
CA TYR Q 489 17.79 30.31 33.45
C TYR Q 489 16.47 30.97 33.06
N TYR Q 490 16.47 32.30 33.03
CA TYR Q 490 15.30 33.04 32.60
C TYR Q 490 15.74 34.27 31.81
N VAL Q 491 15.07 34.51 30.70
CA VAL Q 491 15.38 35.63 29.81
C VAL Q 491 14.14 36.50 29.69
N LYS Q 492 14.30 37.79 29.95
CA LYS Q 492 13.22 38.76 29.86
C LYS Q 492 13.66 39.91 28.96
N CYS Q 493 12.95 40.07 27.84
CA CYS Q 493 13.20 41.19 26.93
C CYS Q 493 11.86 41.55 26.28
N ASP Q 494 11.18 42.51 26.88
CA ASP Q 494 9.86 42.94 26.41
C ASP Q 494 9.67 44.41 26.76
N GLU Q 495 8.43 44.88 26.67
CA GLU Q 495 8.14 46.28 26.96
C GLU Q 495 8.41 46.63 28.42
N GLU Q 496 8.33 45.67 29.33
CA GLU Q 496 8.66 45.94 30.72
C GLU Q 496 10.15 46.26 30.87
N THR Q 497 11.01 45.51 30.18
CA THR Q 497 12.44 45.79 30.21
C THR Q 497 12.79 47.00 29.35
N ASN Q 498 12.12 47.15 28.21
CA ASN Q 498 12.38 48.27 27.31
C ASN Q 498 11.15 49.18 27.24
N PRO Q 499 11.09 50.21 28.08
CA PRO Q 499 9.97 51.15 28.02
C PRO Q 499 10.18 52.18 26.93
N PRO Q 500 9.15 52.96 26.58
CA PRO Q 500 9.34 54.03 25.60
C PRO Q 500 10.33 55.08 26.09
N GLU Q 501 10.51 55.16 27.41
CA GLU Q 501 11.50 56.06 28.00
C GLU Q 501 12.92 55.68 27.63
N SER Q 502 13.16 54.44 27.24
CA SER Q 502 14.48 53.98 26.79
C SER Q 502 14.54 53.67 25.31
N VAL Q 503 13.38 53.41 24.68
CA VAL Q 503 13.35 53.16 23.24
C VAL Q 503 13.77 54.40 22.47
N ASP Q 504 13.32 55.58 22.90
CA ASP Q 504 13.66 56.83 22.23
C ASP Q 504 15.15 57.14 22.28
N LEU Q 505 15.91 56.50 23.18
CA LEU Q 505 17.35 56.69 23.27
C LEU Q 505 18.11 55.74 22.35
N GLY Q 506 17.40 54.94 21.56
CA GLY Q 506 18.06 53.98 20.68
C GLY Q 506 18.80 52.90 21.42
N ARG Q 507 18.19 52.34 22.47
CA ARG Q 507 18.83 51.32 23.28
C ARG Q 507 17.83 50.20 23.55
N VAL Q 508 18.27 48.96 23.39
CA VAL Q 508 17.47 47.77 23.68
C VAL Q 508 18.13 47.02 24.82
N VAL Q 509 17.34 46.70 25.85
CA VAL Q 509 17.83 46.09 27.08
C VAL Q 509 17.36 44.65 27.13
N CYS Q 510 18.19 43.77 27.71
CA CYS Q 510 17.86 42.37 27.90
C CYS Q 510 18.28 41.95 29.29
N GLU Q 511 17.39 41.24 29.99
CA GLU Q 511 17.64 40.78 31.34
C GLU Q 511 17.79 39.26 31.34
N ILE Q 512 18.84 38.76 31.97
CA ILE Q 512 19.14 37.34 31.98
C ILE Q 512 19.50 36.92 33.40
N GLY Q 513 18.90 35.83 33.86
CA GLY Q 513 19.23 35.26 35.16
C GLY Q 513 19.63 33.82 35.02
N ILE Q 514 20.69 33.43 35.73
CA ILE Q 514 21.27 32.10 35.65
C ILE Q 514 21.52 31.57 37.05
N ALA Q 515 21.75 30.26 37.13
CA ALA Q 515 21.97 29.57 38.40
C ALA Q 515 23.24 28.74 38.32
N PRO Q 516 24.40 29.31 38.66
CA PRO Q 516 25.65 28.57 38.63
C PRO Q 516 25.78 27.66 39.85
N VAL Q 517 26.84 26.86 39.85
CA VAL Q 517 27.11 25.88 40.91
C VAL Q 517 28.42 26.23 41.58
N LYS Q 518 28.40 26.31 42.91
CA LYS Q 518 29.59 26.61 43.69
C LYS Q 518 30.50 25.39 43.79
N PRO Q 519 31.81 25.59 43.82
CA PRO Q 519 32.73 24.46 43.98
C PRO Q 519 32.80 23.99 45.43
N ALA Q 520 33.39 22.82 45.60
CA ALA Q 520 33.57 22.20 46.92
C ALA Q 520 35.02 22.41 47.35
N GLU Q 521 35.26 23.45 48.15
CA GLU Q 521 36.64 23.78 48.52
C GLU Q 521 37.19 22.81 49.55
N PHE Q 522 36.40 22.44 50.56
CA PHE Q 522 36.86 21.62 51.67
C PHE Q 522 36.17 20.26 51.64
N VAL Q 523 36.96 19.20 51.84
CA VAL Q 523 36.45 17.84 51.93
C VAL Q 523 36.75 17.33 53.34
N ILE Q 524 35.71 16.87 54.03
CA ILE Q 524 35.83 16.47 55.43
C ILE Q 524 35.46 15.00 55.54
N PHE Q 525 36.32 14.22 56.19
CA PHE Q 525 36.09 12.80 56.44
C PHE Q 525 36.07 12.56 57.94
N ARG Q 526 35.14 11.72 58.39
CA ARG Q 526 35.01 11.36 59.80
C ARG Q 526 35.11 9.85 59.93
N LEU Q 527 36.04 9.39 60.76
CA LEU Q 527 36.29 7.98 60.96
C LEU Q 527 35.81 7.54 62.34
N ALA Q 528 35.15 6.40 62.40
CA ALA Q 528 34.64 5.84 63.64
C ALA Q 528 35.23 4.44 63.83
N GLN Q 529 35.60 4.14 65.08
CA GLN Q 529 36.25 2.86 65.37
C GLN Q 529 35.27 1.70 65.51
N PHE Q 530 33.97 1.97 65.57
CA PHE Q 530 32.98 0.94 65.77
C PHE Q 530 32.11 0.80 64.53
N SER Q 531 31.83 -0.44 64.14
CA SER Q 531 30.95 -0.72 63.00
C SER Q 531 30.33 -2.11 63.13
N MET R 1 -8.27 49.31 -9.52
CA MET R 1 -7.44 49.50 -10.71
C MET R 1 -8.06 48.84 -11.93
N ILE R 2 -9.38 48.97 -12.07
CA ILE R 2 -10.05 48.49 -13.28
C ILE R 2 -10.08 49.59 -14.35
N HIS R 3 -10.14 50.86 -13.93
CA HIS R 3 -10.10 51.98 -14.86
C HIS R 3 -8.74 52.14 -15.53
N GLU R 4 -7.72 51.40 -15.08
CA GLU R 4 -6.47 51.31 -15.82
C GLU R 4 -6.42 50.09 -16.73
N VAL R 5 -6.98 48.96 -16.29
CA VAL R 5 -6.99 47.75 -17.11
C VAL R 5 -7.83 47.97 -18.36
N ASP R 6 -8.99 48.60 -18.21
CA ASP R 6 -9.83 48.84 -19.38
C ASP R 6 -9.16 49.81 -20.36
N GLU R 7 -8.48 50.82 -19.85
CA GLU R 7 -7.75 51.74 -20.71
C GLU R 7 -6.62 51.04 -21.44
N VAL R 8 -5.90 50.15 -20.74
CA VAL R 8 -4.85 49.37 -21.38
C VAL R 8 -5.42 48.49 -22.49
N LEU R 9 -6.55 47.85 -22.22
CA LEU R 9 -7.19 47.03 -23.24
C LEU R 9 -7.61 47.85 -24.44
N LYS R 10 -8.17 49.03 -24.22
CA LYS R 10 -8.59 49.89 -25.32
C LYS R 10 -7.39 50.34 -26.15
N ALA R 11 -6.31 50.72 -25.48
CA ALA R 11 -5.10 51.16 -26.20
C ALA R 11 -4.50 50.01 -27.00
N LEU R 12 -4.50 48.80 -26.42
CA LEU R 12 -3.94 47.65 -27.12
C LEU R 12 -4.79 47.28 -28.33
N LEU R 13 -6.11 47.31 -28.19
CA LEU R 13 -6.98 46.96 -29.32
C LEU R 13 -6.91 48.00 -30.41
N LYS R 14 -6.92 49.29 -30.05
CA LYS R 14 -6.83 50.35 -31.06
C LYS R 14 -5.44 50.41 -31.67
N GLY R 15 -4.39 50.27 -30.85
CA GLY R 15 -3.02 50.36 -31.28
C GLY R 15 -2.38 49.05 -31.69
N GLY R 16 -3.14 47.98 -31.79
CA GLY R 16 -2.58 46.69 -32.16
C GLY R 16 -2.40 46.52 -33.65
N ALA R 17 -2.83 45.37 -34.17
CA ALA R 17 -2.73 45.08 -35.60
C ALA R 17 -3.97 45.52 -36.38
N LEU R 18 -4.99 46.02 -35.69
CA LEU R 18 -6.22 46.47 -36.36
C LEU R 18 -6.17 47.97 -36.63
N THR R 19 -5.14 48.38 -37.36
CA THR R 19 -4.97 49.76 -37.77
C THR R 19 -5.54 50.06 -39.14
N ASP R 20 -6.08 49.05 -39.84
CA ASP R 20 -6.66 49.29 -41.16
C ASP R 20 -7.88 50.21 -41.07
N SER R 21 -8.74 49.99 -40.07
CA SER R 21 -9.95 50.77 -39.90
C SER R 21 -10.06 51.22 -38.45
N GLY R 22 -10.68 52.38 -38.25
CA GLY R 22 -10.88 52.92 -36.93
C GLY R 22 -12.05 52.29 -36.19
N ILE R 23 -11.89 51.03 -35.78
CA ILE R 23 -12.96 50.35 -35.07
C ILE R 23 -13.16 50.97 -33.69
N ASP R 24 -14.36 50.79 -33.16
CA ASP R 24 -14.74 51.34 -31.87
C ASP R 24 -14.77 50.23 -30.82
N VAL R 25 -14.06 50.44 -29.72
CA VAL R 25 -14.05 49.50 -28.61
C VAL R 25 -15.01 50.02 -27.54
N ALA R 26 -16.00 49.19 -27.19
CA ALA R 26 -17.03 49.57 -26.25
C ALA R 26 -17.11 48.57 -25.11
N PHE R 27 -17.33 49.07 -23.90
CA PHE R 27 -17.47 48.24 -22.71
C PHE R 27 -18.92 48.03 -22.31
N GLU R 28 -19.87 48.45 -23.14
CA GLU R 28 -21.27 48.29 -22.82
C GLU R 28 -21.68 46.81 -22.85
N ALA R 29 -22.70 46.48 -22.07
CA ALA R 29 -23.17 45.11 -22.02
C ALA R 29 -23.80 44.73 -23.35
N PRO R 30 -23.38 43.63 -23.98
CA PRO R 30 -23.90 43.24 -25.29
C PRO R 30 -25.28 42.57 -25.20
N THR R 31 -26.26 43.33 -24.72
CA THR R 31 -27.63 42.84 -24.65
C THR R 31 -28.30 42.99 -26.01
N ARG R 32 -29.55 42.52 -26.11
CA ARG R 32 -30.29 42.65 -27.35
C ARG R 32 -30.54 44.11 -27.70
N ASP R 33 -30.88 44.92 -26.70
CA ASP R 33 -31.13 46.34 -26.94
C ASP R 33 -29.86 47.04 -27.44
N TRP R 34 -28.71 46.74 -26.83
CA TRP R 34 -27.46 47.32 -27.28
C TRP R 34 -27.11 46.85 -28.69
N ALA R 35 -27.34 45.56 -28.98
CA ALA R 35 -27.00 45.04 -30.30
C ALA R 35 -27.92 45.57 -31.38
N ALA R 36 -29.14 45.97 -31.02
CA ALA R 36 -30.11 46.45 -32.01
C ALA R 36 -29.92 47.91 -32.39
N ARG R 37 -28.98 48.62 -31.78
CA ARG R 37 -28.75 50.02 -32.07
C ARG R 37 -27.44 50.30 -32.79
N ARG R 38 -26.42 49.46 -32.61
CA ARG R 38 -25.14 49.69 -33.25
C ARG R 38 -25.26 49.52 -34.76
N ASN R 39 -24.52 50.36 -35.51
CA ASN R 39 -24.53 50.32 -36.96
C ASN R 39 -23.13 50.34 -37.56
N ALA R 40 -22.09 50.13 -36.75
CA ALA R 40 -20.72 50.12 -37.22
C ALA R 40 -19.99 48.92 -36.63
N PRO R 41 -18.97 48.42 -37.32
CA PRO R 41 -18.18 47.30 -36.76
C PRO R 41 -17.49 47.73 -35.48
N VAL R 42 -17.79 47.01 -34.39
CA VAL R 42 -17.30 47.36 -33.07
C VAL R 42 -16.75 46.13 -32.38
N VAL R 43 -16.00 46.38 -31.31
CA VAL R 43 -15.45 45.33 -30.45
C VAL R 43 -15.94 45.57 -29.04
N ASN R 44 -16.68 44.61 -28.50
CA ASN R 44 -17.23 44.69 -27.15
C ASN R 44 -16.30 43.97 -26.18
N ALA R 45 -15.99 44.63 -25.06
CA ALA R 45 -15.05 44.14 -24.06
C ALA R 45 -15.70 44.14 -22.69
N TYR R 46 -16.88 43.53 -22.60
CA TYR R 46 -17.71 43.66 -21.41
C TYR R 46 -17.09 42.97 -20.21
N LEU R 47 -16.99 43.69 -19.09
CA LEU R 47 -16.51 43.09 -17.86
C LEU R 47 -17.55 42.11 -17.32
N TYR R 48 -17.11 40.91 -16.95
CA TYR R 48 -18.02 39.84 -16.54
C TYR R 48 -18.03 39.60 -15.04
N ASP R 49 -16.88 39.35 -14.43
CA ASP R 49 -16.84 39.10 -12.99
C ASP R 49 -15.46 39.43 -12.46
N ILE R 50 -15.38 39.61 -11.14
CA ILE R 50 -14.13 39.88 -10.43
C ILE R 50 -13.92 38.80 -9.39
N ARG R 51 -12.75 38.16 -9.44
CA ARG R 51 -12.39 37.12 -8.48
C ARG R 51 -10.96 37.35 -8.01
N GLU R 52 -10.66 36.85 -6.82
CA GLU R 52 -9.33 36.98 -6.23
C GLU R 52 -8.51 35.73 -6.54
N ASP R 53 -7.30 35.92 -7.03
CA ASP R 53 -6.38 34.82 -7.31
C ASP R 53 -5.80 34.31 -6.00
N VAL R 54 -6.53 33.39 -5.38
CA VAL R 54 -6.11 32.84 -4.10
C VAL R 54 -4.86 31.98 -4.22
N GLY R 55 -4.54 31.51 -5.42
CA GLY R 55 -3.36 30.70 -5.63
C GLY R 55 -2.06 31.48 -5.70
N ARG R 56 -2.13 32.80 -5.87
CA ARG R 56 -0.95 33.65 -5.95
C ARG R 56 -0.82 34.59 -4.76
N ARG R 57 -1.59 34.37 -3.70
CA ARG R 57 -1.54 35.23 -2.53
C ARG R 57 -0.33 34.89 -1.67
N HIS R 58 0.31 35.93 -1.15
CA HIS R 58 1.47 35.79 -0.27
C HIS R 58 1.25 36.59 1.01
N ARG R 59 1.63 36.00 2.14
CA ARG R 59 1.48 36.63 3.44
C ARG R 59 2.84 36.81 4.08
N GLY R 60 3.12 38.01 4.58
CA GLY R 60 4.39 38.30 5.21
C GLY R 60 4.63 39.79 5.38
N GLN R 61 5.36 40.17 6.43
CA GLN R 61 5.63 41.58 6.72
C GLN R 61 6.78 42.04 5.84
N VAL R 62 6.44 42.63 4.69
CA VAL R 62 7.45 43.15 3.78
C VAL R 62 7.99 44.47 4.33
N ALA R 63 9.31 44.58 4.39
CA ALA R 63 9.97 45.75 4.93
C ALA R 63 10.11 46.82 3.85
N VAL R 64 9.82 48.07 4.22
CA VAL R 64 9.96 49.22 3.33
C VAL R 64 10.94 50.18 3.99
N ARG R 65 12.02 50.50 3.27
CA ARG R 65 13.12 51.28 3.80
C ARG R 65 13.28 52.58 3.01
N ASP R 66 13.81 53.59 3.67
CA ASP R 66 14.09 54.88 3.03
C ASP R 66 15.50 54.89 2.49
N GLN R 67 15.99 56.08 2.11
CA GLN R 67 17.31 56.21 1.50
C GLN R 67 18.45 55.94 2.49
N ASP R 68 18.16 55.85 3.79
CA ASP R 68 19.18 55.61 4.80
C ASP R 68 19.49 54.13 5.00
N ASP R 69 18.94 53.27 4.14
CA ASP R 69 19.11 51.82 4.25
C ASP R 69 18.67 51.33 5.63
N ILE R 70 17.54 51.86 6.12
CA ILE R 70 16.92 51.41 7.36
C ILE R 70 15.42 51.28 7.09
N VAL R 71 14.85 50.18 7.57
CA VAL R 71 13.43 49.92 7.33
C VAL R 71 12.59 50.83 8.21
N VAL R 72 11.62 51.52 7.61
CA VAL R 72 10.75 52.42 8.33
C VAL R 72 9.29 52.00 8.29
N LYS R 73 8.86 51.15 7.36
CA LYS R 73 7.48 50.73 7.27
C LYS R 73 7.40 49.22 7.11
N ARG R 74 6.28 48.65 7.53
CA ARG R 74 5.98 47.24 7.33
C ARG R 74 4.64 47.13 6.62
N ARG R 75 4.63 46.43 5.48
CA ARG R 75 3.43 46.30 4.69
C ARG R 75 3.15 44.84 4.35
N GLN R 76 2.14 44.59 3.52
CA GLN R 76 1.77 43.25 3.12
C GLN R 76 1.90 43.11 1.60
N PRO R 77 2.19 41.90 1.11
CA PRO R 77 2.31 41.72 -0.34
C PRO R 77 0.99 42.01 -1.02
N PRO R 78 1.03 42.52 -2.25
CA PRO R 78 -0.22 42.81 -2.96
C PRO R 78 -1.01 41.55 -3.24
N ARG R 79 -2.33 41.71 -3.26
CA ARG R 79 -3.25 40.61 -3.56
C ARG R 79 -3.68 40.71 -5.01
N TRP R 80 -3.61 39.58 -5.73
CA TRP R 80 -3.91 39.55 -7.14
C TRP R 80 -5.39 39.24 -7.35
N PHE R 81 -6.05 40.04 -8.18
CA PHE R 81 -7.47 39.87 -8.49
C PHE R 81 -7.62 39.57 -9.98
N ARG R 82 -8.45 38.58 -10.29
CA ARG R 82 -8.67 38.17 -11.67
C ARG R 82 -9.91 38.87 -12.22
N LEU R 83 -9.74 39.60 -13.32
CA LEU R 83 -10.82 40.28 -14.01
C LEU R 83 -11.06 39.61 -15.35
N SER R 84 -12.32 39.27 -15.62
CA SER R 84 -12.71 38.56 -16.83
C SER R 84 -13.43 39.50 -17.77
N TYR R 85 -13.03 39.47 -19.04
CA TYR R 85 -13.63 40.29 -20.09
C TYR R 85 -14.19 39.37 -21.18
N LEU R 86 -15.45 39.56 -21.50
CA LEU R 86 -16.08 38.92 -22.65
C LEU R 86 -15.82 39.81 -23.87
N VAL R 87 -15.03 39.32 -24.82
CA VAL R 87 -14.63 40.07 -26.00
C VAL R 87 -15.36 39.48 -27.20
N THR R 88 -16.10 40.33 -27.91
CA THR R 88 -16.84 39.93 -29.09
C THR R 88 -16.65 40.96 -30.18
N ALA R 89 -16.83 40.53 -31.43
CA ALA R 89 -16.74 41.40 -32.59
C ALA R 89 -18.10 41.47 -33.26
N TRP R 90 -18.58 42.69 -33.51
CA TRP R 90 -19.90 42.90 -34.08
C TRP R 90 -19.74 43.60 -35.44
N THR R 91 -20.24 42.95 -36.48
CA THR R 91 -20.20 43.48 -37.84
C THR R 91 -21.37 42.86 -38.60
N LYS R 92 -21.79 43.56 -39.67
CA LYS R 92 -22.99 43.14 -40.40
C LYS R 92 -22.83 41.75 -41.01
N THR R 93 -21.68 41.46 -41.62
CA THR R 93 -21.48 40.20 -42.31
C THR R 93 -20.80 39.19 -41.39
N PRO R 94 -21.32 37.96 -41.31
CA PRO R 94 -20.70 36.97 -40.40
C PRO R 94 -19.24 36.68 -40.70
N GLN R 95 -18.84 36.64 -41.97
CA GLN R 95 -17.43 36.42 -42.27
C GLN R 95 -16.59 37.61 -41.83
N ASP R 96 -17.14 38.81 -41.92
CA ASP R 96 -16.45 39.98 -41.39
C ASP R 96 -16.30 39.89 -39.87
N GLU R 97 -17.34 39.39 -39.19
CA GLU R 97 -17.23 39.16 -37.76
C GLU R 97 -16.14 38.14 -37.46
N HIS R 98 -16.05 37.07 -38.24
CA HIS R 98 -15.04 36.05 -38.01
C HIS R 98 -13.63 36.60 -38.22
N ARG R 99 -13.43 37.39 -39.28
CA ARG R 99 -12.11 37.95 -39.51
C ARG R 99 -11.75 39.01 -38.47
N LEU R 100 -12.73 39.76 -37.99
CA LEU R 100 -12.47 40.71 -36.91
C LEU R 100 -12.07 39.99 -35.62
N LEU R 101 -12.76 38.89 -35.30
CA LEU R 101 -12.39 38.09 -34.14
C LEU R 101 -10.99 37.51 -34.30
N SER R 102 -10.67 37.05 -35.51
CA SER R 102 -9.34 36.51 -35.77
C SER R 102 -8.27 37.59 -35.58
N ALA R 103 -8.53 38.81 -36.07
CA ALA R 103 -7.57 39.89 -35.90
C ALA R 103 -7.40 40.24 -34.42
N VAL R 104 -8.50 40.27 -33.67
CA VAL R 104 -8.41 40.56 -32.24
C VAL R 104 -7.60 39.50 -31.52
N LEU R 105 -7.84 38.23 -31.85
CA LEU R 105 -7.09 37.14 -31.23
C LEU R 105 -5.61 37.23 -31.59
N ALA R 106 -5.31 37.59 -32.85
CA ALA R 106 -3.92 37.70 -33.27
C ALA R 106 -3.22 38.85 -32.56
N THR R 107 -3.93 39.96 -32.33
CA THR R 107 -3.32 41.09 -31.65
C THR R 107 -3.25 40.91 -30.14
N LEU R 108 -4.04 40.00 -29.57
CA LEU R 108 -3.97 39.74 -28.14
C LEU R 108 -3.06 38.55 -27.80
N LEU R 109 -2.73 37.71 -28.78
CA LEU R 109 -1.93 36.52 -28.50
C LEU R 109 -0.52 36.83 -28.01
N PRO R 110 0.26 37.71 -28.66
CA PRO R 110 1.68 37.83 -28.27
C PRO R 110 1.91 38.35 -26.87
N ARG R 111 0.93 39.00 -26.25
CA ARG R 111 1.12 39.61 -24.94
C ARG R 111 0.68 38.60 -23.87
N GLU R 112 1.65 37.82 -23.38
CA GLU R 112 1.38 36.90 -22.28
C GLU R 112 1.21 37.67 -20.96
N GLN R 113 2.10 38.63 -20.70
CA GLN R 113 1.99 39.54 -19.58
C GLN R 113 2.16 40.96 -20.09
N LEU R 114 2.13 41.92 -19.16
CA LEU R 114 2.25 43.33 -19.52
C LEU R 114 3.35 43.98 -18.68
N PRO R 115 4.37 44.54 -19.31
CA PRO R 115 5.43 45.22 -18.55
C PRO R 115 4.91 46.48 -17.91
N PRO R 116 5.48 46.90 -16.77
CA PRO R 116 5.00 48.12 -16.12
C PRO R 116 5.20 49.38 -16.95
N TYR R 117 6.09 49.36 -17.95
CA TYR R 117 6.29 50.53 -18.78
C TYR R 117 5.02 50.87 -19.57
N GLU R 118 4.34 49.85 -20.10
CA GLU R 118 3.12 50.09 -20.86
C GLU R 118 1.97 50.55 -19.96
N LEU R 119 1.95 50.10 -18.72
CA LEU R 119 0.83 50.37 -17.82
C LEU R 119 0.76 51.85 -17.48
N PRO R 120 -0.43 52.36 -17.14
CA PRO R 120 -0.54 53.78 -16.75
C PRO R 120 0.06 54.06 -15.39
N GLY R 121 -0.10 55.29 -14.91
CA GLY R 121 0.60 55.69 -13.69
C GLY R 121 0.16 54.90 -12.47
N ALA R 122 -1.16 54.73 -12.29
CA ALA R 122 -1.67 54.08 -11.09
C ALA R 122 -1.24 52.62 -11.02
N LEU R 123 -1.42 51.88 -12.11
CA LEU R 123 -0.99 50.49 -12.15
C LEU R 123 0.52 50.36 -12.33
N GLY R 124 1.14 51.31 -13.04
CA GLY R 124 2.58 51.26 -13.25
C GLY R 124 3.39 51.60 -12.01
N ALA R 125 2.77 52.23 -11.02
CA ALA R 125 3.46 52.50 -9.76
C ALA R 125 3.80 51.20 -9.02
N MET R 126 3.14 50.09 -9.35
CA MET R 126 3.43 48.82 -8.71
C MET R 126 4.74 48.22 -9.20
N ASN R 127 5.15 48.54 -10.44
CA ASN R 127 6.35 47.99 -11.06
C ASN R 127 6.31 46.45 -11.05
N LEU R 128 5.14 45.90 -11.34
CA LEU R 128 4.93 44.47 -11.38
C LEU R 128 4.28 44.07 -12.69
N PRO R 129 4.57 42.86 -13.19
CA PRO R 129 3.92 42.41 -14.42
C PRO R 129 2.44 42.16 -14.19
N VAL R 130 1.66 42.36 -15.25
CA VAL R 130 0.23 42.15 -15.25
C VAL R 130 -0.10 41.06 -16.25
N PRO R 131 -0.29 39.82 -15.79
CA PRO R 131 -0.59 38.73 -16.72
C PRO R 131 -1.88 38.96 -17.48
N MET R 132 -1.89 38.55 -18.74
CA MET R 132 -3.07 38.65 -19.60
C MET R 132 -3.19 37.35 -20.38
N THR R 133 -4.28 36.62 -20.15
CA THR R 133 -4.49 35.32 -20.77
C THR R 133 -5.73 35.38 -21.64
N VAL R 134 -5.58 35.03 -22.91
CA VAL R 134 -6.73 34.96 -23.82
C VAL R 134 -7.20 33.52 -23.91
N ALA R 135 -8.52 33.35 -24.07
CA ALA R 135 -9.16 32.04 -24.09
C ALA R 135 -8.76 31.23 -22.87
N GLY R 136 -8.07 30.11 -23.09
CA GLY R 136 -7.58 29.29 -22.00
C GLY R 136 -8.66 28.74 -21.11
N VAL R 137 -9.71 28.19 -21.72
CA VAL R 137 -10.85 27.63 -20.99
C VAL R 137 -11.50 28.69 -20.10
N SER R 143 -20.40 26.68 -19.93
CA SER R 143 -20.74 27.69 -18.94
C SER R 143 -21.01 29.04 -19.59
N LEU R 144 -20.50 29.21 -20.82
CA LEU R 144 -20.70 30.47 -21.53
C LEU R 144 -22.16 30.68 -21.89
N ALA R 145 -22.92 29.60 -22.09
CA ALA R 145 -24.34 29.73 -22.39
C ALA R 145 -25.10 30.39 -21.25
N GLU R 146 -24.82 29.97 -20.02
CA GLU R 146 -25.49 30.57 -18.86
C GLU R 146 -25.10 32.03 -18.72
N ILE R 147 -23.82 32.35 -18.95
CA ILE R 147 -23.37 33.74 -18.85
C ILE R 147 -24.08 34.60 -19.89
N TRP R 148 -24.14 34.12 -21.14
CA TRP R 148 -24.82 34.89 -22.18
C TRP R 148 -26.31 35.03 -21.90
N SER R 149 -26.92 34.02 -21.28
CA SER R 149 -28.32 34.14 -20.89
C SER R 149 -28.49 35.16 -19.75
N ALA R 150 -27.50 35.28 -18.87
CA ALA R 150 -27.61 36.22 -17.77
C ALA R 150 -27.65 37.67 -18.26
N LEU R 151 -26.80 38.02 -19.23
CA LEU R 151 -26.85 39.34 -19.83
C LEU R 151 -28.09 39.57 -20.67
N GLY R 152 -28.86 38.52 -20.96
CA GLY R 152 -30.02 38.64 -21.80
C GLY R 152 -29.74 38.63 -23.29
N GLY R 153 -28.47 38.51 -23.69
CA GLY R 153 -28.11 38.48 -25.09
C GLY R 153 -28.20 37.08 -25.66
N GLU R 154 -27.70 36.94 -26.88
CA GLU R 154 -27.70 35.67 -27.60
C GLU R 154 -26.27 35.17 -27.76
N LEU R 155 -26.12 33.84 -27.71
CA LEU R 155 -24.80 33.23 -27.74
C LEU R 155 -24.07 33.57 -29.03
N LYS R 156 -22.82 33.99 -28.88
CA LYS R 156 -21.95 34.35 -30.00
C LYS R 156 -20.54 33.87 -29.69
N PRO R 157 -19.71 33.67 -30.71
CA PRO R 157 -18.30 33.39 -30.44
C PRO R 157 -17.67 34.51 -29.65
N SER R 158 -16.83 34.15 -28.68
CA SER R 158 -16.34 35.12 -27.73
C SER R 158 -14.96 34.72 -27.22
N LEU R 159 -14.27 35.69 -26.64
CA LEU R 159 -12.96 35.50 -26.03
C LEU R 159 -13.05 35.83 -24.55
N ASP R 160 -12.48 34.96 -23.71
CA ASP R 160 -12.45 35.18 -22.27
C ASP R 160 -11.06 35.69 -21.90
N LEU R 161 -10.94 37.00 -21.74
CA LEU R 161 -9.67 37.64 -21.43
C LEU R 161 -9.55 37.79 -19.92
N VAL R 162 -8.54 37.17 -19.33
CA VAL R 162 -8.31 37.20 -17.89
C VAL R 162 -7.10 38.08 -17.61
N VAL R 163 -7.29 39.10 -16.79
CA VAL R 163 -6.23 40.04 -16.43
C VAL R 163 -6.05 40.00 -14.92
N THR R 164 -4.80 39.85 -14.48
CA THR R 164 -4.47 39.72 -13.06
C THR R 164 -3.95 41.07 -12.56
N ALA R 165 -4.82 41.81 -11.87
CA ALA R 165 -4.48 43.13 -11.34
C ALA R 165 -3.95 43.00 -9.91
N PRO R 166 -2.75 43.51 -9.63
CA PRO R 166 -2.20 43.46 -8.25
C PRO R 166 -2.70 44.57 -7.34
N PHE R 167 -3.88 44.36 -6.76
CA PHE R 167 -4.43 45.34 -5.85
C PHE R 167 -3.59 45.40 -4.56
N PRO R 168 -3.47 46.58 -3.95
CA PRO R 168 -2.64 46.70 -2.76
C PRO R 168 -3.42 46.52 -1.47
N ALA R 169 -2.72 45.95 -0.48
CA ALA R 169 -3.17 45.92 0.90
C ALA R 169 -2.30 46.89 1.68
N TYR R 170 -2.93 47.88 2.32
CA TYR R 170 -2.22 49.01 2.92
C TYR R 170 -2.60 49.17 4.39
N PRO R 171 -2.10 48.30 5.26
CA PRO R 171 -2.18 48.58 6.70
C PRO R 171 -1.08 49.53 7.12
N GLU R 172 0.09 49.40 6.50
CA GLU R 172 1.22 50.32 6.66
C GLU R 172 1.61 50.48 8.13
N TYR R 173 2.04 49.38 8.73
CA TYR R 173 2.56 49.42 10.09
C TYR R 173 3.85 50.22 10.13
N ASP R 174 4.08 50.91 11.25
CA ASP R 174 5.26 51.74 11.44
C ASP R 174 6.22 51.04 12.39
N ALA R 175 7.47 50.92 11.97
CA ALA R 175 8.49 50.30 12.80
C ALA R 175 9.05 51.30 13.80
N GLY R 176 9.70 50.76 14.83
CA GLY R 176 10.27 51.58 15.86
C GLY R 176 11.53 52.31 15.41
N PRO R 177 12.04 53.22 16.23
CA PRO R 177 13.25 53.94 15.86
C PRO R 177 14.44 53.01 15.82
N PRO R 178 15.42 53.28 14.96
CA PRO R 178 16.59 52.39 14.86
C PRO R 178 17.41 52.41 16.15
N VAL R 179 18.03 51.25 16.42
CA VAL R 179 18.89 51.11 17.59
C VAL R 179 20.28 51.60 17.22
N THR R 180 20.68 52.75 17.78
CA THR R 180 21.97 53.35 17.46
C THR R 180 23.03 53.09 18.53
N GLU R 181 22.65 53.06 19.80
CA GLU R 181 23.59 52.86 20.89
C GLU R 181 23.81 51.38 21.21
N GLY R 182 23.47 50.49 20.28
CA GLY R 182 23.70 49.07 20.49
C GLY R 182 22.73 48.48 21.51
N ALA R 183 23.08 47.28 21.97
CA ALA R 183 22.27 46.54 22.92
C ALA R 183 23.01 46.41 24.24
N THR R 184 22.27 46.51 25.34
CA THR R 184 22.80 46.32 26.68
C THR R 184 22.18 45.07 27.29
N VAL R 185 22.99 44.31 28.01
CA VAL R 185 22.59 43.04 28.60
C VAL R 185 22.82 43.10 30.10
N ARG R 186 21.80 42.74 30.87
CA ARG R 186 21.87 42.66 32.32
C ARG R 186 21.83 41.20 32.75
N ILE R 187 22.78 40.79 33.59
CA ILE R 187 22.91 39.41 33.99
C ILE R 187 22.90 39.32 35.51
N GLY R 188 22.55 38.15 36.02
CA GLY R 188 22.46 37.95 37.44
C GLY R 188 21.93 36.57 37.77
N GLY R 189 21.51 36.41 39.02
CA GLY R 189 20.97 35.13 39.47
C GLY R 189 19.47 35.03 39.22
N VAL R 190 19.02 33.83 38.89
CA VAL R 190 17.60 33.61 38.61
C VAL R 190 16.77 33.86 39.87
N GLU R 191 17.23 33.36 41.01
CA GLU R 191 16.52 33.56 42.27
C GLU R 191 16.81 34.90 42.93
N GLY R 192 17.71 35.69 42.35
CA GLY R 192 18.02 37.00 42.87
C GLY R 192 19.07 37.05 43.96
N ASP R 193 19.79 35.94 44.19
CA ASP R 193 20.85 35.96 45.21
C ASP R 193 21.94 36.98 44.87
N PRO R 194 22.50 37.03 43.66
CA PRO R 194 23.33 38.18 43.29
C PRO R 194 22.49 39.25 42.64
N PRO R 195 22.60 40.50 43.10
CA PRO R 195 21.80 41.58 42.50
C PRO R 195 22.16 41.80 41.04
N MET R 196 21.15 42.16 40.26
CA MET R 196 21.36 42.40 38.84
C MET R 196 22.25 43.62 38.62
N SER R 197 23.16 43.51 37.67
CA SER R 197 24.08 44.58 37.34
C SER R 197 23.61 45.33 36.10
N GLU R 198 24.23 46.49 35.88
CA GLU R 198 23.94 47.25 34.67
C GLU R 198 24.38 46.49 33.42
N GLY R 199 25.53 45.84 33.47
CA GLY R 199 25.97 44.95 32.41
C GLY R 199 26.60 45.64 31.21
N ARG R 200 26.70 46.97 31.22
CA ARG R 200 27.30 47.72 30.13
C ARG R 200 26.59 47.46 28.81
N SER R 201 27.20 47.85 27.70
CA SER R 201 26.58 47.71 26.38
C SER R 201 27.68 47.56 25.34
N HIS R 202 27.30 47.67 24.07
CA HIS R 202 28.26 47.55 22.99
C HIS R 202 29.26 48.69 23.01
N ARG R 203 30.53 48.36 22.77
CA ARG R 203 31.56 49.38 22.72
C ARG R 203 31.42 50.21 21.44
N PRO R 204 31.91 51.46 21.45
CA PRO R 204 31.83 52.27 20.24
C PRO R 204 32.55 51.66 19.05
N HIS R 205 33.63 50.90 19.29
CA HIS R 205 34.32 50.23 18.19
C HIS R 205 33.42 49.24 17.48
N GLN R 206 32.65 48.46 18.24
CA GLN R 206 31.73 47.49 17.64
C GLN R 206 30.64 48.18 16.84
N VAL R 207 30.09 49.28 17.37
CA VAL R 207 29.05 50.01 16.66
C VAL R 207 29.61 50.59 15.35
N ALA R 208 30.82 51.16 15.41
CA ALA R 208 31.44 51.71 14.21
C ALA R 208 31.72 50.60 13.19
N ALA R 209 32.19 49.44 13.65
CA ALA R 209 32.43 48.33 12.74
C ALA R 209 31.15 47.86 12.07
N ALA R 210 30.07 47.77 12.84
CA ALA R 210 28.79 47.36 12.27
C ALA R 210 28.27 48.38 11.25
N ARG R 211 28.39 49.67 11.57
CA ARG R 211 27.92 50.69 10.64
C ARG R 211 28.78 50.76 9.40
N ALA R 212 30.07 50.40 9.50
CA ALA R 212 30.92 50.35 8.32
C ALA R 212 30.62 49.14 7.46
N ALA R 213 30.39 47.98 8.09
CA ALA R 213 30.06 46.77 7.37
C ALA R 213 28.63 46.75 6.84
N ARG R 214 27.79 47.68 7.28
CA ARG R 214 26.43 47.77 6.74
C ARG R 214 26.43 48.04 5.24
N LYS R 215 27.43 48.78 4.75
CA LYS R 215 27.52 49.10 3.34
C LYS R 215 27.96 47.88 2.53
#